data_5KQJ
#
_entry.id   5KQJ
#
_entity_poly.entity_id   1
_entity_poly.type   'polypeptide(L)'
_entity_poly.pdbx_seq_one_letter_code
;MDTTQVTLIHKILAAADERNLPLWIGGGWAIDARLGRVTRKHDDIDLTFPGERRGELEAIVEMLGGRVMEELDYGFLAEI
GDELLDCEPAWWADEAYEIAEAPQGSCPEAAEGVIAGRPVRCNSWEAIIWDYFYYADEVPPVDWPTKHIESYRLACTSLG
AEKVEVLRAAFRSRYAALEHHHHHH
;
_entity_poly.pdbx_strand_id   A
#
# COMPACT_ATOMS: atom_id res chain seq x y z
N MET A 1 7.05 -9.85 -15.25
CA MET A 1 7.05 -8.79 -14.22
C MET A 1 5.65 -8.65 -13.63
N ASP A 2 4.68 -8.25 -14.45
CA ASP A 2 3.34 -7.99 -13.96
C ASP A 2 2.76 -9.24 -13.29
N THR A 3 2.88 -10.38 -13.97
CA THR A 3 2.38 -11.63 -13.43
C THR A 3 3.08 -11.94 -12.11
N THR A 4 4.39 -11.72 -12.07
CA THR A 4 5.17 -12.00 -10.87
C THR A 4 4.66 -11.14 -9.72
N GLN A 5 4.44 -9.86 -9.99
CA GLN A 5 3.98 -8.93 -8.96
C GLN A 5 2.61 -9.36 -8.45
N VAL A 6 1.71 -9.71 -9.36
CA VAL A 6 0.38 -10.17 -8.99
C VAL A 6 0.51 -11.42 -8.14
N THR A 7 1.37 -12.34 -8.57
CA THR A 7 1.54 -13.60 -7.86
C THR A 7 2.02 -13.34 -6.44
N LEU A 8 2.97 -12.42 -6.30
CA LEU A 8 3.50 -12.09 -4.99
C LEU A 8 2.39 -11.53 -4.11
N ILE A 9 1.57 -10.66 -4.67
CA ILE A 9 0.45 -10.08 -3.91
C ILE A 9 -0.45 -11.22 -3.45
N HIS A 10 -0.74 -12.15 -4.35
CA HIS A 10 -1.60 -13.28 -4.03
C HIS A 10 -1.00 -14.08 -2.87
N LYS A 11 0.30 -14.30 -2.93
CA LYS A 11 0.98 -15.07 -1.89
C LYS A 11 0.89 -14.33 -0.56
N ILE A 12 1.12 -13.03 -0.58
CA ILE A 12 1.13 -12.25 0.65
C ILE A 12 -0.28 -12.31 1.26
N LEU A 13 -1.29 -12.17 0.41
CA LEU A 13 -2.67 -12.29 0.86
C LEU A 13 -2.87 -13.66 1.50
N ALA A 14 -2.42 -14.71 0.84
CA ALA A 14 -2.66 -16.06 1.33
C ALA A 14 -2.00 -16.25 2.69
N ALA A 15 -0.79 -15.73 2.84
CA ALA A 15 -0.11 -15.79 4.13
C ALA A 15 -0.90 -15.03 5.19
N ALA A 16 -1.41 -13.86 4.81
CA ALA A 16 -2.14 -13.03 5.75
C ALA A 16 -3.41 -13.75 6.21
N ASP A 17 -4.13 -14.37 5.29
CA ASP A 17 -5.31 -15.15 5.63
C ASP A 17 -4.93 -16.26 6.61
N GLU A 18 -3.82 -16.93 6.35
CA GLU A 18 -3.38 -18.03 7.20
C GLU A 18 -3.06 -17.52 8.60
N ARG A 19 -2.43 -16.36 8.67
CA ARG A 19 -2.10 -15.74 9.95
C ARG A 19 -3.34 -15.18 10.63
N ASN A 20 -4.44 -15.05 9.88
CA ASN A 20 -5.62 -14.37 10.39
C ASN A 20 -5.30 -12.90 10.59
N LEU A 21 -4.51 -12.36 9.67
CA LEU A 21 -4.15 -10.95 9.68
C LEU A 21 -4.82 -10.23 8.51
N PRO A 22 -5.71 -9.27 8.78
CA PRO A 22 -6.37 -8.55 7.70
C PRO A 22 -5.40 -7.74 6.86
N LEU A 23 -5.58 -7.80 5.54
CA LEU A 23 -4.75 -7.03 4.63
C LEU A 23 -5.57 -6.06 3.78
N TRP A 24 -5.19 -4.78 3.80
CA TRP A 24 -5.79 -3.80 2.91
C TRP A 24 -4.78 -3.38 1.85
N ILE A 25 -5.13 -3.56 0.59
CA ILE A 25 -4.21 -3.24 -0.50
C ILE A 25 -4.28 -1.73 -0.75
N GLY A 26 -3.11 -1.09 -0.85
CA GLY A 26 -3.08 0.36 -0.93
C GLY A 26 -2.43 0.92 -2.19
N GLY A 27 -2.42 2.25 -2.28
CA GLY A 27 -1.73 2.94 -3.35
C GLY A 27 -2.25 2.62 -4.74
N GLY A 28 -1.37 2.67 -5.73
CA GLY A 28 -1.75 2.34 -7.10
C GLY A 28 -2.37 0.96 -7.18
N TRP A 29 -1.80 -0.01 -6.46
CA TRP A 29 -2.31 -1.36 -6.50
C TRP A 29 -3.78 -1.39 -6.08
N ALA A 30 -4.12 -0.64 -5.05
CA ALA A 30 -5.51 -0.53 -4.62
C ALA A 30 -6.35 0.05 -5.76
N ILE A 31 -5.83 1.11 -6.39
CA ILE A 31 -6.59 1.80 -7.42
C ILE A 31 -6.89 0.81 -8.54
N ASP A 32 -5.86 0.07 -8.96
CA ASP A 32 -6.02 -0.91 -10.03
C ASP A 32 -7.00 -2.00 -9.62
N ALA A 33 -6.93 -2.45 -8.38
CA ALA A 33 -7.86 -3.47 -7.88
C ALA A 33 -9.29 -2.93 -7.90
N ARG A 34 -9.46 -1.68 -7.47
CA ARG A 34 -10.78 -1.08 -7.41
C ARG A 34 -11.32 -0.88 -8.82
N LEU A 35 -10.44 -0.54 -9.76
CA LEU A 35 -10.80 -0.45 -11.16
C LEU A 35 -11.15 -1.83 -11.71
N GLY A 36 -10.52 -2.86 -11.16
CA GLY A 36 -10.69 -4.21 -11.67
C GLY A 36 -9.61 -4.58 -12.68
N ARG A 37 -8.75 -3.64 -13.02
CA ARG A 37 -7.73 -3.87 -14.03
C ARG A 37 -6.34 -3.46 -13.55
N VAL A 38 -5.40 -4.39 -13.61
CA VAL A 38 -4.01 -4.09 -13.29
C VAL A 38 -3.42 -3.28 -14.45
N THR A 39 -3.75 -2.00 -14.48
CA THR A 39 -3.40 -1.12 -15.58
C THR A 39 -1.89 -0.91 -15.66
N ARG A 40 -1.24 -0.74 -14.52
CA ARG A 40 0.18 -0.39 -14.52
C ARG A 40 0.96 -1.29 -13.57
N LYS A 41 2.20 -1.62 -13.95
CA LYS A 41 3.09 -2.40 -13.10
C LYS A 41 3.78 -1.51 -12.08
N HIS A 42 3.94 -2.00 -10.85
CA HIS A 42 4.54 -1.18 -9.80
C HIS A 42 5.61 -1.96 -9.05
N ASP A 43 6.83 -1.41 -9.03
CA ASP A 43 7.94 -2.08 -8.37
C ASP A 43 7.69 -2.22 -6.87
N ASP A 44 7.15 -1.16 -6.28
CA ASP A 44 6.77 -1.19 -4.87
C ASP A 44 5.35 -1.69 -4.70
N ILE A 45 5.15 -2.62 -3.78
CA ILE A 45 3.80 -3.09 -3.46
C ILE A 45 3.38 -2.53 -2.11
N ASP A 46 2.39 -1.64 -2.11
CA ASP A 46 1.99 -0.95 -0.90
C ASP A 46 0.83 -1.67 -0.23
N LEU A 47 1.11 -2.33 0.90
CA LEU A 47 0.10 -3.10 1.59
C LEU A 47 -0.09 -2.63 3.03
N THR A 48 -1.35 -2.58 3.48
CA THR A 48 -1.65 -2.06 4.80
C THR A 48 -2.00 -3.21 5.75
N PHE A 49 -1.24 -3.32 6.84
CA PHE A 49 -1.45 -4.36 7.82
C PHE A 49 -1.50 -3.77 9.23
N PRO A 50 -2.33 -4.32 10.12
CA PRO A 50 -2.40 -3.82 11.49
C PRO A 50 -1.04 -3.82 12.16
N GLY A 51 -0.68 -2.71 12.79
CA GLY A 51 0.65 -2.54 13.35
C GLY A 51 0.99 -3.55 14.42
N GLU A 52 0.00 -3.91 15.24
CA GLU A 52 0.24 -4.79 16.38
C GLU A 52 0.83 -6.13 15.95
N ARG A 53 0.59 -6.54 14.71
CA ARG A 53 0.96 -7.87 14.25
C ARG A 53 2.35 -7.89 13.61
N ARG A 54 3.22 -6.96 13.99
CA ARG A 54 4.54 -6.87 13.36
C ARG A 54 5.26 -8.21 13.35
N GLY A 55 5.23 -8.94 14.46
CA GLY A 55 5.91 -10.22 14.52
C GLY A 55 5.38 -11.18 13.48
N GLU A 56 4.07 -11.24 13.34
CA GLU A 56 3.44 -12.08 12.31
C GLU A 56 3.87 -11.61 10.93
N LEU A 57 3.96 -10.30 10.75
CA LEU A 57 4.38 -9.73 9.47
C LEU A 57 5.80 -10.18 9.13
N GLU A 58 6.69 -10.15 10.13
CA GLU A 58 8.06 -10.61 9.92
C GLU A 58 8.03 -12.07 9.49
N ALA A 59 7.19 -12.87 10.15
CA ALA A 59 7.07 -14.28 9.80
C ALA A 59 6.57 -14.42 8.37
N ILE A 60 5.60 -13.60 7.99
CA ILE A 60 5.03 -13.67 6.65
C ILE A 60 6.12 -13.43 5.62
N VAL A 61 6.94 -12.40 5.86
CA VAL A 61 7.99 -12.05 4.92
C VAL A 61 8.98 -13.22 4.82
N GLU A 62 9.29 -13.82 5.97
CA GLU A 62 10.19 -14.96 5.99
C GLU A 62 9.59 -16.14 5.22
N MET A 63 8.28 -16.35 5.38
CA MET A 63 7.60 -17.42 4.65
C MET A 63 7.67 -17.16 3.15
N LEU A 64 7.53 -15.90 2.77
CA LEU A 64 7.63 -15.49 1.37
C LEU A 64 9.06 -15.72 0.87
N GLY A 65 10.01 -15.74 1.80
CA GLY A 65 11.41 -15.88 1.44
C GLY A 65 12.14 -14.55 1.37
N GLY A 66 11.42 -13.48 1.64
CA GLY A 66 12.04 -12.16 1.64
C GLY A 66 12.66 -11.79 2.97
N ARG A 67 13.30 -10.62 3.02
CA ARG A 67 13.86 -10.11 4.27
C ARG A 67 13.38 -8.68 4.53
N VAL A 68 13.13 -8.35 5.78
CA VAL A 68 12.69 -7.01 6.14
C VAL A 68 13.90 -6.08 6.13
N MET A 69 13.89 -5.12 5.20
CA MET A 69 15.04 -4.24 5.01
C MET A 69 15.22 -3.30 6.20
N GLU A 70 14.14 -2.64 6.60
CA GLU A 70 14.17 -1.64 7.66
C GLU A 70 12.79 -1.34 8.22
N GLU A 71 12.74 -0.90 9.48
CA GLU A 71 11.48 -0.47 10.08
C GLU A 71 11.49 1.03 10.33
N LEU A 72 10.47 1.74 9.88
CA LEU A 72 10.42 3.19 9.97
C LEU A 72 9.19 3.65 10.74
N ASP A 73 9.19 4.91 11.17
CA ASP A 73 8.10 5.44 11.98
C ASP A 73 6.75 5.24 11.29
N TYR A 74 6.75 5.30 9.96
CA TYR A 74 5.52 5.20 9.19
C TYR A 74 5.32 3.82 8.59
N GLY A 75 6.11 2.84 9.04
CA GLY A 75 5.95 1.47 8.61
C GLY A 75 7.27 0.83 8.19
N PHE A 76 7.24 -0.45 7.80
CA PHE A 76 8.48 -1.15 7.50
C PHE A 76 8.61 -1.46 6.01
N LEU A 77 9.84 -1.39 5.52
CA LEU A 77 10.14 -1.78 4.15
C LEU A 77 10.78 -3.16 4.11
N ALA A 78 10.23 -4.06 3.30
CA ALA A 78 10.78 -5.41 3.19
C ALA A 78 11.09 -5.74 1.74
N GLU A 79 12.23 -6.37 1.49
CA GLU A 79 12.52 -6.86 0.14
C GLU A 79 12.06 -8.31 0.00
N ILE A 80 11.12 -8.56 -0.90
CA ILE A 80 10.70 -9.92 -1.19
C ILE A 80 11.13 -10.28 -2.61
N GLY A 81 12.09 -11.19 -2.73
CA GLY A 81 12.65 -11.47 -4.04
C GLY A 81 13.18 -10.22 -4.72
N ASP A 82 12.70 -9.95 -5.92
CA ASP A 82 13.11 -8.75 -6.66
C ASP A 82 12.07 -7.65 -6.55
N GLU A 83 11.10 -7.81 -5.64
CA GLU A 83 10.06 -6.80 -5.48
C GLU A 83 10.04 -6.22 -4.07
N LEU A 84 9.61 -4.97 -3.95
CA LEU A 84 9.65 -4.28 -2.66
C LEU A 84 8.28 -4.28 -2.00
N LEU A 85 8.23 -4.67 -0.72
CA LEU A 85 7.00 -4.59 0.05
C LEU A 85 7.03 -3.35 0.95
N ASP A 86 6.15 -2.40 0.67
CA ASP A 86 5.99 -1.24 1.54
C ASP A 86 4.79 -1.46 2.46
N CYS A 87 5.06 -1.73 3.73
CA CYS A 87 3.97 -2.04 4.66
C CYS A 87 3.57 -0.81 5.46
N GLU A 88 2.32 -0.39 5.29
CA GLU A 88 1.78 0.70 6.09
C GLU A 88 0.98 0.14 7.25
N PRO A 89 1.35 0.47 8.49
CA PRO A 89 0.63 -0.03 9.66
C PRO A 89 -0.78 0.54 9.77
N ALA A 90 -1.76 -0.34 9.94
CA ALA A 90 -3.11 0.10 10.24
C ALA A 90 -3.32 0.06 11.75
N TRP A 91 -3.84 1.14 12.31
CA TRP A 91 -3.96 1.23 13.75
C TRP A 91 -5.40 0.96 14.20
N TRP A 92 -5.55 -0.03 15.08
CA TRP A 92 -6.89 -0.46 15.48
C TRP A 92 -7.41 0.46 16.59
N ALA A 93 -8.30 1.37 16.22
CA ALA A 93 -8.79 2.36 17.18
C ALA A 93 -10.30 2.55 17.02
N ASP A 94 -11.00 2.70 18.14
CA ASP A 94 -12.46 2.81 18.12
C ASP A 94 -13.07 1.61 17.39
N GLU A 95 -12.51 0.43 17.63
CA GLU A 95 -12.97 -0.78 16.95
C GLU A 95 -12.92 -0.61 15.43
N ALA A 96 -11.93 0.12 14.93
CA ALA A 96 -11.73 0.25 13.49
C ALA A 96 -10.26 0.32 13.15
N TYR A 97 -9.88 -0.22 11.99
CA TYR A 97 -8.49 -0.13 11.54
C TYR A 97 -8.32 1.11 10.67
N GLU A 98 -7.37 1.96 11.03
CA GLU A 98 -7.21 3.25 10.37
C GLU A 98 -5.76 3.49 9.96
N ILE A 99 -5.56 4.04 8.78
CA ILE A 99 -4.22 4.39 8.33
C ILE A 99 -3.73 5.60 9.12
N ALA A 100 -2.46 5.59 9.50
CA ALA A 100 -1.93 6.62 10.38
C ALA A 100 -2.22 8.02 9.84
N GLU A 101 -2.75 8.88 10.69
CA GLU A 101 -2.97 10.28 10.33
C GLU A 101 -3.99 10.43 9.21
N ALA A 102 -4.80 9.41 8.99
CA ALA A 102 -5.76 9.44 7.87
C ALA A 102 -7.20 9.45 8.36
N PRO A 103 -8.11 10.00 7.55
CA PRO A 103 -9.53 10.10 7.93
C PRO A 103 -10.20 8.75 8.18
N GLN A 104 -11.25 8.76 8.99
CA GLN A 104 -12.02 7.55 9.25
C GLN A 104 -12.54 6.94 7.97
N GLY A 105 -12.57 5.61 7.90
CA GLY A 105 -12.93 4.93 6.68
C GLY A 105 -11.74 4.73 5.75
N SER A 106 -10.54 4.93 6.27
CA SER A 106 -9.33 4.72 5.48
C SER A 106 -9.25 3.29 4.95
N CYS A 107 -9.54 2.32 5.82
CA CYS A 107 -9.42 0.92 5.45
C CYS A 107 -10.73 0.17 5.68
N PRO A 108 -11.65 0.22 4.72
CA PRO A 108 -12.94 -0.46 4.87
C PRO A 108 -12.83 -1.97 5.00
N GLU A 109 -13.65 -2.55 5.87
CA GLU A 109 -13.66 -3.99 6.09
C GLU A 109 -14.15 -4.73 4.83
N ALA A 110 -15.01 -4.09 4.05
CA ALA A 110 -15.61 -4.74 2.90
C ALA A 110 -14.59 -5.08 1.82
N ALA A 111 -14.84 -6.14 1.06
CA ALA A 111 -13.97 -6.51 -0.05
C ALA A 111 -14.07 -5.49 -1.18
N GLU A 112 -13.26 -4.45 -1.09
CA GLU A 112 -13.35 -3.32 -2.02
C GLU A 112 -12.93 -3.66 -3.44
N GLY A 113 -11.77 -4.28 -3.59
CA GLY A 113 -11.22 -4.49 -4.93
C GLY A 113 -11.08 -5.95 -5.30
N VAL A 114 -10.67 -6.21 -6.55
CA VAL A 114 -10.39 -7.57 -6.99
C VAL A 114 -9.05 -7.63 -7.71
N ILE A 115 -8.20 -8.57 -7.33
CA ILE A 115 -6.95 -8.78 -8.05
C ILE A 115 -6.87 -10.21 -8.59
N ALA A 116 -6.69 -10.34 -9.90
CA ALA A 116 -6.52 -11.65 -10.53
C ALA A 116 -7.67 -12.58 -10.15
N GLY A 117 -8.88 -12.03 -10.06
CA GLY A 117 -10.05 -12.85 -9.79
C GLY A 117 -10.23 -13.18 -8.32
N ARG A 118 -9.35 -12.64 -7.48
CA ARG A 118 -9.48 -12.81 -6.03
C ARG A 118 -9.93 -11.52 -5.36
N PRO A 119 -11.09 -11.54 -4.70
CA PRO A 119 -11.60 -10.35 -4.02
C PRO A 119 -10.66 -9.93 -2.89
N VAL A 120 -10.36 -8.64 -2.80
CA VAL A 120 -9.38 -8.16 -1.84
C VAL A 120 -9.87 -6.89 -1.15
N ARG A 121 -9.61 -6.80 0.16
CA ARG A 121 -9.88 -5.57 0.89
C ARG A 121 -8.88 -4.51 0.47
N CYS A 122 -9.38 -3.33 0.08
CA CYS A 122 -8.50 -2.25 -0.36
C CYS A 122 -8.77 -0.99 0.45
N ASN A 123 -7.76 -0.14 0.59
CA ASN A 123 -7.99 1.14 1.25
C ASN A 123 -8.90 2.03 0.40
N SER A 124 -9.62 2.93 1.05
CA SER A 124 -10.60 3.75 0.36
C SER A 124 -9.96 4.77 -0.57
N TRP A 125 -10.70 5.24 -1.56
CA TRP A 125 -10.18 6.28 -2.45
C TRP A 125 -9.70 7.45 -1.62
N GLU A 126 -10.46 7.78 -0.57
CA GLU A 126 -10.09 8.89 0.31
C GLU A 126 -8.72 8.65 0.91
N ALA A 127 -8.48 7.44 1.41
CA ALA A 127 -7.18 7.11 1.98
C ALA A 127 -6.11 7.25 0.90
N ILE A 128 -6.39 6.74 -0.28
CA ILE A 128 -5.41 6.74 -1.37
C ILE A 128 -5.02 8.18 -1.67
N ILE A 129 -6.02 9.04 -1.81
CA ILE A 129 -5.78 10.43 -2.15
C ILE A 129 -5.04 11.12 -1.00
N TRP A 130 -5.39 10.78 0.23
CA TRP A 130 -4.70 11.33 1.39
C TRP A 130 -3.21 11.05 1.29
N ASP A 131 -2.86 9.82 0.91
CA ASP A 131 -1.45 9.47 0.76
C ASP A 131 -0.80 10.27 -0.35
N TYR A 132 -1.46 10.37 -1.50
CA TYR A 132 -0.89 11.07 -2.64
C TYR A 132 -0.70 12.55 -2.36
N PHE A 133 -1.70 13.19 -1.76
CA PHE A 133 -1.60 14.60 -1.43
C PHE A 133 -0.48 14.82 -0.42
N TYR A 134 -0.37 13.91 0.55
CA TYR A 134 0.72 13.93 1.51
C TYR A 134 2.06 13.88 0.79
N TYR A 135 2.16 13.00 -0.21
CA TYR A 135 3.37 12.91 -1.02
C TYR A 135 3.60 14.19 -1.80
N ALA A 136 2.52 14.83 -2.26
CA ALA A 136 2.64 16.07 -3.01
C ALA A 136 3.30 17.14 -2.17
N ASP A 137 2.94 17.22 -0.90
CA ASP A 137 3.58 18.18 0.00
C ASP A 137 5.07 17.89 0.12
N GLU A 138 5.43 16.60 0.13
CA GLU A 138 6.85 16.23 0.17
C GLU A 138 7.54 16.52 -1.15
N VAL A 139 6.92 16.13 -2.25
CA VAL A 139 7.56 16.20 -3.56
C VAL A 139 6.63 16.89 -4.56
N PRO A 140 7.13 17.89 -5.29
CA PRO A 140 6.30 18.61 -6.26
C PRO A 140 5.73 17.73 -7.36
N PRO A 141 4.51 18.02 -7.81
CA PRO A 141 3.86 17.25 -8.88
C PRO A 141 4.69 17.18 -10.15
N VAL A 142 5.43 18.25 -10.43
CA VAL A 142 6.31 18.27 -11.59
C VAL A 142 7.32 17.14 -11.48
N ASP A 143 7.82 16.94 -10.26
CA ASP A 143 8.79 15.87 -10.01
C ASP A 143 8.13 14.49 -10.06
N TRP A 144 6.82 14.44 -9.83
CA TRP A 144 6.12 13.16 -9.76
C TRP A 144 6.25 12.38 -11.07
N PRO A 145 6.49 11.07 -10.99
CA PRO A 145 6.57 10.23 -12.19
C PRO A 145 5.19 10.00 -12.78
N THR A 146 5.13 9.67 -14.07
CA THR A 146 3.86 9.56 -14.76
C THR A 146 2.92 8.62 -14.01
N LYS A 147 3.44 7.50 -13.52
CA LYS A 147 2.61 6.49 -12.89
C LYS A 147 1.85 7.09 -11.71
N HIS A 148 2.56 7.81 -10.84
CA HIS A 148 1.91 8.41 -9.69
C HIS A 148 0.89 9.46 -10.11
N ILE A 149 1.25 10.27 -11.10
CA ILE A 149 0.34 11.32 -11.55
C ILE A 149 -0.94 10.67 -12.05
N GLU A 150 -0.81 9.64 -12.88
CA GLU A 150 -1.97 8.96 -13.43
C GLU A 150 -2.80 8.35 -12.31
N SER A 151 -2.14 7.72 -11.35
CA SER A 151 -2.84 7.05 -10.27
C SER A 151 -3.65 8.06 -9.48
N TYR A 152 -3.04 9.21 -9.20
CA TYR A 152 -3.73 10.29 -8.49
C TYR A 152 -4.95 10.75 -9.27
N ARG A 153 -4.79 10.91 -10.57
CA ARG A 153 -5.89 11.36 -11.42
C ARG A 153 -7.03 10.36 -11.37
N LEU A 154 -6.69 9.08 -11.47
CA LEU A 154 -7.71 8.03 -11.49
C LEU A 154 -8.47 8.02 -10.17
N ALA A 155 -7.73 8.10 -9.06
CA ALA A 155 -8.36 8.08 -7.75
C ALA A 155 -9.26 9.30 -7.58
N CYS A 156 -8.78 10.47 -7.97
CA CYS A 156 -9.53 11.71 -7.80
C CYS A 156 -10.82 11.65 -8.61
N THR A 157 -10.70 11.23 -9.86
CA THR A 157 -11.86 11.15 -10.74
C THR A 157 -12.87 10.18 -10.15
N SER A 158 -12.38 9.04 -9.69
CA SER A 158 -13.28 8.00 -9.19
C SER A 158 -14.02 8.48 -7.94
N LEU A 159 -13.32 9.17 -7.05
CA LEU A 159 -13.92 9.64 -5.82
C LEU A 159 -14.89 10.79 -6.08
N GLY A 160 -14.54 11.66 -7.02
CA GLY A 160 -15.33 12.85 -7.27
C GLY A 160 -14.61 14.13 -6.86
N ALA A 161 -14.70 15.15 -7.70
CA ALA A 161 -13.93 16.37 -7.50
C ALA A 161 -14.21 17.02 -6.15
N GLU A 162 -15.49 17.15 -5.80
CA GLU A 162 -15.85 17.84 -4.58
C GLU A 162 -15.24 17.16 -3.37
N LYS A 163 -15.33 15.83 -3.33
CA LYS A 163 -14.78 15.07 -2.21
C LYS A 163 -13.26 15.26 -2.15
N VAL A 164 -12.62 15.25 -3.31
CA VAL A 164 -11.18 15.42 -3.38
C VAL A 164 -10.82 16.80 -2.85
N GLU A 165 -11.60 17.81 -3.23
CA GLU A 165 -11.35 19.17 -2.78
C GLU A 165 -11.43 19.23 -1.26
N VAL A 166 -12.43 18.56 -0.70
CA VAL A 166 -12.61 18.54 0.75
C VAL A 166 -11.38 17.91 1.39
N LEU A 167 -10.90 16.81 0.81
CA LEU A 167 -9.73 16.12 1.34
C LEU A 167 -8.52 17.05 1.30
N ARG A 168 -8.34 17.74 0.18
CA ARG A 168 -7.20 18.62 0.03
C ARG A 168 -7.24 19.72 1.08
N ALA A 169 -8.41 20.33 1.25
CA ALA A 169 -8.58 21.39 2.23
C ALA A 169 -8.28 20.86 3.63
N ALA A 170 -8.79 19.66 3.93
CA ALA A 170 -8.58 19.07 5.25
C ALA A 170 -7.09 18.87 5.50
N PHE A 171 -6.39 18.31 4.51
CA PHE A 171 -4.98 17.98 4.70
C PHE A 171 -4.17 19.25 4.86
N ARG A 172 -4.46 20.26 4.05
CA ARG A 172 -3.78 21.54 4.16
C ARG A 172 -3.97 22.09 5.58
N SER A 173 -5.19 21.99 6.08
CA SER A 173 -5.47 22.48 7.43
C SER A 173 -4.65 21.70 8.44
N ARG A 174 -4.55 20.39 8.25
CA ARG A 174 -3.79 19.54 9.15
C ARG A 174 -2.32 19.99 9.15
N TYR A 175 -1.79 20.21 7.95
CA TYR A 175 -0.38 20.57 7.81
C TYR A 175 -0.12 21.91 8.47
N ALA A 176 -1.00 22.87 8.24
CA ALA A 176 -0.85 24.20 8.82
C ALA A 176 -0.82 24.10 10.33
N ALA A 177 -1.72 23.28 10.90
CA ALA A 177 -1.74 23.08 12.34
C ALA A 177 -0.41 22.49 12.80
N LEU A 178 0.11 21.52 12.06
CA LEU A 178 1.35 20.87 12.44
C LEU A 178 2.50 21.88 12.44
N GLU A 179 2.55 22.69 11.40
CA GLU A 179 3.58 23.73 11.32
C GLU A 179 3.46 24.68 12.50
N HIS A 180 2.25 25.10 12.82
CA HIS A 180 2.05 26.03 13.92
C HIS A 180 2.53 25.41 15.23
N HIS A 181 2.18 24.15 15.44
CA HIS A 181 2.62 23.43 16.63
C HIS A 181 4.14 23.43 16.70
N HIS A 182 4.78 23.12 15.57
CA HIS A 182 6.22 23.02 15.52
C HIS A 182 6.84 24.38 15.83
N HIS A 183 6.27 25.42 15.22
CA HIS A 183 6.82 26.76 15.36
C HIS A 183 6.68 27.24 16.80
N HIS A 184 5.54 26.93 17.42
CA HIS A 184 5.32 27.26 18.82
C HIS A 184 6.32 26.52 19.70
N HIS A 185 6.68 25.30 19.31
CA HIS A 185 7.55 24.46 20.12
C HIS A 185 8.97 24.41 19.57
N MET A 1 6.85 -10.06 -15.41
CA MET A 1 6.92 -9.00 -14.38
C MET A 1 5.55 -8.83 -13.73
N ASP A 2 4.56 -8.44 -14.51
CA ASP A 2 3.23 -8.18 -13.97
C ASP A 2 2.68 -9.43 -13.31
N THR A 3 2.83 -10.58 -13.97
CA THR A 3 2.37 -11.84 -13.42
C THR A 3 3.07 -12.10 -12.09
N THR A 4 4.37 -11.84 -12.05
CA THR A 4 5.13 -12.05 -10.82
C THR A 4 4.58 -11.16 -9.72
N GLN A 5 4.34 -9.89 -10.05
CA GLN A 5 3.84 -8.94 -9.06
C GLN A 5 2.50 -9.42 -8.51
N VAL A 6 1.62 -9.85 -9.40
CA VAL A 6 0.30 -10.32 -9.00
C VAL A 6 0.45 -11.56 -8.12
N THR A 7 1.33 -12.47 -8.54
CA THR A 7 1.50 -13.73 -7.84
C THR A 7 1.99 -13.47 -6.42
N LEU A 8 2.95 -12.57 -6.28
CA LEU A 8 3.47 -12.23 -4.96
C LEU A 8 2.37 -11.65 -4.09
N ILE A 9 1.55 -10.77 -4.65
CA ILE A 9 0.44 -10.19 -3.91
C ILE A 9 -0.49 -11.31 -3.46
N HIS A 10 -0.77 -12.24 -4.37
CA HIS A 10 -1.64 -13.37 -4.06
C HIS A 10 -1.07 -14.17 -2.89
N LYS A 11 0.24 -14.40 -2.93
CA LYS A 11 0.90 -15.17 -1.88
C LYS A 11 0.77 -14.43 -0.54
N ILE A 12 0.99 -13.13 -0.57
CA ILE A 12 0.96 -12.33 0.65
C ILE A 12 -0.44 -12.38 1.24
N LEU A 13 -1.45 -12.25 0.38
CA LEU A 13 -2.84 -12.33 0.81
C LEU A 13 -3.08 -13.67 1.48
N ALA A 14 -2.60 -14.74 0.86
CA ALA A 14 -2.82 -16.08 1.40
C ALA A 14 -2.15 -16.22 2.77
N ALA A 15 -0.92 -15.73 2.88
CA ALA A 15 -0.19 -15.83 4.14
C ALA A 15 -0.91 -15.04 5.22
N ALA A 16 -1.39 -13.85 4.88
CA ALA A 16 -2.12 -13.04 5.83
C ALA A 16 -3.37 -13.77 6.29
N ASP A 17 -4.07 -14.41 5.35
CA ASP A 17 -5.28 -15.14 5.68
C ASP A 17 -4.95 -16.29 6.63
N GLU A 18 -3.85 -16.98 6.36
CA GLU A 18 -3.44 -18.10 7.19
C GLU A 18 -3.12 -17.60 8.60
N ARG A 19 -2.49 -16.44 8.68
CA ARG A 19 -2.12 -15.85 9.97
C ARG A 19 -3.34 -15.26 10.68
N ASN A 20 -4.44 -15.11 9.95
CA ASN A 20 -5.60 -14.42 10.48
C ASN A 20 -5.28 -12.94 10.68
N LEU A 21 -4.51 -12.39 9.74
CA LEU A 21 -4.17 -10.98 9.74
C LEU A 21 -4.85 -10.27 8.58
N PRO A 22 -5.73 -9.31 8.87
CA PRO A 22 -6.41 -8.58 7.80
C PRO A 22 -5.44 -7.78 6.94
N LEU A 23 -5.62 -7.86 5.63
CA LEU A 23 -4.78 -7.11 4.70
C LEU A 23 -5.60 -6.16 3.84
N TRP A 24 -5.17 -4.90 3.78
CA TRP A 24 -5.76 -3.93 2.87
C TRP A 24 -4.72 -3.53 1.83
N ILE A 25 -5.07 -3.63 0.55
CA ILE A 25 -4.13 -3.28 -0.51
C ILE A 25 -4.16 -1.77 -0.71
N GLY A 26 -2.98 -1.15 -0.78
CA GLY A 26 -2.91 0.30 -0.80
C GLY A 26 -2.32 0.90 -2.06
N GLY A 27 -2.31 2.23 -2.11
CA GLY A 27 -1.65 2.96 -3.19
C GLY A 27 -2.19 2.65 -4.57
N GLY A 28 -1.32 2.71 -5.57
CA GLY A 28 -1.71 2.38 -6.92
C GLY A 28 -2.33 1.01 -7.02
N TRP A 29 -1.76 0.03 -6.32
CA TRP A 29 -2.29 -1.32 -6.36
C TRP A 29 -3.76 -1.34 -5.94
N ALA A 30 -4.10 -0.58 -4.91
CA ALA A 30 -5.49 -0.47 -4.49
C ALA A 30 -6.32 0.09 -5.63
N ILE A 31 -5.81 1.13 -6.28
CA ILE A 31 -6.55 1.79 -7.35
C ILE A 31 -6.80 0.79 -8.47
N ASP A 32 -5.76 0.05 -8.85
CA ASP A 32 -5.88 -0.94 -9.91
C ASP A 32 -6.90 -2.01 -9.53
N ALA A 33 -6.86 -2.45 -8.28
CA ALA A 33 -7.80 -3.45 -7.79
C ALA A 33 -9.23 -2.91 -7.84
N ARG A 34 -9.39 -1.65 -7.43
CA ARG A 34 -10.69 -1.00 -7.45
C ARG A 34 -11.18 -0.82 -8.89
N LEU A 35 -10.27 -0.53 -9.81
CA LEU A 35 -10.60 -0.46 -11.22
C LEU A 35 -11.02 -1.83 -11.73
N GLY A 36 -10.47 -2.88 -11.12
CA GLY A 36 -10.71 -4.24 -11.58
C GLY A 36 -9.69 -4.68 -12.60
N ARG A 37 -8.77 -3.80 -12.96
CA ARG A 37 -7.75 -4.11 -13.96
C ARG A 37 -6.39 -3.60 -13.52
N VAL A 38 -5.36 -4.44 -13.66
CA VAL A 38 -4.00 -4.00 -13.35
C VAL A 38 -3.53 -3.09 -14.48
N THR A 39 -3.76 -1.79 -14.31
CA THR A 39 -3.49 -0.81 -15.34
C THR A 39 -2.00 -0.65 -15.57
N ARG A 40 -1.22 -0.63 -14.49
CA ARG A 40 0.22 -0.37 -14.60
C ARG A 40 1.02 -1.31 -13.71
N LYS A 41 2.22 -1.65 -14.14
CA LYS A 41 3.13 -2.45 -13.32
C LYS A 41 3.79 -1.59 -12.25
N HIS A 42 3.96 -2.12 -11.05
CA HIS A 42 4.58 -1.35 -9.98
C HIS A 42 5.67 -2.14 -9.28
N ASP A 43 6.88 -1.58 -9.23
CA ASP A 43 8.00 -2.22 -8.56
C ASP A 43 7.74 -2.34 -7.06
N ASP A 44 7.17 -1.29 -6.48
CA ASP A 44 6.83 -1.30 -5.06
C ASP A 44 5.42 -1.84 -4.84
N ILE A 45 5.30 -2.84 -3.97
CA ILE A 45 3.98 -3.34 -3.59
C ILE A 45 3.60 -2.77 -2.23
N ASP A 46 2.63 -1.86 -2.21
CA ASP A 46 2.25 -1.18 -0.98
C ASP A 46 1.03 -1.83 -0.33
N LEU A 47 1.25 -2.53 0.77
CA LEU A 47 0.17 -3.25 1.44
C LEU A 47 -0.03 -2.78 2.87
N THR A 48 -1.28 -2.69 3.30
CA THR A 48 -1.60 -2.15 4.61
C THR A 48 -1.97 -3.25 5.59
N PHE A 49 -1.24 -3.31 6.71
CA PHE A 49 -1.46 -4.35 7.71
C PHE A 49 -1.51 -3.75 9.10
N PRO A 50 -2.32 -4.32 9.99
CA PRO A 50 -2.41 -3.83 11.37
C PRO A 50 -1.05 -3.87 12.07
N GLY A 51 -0.68 -2.77 12.72
CA GLY A 51 0.62 -2.66 13.34
C GLY A 51 0.85 -3.68 14.44
N GLU A 52 -0.21 -4.02 15.15
CA GLU A 52 -0.11 -4.90 16.32
C GLU A 52 0.56 -6.23 15.96
N ARG A 53 0.48 -6.62 14.68
CA ARG A 53 0.93 -7.93 14.26
C ARG A 53 2.31 -7.90 13.63
N ARG A 54 3.16 -6.94 14.01
CA ARG A 54 4.47 -6.80 13.38
C ARG A 54 5.23 -8.12 13.35
N GLY A 55 5.23 -8.84 14.47
CA GLY A 55 5.97 -10.10 14.52
C GLY A 55 5.46 -11.10 13.50
N GLU A 56 4.13 -11.21 13.39
CA GLU A 56 3.54 -12.10 12.41
C GLU A 56 3.89 -11.64 11.00
N LEU A 57 3.92 -10.34 10.79
CA LEU A 57 4.34 -9.78 9.50
C LEU A 57 5.75 -10.22 9.16
N GLU A 58 6.65 -10.17 10.14
CA GLU A 58 8.01 -10.62 9.92
C GLU A 58 8.02 -12.08 9.50
N ALA A 59 7.19 -12.90 10.17
CA ALA A 59 7.07 -14.30 9.83
C ALA A 59 6.57 -14.46 8.40
N ILE A 60 5.59 -13.64 8.02
CA ILE A 60 5.02 -13.72 6.68
C ILE A 60 6.12 -13.45 5.66
N VAL A 61 6.92 -12.42 5.90
CA VAL A 61 7.98 -12.06 4.96
C VAL A 61 8.96 -13.23 4.86
N GLU A 62 9.27 -13.84 5.99
CA GLU A 62 10.19 -14.98 6.02
C GLU A 62 9.60 -16.15 5.22
N MET A 63 8.30 -16.39 5.36
CA MET A 63 7.65 -17.45 4.62
C MET A 63 7.70 -17.15 3.12
N LEU A 64 7.51 -15.88 2.78
CA LEU A 64 7.60 -15.44 1.39
C LEU A 64 9.02 -15.68 0.87
N GLY A 65 9.98 -15.74 1.78
CA GLY A 65 11.37 -15.90 1.38
C GLY A 65 12.10 -14.57 1.31
N GLY A 66 11.42 -13.50 1.68
CA GLY A 66 12.02 -12.17 1.65
C GLY A 66 12.71 -11.80 2.96
N ARG A 67 13.37 -10.65 2.97
CA ARG A 67 13.97 -10.14 4.20
C ARG A 67 13.51 -8.70 4.44
N VAL A 68 13.29 -8.34 5.69
CA VAL A 68 12.89 -6.98 6.02
C VAL A 68 14.10 -6.06 5.94
N MET A 69 14.08 -5.14 4.97
CA MET A 69 15.22 -4.27 4.73
C MET A 69 15.43 -3.32 5.90
N GLU A 70 14.36 -2.67 6.33
CA GLU A 70 14.41 -1.67 7.40
C GLU A 70 13.03 -1.41 7.99
N GLU A 71 13.00 -1.01 9.26
CA GLU A 71 11.75 -0.60 9.89
C GLU A 71 11.78 0.87 10.26
N LEU A 72 10.75 1.61 9.84
CA LEU A 72 10.69 3.05 10.11
C LEU A 72 9.43 3.39 10.89
N ASP A 73 9.43 4.55 11.54
CA ASP A 73 8.32 4.92 12.41
C ASP A 73 7.00 4.85 11.66
N TYR A 74 6.98 5.29 10.41
CA TYR A 74 5.80 5.20 9.58
C TYR A 74 5.45 3.74 9.27
N GLY A 75 6.46 2.95 8.95
CA GLY A 75 6.24 1.57 8.54
C GLY A 75 7.54 0.89 8.12
N PHE A 76 7.47 -0.38 7.74
CA PHE A 76 8.67 -1.13 7.41
C PHE A 76 8.74 -1.54 5.96
N LEU A 77 9.94 -1.47 5.39
CA LEU A 77 10.18 -1.92 4.03
C LEU A 77 10.83 -3.29 4.02
N ALA A 78 10.27 -4.22 3.24
CA ALA A 78 10.84 -5.55 3.11
C ALA A 78 11.09 -5.89 1.65
N GLU A 79 12.21 -6.56 1.38
CA GLU A 79 12.46 -7.04 0.02
C GLU A 79 12.01 -8.48 -0.14
N ILE A 80 11.10 -8.72 -1.08
CA ILE A 80 10.68 -10.08 -1.40
C ILE A 80 11.25 -10.44 -2.76
N GLY A 81 12.22 -11.36 -2.78
CA GLY A 81 12.89 -11.68 -4.03
C GLY A 81 13.42 -10.43 -4.72
N ASP A 82 12.97 -10.20 -5.95
CA ASP A 82 13.46 -9.06 -6.74
C ASP A 82 12.54 -7.85 -6.61
N GLU A 83 11.52 -7.94 -5.75
CA GLU A 83 10.54 -6.87 -5.64
C GLU A 83 10.41 -6.36 -4.21
N LEU A 84 9.92 -5.13 -4.05
CA LEU A 84 9.88 -4.50 -2.74
C LEU A 84 8.48 -4.47 -2.17
N LEU A 85 8.35 -4.85 -0.89
CA LEU A 85 7.09 -4.74 -0.18
C LEU A 85 7.12 -3.57 0.79
N ASP A 86 6.27 -2.57 0.55
CA ASP A 86 6.14 -1.45 1.47
C ASP A 86 4.93 -1.64 2.38
N CYS A 87 5.19 -1.97 3.64
CA CYS A 87 4.09 -2.25 4.56
C CYS A 87 3.63 -0.97 5.26
N GLU A 88 2.37 -0.61 5.02
CA GLU A 88 1.76 0.53 5.70
C GLU A 88 0.96 0.05 6.90
N PRO A 89 1.42 0.32 8.12
CA PRO A 89 0.71 -0.11 9.32
C PRO A 89 -0.67 0.54 9.47
N ALA A 90 -1.67 -0.29 9.74
CA ALA A 90 -3.00 0.21 10.08
C ALA A 90 -3.21 0.05 11.58
N TRP A 91 -3.73 1.07 12.24
CA TRP A 91 -3.85 1.01 13.69
C TRP A 91 -5.29 0.86 14.14
N TRP A 92 -5.54 -0.10 15.02
CA TRP A 92 -6.89 -0.43 15.43
C TRP A 92 -7.32 0.50 16.57
N ALA A 93 -8.22 1.42 16.27
CA ALA A 93 -8.66 2.41 17.25
C ALA A 93 -10.14 2.70 17.08
N ASP A 94 -10.84 2.96 18.19
CA ASP A 94 -12.27 3.17 18.15
C ASP A 94 -12.96 2.00 17.46
N GLU A 95 -12.46 0.78 17.70
CA GLU A 95 -13.00 -0.40 17.07
C GLU A 95 -12.99 -0.29 15.55
N ALA A 96 -11.96 0.35 15.00
CA ALA A 96 -11.79 0.42 13.55
C ALA A 96 -10.31 0.46 13.18
N TYR A 97 -9.97 -0.07 12.02
CA TYR A 97 -8.59 -0.01 11.54
C TYR A 97 -8.40 1.25 10.69
N GLU A 98 -7.44 2.08 11.10
CA GLU A 98 -7.24 3.37 10.45
C GLU A 98 -5.77 3.63 10.17
N ILE A 99 -5.48 4.28 9.04
CA ILE A 99 -4.11 4.68 8.72
C ILE A 99 -3.75 5.91 9.55
N ALA A 100 -2.52 5.95 10.04
CA ALA A 100 -2.11 7.01 10.95
C ALA A 100 -2.39 8.39 10.35
N GLU A 101 -3.01 9.27 11.13
CA GLU A 101 -3.25 10.64 10.72
C GLU A 101 -4.18 10.72 9.50
N ALA A 102 -4.90 9.65 9.22
CA ALA A 102 -5.77 9.62 8.04
C ALA A 102 -7.24 9.75 8.40
N PRO A 103 -8.06 10.24 7.46
CA PRO A 103 -9.50 10.43 7.72
C PRO A 103 -10.23 9.12 8.02
N GLN A 104 -11.34 9.22 8.73
CA GLN A 104 -12.08 8.04 9.15
C GLN A 104 -12.56 7.23 7.94
N GLY A 105 -12.56 5.91 8.08
CA GLY A 105 -12.89 5.05 6.95
C GLY A 105 -11.68 4.77 6.09
N SER A 106 -10.49 4.96 6.62
CA SER A 106 -9.27 4.81 5.84
C SER A 106 -9.19 3.40 5.24
N CYS A 107 -9.47 2.39 6.05
CA CYS A 107 -9.43 1.01 5.58
C CYS A 107 -10.76 0.31 5.79
N PRO A 108 -11.61 0.31 4.75
CA PRO A 108 -12.92 -0.33 4.84
C PRO A 108 -12.84 -1.84 5.00
N GLU A 109 -13.72 -2.40 5.82
CA GLU A 109 -13.74 -3.84 6.08
C GLU A 109 -14.09 -4.63 4.82
N ALA A 110 -14.97 -4.05 3.99
CA ALA A 110 -15.47 -4.74 2.81
C ALA A 110 -14.36 -4.99 1.78
N ALA A 111 -14.47 -6.08 1.03
CA ALA A 111 -13.51 -6.36 -0.03
C ALA A 111 -13.72 -5.40 -1.20
N GLU A 112 -12.97 -4.30 -1.19
CA GLU A 112 -13.17 -3.22 -2.15
C GLU A 112 -12.69 -3.58 -3.56
N GLY A 113 -11.47 -4.08 -3.67
CA GLY A 113 -10.87 -4.32 -4.97
C GLY A 113 -10.85 -5.78 -5.39
N VAL A 114 -10.45 -6.03 -6.63
CA VAL A 114 -10.26 -7.41 -7.10
C VAL A 114 -8.93 -7.52 -7.84
N ILE A 115 -8.11 -8.50 -7.47
CA ILE A 115 -6.87 -8.78 -8.19
C ILE A 115 -6.85 -10.21 -8.70
N ALA A 116 -6.67 -10.39 -10.00
CA ALA A 116 -6.57 -11.72 -10.59
C ALA A 116 -7.77 -12.59 -10.21
N GLY A 117 -8.95 -11.97 -10.15
CA GLY A 117 -10.17 -12.72 -9.86
C GLY A 117 -10.35 -13.00 -8.38
N ARG A 118 -9.44 -12.49 -7.55
CA ARG A 118 -9.55 -12.65 -6.11
C ARG A 118 -9.94 -11.34 -5.45
N PRO A 119 -11.10 -11.30 -4.79
CA PRO A 119 -11.54 -10.07 -4.13
C PRO A 119 -10.63 -9.70 -2.97
N VAL A 120 -10.28 -8.43 -2.87
CA VAL A 120 -9.29 -7.99 -1.89
C VAL A 120 -9.76 -6.71 -1.20
N ARG A 121 -9.53 -6.64 0.11
CA ARG A 121 -9.78 -5.40 0.84
C ARG A 121 -8.78 -4.35 0.38
N CYS A 122 -9.25 -3.14 0.11
CA CYS A 122 -8.37 -2.07 -0.31
C CYS A 122 -8.62 -0.79 0.49
N ASN A 123 -7.58 -0.01 0.73
CA ASN A 123 -7.77 1.27 1.42
C ASN A 123 -8.68 2.19 0.62
N SER A 124 -9.46 3.00 1.32
CA SER A 124 -10.48 3.82 0.69
C SER A 124 -9.87 4.87 -0.24
N TRP A 125 -10.66 5.32 -1.21
CA TRP A 125 -10.23 6.39 -2.09
C TRP A 125 -9.77 7.58 -1.25
N GLU A 126 -10.49 7.85 -0.17
CA GLU A 126 -10.10 8.92 0.74
C GLU A 126 -8.68 8.70 1.21
N ALA A 127 -8.38 7.49 1.66
CA ALA A 127 -7.05 7.18 2.19
C ALA A 127 -6.01 7.30 1.07
N ILE A 128 -6.37 6.81 -0.12
CA ILE A 128 -5.44 6.80 -1.24
C ILE A 128 -5.06 8.25 -1.57
N ILE A 129 -6.06 9.10 -1.70
CA ILE A 129 -5.83 10.49 -2.05
C ILE A 129 -5.06 11.18 -0.92
N TRP A 130 -5.40 10.86 0.32
CA TRP A 130 -4.72 11.43 1.47
C TRP A 130 -3.23 11.11 1.41
N ASP A 131 -2.90 9.88 1.03
CA ASP A 131 -1.51 9.48 0.87
C ASP A 131 -0.85 10.28 -0.25
N TYR A 132 -1.52 10.37 -1.39
CA TYR A 132 -0.94 11.03 -2.55
C TYR A 132 -0.77 12.53 -2.32
N PHE A 133 -1.78 13.18 -1.77
CA PHE A 133 -1.69 14.61 -1.50
C PHE A 133 -0.56 14.89 -0.51
N TYR A 134 -0.44 14.03 0.50
CA TYR A 134 0.69 14.12 1.43
C TYR A 134 2.01 14.03 0.68
N TYR A 135 2.09 13.08 -0.25
CA TYR A 135 3.30 12.90 -1.04
C TYR A 135 3.55 14.14 -1.90
N ALA A 136 2.48 14.76 -2.38
CA ALA A 136 2.60 15.97 -3.18
C ALA A 136 3.24 17.09 -2.37
N ASP A 137 2.90 17.16 -1.08
CA ASP A 137 3.53 18.14 -0.21
C ASP A 137 5.01 17.84 -0.01
N GLU A 138 5.36 16.56 0.08
CA GLU A 138 6.76 16.17 0.21
C GLU A 138 7.51 16.39 -1.11
N VAL A 139 6.92 15.96 -2.21
CA VAL A 139 7.58 16.01 -3.51
C VAL A 139 6.67 16.72 -4.51
N PRO A 140 7.20 17.71 -5.24
CA PRO A 140 6.38 18.44 -6.21
C PRO A 140 5.77 17.55 -7.29
N PRO A 141 4.53 17.85 -7.69
CA PRO A 141 3.85 17.07 -8.72
C PRO A 141 4.63 17.02 -10.04
N VAL A 142 5.34 18.10 -10.35
CA VAL A 142 6.19 18.14 -11.53
C VAL A 142 7.24 17.04 -11.43
N ASP A 143 7.78 16.85 -10.23
CA ASP A 143 8.78 15.82 -9.99
C ASP A 143 8.15 14.42 -10.05
N TRP A 144 6.85 14.34 -9.80
CA TRP A 144 6.18 13.04 -9.72
C TRP A 144 6.32 12.26 -11.03
N PRO A 145 6.56 10.95 -10.94
CA PRO A 145 6.64 10.12 -12.13
C PRO A 145 5.26 9.89 -12.73
N THR A 146 5.19 9.55 -14.01
CA THR A 146 3.91 9.44 -14.70
C THR A 146 2.97 8.51 -13.93
N LYS A 147 3.49 7.40 -13.43
CA LYS A 147 2.65 6.39 -12.78
C LYS A 147 1.91 7.01 -11.59
N HIS A 148 2.62 7.73 -10.74
CA HIS A 148 1.99 8.36 -9.59
C HIS A 148 0.98 9.41 -10.02
N ILE A 149 1.35 10.20 -11.02
CA ILE A 149 0.46 11.27 -11.49
C ILE A 149 -0.85 10.64 -11.96
N GLU A 150 -0.73 9.57 -12.76
CA GLU A 150 -1.91 8.91 -13.29
C GLU A 150 -2.75 8.30 -12.17
N SER A 151 -2.07 7.68 -11.21
CA SER A 151 -2.77 7.03 -10.11
C SER A 151 -3.59 8.05 -9.33
N TYR A 152 -2.98 9.18 -9.04
CA TYR A 152 -3.65 10.26 -8.34
C TYR A 152 -4.84 10.75 -9.14
N ARG A 153 -4.64 10.91 -10.44
CA ARG A 153 -5.70 11.38 -11.34
C ARG A 153 -6.88 10.41 -11.30
N LEU A 154 -6.58 9.12 -11.39
CA LEU A 154 -7.64 8.10 -11.41
C LEU A 154 -8.39 8.12 -10.09
N ALA A 155 -7.66 8.21 -8.98
CA ALA A 155 -8.28 8.20 -7.67
C ALA A 155 -9.20 9.40 -7.52
N CYS A 156 -8.71 10.57 -7.92
CA CYS A 156 -9.48 11.80 -7.77
C CYS A 156 -10.75 11.73 -8.59
N THR A 157 -10.61 11.30 -9.85
CA THR A 157 -11.74 11.22 -10.75
C THR A 157 -12.78 10.25 -10.19
N SER A 158 -12.31 9.11 -9.70
CA SER A 158 -13.21 8.08 -9.22
C SER A 158 -13.98 8.55 -8.00
N LEU A 159 -13.30 9.23 -7.09
CA LEU A 159 -13.93 9.69 -5.86
C LEU A 159 -14.88 10.85 -6.12
N GLY A 160 -14.52 11.72 -7.07
CA GLY A 160 -15.32 12.90 -7.33
C GLY A 160 -14.62 14.19 -6.94
N ALA A 161 -14.73 15.20 -7.80
CA ALA A 161 -13.97 16.44 -7.61
C ALA A 161 -14.28 17.10 -6.28
N GLU A 162 -15.56 17.21 -5.94
CA GLU A 162 -15.96 17.92 -4.73
C GLU A 162 -15.34 17.26 -3.50
N LYS A 163 -15.43 15.94 -3.43
CA LYS A 163 -14.89 15.22 -2.29
C LYS A 163 -13.38 15.39 -2.21
N VAL A 164 -12.73 15.32 -3.36
CA VAL A 164 -11.28 15.48 -3.42
C VAL A 164 -10.92 16.88 -2.90
N GLU A 165 -11.70 17.87 -3.30
CA GLU A 165 -11.45 19.24 -2.86
C GLU A 165 -11.56 19.32 -1.34
N VAL A 166 -12.58 18.65 -0.80
CA VAL A 166 -12.79 18.66 0.64
C VAL A 166 -11.58 18.03 1.32
N LEU A 167 -11.12 16.91 0.78
CA LEU A 167 -9.98 16.20 1.37
C LEU A 167 -8.74 17.09 1.34
N ARG A 168 -8.52 17.76 0.22
CA ARG A 168 -7.36 18.63 0.08
C ARG A 168 -7.41 19.73 1.12
N ALA A 169 -8.58 20.35 1.27
CA ALA A 169 -8.74 21.44 2.23
C ALA A 169 -8.48 20.92 3.65
N ALA A 170 -8.99 19.73 3.94
CA ALA A 170 -8.81 19.15 5.27
C ALA A 170 -7.33 18.92 5.55
N PHE A 171 -6.61 18.36 4.57
CA PHE A 171 -5.21 18.06 4.77
C PHE A 171 -4.40 19.34 4.94
N ARG A 172 -4.70 20.34 4.12
CA ARG A 172 -4.02 21.63 4.25
C ARG A 172 -4.24 22.18 5.64
N SER A 173 -5.46 22.06 6.14
CA SER A 173 -5.78 22.56 7.47
C SER A 173 -4.95 21.81 8.51
N ARG A 174 -4.83 20.50 8.34
CA ARG A 174 -4.04 19.69 9.26
C ARG A 174 -2.59 20.14 9.22
N TYR A 175 -2.07 20.35 8.02
CA TYR A 175 -0.67 20.77 7.86
C TYR A 175 -0.45 22.10 8.57
N ALA A 176 -1.35 23.04 8.36
CA ALA A 176 -1.20 24.37 8.95
C ALA A 176 -1.17 24.25 10.47
N ALA A 177 -2.08 23.43 11.01
CA ALA A 177 -2.11 23.22 12.46
C ALA A 177 -0.79 22.62 12.94
N LEU A 178 -0.30 21.62 12.22
CA LEU A 178 0.91 20.94 12.62
C LEU A 178 2.09 21.91 12.62
N GLU A 179 2.21 22.70 11.54
CA GLU A 179 3.33 23.61 11.42
C GLU A 179 3.28 24.66 12.51
N HIS A 180 2.08 25.17 12.78
CA HIS A 180 1.90 26.16 13.84
C HIS A 180 2.32 25.55 15.19
N HIS A 181 1.91 24.32 15.43
CA HIS A 181 2.32 23.62 16.64
C HIS A 181 3.83 23.56 16.72
N HIS A 182 4.47 23.24 15.60
CA HIS A 182 5.91 23.09 15.56
C HIS A 182 6.59 24.43 15.86
N HIS A 183 6.11 25.50 15.23
CA HIS A 183 6.68 26.82 15.44
C HIS A 183 6.51 27.25 16.89
N HIS A 184 5.34 26.98 17.47
CA HIS A 184 5.09 27.33 18.86
C HIS A 184 5.99 26.52 19.78
N HIS A 185 6.30 25.29 19.39
CA HIS A 185 7.07 24.39 20.23
C HIS A 185 8.48 24.15 19.69
N MET A 1 6.95 -10.03 -15.30
CA MET A 1 6.97 -8.98 -14.27
C MET A 1 5.58 -8.84 -13.65
N ASP A 2 4.60 -8.48 -14.46
CA ASP A 2 3.24 -8.26 -13.96
C ASP A 2 2.72 -9.53 -13.32
N THR A 3 2.93 -10.66 -13.98
CA THR A 3 2.49 -11.95 -13.45
C THR A 3 3.16 -12.19 -12.09
N THR A 4 4.45 -11.91 -12.02
CA THR A 4 5.19 -12.09 -10.78
C THR A 4 4.59 -11.21 -9.69
N GLN A 5 4.30 -9.96 -10.02
CA GLN A 5 3.77 -9.03 -9.03
C GLN A 5 2.44 -9.53 -8.52
N VAL A 6 1.57 -9.96 -9.43
CA VAL A 6 0.26 -10.45 -9.06
C VAL A 6 0.42 -11.69 -8.17
N THR A 7 1.32 -12.57 -8.57
CA THR A 7 1.52 -13.83 -7.85
C THR A 7 1.99 -13.52 -6.43
N LEU A 8 2.93 -12.60 -6.30
CA LEU A 8 3.44 -12.23 -4.99
C LEU A 8 2.31 -11.67 -4.13
N ILE A 9 1.47 -10.82 -4.71
CA ILE A 9 0.36 -10.23 -3.97
C ILE A 9 -0.56 -11.36 -3.51
N HIS A 10 -0.85 -12.29 -4.40
CA HIS A 10 -1.73 -13.41 -4.08
C HIS A 10 -1.15 -14.20 -2.91
N LYS A 11 0.16 -14.43 -2.95
CA LYS A 11 0.82 -15.17 -1.88
C LYS A 11 0.72 -14.42 -0.56
N ILE A 12 0.95 -13.11 -0.61
CA ILE A 12 0.94 -12.31 0.61
C ILE A 12 -0.46 -12.34 1.19
N LEU A 13 -1.47 -12.21 0.33
CA LEU A 13 -2.85 -12.30 0.77
C LEU A 13 -3.07 -13.65 1.45
N ALA A 14 -2.63 -14.73 0.82
CA ALA A 14 -2.87 -16.06 1.36
C ALA A 14 -2.21 -16.20 2.73
N ALA A 15 -1.00 -15.68 2.86
CA ALA A 15 -0.31 -15.70 4.14
C ALA A 15 -1.12 -14.92 5.18
N ALA A 16 -1.64 -13.77 4.78
CA ALA A 16 -2.42 -12.95 5.69
C ALA A 16 -3.67 -13.71 6.14
N ASP A 17 -4.29 -14.46 5.23
CA ASP A 17 -5.42 -15.30 5.59
C ASP A 17 -5.00 -16.36 6.61
N GLU A 18 -3.86 -17.00 6.37
CA GLU A 18 -3.43 -18.08 7.26
C GLU A 18 -3.11 -17.54 8.65
N ARG A 19 -2.36 -16.43 8.70
CA ARG A 19 -2.08 -15.77 9.97
C ARG A 19 -3.38 -15.27 10.60
N ASN A 20 -4.40 -15.04 9.77
CA ASN A 20 -5.64 -14.43 10.24
C ASN A 20 -5.41 -12.95 10.53
N LEU A 21 -4.54 -12.34 9.74
CA LEU A 21 -4.28 -10.91 9.84
C LEU A 21 -4.92 -10.19 8.65
N PRO A 22 -5.83 -9.24 8.91
CA PRO A 22 -6.48 -8.52 7.82
C PRO A 22 -5.49 -7.72 6.97
N LEU A 23 -5.66 -7.79 5.65
CA LEU A 23 -4.82 -7.03 4.74
C LEU A 23 -5.64 -6.08 3.87
N TRP A 24 -5.17 -4.85 3.74
CA TRP A 24 -5.76 -3.90 2.81
C TRP A 24 -4.71 -3.51 1.77
N ILE A 25 -5.06 -3.63 0.49
CA ILE A 25 -4.12 -3.30 -0.57
C ILE A 25 -4.19 -1.80 -0.82
N GLY A 26 -3.04 -1.15 -0.92
CA GLY A 26 -3.02 0.31 -0.99
C GLY A 26 -2.38 0.91 -2.23
N GLY A 27 -2.41 2.23 -2.31
CA GLY A 27 -1.74 2.96 -3.37
C GLY A 27 -2.29 2.68 -4.76
N GLY A 28 -1.44 2.78 -5.76
CA GLY A 28 -1.84 2.44 -7.12
C GLY A 28 -2.42 1.04 -7.21
N TRP A 29 -1.87 0.11 -6.43
CA TRP A 29 -2.38 -1.26 -6.41
C TRP A 29 -3.84 -1.27 -5.98
N ALA A 30 -4.17 -0.51 -4.94
CA ALA A 30 -5.56 -0.42 -4.49
C ALA A 30 -6.42 0.12 -5.63
N ILE A 31 -5.93 1.16 -6.30
CA ILE A 31 -6.69 1.80 -7.36
C ILE A 31 -6.95 0.78 -8.47
N ASP A 32 -5.90 0.03 -8.82
CA ASP A 32 -6.00 -0.97 -9.89
C ASP A 32 -6.99 -2.07 -9.49
N ALA A 33 -6.93 -2.50 -8.24
CA ALA A 33 -7.85 -3.52 -7.74
C ALA A 33 -9.28 -3.00 -7.80
N ARG A 34 -9.47 -1.75 -7.40
CA ARG A 34 -10.79 -1.13 -7.42
C ARG A 34 -11.29 -0.98 -8.85
N LEU A 35 -10.38 -0.67 -9.76
CA LEU A 35 -10.72 -0.60 -11.19
C LEU A 35 -11.08 -2.00 -11.70
N GLY A 36 -10.49 -3.02 -11.08
CA GLY A 36 -10.65 -4.38 -11.56
C GLY A 36 -9.61 -4.76 -12.58
N ARG A 37 -8.72 -3.82 -12.90
CA ARG A 37 -7.68 -4.06 -13.89
C ARG A 37 -6.34 -3.52 -13.41
N VAL A 38 -5.30 -4.36 -13.48
CA VAL A 38 -3.96 -3.89 -13.15
C VAL A 38 -3.48 -3.01 -14.30
N THR A 39 -3.63 -1.71 -14.12
CA THR A 39 -3.37 -0.75 -15.19
C THR A 39 -1.88 -0.71 -15.51
N ARG A 40 -1.05 -0.71 -14.48
CA ARG A 40 0.39 -0.55 -14.66
C ARG A 40 1.16 -1.47 -13.72
N LYS A 41 2.38 -1.83 -14.09
CA LYS A 41 3.24 -2.63 -13.24
C LYS A 41 3.94 -1.75 -12.20
N HIS A 42 4.00 -2.22 -10.96
CA HIS A 42 4.57 -1.40 -9.89
C HIS A 42 5.65 -2.19 -9.15
N ASP A 43 6.87 -1.63 -9.09
CA ASP A 43 7.98 -2.28 -8.39
C ASP A 43 7.70 -2.38 -6.89
N ASP A 44 7.12 -1.32 -6.34
CA ASP A 44 6.77 -1.31 -4.92
C ASP A 44 5.35 -1.83 -4.72
N ILE A 45 5.20 -2.84 -3.87
CA ILE A 45 3.87 -3.32 -3.49
C ILE A 45 3.50 -2.73 -2.14
N ASP A 46 2.53 -1.82 -2.14
CA ASP A 46 2.16 -1.10 -0.93
C ASP A 46 0.94 -1.74 -0.26
N LEU A 47 1.17 -2.36 0.89
CA LEU A 47 0.10 -3.10 1.57
C LEU A 47 -0.11 -2.56 2.98
N THR A 48 -1.38 -2.49 3.40
CA THR A 48 -1.71 -1.98 4.73
C THR A 48 -2.01 -3.15 5.66
N PHE A 49 -1.24 -3.24 6.74
CA PHE A 49 -1.44 -4.28 7.74
C PHE A 49 -1.54 -3.68 9.14
N PRO A 50 -2.33 -4.29 10.03
CA PRO A 50 -2.46 -3.78 11.39
C PRO A 50 -1.12 -3.72 12.10
N GLY A 51 -0.88 -2.59 12.79
CA GLY A 51 0.41 -2.35 13.41
C GLY A 51 0.76 -3.37 14.47
N GLU A 52 -0.25 -3.99 15.07
CA GLU A 52 -0.03 -4.88 16.20
C GLU A 52 0.77 -6.13 15.82
N ARG A 53 0.47 -6.73 14.68
CA ARG A 53 1.06 -8.02 14.33
C ARG A 53 2.38 -7.87 13.58
N ARG A 54 3.28 -7.04 14.09
CA ARG A 54 4.56 -6.83 13.42
C ARG A 54 5.35 -8.12 13.32
N GLY A 55 5.37 -8.90 14.40
CA GLY A 55 6.04 -10.19 14.38
C GLY A 55 5.47 -11.13 13.34
N GLU A 56 4.15 -11.18 13.25
CA GLU A 56 3.49 -11.99 12.23
C GLU A 56 3.90 -11.52 10.85
N LEU A 57 3.99 -10.22 10.67
CA LEU A 57 4.39 -9.66 9.38
C LEU A 57 5.79 -10.12 9.02
N GLU A 58 6.70 -10.11 9.99
CA GLU A 58 8.05 -10.58 9.76
C GLU A 58 8.03 -12.05 9.36
N ALA A 59 7.18 -12.84 10.02
CA ALA A 59 7.05 -14.25 9.71
C ALA A 59 6.50 -14.45 8.30
N ILE A 60 5.59 -13.56 7.88
CA ILE A 60 5.04 -13.62 6.53
C ILE A 60 6.17 -13.38 5.52
N VAL A 61 6.96 -12.34 5.76
CA VAL A 61 8.02 -11.97 4.82
C VAL A 61 9.03 -13.10 4.73
N GLU A 62 9.39 -13.67 5.89
CA GLU A 62 10.33 -14.79 5.92
C GLU A 62 9.78 -15.99 5.17
N MET A 63 8.49 -16.27 5.33
CA MET A 63 7.86 -17.38 4.62
C MET A 63 7.91 -17.12 3.11
N LEU A 64 7.67 -15.87 2.74
CA LEU A 64 7.73 -15.46 1.33
C LEU A 64 9.15 -15.64 0.82
N GLY A 65 10.12 -15.66 1.73
CA GLY A 65 11.51 -15.80 1.34
C GLY A 65 12.25 -14.47 1.28
N GLY A 66 11.55 -13.39 1.63
CA GLY A 66 12.18 -12.08 1.68
C GLY A 66 12.71 -11.72 3.05
N ARG A 67 13.35 -10.55 3.16
CA ARG A 67 13.79 -10.05 4.45
C ARG A 67 13.45 -8.57 4.61
N VAL A 68 13.21 -8.15 5.84
CA VAL A 68 12.81 -6.77 6.10
C VAL A 68 14.03 -5.86 6.05
N MET A 69 14.03 -4.93 5.09
CA MET A 69 15.18 -4.06 4.89
C MET A 69 15.35 -3.10 6.05
N GLU A 70 14.27 -2.45 6.46
CA GLU A 70 14.29 -1.42 7.49
C GLU A 70 12.93 -1.27 8.16
N GLU A 71 12.95 -0.93 9.45
CA GLU A 71 11.73 -0.61 10.17
C GLU A 71 11.67 0.89 10.48
N LEU A 72 10.65 1.56 9.97
CA LEU A 72 10.56 3.01 10.11
C LEU A 72 9.32 3.42 10.89
N ASP A 73 9.32 4.63 11.42
CA ASP A 73 8.22 5.11 12.25
C ASP A 73 6.89 4.97 11.52
N TYR A 74 6.94 5.04 10.19
CA TYR A 74 5.74 4.99 9.37
C TYR A 74 5.58 3.63 8.70
N GLY A 75 6.15 2.60 9.31
CA GLY A 75 6.04 1.26 8.77
C GLY A 75 7.37 0.70 8.29
N PHE A 76 7.39 -0.55 7.84
CA PHE A 76 8.63 -1.19 7.47
C PHE A 76 8.71 -1.49 5.98
N LEU A 77 9.91 -1.39 5.43
CA LEU A 77 10.15 -1.80 4.05
C LEU A 77 10.82 -3.17 4.01
N ALA A 78 10.23 -4.10 3.26
CA ALA A 78 10.79 -5.44 3.17
C ALA A 78 11.15 -5.77 1.72
N GLU A 79 12.30 -6.40 1.52
CA GLU A 79 12.68 -6.87 0.19
C GLU A 79 12.25 -8.31 0.00
N ILE A 80 11.32 -8.54 -0.93
CA ILE A 80 10.86 -9.90 -1.20
C ILE A 80 11.27 -10.28 -2.63
N GLY A 81 12.13 -11.29 -2.74
CA GLY A 81 12.66 -11.62 -4.05
C GLY A 81 13.29 -10.43 -4.74
N ASP A 82 12.82 -10.12 -5.94
CA ASP A 82 13.36 -9.00 -6.72
C ASP A 82 12.55 -7.73 -6.53
N GLU A 83 11.54 -7.77 -5.68
CA GLU A 83 10.64 -6.62 -5.54
C GLU A 83 10.45 -6.18 -4.09
N LEU A 84 9.99 -4.94 -3.90
CA LEU A 84 9.92 -4.36 -2.57
C LEU A 84 8.50 -4.35 -2.02
N LEU A 85 8.36 -4.72 -0.75
CA LEU A 85 7.08 -4.61 -0.05
C LEU A 85 7.07 -3.41 0.87
N ASP A 86 6.21 -2.43 0.56
CA ASP A 86 6.01 -1.31 1.47
C ASP A 86 4.83 -1.58 2.39
N CYS A 87 5.11 -1.86 3.65
CA CYS A 87 4.04 -2.07 4.62
C CYS A 87 3.64 -0.75 5.28
N GLU A 88 2.34 -0.51 5.38
CA GLU A 88 1.84 0.63 6.13
C GLU A 88 0.99 0.16 7.30
N PRO A 89 1.33 0.57 8.53
CA PRO A 89 0.59 0.14 9.70
C PRO A 89 -0.84 0.67 9.74
N ALA A 90 -1.79 -0.22 9.93
CA ALA A 90 -3.17 0.18 10.17
C ALA A 90 -3.43 0.10 11.68
N TRP A 91 -3.82 1.22 12.28
CA TRP A 91 -3.95 1.25 13.73
C TRP A 91 -5.38 0.95 14.16
N TRP A 92 -5.53 -0.08 15.00
CA TRP A 92 -6.86 -0.52 15.40
C TRP A 92 -7.36 0.32 16.56
N ALA A 93 -8.22 1.28 16.26
CA ALA A 93 -8.71 2.22 17.27
C ALA A 93 -10.21 2.45 17.12
N ASP A 94 -10.90 2.62 18.23
CA ASP A 94 -12.35 2.78 18.20
C ASP A 94 -13.00 1.62 17.46
N GLU A 95 -12.47 0.42 17.65
CA GLU A 95 -12.99 -0.76 16.97
C GLU A 95 -12.96 -0.59 15.46
N ALA A 96 -11.93 0.08 14.94
CA ALA A 96 -11.75 0.21 13.49
C ALA A 96 -10.27 0.27 13.14
N TYR A 97 -9.92 -0.19 11.95
CA TYR A 97 -8.54 -0.11 11.48
C TYR A 97 -8.34 1.12 10.59
N GLU A 98 -7.41 1.97 10.97
CA GLU A 98 -7.20 3.23 10.27
C GLU A 98 -5.74 3.47 9.94
N ILE A 99 -5.48 4.08 8.79
CA ILE A 99 -4.13 4.45 8.41
C ILE A 99 -3.68 5.65 9.23
N ALA A 100 -2.43 5.65 9.67
CA ALA A 100 -1.95 6.69 10.57
C ALA A 100 -2.17 8.08 9.98
N GLU A 101 -2.70 8.98 10.80
CA GLU A 101 -2.88 10.37 10.39
C GLU A 101 -3.83 10.51 9.22
N ALA A 102 -4.70 9.51 9.01
CA ALA A 102 -5.62 9.55 7.87
C ALA A 102 -7.07 9.70 8.32
N PRO A 103 -7.94 10.16 7.43
CA PRO A 103 -9.35 10.36 7.76
C PRO A 103 -10.07 9.07 8.14
N GLN A 104 -11.15 9.20 8.90
CA GLN A 104 -11.95 8.04 9.30
C GLN A 104 -12.45 7.29 8.07
N GLY A 105 -12.49 5.97 8.15
CA GLY A 105 -12.88 5.17 7.00
C GLY A 105 -11.72 4.85 6.08
N SER A 106 -10.50 4.97 6.59
CA SER A 106 -9.32 4.75 5.77
C SER A 106 -9.29 3.35 5.17
N CYS A 107 -9.60 2.34 5.97
CA CYS A 107 -9.53 0.96 5.51
C CYS A 107 -10.86 0.24 5.70
N PRO A 108 -11.69 0.20 4.65
CA PRO A 108 -12.99 -0.46 4.73
C PRO A 108 -12.88 -1.98 4.87
N GLU A 109 -13.76 -2.56 5.68
CA GLU A 109 -13.78 -4.01 5.89
C GLU A 109 -14.17 -4.75 4.61
N ALA A 110 -15.04 -4.15 3.80
CA ALA A 110 -15.56 -4.81 2.61
C ALA A 110 -14.46 -5.08 1.60
N ALA A 111 -14.59 -6.18 0.86
CA ALA A 111 -13.66 -6.49 -0.23
C ALA A 111 -13.83 -5.50 -1.37
N GLU A 112 -13.10 -4.40 -1.31
CA GLU A 112 -13.28 -3.30 -2.24
C GLU A 112 -12.82 -3.63 -3.66
N GLY A 113 -11.61 -4.18 -3.78
CA GLY A 113 -11.05 -4.40 -5.10
C GLY A 113 -10.97 -5.87 -5.50
N VAL A 114 -10.56 -6.13 -6.73
CA VAL A 114 -10.34 -7.51 -7.18
C VAL A 114 -9.00 -7.59 -7.91
N ILE A 115 -8.16 -8.55 -7.53
CA ILE A 115 -6.92 -8.82 -8.24
C ILE A 115 -6.88 -10.26 -8.74
N ALA A 116 -6.68 -10.43 -10.05
CA ALA A 116 -6.56 -11.76 -10.64
C ALA A 116 -7.74 -12.65 -10.25
N GLY A 117 -8.93 -12.07 -10.18
CA GLY A 117 -10.12 -12.85 -9.89
C GLY A 117 -10.32 -13.12 -8.41
N ARG A 118 -9.42 -12.59 -7.58
CA ARG A 118 -9.57 -12.73 -6.14
C ARG A 118 -9.96 -11.40 -5.51
N PRO A 119 -11.14 -11.35 -4.87
CA PRO A 119 -11.59 -10.11 -4.23
C PRO A 119 -10.69 -9.74 -3.06
N VAL A 120 -10.35 -8.45 -2.96
CA VAL A 120 -9.37 -8.01 -1.98
C VAL A 120 -9.83 -6.73 -1.28
N ARG A 121 -9.57 -6.66 0.02
CA ARG A 121 -9.81 -5.43 0.77
C ARG A 121 -8.80 -4.37 0.35
N CYS A 122 -9.25 -3.14 0.16
CA CYS A 122 -8.38 -2.09 -0.34
C CYS A 122 -8.52 -0.80 0.45
N ASN A 123 -7.45 -0.01 0.51
CA ASN A 123 -7.51 1.30 1.14
C ASN A 123 -8.54 2.18 0.43
N SER A 124 -9.31 2.94 1.19
CA SER A 124 -10.39 3.74 0.61
C SER A 124 -9.85 4.84 -0.28
N TRP A 125 -10.67 5.28 -1.24
CA TRP A 125 -10.23 6.32 -2.17
C TRP A 125 -9.76 7.53 -1.38
N GLU A 126 -10.50 7.88 -0.32
CA GLU A 126 -10.13 9.01 0.51
C GLU A 126 -8.75 8.81 1.11
N ALA A 127 -8.48 7.62 1.62
CA ALA A 127 -7.16 7.32 2.17
C ALA A 127 -6.11 7.43 1.08
N ILE A 128 -6.41 6.87 -0.10
CA ILE A 128 -5.45 6.84 -1.18
C ILE A 128 -5.08 8.27 -1.56
N ILE A 129 -6.09 9.10 -1.72
CA ILE A 129 -5.88 10.49 -2.13
C ILE A 129 -5.11 11.23 -1.04
N TRP A 130 -5.44 10.96 0.22
CA TRP A 130 -4.72 11.59 1.32
C TRP A 130 -3.24 11.27 1.24
N ASP A 131 -2.91 10.02 0.98
CA ASP A 131 -1.51 9.62 0.87
C ASP A 131 -0.83 10.33 -0.29
N TYR A 132 -1.48 10.37 -1.44
CA TYR A 132 -0.91 11.04 -2.60
C TYR A 132 -0.71 12.53 -2.34
N PHE A 133 -1.70 13.19 -1.76
CA PHE A 133 -1.59 14.61 -1.47
C PHE A 133 -0.45 14.84 -0.48
N TYR A 134 -0.35 13.96 0.51
CA TYR A 134 0.75 14.03 1.47
C TYR A 134 2.09 13.93 0.74
N TYR A 135 2.16 13.01 -0.22
CA TYR A 135 3.37 12.86 -1.03
C TYR A 135 3.63 14.13 -1.83
N ALA A 136 2.57 14.77 -2.30
CA ALA A 136 2.71 16.03 -3.03
C ALA A 136 3.36 17.08 -2.15
N ASP A 137 2.96 17.13 -0.88
CA ASP A 137 3.54 18.10 0.04
C ASP A 137 5.04 17.86 0.15
N GLU A 138 5.46 16.60 0.05
CA GLU A 138 6.88 16.28 0.07
C GLU A 138 7.54 16.56 -1.27
N VAL A 139 6.89 16.16 -2.37
CA VAL A 139 7.51 16.23 -3.68
C VAL A 139 6.58 16.92 -4.67
N PRO A 140 7.07 17.91 -5.43
CA PRO A 140 6.24 18.63 -6.39
C PRO A 140 5.66 17.72 -7.48
N PRO A 141 4.44 18.02 -7.93
CA PRO A 141 3.78 17.23 -8.97
C PRO A 141 4.62 17.10 -10.23
N VAL A 142 5.38 18.14 -10.54
CA VAL A 142 6.25 18.12 -11.72
C VAL A 142 7.26 16.99 -11.56
N ASP A 143 7.79 16.83 -10.36
CA ASP A 143 8.75 15.76 -10.09
C ASP A 143 8.08 14.39 -10.04
N TRP A 144 6.76 14.36 -9.81
CA TRP A 144 6.07 13.08 -9.68
C TRP A 144 6.20 12.24 -10.94
N PRO A 145 6.44 10.92 -10.78
CA PRO A 145 6.52 10.02 -11.92
C PRO A 145 5.16 9.86 -12.57
N THR A 146 5.14 9.58 -13.87
CA THR A 146 3.88 9.53 -14.61
C THR A 146 2.91 8.57 -13.93
N LYS A 147 3.41 7.44 -13.47
CA LYS A 147 2.57 6.41 -12.87
C LYS A 147 1.81 6.99 -11.69
N HIS A 148 2.52 7.69 -10.81
CA HIS A 148 1.90 8.28 -9.63
C HIS A 148 0.88 9.34 -10.04
N ILE A 149 1.25 10.16 -11.02
CA ILE A 149 0.36 11.23 -11.46
C ILE A 149 -0.94 10.60 -11.95
N GLU A 150 -0.82 9.57 -12.78
CA GLU A 150 -1.99 8.91 -13.35
C GLU A 150 -2.83 8.28 -12.24
N SER A 151 -2.16 7.64 -11.28
CA SER A 151 -2.87 6.98 -10.20
C SER A 151 -3.67 8.00 -9.41
N TYR A 152 -3.05 9.15 -9.14
CA TYR A 152 -3.72 10.22 -8.41
C TYR A 152 -4.94 10.68 -9.20
N ARG A 153 -4.78 10.84 -10.51
CA ARG A 153 -5.86 11.31 -11.36
C ARG A 153 -7.02 10.31 -11.30
N LEU A 154 -6.71 9.03 -11.38
CA LEU A 154 -7.72 7.99 -11.40
C LEU A 154 -8.49 8.02 -10.08
N ALA A 155 -7.76 8.12 -8.97
CA ALA A 155 -8.39 8.15 -7.66
C ALA A 155 -9.28 9.37 -7.52
N CYS A 156 -8.77 10.53 -7.95
CA CYS A 156 -9.52 11.77 -7.82
C CYS A 156 -10.82 11.69 -8.60
N THR A 157 -10.71 11.23 -9.84
CA THR A 157 -11.87 11.14 -10.72
C THR A 157 -12.88 10.18 -10.11
N SER A 158 -12.39 9.04 -9.61
CA SER A 158 -13.28 8.01 -9.09
C SER A 158 -14.04 8.51 -7.87
N LEU A 159 -13.34 9.20 -6.97
CA LEU A 159 -13.97 9.69 -5.75
C LEU A 159 -14.92 10.85 -6.04
N GLY A 160 -14.53 11.71 -6.98
CA GLY A 160 -15.31 12.91 -7.26
C GLY A 160 -14.58 14.18 -6.85
N ALA A 161 -14.67 15.21 -7.70
CA ALA A 161 -13.89 16.43 -7.50
C ALA A 161 -14.19 17.08 -6.16
N GLU A 162 -15.47 17.21 -5.82
CA GLU A 162 -15.85 17.92 -4.59
C GLU A 162 -15.23 17.23 -3.38
N LYS A 163 -15.32 15.91 -3.34
CA LYS A 163 -14.77 15.16 -2.22
C LYS A 163 -13.27 15.35 -2.14
N VAL A 164 -12.62 15.32 -3.30
CA VAL A 164 -11.17 15.50 -3.36
C VAL A 164 -10.83 16.88 -2.81
N GLU A 165 -11.60 17.88 -3.21
CA GLU A 165 -11.35 19.25 -2.77
C GLU A 165 -11.46 19.32 -1.25
N VAL A 166 -12.47 18.68 -0.70
CA VAL A 166 -12.68 18.69 0.74
C VAL A 166 -11.47 18.05 1.43
N LEU A 167 -11.02 16.92 0.88
CA LEU A 167 -9.88 16.21 1.45
C LEU A 167 -8.66 17.12 1.42
N ARG A 168 -8.45 17.81 0.30
CA ARG A 168 -7.29 18.66 0.16
C ARG A 168 -7.33 19.80 1.17
N ALA A 169 -8.49 20.41 1.34
CA ALA A 169 -8.66 21.47 2.32
C ALA A 169 -8.33 20.94 3.72
N ALA A 170 -8.82 19.74 4.02
CA ALA A 170 -8.59 19.14 5.32
C ALA A 170 -7.09 18.91 5.54
N PHE A 171 -6.42 18.38 4.52
CA PHE A 171 -5.00 18.10 4.63
C PHE A 171 -4.22 19.39 4.86
N ARG A 172 -4.55 20.42 4.09
CA ARG A 172 -3.87 21.70 4.24
C ARG A 172 -4.07 22.23 5.65
N SER A 173 -5.30 22.09 6.16
CA SER A 173 -5.59 22.56 7.51
C SER A 173 -4.75 21.81 8.52
N ARG A 174 -4.63 20.49 8.36
CA ARG A 174 -3.82 19.68 9.25
C ARG A 174 -2.38 20.16 9.18
N TYR A 175 -1.87 20.36 7.97
CA TYR A 175 -0.47 20.72 7.78
C TYR A 175 -0.19 22.06 8.46
N ALA A 176 -1.08 23.02 8.27
CA ALA A 176 -0.92 24.34 8.88
C ALA A 176 -0.89 24.21 10.40
N ALA A 177 -1.79 23.40 10.95
CA ALA A 177 -1.83 23.19 12.39
C ALA A 177 -0.52 22.59 12.87
N LEU A 178 -0.02 21.61 12.13
CA LEU A 178 1.22 20.94 12.52
C LEU A 178 2.36 21.95 12.50
N GLU A 179 2.41 22.77 11.47
CA GLU A 179 3.48 23.77 11.36
C GLU A 179 3.41 24.73 12.54
N HIS A 180 2.20 25.20 12.85
CA HIS A 180 2.03 26.14 13.96
C HIS A 180 2.49 25.49 15.26
N HIS A 181 2.12 24.24 15.47
CA HIS A 181 2.55 23.53 16.67
C HIS A 181 4.07 23.49 16.74
N HIS A 182 4.71 23.15 15.63
CA HIS A 182 6.16 23.07 15.60
C HIS A 182 6.78 24.42 15.88
N HIS A 183 6.27 25.46 15.24
CA HIS A 183 6.84 26.80 15.39
C HIS A 183 6.66 27.29 16.82
N HIS A 184 5.50 27.03 17.41
CA HIS A 184 5.25 27.40 18.80
C HIS A 184 6.17 26.62 19.73
N HIS A 185 6.47 25.38 19.39
CA HIS A 185 7.25 24.52 20.27
C HIS A 185 8.67 24.30 19.73
N MET A 1 6.59 -9.00 -16.01
CA MET A 1 6.78 -8.85 -14.56
C MET A 1 5.41 -8.76 -13.87
N ASP A 2 4.39 -8.41 -14.64
CA ASP A 2 3.06 -8.20 -14.07
C ASP A 2 2.57 -9.46 -13.37
N THR A 3 2.75 -10.60 -14.02
CA THR A 3 2.33 -11.88 -13.45
C THR A 3 3.07 -12.11 -12.13
N THR A 4 4.36 -11.82 -12.11
CA THR A 4 5.17 -12.04 -10.91
C THR A 4 4.63 -11.17 -9.78
N GLN A 5 4.35 -9.90 -10.10
CA GLN A 5 3.87 -8.97 -9.09
C GLN A 5 2.54 -9.46 -8.53
N VAL A 6 1.65 -9.87 -9.42
CA VAL A 6 0.34 -10.36 -9.00
C VAL A 6 0.51 -11.60 -8.14
N THR A 7 1.41 -12.48 -8.55
CA THR A 7 1.62 -13.75 -7.84
C THR A 7 2.09 -13.46 -6.42
N LEU A 8 3.03 -12.52 -6.29
CA LEU A 8 3.53 -12.16 -4.96
C LEU A 8 2.40 -11.62 -4.10
N ILE A 9 1.56 -10.76 -4.69
CA ILE A 9 0.42 -10.20 -3.95
C ILE A 9 -0.47 -11.35 -3.50
N HIS A 10 -0.72 -12.30 -4.39
CA HIS A 10 -1.59 -13.43 -4.09
C HIS A 10 -1.01 -14.20 -2.91
N LYS A 11 0.29 -14.43 -2.93
CA LYS A 11 0.95 -15.16 -1.86
C LYS A 11 0.80 -14.43 -0.54
N ILE A 12 1.01 -13.11 -0.58
CA ILE A 12 0.96 -12.31 0.65
C ILE A 12 -0.45 -12.38 1.21
N LEU A 13 -1.44 -12.27 0.33
CA LEU A 13 -2.84 -12.36 0.74
C LEU A 13 -3.08 -13.70 1.44
N ALA A 14 -2.58 -14.77 0.83
CA ALA A 14 -2.79 -16.10 1.39
C ALA A 14 -2.14 -16.21 2.77
N ALA A 15 -0.92 -15.70 2.90
CA ALA A 15 -0.22 -15.76 4.18
C ALA A 15 -0.99 -14.97 5.23
N ALA A 16 -1.49 -13.79 4.85
CA ALA A 16 -2.27 -12.98 5.76
C ALA A 16 -3.52 -13.73 6.20
N ASP A 17 -4.17 -14.39 5.25
CA ASP A 17 -5.38 -15.16 5.56
C ASP A 17 -5.04 -16.27 6.54
N GLU A 18 -3.89 -16.92 6.34
CA GLU A 18 -3.47 -18.00 7.22
C GLU A 18 -3.24 -17.47 8.63
N ARG A 19 -2.69 -16.27 8.74
CA ARG A 19 -2.46 -15.65 10.03
C ARG A 19 -3.72 -15.01 10.59
N ASN A 20 -4.79 -14.98 9.81
CA ASN A 20 -6.01 -14.30 10.22
C ASN A 20 -5.74 -12.81 10.37
N LEU A 21 -4.82 -12.30 9.54
CA LEU A 21 -4.46 -10.89 9.57
C LEU A 21 -5.06 -10.18 8.36
N PRO A 22 -5.94 -9.21 8.57
CA PRO A 22 -6.55 -8.50 7.45
C PRO A 22 -5.52 -7.72 6.64
N LEU A 23 -5.61 -7.81 5.32
CA LEU A 23 -4.73 -7.05 4.44
C LEU A 23 -5.51 -6.05 3.58
N TRP A 24 -5.16 -4.78 3.69
CA TRP A 24 -5.72 -3.76 2.82
C TRP A 24 -4.69 -3.35 1.77
N ILE A 25 -5.02 -3.57 0.51
CA ILE A 25 -4.10 -3.24 -0.57
C ILE A 25 -4.15 -1.73 -0.82
N GLY A 26 -2.99 -1.10 -0.95
CA GLY A 26 -2.95 0.36 -1.00
C GLY A 26 -2.37 0.94 -2.28
N GLY A 27 -2.40 2.27 -2.35
CA GLY A 27 -1.76 2.99 -3.44
C GLY A 27 -2.32 2.66 -4.81
N GLY A 28 -1.46 2.69 -5.82
CA GLY A 28 -1.87 2.35 -7.17
C GLY A 28 -2.47 0.96 -7.22
N TRP A 29 -1.90 0.02 -6.48
CA TRP A 29 -2.40 -1.35 -6.47
C TRP A 29 -3.86 -1.37 -6.04
N ALA A 30 -4.18 -0.61 -5.00
CA ALA A 30 -5.57 -0.50 -4.56
C ALA A 30 -6.43 0.06 -5.68
N ILE A 31 -5.92 1.11 -6.34
CA ILE A 31 -6.70 1.78 -7.38
C ILE A 31 -6.99 0.78 -8.49
N ASP A 32 -5.96 0.05 -8.90
CA ASP A 32 -6.10 -0.94 -9.96
C ASP A 32 -7.08 -2.05 -9.55
N ALA A 33 -6.99 -2.49 -8.31
CA ALA A 33 -7.90 -3.51 -7.80
C ALA A 33 -9.34 -3.00 -7.83
N ARG A 34 -9.52 -1.75 -7.42
CA ARG A 34 -10.84 -1.13 -7.42
C ARG A 34 -11.36 -0.95 -8.84
N LEU A 35 -10.45 -0.62 -9.77
CA LEU A 35 -10.80 -0.55 -11.18
C LEU A 35 -11.17 -1.93 -11.70
N GLY A 36 -10.57 -2.97 -11.12
CA GLY A 36 -10.74 -4.32 -11.61
C GLY A 36 -9.69 -4.71 -12.63
N ARG A 37 -8.75 -3.80 -12.91
CA ARG A 37 -7.73 -4.05 -13.93
C ARG A 37 -6.35 -3.62 -13.46
N VAL A 38 -5.39 -4.53 -13.55
CA VAL A 38 -4.00 -4.20 -13.26
C VAL A 38 -3.43 -3.43 -14.45
N THR A 39 -3.76 -2.14 -14.50
CA THR A 39 -3.41 -1.30 -15.62
C THR A 39 -1.90 -1.10 -15.72
N ARG A 40 -1.24 -0.93 -14.58
CA ARG A 40 0.19 -0.60 -14.57
C ARG A 40 0.97 -1.50 -13.62
N LYS A 41 2.20 -1.85 -14.01
CA LYS A 41 3.10 -2.60 -13.15
C LYS A 41 3.74 -1.67 -12.12
N HIS A 42 3.94 -2.17 -10.90
CA HIS A 42 4.59 -1.35 -9.88
C HIS A 42 5.67 -2.15 -9.15
N ASP A 43 6.88 -1.62 -9.10
CA ASP A 43 7.99 -2.28 -8.41
C ASP A 43 7.72 -2.34 -6.91
N ASP A 44 7.15 -1.27 -6.37
CA ASP A 44 6.77 -1.23 -4.97
C ASP A 44 5.36 -1.76 -4.76
N ILE A 45 5.19 -2.71 -3.85
CA ILE A 45 3.86 -3.18 -3.50
C ILE A 45 3.44 -2.59 -2.16
N ASP A 46 2.44 -1.72 -2.19
CA ASP A 46 2.03 -0.98 -0.99
C ASP A 46 0.85 -1.69 -0.31
N LEU A 47 1.13 -2.29 0.84
CA LEU A 47 0.12 -3.07 1.55
C LEU A 47 -0.09 -2.54 2.97
N THR A 48 -1.34 -2.53 3.42
CA THR A 48 -1.67 -2.04 4.76
C THR A 48 -1.99 -3.22 5.67
N PHE A 49 -1.27 -3.31 6.79
CA PHE A 49 -1.52 -4.36 7.77
C PHE A 49 -1.62 -3.78 9.17
N PRO A 50 -2.50 -4.34 10.01
CA PRO A 50 -2.63 -3.85 11.39
C PRO A 50 -1.31 -3.84 12.14
N GLY A 51 -1.03 -2.75 12.84
CA GLY A 51 0.25 -2.57 13.49
C GLY A 51 0.56 -3.63 14.53
N GLU A 52 -0.48 -4.13 15.21
CA GLU A 52 -0.27 -5.07 16.31
C GLU A 52 0.51 -6.29 15.86
N ARG A 53 0.21 -6.81 14.67
CA ARG A 53 0.79 -8.07 14.22
C ARG A 53 2.18 -7.91 13.61
N ARG A 54 3.02 -7.03 14.16
CA ARG A 54 4.33 -6.79 13.55
C ARG A 54 5.14 -8.08 13.49
N GLY A 55 5.14 -8.85 14.57
CA GLY A 55 5.86 -10.10 14.59
C GLY A 55 5.35 -11.07 13.52
N GLU A 56 4.04 -11.15 13.37
CA GLU A 56 3.46 -12.04 12.38
C GLU A 56 3.84 -11.57 10.97
N LEU A 57 3.87 -10.26 10.79
CA LEU A 57 4.29 -9.69 9.51
C LEU A 57 5.73 -10.10 9.21
N GLU A 58 6.59 -10.07 10.22
CA GLU A 58 7.97 -10.50 10.05
C GLU A 58 8.01 -11.96 9.64
N ALA A 59 7.13 -12.77 10.25
CA ALA A 59 7.04 -14.18 9.88
C ALA A 59 6.58 -14.32 8.42
N ILE A 60 5.63 -13.49 8.02
CA ILE A 60 5.07 -13.57 6.67
C ILE A 60 6.17 -13.31 5.66
N VAL A 61 6.96 -12.27 5.89
CA VAL A 61 8.02 -11.90 4.97
C VAL A 61 9.02 -13.06 4.89
N GLU A 62 9.32 -13.64 6.05
CA GLU A 62 10.24 -14.77 6.11
C GLU A 62 9.69 -15.97 5.34
N MET A 63 8.40 -16.21 5.46
CA MET A 63 7.77 -17.31 4.71
C MET A 63 7.86 -17.04 3.22
N LEU A 64 7.67 -15.78 2.83
CA LEU A 64 7.79 -15.38 1.44
C LEU A 64 9.23 -15.59 0.97
N GLY A 65 10.16 -15.60 1.92
CA GLY A 65 11.57 -15.73 1.58
C GLY A 65 12.27 -14.39 1.53
N GLY A 66 11.53 -13.31 1.77
CA GLY A 66 12.10 -11.98 1.74
C GLY A 66 12.74 -11.58 3.06
N ARG A 67 13.42 -10.45 3.07
CA ARG A 67 13.99 -9.92 4.31
C ARG A 67 13.53 -8.48 4.53
N VAL A 68 13.26 -8.12 5.78
CA VAL A 68 12.81 -6.77 6.09
C VAL A 68 14.00 -5.83 6.02
N MET A 69 13.97 -4.91 5.06
CA MET A 69 15.09 -4.02 4.82
C MET A 69 15.29 -3.06 6.00
N GLU A 70 14.21 -2.43 6.44
CA GLU A 70 14.24 -1.46 7.52
C GLU A 70 12.87 -1.22 8.14
N GLU A 71 12.83 -0.92 9.43
CA GLU A 71 11.58 -0.60 10.11
C GLU A 71 11.58 0.84 10.58
N LEU A 72 10.52 1.58 10.21
CA LEU A 72 10.40 2.98 10.62
C LEU A 72 9.06 3.25 11.30
N ASP A 73 8.97 4.35 12.04
CA ASP A 73 7.76 4.67 12.76
C ASP A 73 6.56 4.73 11.82
N TYR A 74 6.79 5.25 10.62
CA TYR A 74 5.75 5.29 9.59
C TYR A 74 5.34 3.89 9.16
N GLY A 75 6.32 2.99 9.06
CA GLY A 75 6.08 1.65 8.55
C GLY A 75 7.37 0.94 8.21
N PHE A 76 7.28 -0.29 7.71
CA PHE A 76 8.50 -1.04 7.41
C PHE A 76 8.59 -1.44 5.94
N LEU A 77 9.79 -1.35 5.39
CA LEU A 77 10.05 -1.79 4.02
C LEU A 77 10.73 -3.16 4.02
N ALA A 78 10.18 -4.10 3.28
CA ALA A 78 10.77 -5.42 3.16
C ALA A 78 11.08 -5.75 1.71
N GLU A 79 12.24 -6.35 1.46
CA GLU A 79 12.57 -6.81 0.11
C GLU A 79 12.19 -8.28 -0.03
N ILE A 80 11.26 -8.57 -0.94
CA ILE A 80 10.89 -9.95 -1.23
C ILE A 80 11.45 -10.32 -2.59
N GLY A 81 12.46 -11.20 -2.62
CA GLY A 81 13.12 -11.49 -3.87
C GLY A 81 13.60 -10.22 -4.56
N ASP A 82 13.12 -9.98 -5.77
CA ASP A 82 13.54 -8.83 -6.56
C ASP A 82 12.55 -7.68 -6.42
N GLU A 83 11.51 -7.86 -5.62
CA GLU A 83 10.45 -6.85 -5.52
C GLU A 83 10.32 -6.28 -4.12
N LEU A 84 9.84 -5.04 -4.01
CA LEU A 84 9.80 -4.36 -2.72
C LEU A 84 8.41 -4.37 -2.12
N LEU A 85 8.33 -4.69 -0.83
CA LEU A 85 7.06 -4.62 -0.10
C LEU A 85 7.05 -3.43 0.85
N ASP A 86 6.14 -2.49 0.59
CA ASP A 86 5.95 -1.36 1.49
C ASP A 86 4.78 -1.64 2.43
N CYS A 87 5.06 -1.81 3.72
CA CYS A 87 4.01 -2.12 4.67
C CYS A 87 3.67 -0.91 5.53
N GLU A 88 2.42 -0.48 5.46
CA GLU A 88 1.94 0.60 6.32
C GLU A 88 1.06 0.03 7.44
N PRO A 89 1.42 0.29 8.70
CA PRO A 89 0.63 -0.22 9.82
C PRO A 89 -0.75 0.43 9.91
N ALA A 90 -1.78 -0.40 10.07
CA ALA A 90 -3.12 0.11 10.33
C ALA A 90 -3.39 0.04 11.82
N TRP A 91 -3.73 1.17 12.43
CA TRP A 91 -3.89 1.21 13.88
C TRP A 91 -5.35 0.97 14.27
N TRP A 92 -5.57 0.02 15.17
CA TRP A 92 -6.91 -0.34 15.57
C TRP A 92 -7.41 0.64 16.63
N ALA A 93 -8.22 1.60 16.21
CA ALA A 93 -8.69 2.65 17.11
C ALA A 93 -10.18 2.87 16.94
N ASP A 94 -10.89 3.11 18.04
CA ASP A 94 -12.34 3.29 18.00
C ASP A 94 -12.99 2.12 17.27
N GLU A 95 -12.50 0.91 17.52
CA GLU A 95 -13.04 -0.29 16.88
C GLU A 95 -12.95 -0.20 15.36
N ALA A 96 -11.89 0.41 14.86
CA ALA A 96 -11.64 0.44 13.42
C ALA A 96 -10.15 0.42 13.13
N TYR A 97 -9.76 -0.22 12.03
CA TYR A 97 -8.37 -0.23 11.61
C TYR A 97 -8.14 0.87 10.57
N GLU A 98 -7.24 1.80 10.88
CA GLU A 98 -7.04 2.95 10.01
C GLU A 98 -5.58 3.35 9.90
N ILE A 99 -5.21 3.94 8.77
CA ILE A 99 -3.86 4.45 8.56
C ILE A 99 -3.63 5.66 9.47
N ALA A 100 -2.45 5.72 10.08
CA ALA A 100 -2.17 6.77 11.05
C ALA A 100 -2.41 8.15 10.46
N GLU A 101 -3.07 9.01 11.23
CA GLU A 101 -3.30 10.40 10.81
C GLU A 101 -4.04 10.46 9.48
N ALA A 102 -4.91 9.49 9.21
CA ALA A 102 -5.70 9.50 7.98
C ALA A 102 -7.18 9.71 8.28
N PRO A 103 -7.93 10.24 7.30
CA PRO A 103 -9.36 10.52 7.47
C PRO A 103 -10.18 9.26 7.76
N GLN A 104 -11.32 9.45 8.41
CA GLN A 104 -12.14 8.31 8.84
C GLN A 104 -12.61 7.48 7.64
N GLY A 105 -12.69 6.17 7.84
CA GLY A 105 -12.99 5.26 6.74
C GLY A 105 -11.76 4.89 5.93
N SER A 106 -10.59 5.03 6.54
CA SER A 106 -9.34 4.81 5.80
C SER A 106 -9.27 3.42 5.20
N CYS A 107 -9.59 2.39 5.98
CA CYS A 107 -9.48 1.02 5.51
C CYS A 107 -10.79 0.27 5.69
N PRO A 108 -11.62 0.25 4.65
CA PRO A 108 -12.92 -0.45 4.72
C PRO A 108 -12.81 -1.95 4.90
N GLU A 109 -13.69 -2.52 5.72
CA GLU A 109 -13.72 -3.95 5.97
C GLU A 109 -14.14 -4.73 4.72
N ALA A 110 -14.97 -4.12 3.88
CA ALA A 110 -15.53 -4.81 2.72
C ALA A 110 -14.46 -5.17 1.70
N ALA A 111 -14.72 -6.25 0.95
CA ALA A 111 -13.83 -6.66 -0.14
C ALA A 111 -13.91 -5.65 -1.29
N GLU A 112 -13.17 -4.56 -1.16
CA GLU A 112 -13.28 -3.44 -2.09
C GLU A 112 -12.74 -3.75 -3.49
N GLY A 113 -11.52 -4.28 -3.56
CA GLY A 113 -10.87 -4.46 -4.86
C GLY A 113 -10.85 -5.89 -5.34
N VAL A 114 -10.47 -6.09 -6.59
CA VAL A 114 -10.27 -7.44 -7.12
C VAL A 114 -8.94 -7.53 -7.86
N ILE A 115 -8.12 -8.52 -7.51
CA ILE A 115 -6.88 -8.77 -8.25
C ILE A 115 -6.86 -10.20 -8.78
N ALA A 116 -6.68 -10.34 -10.08
CA ALA A 116 -6.58 -11.66 -10.71
C ALA A 116 -7.78 -12.53 -10.32
N GLY A 117 -8.95 -11.92 -10.21
CA GLY A 117 -10.16 -12.67 -9.92
C GLY A 117 -10.33 -12.98 -8.44
N ARG A 118 -9.42 -12.48 -7.62
CA ARG A 118 -9.51 -12.68 -6.18
C ARG A 118 -9.92 -11.39 -5.48
N PRO A 119 -11.05 -11.40 -4.77
CA PRO A 119 -11.50 -10.20 -4.06
C PRO A 119 -10.56 -9.84 -2.92
N VAL A 120 -10.24 -8.55 -2.80
CA VAL A 120 -9.25 -8.09 -1.83
C VAL A 120 -9.72 -6.82 -1.13
N ARG A 121 -9.44 -6.70 0.16
CA ARG A 121 -9.70 -5.46 0.87
C ARG A 121 -8.71 -4.39 0.43
N CYS A 122 -9.19 -3.18 0.21
CA CYS A 122 -8.33 -2.12 -0.32
C CYS A 122 -8.47 -0.83 0.49
N ASN A 123 -7.40 -0.04 0.54
CA ASN A 123 -7.47 1.27 1.17
C ASN A 123 -8.48 2.14 0.44
N SER A 124 -9.25 2.93 1.18
CA SER A 124 -10.30 3.72 0.57
C SER A 124 -9.74 4.82 -0.33
N TRP A 125 -10.54 5.26 -1.29
CA TRP A 125 -10.10 6.32 -2.20
C TRP A 125 -9.63 7.51 -1.37
N GLU A 126 -10.38 7.82 -0.31
CA GLU A 126 -10.02 8.92 0.57
C GLU A 126 -8.62 8.72 1.12
N ALA A 127 -8.35 7.51 1.63
CA ALA A 127 -7.04 7.23 2.23
C ALA A 127 -5.96 7.38 1.17
N ILE A 128 -6.21 6.82 -0.01
CA ILE A 128 -5.20 6.82 -1.07
C ILE A 128 -4.89 8.27 -1.44
N ILE A 129 -5.93 9.06 -1.65
CA ILE A 129 -5.77 10.43 -2.09
C ILE A 129 -5.04 11.24 -1.02
N TRP A 130 -5.42 11.05 0.23
CA TRP A 130 -4.77 11.77 1.33
C TRP A 130 -3.29 11.41 1.38
N ASP A 131 -2.99 10.13 1.24
CA ASP A 131 -1.60 9.68 1.25
C ASP A 131 -0.83 10.36 0.12
N TYR A 132 -1.46 10.41 -1.05
CA TYR A 132 -0.79 10.98 -2.22
C TYR A 132 -0.56 12.47 -2.00
N PHE A 133 -1.56 13.17 -1.46
CA PHE A 133 -1.43 14.60 -1.24
C PHE A 133 -0.31 14.86 -0.24
N TYR A 134 -0.18 13.98 0.75
CA TYR A 134 0.94 14.07 1.69
C TYR A 134 2.25 13.94 0.94
N TYR A 135 2.32 12.99 0.01
CA TYR A 135 3.49 12.84 -0.85
C TYR A 135 3.73 14.11 -1.65
N ALA A 136 2.64 14.73 -2.12
CA ALA A 136 2.75 15.95 -2.91
C ALA A 136 3.40 17.05 -2.08
N ASP A 137 3.04 17.14 -0.80
CA ASP A 137 3.63 18.16 0.06
C ASP A 137 5.14 17.95 0.13
N GLU A 138 5.58 16.70 0.05
CA GLU A 138 7.00 16.39 0.04
C GLU A 138 7.63 16.65 -1.32
N VAL A 139 6.94 16.27 -2.39
CA VAL A 139 7.53 16.31 -3.74
C VAL A 139 6.65 17.10 -4.69
N PRO A 140 7.23 18.08 -5.40
CA PRO A 140 6.46 18.89 -6.34
C PRO A 140 5.83 18.09 -7.46
N PRO A 141 4.67 18.53 -7.95
CA PRO A 141 3.96 17.83 -9.03
C PRO A 141 4.83 17.64 -10.28
N VAL A 142 5.71 18.59 -10.54
CA VAL A 142 6.60 18.50 -11.69
C VAL A 142 7.43 17.23 -11.57
N ASP A 143 7.82 16.88 -10.36
CA ASP A 143 8.70 15.75 -10.12
C ASP A 143 7.93 14.45 -9.99
N TRP A 144 6.61 14.52 -10.03
CA TRP A 144 5.79 13.31 -9.91
C TRP A 144 5.96 12.40 -11.12
N PRO A 145 6.18 11.10 -10.91
CA PRO A 145 6.32 10.15 -12.01
C PRO A 145 5.00 9.96 -12.74
N THR A 146 5.06 9.62 -14.02
CA THR A 146 3.86 9.56 -14.84
C THR A 146 2.82 8.61 -14.23
N LYS A 147 3.24 7.44 -13.81
CA LYS A 147 2.33 6.46 -13.22
C LYS A 147 1.65 7.03 -11.99
N HIS A 148 2.43 7.72 -11.15
CA HIS A 148 1.88 8.33 -9.95
C HIS A 148 0.87 9.43 -10.31
N ILE A 149 1.15 10.15 -11.38
CA ILE A 149 0.22 11.19 -11.83
C ILE A 149 -1.08 10.52 -12.26
N GLU A 150 -0.96 9.46 -13.05
CA GLU A 150 -2.13 8.78 -13.59
C GLU A 150 -2.96 8.19 -12.45
N SER A 151 -2.28 7.57 -11.49
CA SER A 151 -2.98 6.91 -10.39
C SER A 151 -3.79 7.92 -9.61
N TYR A 152 -3.19 9.06 -9.30
CA TYR A 152 -3.87 10.11 -8.55
C TYR A 152 -5.05 10.65 -9.36
N ARG A 153 -4.84 10.85 -10.66
CA ARG A 153 -5.91 11.31 -11.54
C ARG A 153 -7.08 10.34 -11.49
N LEU A 154 -6.79 9.05 -11.58
CA LEU A 154 -7.84 8.03 -11.56
C LEU A 154 -8.57 8.07 -10.23
N ALA A 155 -7.82 8.17 -9.13
CA ALA A 155 -8.42 8.15 -7.81
C ALA A 155 -9.34 9.36 -7.63
N CYS A 156 -8.86 10.53 -8.06
CA CYS A 156 -9.63 11.75 -7.91
C CYS A 156 -10.94 11.66 -8.69
N THR A 157 -10.81 11.18 -9.94
CA THR A 157 -11.98 11.07 -10.79
C THR A 157 -12.97 10.10 -10.15
N SER A 158 -12.46 9.01 -9.60
CA SER A 158 -13.31 7.98 -9.04
C SER A 158 -14.07 8.50 -7.82
N LEU A 159 -13.37 9.21 -6.94
CA LEU A 159 -13.97 9.71 -5.72
C LEU A 159 -14.94 10.86 -6.00
N GLY A 160 -14.57 11.72 -6.94
CA GLY A 160 -15.36 12.91 -7.22
C GLY A 160 -14.63 14.20 -6.85
N ALA A 161 -14.75 15.21 -7.69
CA ALA A 161 -13.96 16.43 -7.54
C ALA A 161 -14.22 17.08 -6.18
N GLU A 162 -15.49 17.24 -5.81
CA GLU A 162 -15.83 17.93 -4.58
C GLU A 162 -15.22 17.23 -3.38
N LYS A 163 -15.32 15.90 -3.35
CA LYS A 163 -14.78 15.14 -2.23
C LYS A 163 -13.27 15.30 -2.16
N VAL A 164 -12.62 15.27 -3.32
CA VAL A 164 -11.17 15.42 -3.39
C VAL A 164 -10.80 16.80 -2.87
N GLU A 165 -11.57 17.81 -3.27
CA GLU A 165 -11.31 19.17 -2.82
C GLU A 165 -11.40 19.24 -1.30
N VAL A 166 -12.41 18.59 -0.73
CA VAL A 166 -12.60 18.59 0.71
C VAL A 166 -11.39 17.95 1.37
N LEU A 167 -10.93 16.83 0.82
CA LEU A 167 -9.77 16.14 1.36
C LEU A 167 -8.56 17.05 1.32
N ARG A 168 -8.38 17.75 0.20
CA ARG A 168 -7.23 18.62 0.03
C ARG A 168 -7.25 19.72 1.08
N ALA A 169 -8.42 20.33 1.27
CA ALA A 169 -8.56 21.38 2.28
C ALA A 169 -8.24 20.82 3.67
N ALA A 170 -8.73 19.62 3.95
CA ALA A 170 -8.50 19.00 5.25
C ALA A 170 -7.00 18.77 5.47
N PHE A 171 -6.32 18.26 4.45
CA PHE A 171 -4.89 18.00 4.57
C PHE A 171 -4.15 19.29 4.83
N ARG A 172 -4.48 20.33 4.05
CA ARG A 172 -3.80 21.62 4.21
C ARG A 172 -4.02 22.13 5.62
N SER A 173 -5.23 21.97 6.13
CA SER A 173 -5.55 22.44 7.47
C SER A 173 -4.70 21.69 8.49
N ARG A 174 -4.59 20.37 8.33
CA ARG A 174 -3.78 19.57 9.23
C ARG A 174 -2.33 20.03 9.18
N TYR A 175 -1.82 20.23 7.96
CA TYR A 175 -0.42 20.60 7.79
C TYR A 175 -0.13 21.94 8.46
N ALA A 176 -1.03 22.90 8.26
CA ALA A 176 -0.87 24.21 8.87
C ALA A 176 -0.85 24.08 10.38
N ALA A 177 -1.74 23.27 10.92
CA ALA A 177 -1.79 23.06 12.38
C ALA A 177 -0.48 22.46 12.86
N LEU A 178 0.04 21.49 12.11
CA LEU A 178 1.27 20.81 12.51
C LEU A 178 2.42 21.81 12.50
N GLU A 179 2.50 22.64 11.48
CA GLU A 179 3.54 23.65 11.40
C GLU A 179 3.43 24.61 12.58
N HIS A 180 2.23 25.07 12.89
CA HIS A 180 2.04 25.99 13.99
C HIS A 180 2.49 25.34 15.29
N HIS A 181 2.12 24.09 15.50
CA HIS A 181 2.50 23.37 16.70
C HIS A 181 4.02 23.32 16.82
N HIS A 182 4.68 22.96 15.71
CA HIS A 182 6.14 22.86 15.73
C HIS A 182 6.76 24.22 16.02
N HIS A 183 6.22 25.25 15.39
CA HIS A 183 6.78 26.60 15.54
C HIS A 183 6.61 27.07 16.98
N HIS A 184 5.47 26.73 17.58
CA HIS A 184 5.24 27.05 18.98
C HIS A 184 6.20 26.28 19.87
N HIS A 185 6.52 25.05 19.48
CA HIS A 185 7.37 24.20 20.31
C HIS A 185 8.82 24.16 19.80
N MET A 1 6.87 -9.66 -15.40
CA MET A 1 6.94 -8.64 -14.34
C MET A 1 5.58 -8.47 -13.67
N ASP A 2 4.60 -7.99 -14.41
CA ASP A 2 3.29 -7.73 -13.85
C ASP A 2 2.73 -9.01 -13.23
N THR A 3 2.85 -10.11 -13.96
CA THR A 3 2.33 -11.40 -13.50
C THR A 3 3.03 -11.79 -12.20
N THR A 4 4.34 -11.60 -12.15
CA THR A 4 5.11 -11.92 -10.96
C THR A 4 4.62 -11.09 -9.79
N GLN A 5 4.41 -9.80 -10.02
CA GLN A 5 3.98 -8.89 -8.96
C GLN A 5 2.61 -9.31 -8.44
N VAL A 6 1.70 -9.64 -9.36
CA VAL A 6 0.36 -10.08 -8.98
C VAL A 6 0.49 -11.37 -8.17
N THR A 7 1.36 -12.27 -8.62
CA THR A 7 1.52 -13.56 -7.95
C THR A 7 2.01 -13.33 -6.53
N LEU A 8 2.97 -12.42 -6.38
CA LEU A 8 3.51 -12.10 -5.05
C LEU A 8 2.39 -11.57 -4.16
N ILE A 9 1.56 -10.68 -4.72
CA ILE A 9 0.45 -10.11 -3.95
C ILE A 9 -0.45 -11.25 -3.50
N HIS A 10 -0.74 -12.18 -4.42
CA HIS A 10 -1.62 -13.30 -4.12
C HIS A 10 -1.05 -14.11 -2.96
N LYS A 11 0.26 -14.35 -3.01
CA LYS A 11 0.92 -15.12 -1.96
C LYS A 11 0.80 -14.40 -0.63
N ILE A 12 1.03 -13.09 -0.64
CA ILE A 12 1.00 -12.31 0.59
C ILE A 12 -0.40 -12.35 1.17
N LEU A 13 -1.40 -12.22 0.30
CA LEU A 13 -2.79 -12.28 0.73
C LEU A 13 -3.05 -13.62 1.42
N ALA A 14 -2.59 -14.70 0.81
CA ALA A 14 -2.81 -16.03 1.35
C ALA A 14 -2.15 -16.16 2.71
N ALA A 15 -0.90 -15.68 2.82
CA ALA A 15 -0.17 -15.77 4.07
C ALA A 15 -0.89 -14.98 5.16
N ALA A 16 -1.36 -13.78 4.82
CA ALA A 16 -2.09 -12.95 5.78
C ALA A 16 -3.35 -13.69 6.23
N ASP A 17 -4.04 -14.30 5.29
CA ASP A 17 -5.27 -15.02 5.62
C ASP A 17 -4.97 -16.18 6.56
N GLU A 18 -3.87 -16.89 6.29
CA GLU A 18 -3.46 -18.00 7.13
C GLU A 18 -3.13 -17.51 8.53
N ARG A 19 -2.49 -16.35 8.61
CA ARG A 19 -2.15 -15.75 9.90
C ARG A 19 -3.38 -15.17 10.58
N ASN A 20 -4.48 -15.03 9.84
CA ASN A 20 -5.66 -14.36 10.36
C ASN A 20 -5.37 -12.87 10.57
N LEU A 21 -4.51 -12.35 9.71
CA LEU A 21 -4.17 -10.93 9.73
C LEU A 21 -4.84 -10.22 8.56
N PRO A 22 -5.73 -9.26 8.83
CA PRO A 22 -6.41 -8.55 7.74
C PRO A 22 -5.43 -7.80 6.85
N LEU A 23 -5.63 -7.87 5.54
CA LEU A 23 -4.79 -7.13 4.60
C LEU A 23 -5.60 -6.17 3.73
N TRP A 24 -5.23 -4.89 3.78
CA TRP A 24 -5.81 -3.91 2.87
C TRP A 24 -4.78 -3.53 1.81
N ILE A 25 -5.10 -3.75 0.54
CA ILE A 25 -4.18 -3.38 -0.52
C ILE A 25 -4.22 -1.86 -0.69
N GLY A 26 -3.04 -1.24 -0.80
CA GLY A 26 -2.98 0.20 -0.79
C GLY A 26 -2.37 0.82 -2.03
N GLY A 27 -2.38 2.16 -2.09
CA GLY A 27 -1.70 2.88 -3.15
C GLY A 27 -2.22 2.60 -4.54
N GLY A 28 -1.34 2.67 -5.53
CA GLY A 28 -1.72 2.36 -6.90
C GLY A 28 -2.33 0.98 -7.01
N TRP A 29 -1.77 0.00 -6.31
CA TRP A 29 -2.29 -1.35 -6.37
C TRP A 29 -3.76 -1.38 -5.93
N ALA A 30 -4.10 -0.61 -4.90
CA ALA A 30 -5.49 -0.50 -4.48
C ALA A 30 -6.33 0.07 -5.61
N ILE A 31 -5.80 1.08 -6.28
CA ILE A 31 -6.54 1.74 -7.36
C ILE A 31 -6.81 0.71 -8.45
N ASP A 32 -5.78 -0.07 -8.80
CA ASP A 32 -5.92 -1.10 -9.83
C ASP A 32 -6.94 -2.15 -9.40
N ALA A 33 -6.89 -2.54 -8.14
CA ALA A 33 -7.83 -3.53 -7.62
C ALA A 33 -9.26 -2.99 -7.69
N ARG A 34 -9.43 -1.73 -7.31
CA ARG A 34 -10.74 -1.09 -7.36
C ARG A 34 -11.23 -0.94 -8.80
N LEU A 35 -10.30 -0.65 -9.71
CA LEU A 35 -10.63 -0.61 -11.13
C LEU A 35 -11.01 -2.01 -11.62
N GLY A 36 -10.44 -3.02 -10.97
CA GLY A 36 -10.63 -4.39 -11.42
C GLY A 36 -9.57 -4.85 -12.41
N ARG A 37 -8.63 -3.95 -12.72
CA ARG A 37 -7.62 -4.25 -13.74
C ARG A 37 -6.23 -3.79 -13.30
N VAL A 38 -5.25 -4.67 -13.45
CA VAL A 38 -3.86 -4.30 -13.19
C VAL A 38 -3.37 -3.42 -14.33
N THR A 39 -3.75 -2.15 -14.28
CA THR A 39 -3.50 -1.20 -15.34
C THR A 39 -2.00 -0.91 -15.48
N ARG A 40 -1.30 -0.78 -14.36
CA ARG A 40 0.09 -0.35 -14.38
C ARG A 40 0.98 -1.25 -13.53
N LYS A 41 2.22 -1.43 -13.96
CA LYS A 41 3.20 -2.20 -13.19
C LYS A 41 3.83 -1.32 -12.11
N HIS A 42 4.06 -1.88 -10.93
CA HIS A 42 4.66 -1.09 -9.85
C HIS A 42 5.76 -1.88 -9.14
N ASP A 43 6.97 -1.33 -9.10
CA ASP A 43 8.11 -2.02 -8.51
C ASP A 43 7.89 -2.30 -7.03
N ASP A 44 7.30 -1.33 -6.33
CA ASP A 44 6.97 -1.53 -4.92
C ASP A 44 5.51 -1.92 -4.77
N ILE A 45 5.24 -2.86 -3.86
CA ILE A 45 3.86 -3.22 -3.54
C ILE A 45 3.52 -2.64 -2.17
N ASP A 46 2.51 -1.77 -2.14
CA ASP A 46 2.13 -1.10 -0.89
C ASP A 46 0.94 -1.79 -0.24
N LEU A 47 1.18 -2.45 0.89
CA LEU A 47 0.14 -3.21 1.55
C LEU A 47 -0.08 -2.75 2.98
N THR A 48 -1.34 -2.66 3.40
CA THR A 48 -1.68 -2.14 4.72
C THR A 48 -2.10 -3.27 5.65
N PHE A 49 -1.38 -3.41 6.77
CA PHE A 49 -1.66 -4.46 7.74
C PHE A 49 -1.75 -3.85 9.14
N PRO A 50 -2.63 -4.39 10.00
CA PRO A 50 -2.75 -3.88 11.36
C PRO A 50 -1.41 -3.89 12.08
N GLY A 51 -1.08 -2.78 12.73
CA GLY A 51 0.25 -2.62 13.34
C GLY A 51 0.56 -3.65 14.41
N GLU A 52 -0.45 -4.10 15.13
CA GLU A 52 -0.23 -4.98 16.28
C GLU A 52 0.57 -6.21 15.91
N ARG A 53 0.26 -6.84 14.78
CA ARG A 53 0.87 -8.11 14.41
C ARG A 53 2.18 -7.93 13.65
N ARG A 54 3.07 -7.07 14.14
CA ARG A 54 4.34 -6.83 13.48
C ARG A 54 5.18 -8.12 13.42
N GLY A 55 5.25 -8.84 14.52
CA GLY A 55 5.99 -10.10 14.53
C GLY A 55 5.43 -11.07 13.51
N GLU A 56 4.12 -11.14 13.42
CA GLU A 56 3.46 -12.01 12.44
C GLU A 56 3.83 -11.56 11.04
N LEU A 57 3.89 -10.25 10.83
CA LEU A 57 4.31 -9.71 9.53
C LEU A 57 5.73 -10.15 9.21
N GLU A 58 6.61 -10.08 10.19
CA GLU A 58 8.00 -10.51 9.98
C GLU A 58 8.03 -11.98 9.60
N ALA A 59 7.18 -12.78 10.25
CA ALA A 59 7.07 -14.19 9.90
C ALA A 59 6.56 -14.35 8.47
N ILE A 60 5.58 -13.53 8.09
CA ILE A 60 4.99 -13.64 6.76
C ILE A 60 6.06 -13.38 5.71
N VAL A 61 6.85 -12.33 5.92
CA VAL A 61 7.90 -11.97 4.97
C VAL A 61 8.89 -13.13 4.86
N GLU A 62 9.22 -13.72 6.00
CA GLU A 62 10.13 -14.86 6.02
C GLU A 62 9.54 -16.04 5.28
N MET A 63 8.24 -16.27 5.43
CA MET A 63 7.54 -17.33 4.72
C MET A 63 7.60 -17.07 3.22
N LEU A 64 7.45 -15.81 2.84
CA LEU A 64 7.55 -15.40 1.44
C LEU A 64 8.97 -15.64 0.93
N GLY A 65 9.92 -15.69 1.86
CA GLY A 65 11.33 -15.84 1.49
C GLY A 65 12.05 -14.51 1.44
N GLY A 66 11.33 -13.43 1.72
CA GLY A 66 11.92 -12.10 1.69
C GLY A 66 12.61 -11.72 2.99
N ARG A 67 13.28 -10.57 2.99
CA ARG A 67 13.91 -10.07 4.21
C ARG A 67 13.47 -8.63 4.45
N VAL A 68 13.24 -8.27 5.72
CA VAL A 68 12.85 -6.92 6.04
C VAL A 68 14.06 -6.01 5.98
N MET A 69 14.08 -5.10 5.02
CA MET A 69 15.23 -4.25 4.78
C MET A 69 15.42 -3.27 5.93
N GLU A 70 14.35 -2.60 6.33
CA GLU A 70 14.36 -1.65 7.43
C GLU A 70 12.99 -1.45 8.05
N GLU A 71 12.95 -1.17 9.35
CA GLU A 71 11.71 -0.82 10.02
C GLU A 71 11.70 0.66 10.39
N LEU A 72 10.69 1.38 9.92
CA LEU A 72 10.60 2.81 10.15
C LEU A 72 9.32 3.16 10.90
N ASP A 73 9.30 4.32 11.56
CA ASP A 73 8.17 4.68 12.40
C ASP A 73 6.87 4.66 11.61
N TYR A 74 6.92 5.13 10.37
CA TYR A 74 5.76 5.09 9.48
C TYR A 74 5.39 3.65 9.13
N GLY A 75 6.38 2.81 8.90
CA GLY A 75 6.16 1.45 8.47
C GLY A 75 7.45 0.76 8.07
N PHE A 76 7.40 -0.50 7.65
CA PHE A 76 8.63 -1.22 7.35
C PHE A 76 8.77 -1.55 5.86
N LEU A 77 9.99 -1.44 5.37
CA LEU A 77 10.31 -1.84 4.00
C LEU A 77 10.91 -3.25 4.00
N ALA A 78 10.32 -4.14 3.21
CA ALA A 78 10.83 -5.50 3.09
C ALA A 78 11.08 -5.84 1.63
N GLU A 79 12.21 -6.49 1.35
CA GLU A 79 12.46 -6.98 0.00
C GLU A 79 11.97 -8.40 -0.15
N ILE A 80 11.06 -8.62 -1.10
CA ILE A 80 10.60 -9.97 -1.41
C ILE A 80 11.11 -10.34 -2.81
N GLY A 81 12.02 -11.31 -2.87
CA GLY A 81 12.62 -11.64 -4.15
C GLY A 81 13.23 -10.41 -4.81
N ASP A 82 12.77 -10.11 -6.03
CA ASP A 82 13.27 -8.97 -6.79
C ASP A 82 12.33 -7.77 -6.69
N GLU A 83 11.38 -7.83 -5.77
CA GLU A 83 10.38 -6.78 -5.66
C GLU A 83 10.30 -6.21 -4.24
N LEU A 84 9.81 -4.98 -4.11
CA LEU A 84 9.80 -4.31 -2.82
C LEU A 84 8.42 -4.31 -2.18
N LEU A 85 8.35 -4.64 -0.89
CA LEU A 85 7.11 -4.55 -0.15
C LEU A 85 7.14 -3.37 0.81
N ASP A 86 6.30 -2.36 0.56
CA ASP A 86 6.13 -1.27 1.49
C ASP A 86 4.95 -1.54 2.41
N CYS A 87 5.23 -1.99 3.63
CA CYS A 87 4.16 -2.31 4.57
C CYS A 87 3.72 -1.07 5.34
N GLU A 88 2.44 -0.73 5.19
CA GLU A 88 1.87 0.39 5.93
C GLU A 88 1.00 -0.13 7.08
N PRO A 89 1.42 0.13 8.32
CA PRO A 89 0.65 -0.32 9.48
C PRO A 89 -0.72 0.35 9.57
N ALA A 90 -1.75 -0.44 9.89
CA ALA A 90 -3.07 0.12 10.16
C ALA A 90 -3.32 0.13 11.66
N TRP A 91 -3.74 1.26 12.19
CA TRP A 91 -3.91 1.39 13.63
C TRP A 91 -5.34 1.04 14.04
N TRP A 92 -5.47 0.10 14.96
CA TRP A 92 -6.80 -0.30 15.45
C TRP A 92 -7.25 0.63 16.55
N ALA A 93 -8.22 1.49 16.26
CA ALA A 93 -8.68 2.47 17.22
C ALA A 93 -10.20 2.64 17.14
N ASP A 94 -10.86 2.82 18.28
CA ASP A 94 -12.31 2.94 18.30
C ASP A 94 -12.95 1.79 17.55
N GLU A 95 -12.41 0.59 17.71
CA GLU A 95 -12.90 -0.58 17.00
C GLU A 95 -12.90 -0.38 15.49
N ALA A 96 -11.89 0.31 14.98
CA ALA A 96 -11.71 0.46 13.54
C ALA A 96 -10.24 0.46 13.17
N TYR A 97 -9.90 -0.10 12.02
CA TYR A 97 -8.52 -0.10 11.54
C TYR A 97 -8.32 1.02 10.53
N GLU A 98 -7.42 1.95 10.84
CA GLU A 98 -7.25 3.13 10.00
C GLU A 98 -5.78 3.51 9.81
N ILE A 99 -5.48 4.13 8.67
CA ILE A 99 -4.13 4.60 8.39
C ILE A 99 -3.84 5.82 9.26
N ALA A 100 -2.62 5.89 9.79
CA ALA A 100 -2.28 6.93 10.75
C ALA A 100 -2.57 8.31 10.17
N GLU A 101 -3.19 9.17 10.98
CA GLU A 101 -3.45 10.55 10.59
C GLU A 101 -4.16 10.62 9.25
N ALA A 102 -5.15 9.75 9.03
CA ALA A 102 -5.96 9.81 7.81
C ALA A 102 -7.44 9.92 8.15
N PRO A 103 -8.25 10.44 7.22
CA PRO A 103 -9.68 10.61 7.45
C PRO A 103 -10.42 9.31 7.75
N GLN A 104 -11.55 9.42 8.44
CA GLN A 104 -12.31 8.25 8.87
C GLN A 104 -12.74 7.41 7.68
N GLY A 105 -12.75 6.10 7.86
CA GLY A 105 -13.04 5.19 6.75
C GLY A 105 -11.81 4.87 5.92
N SER A 106 -10.63 5.07 6.49
CA SER A 106 -9.39 4.88 5.74
C SER A 106 -9.29 3.47 5.18
N CYS A 107 -9.56 2.47 6.01
CA CYS A 107 -9.51 1.08 5.56
C CYS A 107 -10.85 0.38 5.79
N PRO A 108 -11.67 0.29 4.75
CA PRO A 108 -12.98 -0.37 4.87
C PRO A 108 -12.88 -1.88 5.05
N GLU A 109 -13.76 -2.43 5.88
CA GLU A 109 -13.82 -3.87 6.11
C GLU A 109 -14.26 -4.62 4.85
N ALA A 110 -15.07 -3.97 4.01
CA ALA A 110 -15.64 -4.63 2.85
C ALA A 110 -14.57 -4.99 1.81
N ALA A 111 -14.82 -6.05 1.05
CA ALA A 111 -13.91 -6.47 -0.01
C ALA A 111 -13.99 -5.51 -1.20
N GLU A 112 -13.34 -4.36 -1.07
CA GLU A 112 -13.45 -3.29 -2.05
C GLU A 112 -12.81 -3.63 -3.39
N GLY A 113 -11.60 -4.18 -3.36
CA GLY A 113 -10.85 -4.39 -4.60
C GLY A 113 -10.83 -5.84 -5.06
N VAL A 114 -10.46 -6.05 -6.33
CA VAL A 114 -10.27 -7.40 -6.84
C VAL A 114 -8.96 -7.50 -7.61
N ILE A 115 -8.12 -8.46 -7.26
CA ILE A 115 -6.89 -8.71 -8.01
C ILE A 115 -6.84 -10.17 -8.50
N ALA A 116 -6.63 -10.34 -9.80
CA ALA A 116 -6.49 -11.67 -10.38
C ALA A 116 -7.70 -12.55 -10.05
N GLY A 117 -8.88 -11.95 -10.02
CA GLY A 117 -10.10 -12.70 -9.77
C GLY A 117 -10.32 -12.98 -8.30
N ARG A 118 -9.45 -12.45 -7.45
CA ARG A 118 -9.56 -12.68 -6.01
C ARG A 118 -10.00 -11.41 -5.31
N PRO A 119 -11.18 -11.42 -4.69
CA PRO A 119 -11.68 -10.24 -3.97
C PRO A 119 -10.80 -9.90 -2.77
N VAL A 120 -10.50 -8.61 -2.60
CA VAL A 120 -9.58 -8.20 -1.55
C VAL A 120 -10.06 -6.91 -0.88
N ARG A 121 -9.74 -6.76 0.40
CA ARG A 121 -9.99 -5.51 1.09
C ARG A 121 -8.95 -4.48 0.66
N CYS A 122 -9.41 -3.29 0.27
CA CYS A 122 -8.50 -2.26 -0.21
C CYS A 122 -8.75 -0.94 0.51
N ASN A 123 -7.69 -0.15 0.72
CA ASN A 123 -7.86 1.13 1.40
C ASN A 123 -8.75 2.07 0.57
N SER A 124 -9.48 2.94 1.26
CA SER A 124 -10.46 3.79 0.60
C SER A 124 -9.82 4.81 -0.33
N TRP A 125 -10.59 5.27 -1.31
CA TRP A 125 -10.12 6.32 -2.20
C TRP A 125 -9.66 7.51 -1.37
N GLU A 126 -10.40 7.81 -0.31
CA GLU A 126 -10.02 8.90 0.59
C GLU A 126 -8.61 8.68 1.11
N ALA A 127 -8.33 7.46 1.58
CA ALA A 127 -7.01 7.15 2.11
C ALA A 127 -5.97 7.29 1.01
N ILE A 128 -6.30 6.80 -0.18
CA ILE A 128 -5.36 6.78 -1.29
C ILE A 128 -5.00 8.22 -1.64
N ILE A 129 -6.02 9.06 -1.79
CA ILE A 129 -5.81 10.45 -2.18
C ILE A 129 -5.05 11.18 -1.08
N TRP A 130 -5.39 10.89 0.17
CA TRP A 130 -4.67 11.47 1.30
C TRP A 130 -3.18 11.18 1.18
N ASP A 131 -2.83 9.93 0.90
CA ASP A 131 -1.44 9.54 0.86
C ASP A 131 -0.73 10.23 -0.30
N TYR A 132 -1.38 10.28 -1.45
CA TYR A 132 -0.82 10.95 -2.61
C TYR A 132 -0.66 12.45 -2.37
N PHE A 133 -1.67 13.09 -1.82
CA PHE A 133 -1.62 14.52 -1.58
C PHE A 133 -0.50 14.84 -0.59
N TYR A 134 -0.38 14.01 0.43
CA TYR A 134 0.74 14.12 1.38
C TYR A 134 2.06 14.05 0.64
N TYR A 135 2.17 13.10 -0.29
CA TYR A 135 3.38 12.95 -1.08
C TYR A 135 3.62 14.20 -1.92
N ALA A 136 2.55 14.80 -2.41
CA ALA A 136 2.64 16.03 -3.20
C ALA A 136 3.24 17.15 -2.37
N ASP A 137 2.88 17.20 -1.08
CA ASP A 137 3.47 18.20 -0.18
C ASP A 137 4.97 17.97 -0.02
N GLU A 138 5.37 16.71 0.09
CA GLU A 138 6.79 16.39 0.19
C GLU A 138 7.51 16.58 -1.14
N VAL A 139 6.92 16.10 -2.21
CA VAL A 139 7.56 16.12 -3.53
C VAL A 139 6.64 16.81 -4.53
N PRO A 140 7.13 17.83 -5.24
CA PRO A 140 6.30 18.55 -6.21
C PRO A 140 5.75 17.67 -7.32
N PRO A 141 4.53 17.94 -7.77
CA PRO A 141 3.90 17.16 -8.83
C PRO A 141 4.71 17.15 -10.11
N VAL A 142 5.44 18.23 -10.36
CA VAL A 142 6.32 18.31 -11.52
C VAL A 142 7.34 17.18 -11.44
N ASP A 143 7.84 16.92 -10.23
CA ASP A 143 8.82 15.86 -10.01
C ASP A 143 8.17 14.49 -10.11
N TRP A 144 6.86 14.41 -9.90
CA TRP A 144 6.17 13.12 -9.87
C TRP A 144 6.31 12.37 -11.18
N PRO A 145 6.52 11.05 -11.12
CA PRO A 145 6.61 10.23 -12.33
C PRO A 145 5.21 9.99 -12.91
N THR A 146 5.16 9.66 -14.20
CA THR A 146 3.87 9.54 -14.88
C THR A 146 2.93 8.61 -14.13
N LYS A 147 3.46 7.49 -13.64
CA LYS A 147 2.63 6.48 -13.00
C LYS A 147 1.90 7.07 -11.80
N HIS A 148 2.62 7.79 -10.94
CA HIS A 148 1.99 8.39 -9.77
C HIS A 148 0.98 9.45 -10.18
N ILE A 149 1.34 10.26 -11.16
CA ILE A 149 0.44 11.32 -11.60
C ILE A 149 -0.87 10.68 -12.08
N GLU A 150 -0.74 9.64 -12.89
CA GLU A 150 -1.92 8.98 -13.45
C GLU A 150 -2.75 8.35 -12.34
N SER A 151 -2.07 7.71 -11.38
CA SER A 151 -2.76 7.04 -10.29
C SER A 151 -3.58 8.06 -9.50
N TYR A 152 -2.97 9.21 -9.23
CA TYR A 152 -3.65 10.28 -8.51
C TYR A 152 -4.87 10.75 -9.29
N ARG A 153 -4.71 10.91 -10.60
CA ARG A 153 -5.80 11.36 -11.45
C ARG A 153 -6.95 10.35 -11.38
N LEU A 154 -6.61 9.07 -11.48
CA LEU A 154 -7.63 8.02 -11.51
C LEU A 154 -8.39 8.02 -10.19
N ALA A 155 -7.66 8.11 -9.08
CA ALA A 155 -8.29 8.10 -7.77
C ALA A 155 -9.21 9.31 -7.61
N CYS A 156 -8.72 10.48 -8.01
CA CYS A 156 -9.49 11.70 -7.85
C CYS A 156 -10.77 11.65 -8.67
N THR A 157 -10.64 11.20 -9.90
CA THR A 157 -11.79 11.09 -10.79
C THR A 157 -12.79 10.12 -10.19
N SER A 158 -12.29 8.99 -9.69
CA SER A 158 -13.17 7.94 -9.18
C SER A 158 -13.96 8.43 -7.98
N LEU A 159 -13.30 9.15 -7.07
CA LEU A 159 -13.95 9.63 -5.86
C LEU A 159 -14.89 10.79 -6.17
N GLY A 160 -14.50 11.64 -7.11
CA GLY A 160 -15.28 12.84 -7.40
C GLY A 160 -14.55 14.12 -7.00
N ALA A 161 -14.64 15.14 -7.84
CA ALA A 161 -13.86 16.36 -7.65
C ALA A 161 -14.16 17.02 -6.31
N GLU A 162 -15.45 17.16 -5.98
CA GLU A 162 -15.83 17.86 -4.77
C GLU A 162 -15.23 17.18 -3.55
N LYS A 163 -15.32 15.85 -3.49
CA LYS A 163 -14.80 15.09 -2.37
C LYS A 163 -13.29 15.29 -2.27
N VAL A 164 -12.63 15.26 -3.43
CA VAL A 164 -11.18 15.44 -3.48
C VAL A 164 -10.83 16.82 -2.95
N GLU A 165 -11.61 17.82 -3.35
CA GLU A 165 -11.35 19.19 -2.91
C GLU A 165 -11.46 19.25 -1.39
N VAL A 166 -12.47 18.60 -0.84
CA VAL A 166 -12.67 18.60 0.61
C VAL A 166 -11.47 17.95 1.27
N LEU A 167 -11.00 16.84 0.71
CA LEU A 167 -9.86 16.12 1.28
C LEU A 167 -8.64 17.03 1.27
N ARG A 168 -8.42 17.71 0.15
CA ARG A 168 -7.25 18.58 0.01
C ARG A 168 -7.31 19.67 1.06
N ALA A 169 -8.47 20.30 1.22
CA ALA A 169 -8.62 21.37 2.20
C ALA A 169 -8.36 20.83 3.60
N ALA A 170 -8.89 19.64 3.89
CA ALA A 170 -8.72 19.05 5.21
C ALA A 170 -7.23 18.80 5.48
N PHE A 171 -6.53 18.26 4.49
CA PHE A 171 -5.13 17.95 4.68
C PHE A 171 -4.33 19.23 4.91
N ARG A 172 -4.62 20.24 4.10
CA ARG A 172 -3.90 21.51 4.22
C ARG A 172 -4.11 22.07 5.62
N SER A 173 -5.34 22.01 6.10
CA SER A 173 -5.65 22.52 7.43
C SER A 173 -4.86 21.76 8.48
N ARG A 174 -4.81 20.43 8.32
CA ARG A 174 -4.09 19.59 9.27
C ARG A 174 -2.61 19.93 9.26
N TYR A 175 -2.05 20.09 8.07
CA TYR A 175 -0.63 20.40 7.93
C TYR A 175 -0.31 21.75 8.56
N ALA A 176 -1.17 22.73 8.31
CA ALA A 176 -0.98 24.06 8.87
C ALA A 176 -0.97 23.97 10.40
N ALA A 177 -1.90 23.19 10.96
CA ALA A 177 -1.95 23.01 12.39
C ALA A 177 -0.65 22.37 12.88
N LEU A 178 -0.15 21.38 12.14
CA LEU A 178 1.06 20.68 12.55
C LEU A 178 2.24 21.66 12.57
N GLU A 179 2.35 22.47 11.52
CA GLU A 179 3.41 23.47 11.46
C GLU A 179 3.29 24.42 12.65
N HIS A 180 2.08 24.88 12.94
CA HIS A 180 1.88 25.82 14.03
C HIS A 180 2.30 25.19 15.35
N HIS A 181 1.90 23.93 15.56
CA HIS A 181 2.29 23.22 16.77
C HIS A 181 3.80 23.16 16.87
N HIS A 182 4.46 22.82 15.77
CA HIS A 182 5.91 22.66 15.77
C HIS A 182 6.56 24.00 16.08
N HIS A 183 6.07 25.06 15.43
CA HIS A 183 6.66 26.39 15.57
C HIS A 183 6.49 26.88 17.01
N HIS A 184 5.31 26.65 17.58
CA HIS A 184 5.05 27.03 18.96
C HIS A 184 5.93 26.24 19.91
N HIS A 185 6.20 24.98 19.58
CA HIS A 185 6.94 24.09 20.46
C HIS A 185 8.37 23.86 19.96
N MET A 1 6.44 -9.79 -15.93
CA MET A 1 6.67 -9.05 -14.68
C MET A 1 5.37 -8.93 -13.89
N ASP A 2 4.32 -8.47 -14.55
CA ASP A 2 3.05 -8.20 -13.86
C ASP A 2 2.51 -9.49 -13.24
N THR A 3 2.64 -10.60 -13.96
CA THR A 3 2.21 -11.89 -13.43
C THR A 3 2.93 -12.18 -12.12
N THR A 4 4.22 -11.92 -12.08
CA THR A 4 5.00 -12.12 -10.87
C THR A 4 4.48 -11.21 -9.76
N GLN A 5 4.20 -9.96 -10.11
CA GLN A 5 3.73 -8.99 -9.13
C GLN A 5 2.42 -9.49 -8.52
N VAL A 6 1.51 -9.95 -9.38
CA VAL A 6 0.21 -10.44 -8.92
C VAL A 6 0.43 -11.68 -8.05
N THR A 7 1.33 -12.55 -8.48
CA THR A 7 1.57 -13.80 -7.79
C THR A 7 2.06 -13.52 -6.37
N LEU A 8 2.99 -12.58 -6.24
CA LEU A 8 3.49 -12.22 -4.92
C LEU A 8 2.36 -11.69 -4.06
N ILE A 9 1.51 -10.83 -4.64
CA ILE A 9 0.41 -10.27 -3.88
C ILE A 9 -0.49 -11.41 -3.40
N HIS A 10 -0.76 -12.35 -4.28
CA HIS A 10 -1.62 -13.49 -3.94
C HIS A 10 -1.01 -14.29 -2.80
N LYS A 11 0.30 -14.53 -2.89
CA LYS A 11 0.99 -15.28 -1.85
C LYS A 11 0.85 -14.58 -0.52
N ILE A 12 1.02 -13.26 -0.53
CA ILE A 12 0.94 -12.48 0.70
C ILE A 12 -0.48 -12.58 1.25
N LEU A 13 -1.47 -12.51 0.35
CA LEU A 13 -2.86 -12.61 0.76
C LEU A 13 -3.09 -13.95 1.45
N ALA A 14 -2.58 -15.02 0.86
CA ALA A 14 -2.77 -16.36 1.43
C ALA A 14 -2.12 -16.45 2.80
N ALA A 15 -0.91 -15.91 2.92
CA ALA A 15 -0.20 -15.93 4.18
C ALA A 15 -0.98 -15.16 5.24
N ALA A 16 -1.50 -13.99 4.85
CA ALA A 16 -2.31 -13.19 5.77
C ALA A 16 -3.53 -13.99 6.22
N ASP A 17 -4.15 -14.70 5.29
CA ASP A 17 -5.34 -15.48 5.61
C ASP A 17 -5.01 -16.53 6.65
N GLU A 18 -3.88 -17.22 6.47
CA GLU A 18 -3.43 -18.20 7.45
C GLU A 18 -3.20 -17.53 8.79
N ARG A 19 -2.55 -16.37 8.76
CA ARG A 19 -2.17 -15.66 9.97
C ARG A 19 -3.38 -15.00 10.62
N ASN A 20 -4.53 -15.08 9.96
CA ASN A 20 -5.73 -14.40 10.47
C ASN A 20 -5.44 -12.91 10.56
N LEU A 21 -4.70 -12.42 9.56
CA LEU A 21 -4.23 -11.05 9.54
C LEU A 21 -4.93 -10.24 8.45
N PRO A 22 -5.69 -9.21 8.82
CA PRO A 22 -6.37 -8.40 7.82
C PRO A 22 -5.38 -7.72 6.88
N LEU A 23 -5.66 -7.78 5.58
CA LEU A 23 -4.73 -7.24 4.59
C LEU A 23 -5.42 -6.20 3.72
N TRP A 24 -4.83 -5.00 3.62
CA TRP A 24 -5.35 -4.00 2.72
C TRP A 24 -4.36 -3.74 1.59
N ILE A 25 -4.86 -3.64 0.36
CA ILE A 25 -4.01 -3.30 -0.78
C ILE A 25 -3.89 -1.78 -0.82
N GLY A 26 -2.67 -1.26 -0.95
CA GLY A 26 -2.48 0.18 -0.84
C GLY A 26 -2.11 0.88 -2.13
N GLY A 27 -2.24 2.20 -2.12
CA GLY A 27 -1.77 3.04 -3.22
C GLY A 27 -2.30 2.65 -4.59
N GLY A 28 -1.44 2.73 -5.60
CA GLY A 28 -1.84 2.42 -6.95
C GLY A 28 -2.42 1.02 -7.08
N TRP A 29 -1.84 0.07 -6.37
CA TRP A 29 -2.36 -1.29 -6.39
C TRP A 29 -3.81 -1.30 -5.92
N ALA A 30 -4.10 -0.54 -4.87
CA ALA A 30 -5.49 -0.42 -4.41
C ALA A 30 -6.36 0.17 -5.51
N ILE A 31 -5.85 1.20 -6.18
CA ILE A 31 -6.62 1.89 -7.21
C ILE A 31 -6.97 0.88 -8.30
N ASP A 32 -5.96 0.14 -8.76
CA ASP A 32 -6.15 -0.83 -9.83
C ASP A 32 -7.10 -1.93 -9.40
N ALA A 33 -6.98 -2.39 -8.16
CA ALA A 33 -7.87 -3.43 -7.65
C ALA A 33 -9.32 -2.94 -7.65
N ARG A 34 -9.53 -1.70 -7.21
CA ARG A 34 -10.87 -1.14 -7.18
C ARG A 34 -11.40 -0.95 -8.60
N LEU A 35 -10.52 -0.54 -9.50
CA LEU A 35 -10.87 -0.42 -10.92
C LEU A 35 -11.22 -1.79 -11.48
N GLY A 36 -10.61 -2.83 -10.92
CA GLY A 36 -10.78 -4.18 -11.43
C GLY A 36 -9.76 -4.53 -12.51
N ARG A 37 -8.84 -3.62 -12.77
CA ARG A 37 -7.88 -3.81 -13.84
C ARG A 37 -6.47 -3.39 -13.42
N VAL A 38 -5.48 -4.25 -13.68
CA VAL A 38 -4.10 -3.89 -13.41
C VAL A 38 -3.56 -3.14 -14.63
N THR A 39 -3.67 -1.81 -14.58
CA THR A 39 -3.32 -0.97 -15.71
C THR A 39 -1.81 -0.90 -15.90
N ARG A 40 -1.06 -0.76 -14.81
CA ARG A 40 0.38 -0.54 -14.90
C ARG A 40 1.16 -1.49 -14.00
N LYS A 41 2.34 -1.90 -14.45
CA LYS A 41 3.24 -2.70 -13.63
C LYS A 41 3.91 -1.82 -12.58
N HIS A 42 3.95 -2.28 -11.34
CA HIS A 42 4.60 -1.51 -10.28
C HIS A 42 5.63 -2.36 -9.55
N ASP A 43 6.87 -1.88 -9.52
CA ASP A 43 7.95 -2.61 -8.85
C ASP A 43 7.70 -2.65 -7.35
N ASP A 44 7.27 -1.53 -6.78
CA ASP A 44 6.92 -1.48 -5.36
C ASP A 44 5.51 -1.98 -5.09
N ILE A 45 5.36 -2.80 -4.05
CA ILE A 45 4.02 -3.22 -3.63
C ILE A 45 3.76 -2.70 -2.22
N ASP A 46 2.82 -1.76 -2.11
CA ASP A 46 2.48 -1.18 -0.82
C ASP A 46 1.24 -1.84 -0.23
N LEU A 47 1.41 -2.56 0.87
CA LEU A 47 0.28 -3.22 1.51
C LEU A 47 0.10 -2.76 2.95
N THR A 48 -1.15 -2.62 3.38
CA THR A 48 -1.44 -2.08 4.70
C THR A 48 -1.80 -3.22 5.65
N PHE A 49 -1.15 -3.24 6.81
CA PHE A 49 -1.35 -4.32 7.78
C PHE A 49 -1.51 -3.77 9.19
N PRO A 50 -2.30 -4.44 10.04
CA PRO A 50 -2.48 -3.99 11.42
C PRO A 50 -1.15 -3.91 12.17
N GLY A 51 -0.94 -2.80 12.88
CA GLY A 51 0.31 -2.56 13.56
C GLY A 51 0.63 -3.63 14.58
N GLU A 52 -0.40 -4.26 15.13
CA GLU A 52 -0.25 -5.23 16.21
C GLU A 52 0.52 -6.47 15.77
N ARG A 53 0.27 -6.95 14.55
CA ARG A 53 0.80 -8.23 14.13
C ARG A 53 2.22 -8.15 13.58
N ARG A 54 3.09 -7.35 14.20
CA ARG A 54 4.43 -7.16 13.67
C ARG A 54 5.15 -8.50 13.53
N GLY A 55 5.04 -9.34 14.55
CA GLY A 55 5.68 -10.65 14.52
C GLY A 55 5.18 -11.50 13.37
N GLU A 56 3.87 -11.53 13.16
CA GLU A 56 3.31 -12.29 12.06
C GLU A 56 3.87 -11.78 10.75
N LEU A 57 3.96 -10.46 10.63
CA LEU A 57 4.42 -9.84 9.39
C LEU A 57 5.83 -10.30 9.08
N GLU A 58 6.69 -10.29 10.09
CA GLU A 58 8.06 -10.76 9.91
C GLU A 58 8.07 -12.22 9.49
N ALA A 59 7.22 -13.02 10.14
CA ALA A 59 7.12 -14.44 9.81
C ALA A 59 6.67 -14.62 8.36
N ILE A 60 5.70 -13.81 7.95
CA ILE A 60 5.16 -13.92 6.59
C ILE A 60 6.27 -13.64 5.58
N VAL A 61 7.04 -12.59 5.84
CA VAL A 61 8.11 -12.21 4.93
C VAL A 61 9.11 -13.36 4.84
N GLU A 62 9.42 -13.96 5.99
CA GLU A 62 10.34 -15.09 6.02
C GLU A 62 9.78 -16.28 5.26
N MET A 63 8.49 -16.54 5.39
CA MET A 63 7.85 -17.62 4.64
C MET A 63 7.96 -17.35 3.15
N LEU A 64 7.76 -16.10 2.76
CA LEU A 64 7.87 -15.69 1.37
C LEU A 64 9.31 -15.85 0.90
N GLY A 65 10.24 -15.91 1.85
CA GLY A 65 11.65 -16.04 1.52
C GLY A 65 12.37 -14.71 1.53
N GLY A 66 11.63 -13.64 1.76
CA GLY A 66 12.21 -12.31 1.74
C GLY A 66 12.82 -11.91 3.07
N ARG A 67 13.51 -10.77 3.10
CA ARG A 67 14.06 -10.25 4.34
C ARG A 67 13.60 -8.81 4.55
N VAL A 68 13.31 -8.46 5.80
CA VAL A 68 12.91 -7.09 6.12
C VAL A 68 14.14 -6.20 6.04
N MET A 69 14.14 -5.28 5.08
CA MET A 69 15.31 -4.44 4.84
C MET A 69 15.55 -3.50 6.01
N GLU A 70 14.51 -2.81 6.44
CA GLU A 70 14.57 -1.91 7.59
C GLU A 70 13.19 -1.61 8.16
N GLU A 71 13.14 -1.35 9.47
CA GLU A 71 11.90 -0.92 10.10
C GLU A 71 11.94 0.59 10.33
N LEU A 72 10.96 1.30 9.78
CA LEU A 72 10.93 2.76 9.85
C LEU A 72 9.77 3.22 10.73
N ASP A 73 9.84 4.46 11.19
CA ASP A 73 8.86 4.98 12.14
C ASP A 73 7.44 4.80 11.60
N TYR A 74 7.29 4.86 10.28
CA TYR A 74 5.97 4.81 9.65
C TYR A 74 5.71 3.46 8.99
N GLY A 75 6.55 2.47 9.28
CA GLY A 75 6.35 1.14 8.74
C GLY A 75 7.65 0.53 8.24
N PHE A 76 7.61 -0.72 7.78
CA PHE A 76 8.86 -1.39 7.42
C PHE A 76 8.93 -1.76 5.94
N LEU A 77 10.13 -1.66 5.38
CA LEU A 77 10.38 -2.09 4.01
C LEU A 77 10.96 -3.50 4.02
N ALA A 78 10.32 -4.41 3.27
CA ALA A 78 10.81 -5.78 3.17
C ALA A 78 11.13 -6.12 1.71
N GLU A 79 12.31 -6.66 1.47
CA GLU A 79 12.66 -7.12 0.13
C GLU A 79 12.32 -8.60 -0.03
N ILE A 80 11.42 -8.89 -0.96
CA ILE A 80 11.00 -10.27 -1.18
C ILE A 80 11.38 -10.68 -2.61
N GLY A 81 12.28 -11.65 -2.74
CA GLY A 81 12.77 -11.99 -4.06
C GLY A 81 13.34 -10.79 -4.80
N ASP A 82 12.84 -10.55 -6.00
CA ASP A 82 13.28 -9.40 -6.80
C ASP A 82 12.32 -8.22 -6.66
N GLU A 83 11.42 -8.27 -5.67
CA GLU A 83 10.41 -7.23 -5.53
C GLU A 83 10.38 -6.64 -4.12
N LEU A 84 9.90 -5.40 -4.02
CA LEU A 84 9.88 -4.70 -2.74
C LEU A 84 8.48 -4.66 -2.14
N LEU A 85 8.38 -5.04 -0.87
CA LEU A 85 7.11 -4.91 -0.15
C LEU A 85 7.17 -3.76 0.84
N ASP A 86 6.36 -2.74 0.61
CA ASP A 86 6.23 -1.62 1.54
C ASP A 86 5.06 -1.85 2.49
N CYS A 87 5.36 -2.12 3.76
CA CYS A 87 4.31 -2.44 4.71
C CYS A 87 3.89 -1.22 5.52
N GLU A 88 2.61 -0.87 5.43
CA GLU A 88 2.09 0.31 6.10
C GLU A 88 1.22 -0.09 7.28
N PRO A 89 1.57 0.36 8.49
CA PRO A 89 0.81 0.03 9.68
C PRO A 89 -0.62 0.56 9.66
N ALA A 90 -1.57 -0.28 10.07
CA ALA A 90 -2.95 0.16 10.26
C ALA A 90 -3.26 0.09 11.76
N TRP A 91 -3.70 1.21 12.32
CA TRP A 91 -3.88 1.28 13.77
C TRP A 91 -5.32 0.94 14.16
N TRP A 92 -5.47 0.02 15.10
CA TRP A 92 -6.79 -0.35 15.59
C TRP A 92 -7.23 0.64 16.65
N ALA A 93 -8.14 1.53 16.29
CA ALA A 93 -8.58 2.60 17.19
C ALA A 93 -10.06 2.89 16.99
N ASP A 94 -10.75 3.24 18.07
CA ASP A 94 -12.19 3.48 18.00
C ASP A 94 -12.88 2.28 17.36
N GLU A 95 -12.42 1.08 17.70
CA GLU A 95 -13.03 -0.14 17.19
C GLU A 95 -12.94 -0.23 15.67
N ALA A 96 -11.88 0.30 15.09
CA ALA A 96 -11.65 0.16 13.65
C ALA A 96 -10.18 0.25 13.31
N TYR A 97 -9.77 -0.42 12.23
CA TYR A 97 -8.40 -0.30 11.74
C TYR A 97 -8.29 0.84 10.73
N GLU A 98 -7.40 1.78 11.01
CA GLU A 98 -7.30 2.97 10.17
C GLU A 98 -5.86 3.44 9.99
N ILE A 99 -5.61 4.10 8.86
CA ILE A 99 -4.26 4.53 8.51
C ILE A 99 -3.86 5.72 9.37
N ALA A 100 -2.59 5.77 9.76
CA ALA A 100 -2.12 6.81 10.67
C ALA A 100 -2.45 8.19 10.12
N GLU A 101 -3.04 9.04 10.97
CA GLU A 101 -3.36 10.41 10.57
C GLU A 101 -4.17 10.45 9.28
N ALA A 102 -5.05 9.46 9.09
CA ALA A 102 -5.90 9.45 7.90
C ALA A 102 -7.37 9.58 8.26
N PRO A 103 -8.19 10.08 7.33
CA PRO A 103 -9.62 10.25 7.57
C PRO A 103 -10.34 8.95 7.90
N GLN A 104 -11.44 9.03 8.64
CA GLN A 104 -12.19 7.85 9.02
C GLN A 104 -12.70 7.13 7.77
N GLY A 105 -12.56 5.81 7.75
CA GLY A 105 -12.90 5.03 6.58
C GLY A 105 -11.73 4.86 5.64
N SER A 106 -10.53 5.21 6.10
CA SER A 106 -9.32 5.02 5.31
C SER A 106 -9.13 3.55 4.96
N CYS A 107 -9.38 2.66 5.92
CA CYS A 107 -9.31 1.24 5.65
C CYS A 107 -10.68 0.57 5.82
N PRO A 108 -11.34 0.25 4.71
CA PRO A 108 -12.65 -0.39 4.75
C PRO A 108 -12.60 -1.83 5.25
N GLU A 109 -13.64 -2.25 5.98
CA GLU A 109 -13.79 -3.65 6.37
C GLU A 109 -14.20 -4.50 5.18
N ALA A 110 -15.04 -3.93 4.31
CA ALA A 110 -15.54 -4.65 3.14
C ALA A 110 -14.44 -4.86 2.11
N ALA A 111 -14.56 -5.91 1.31
CA ALA A 111 -13.61 -6.16 0.22
C ALA A 111 -13.78 -5.10 -0.87
N GLU A 112 -12.88 -4.13 -0.90
CA GLU A 112 -13.02 -2.99 -1.81
C GLU A 112 -12.67 -3.32 -3.24
N GLY A 113 -11.54 -3.99 -3.46
CA GLY A 113 -11.06 -4.22 -4.81
C GLY A 113 -11.00 -5.68 -5.22
N VAL A 114 -10.61 -5.94 -6.46
CA VAL A 114 -10.42 -7.31 -6.93
C VAL A 114 -9.06 -7.44 -7.60
N ILE A 115 -8.29 -8.45 -7.20
CA ILE A 115 -7.01 -8.73 -7.84
C ILE A 115 -7.02 -10.15 -8.43
N ALA A 116 -6.73 -10.26 -9.71
CA ALA A 116 -6.64 -11.56 -10.38
C ALA A 116 -7.89 -12.40 -10.11
N GLY A 117 -9.05 -11.74 -10.08
CA GLY A 117 -10.30 -12.45 -9.93
C GLY A 117 -10.64 -12.79 -8.48
N ARG A 118 -9.81 -12.32 -7.54
CA ARG A 118 -10.09 -12.53 -6.13
C ARG A 118 -10.39 -11.22 -5.42
N PRO A 119 -11.55 -11.11 -4.77
CA PRO A 119 -11.90 -9.89 -4.05
C PRO A 119 -10.96 -9.63 -2.89
N VAL A 120 -10.53 -8.39 -2.73
CA VAL A 120 -9.55 -8.05 -1.70
C VAL A 120 -9.91 -6.73 -1.01
N ARG A 121 -9.58 -6.63 0.27
CA ARG A 121 -9.76 -5.38 0.99
C ARG A 121 -8.65 -4.40 0.59
N CYS A 122 -9.03 -3.16 0.31
CA CYS A 122 -8.08 -2.18 -0.21
C CYS A 122 -8.18 -0.85 0.50
N ASN A 123 -7.09 -0.07 0.49
CA ASN A 123 -7.09 1.27 1.04
C ASN A 123 -8.11 2.13 0.28
N SER A 124 -8.96 2.83 1.00
CA SER A 124 -10.05 3.57 0.37
C SER A 124 -9.55 4.73 -0.48
N TRP A 125 -10.37 5.17 -1.43
CA TRP A 125 -9.98 6.25 -2.33
C TRP A 125 -9.53 7.46 -1.51
N GLU A 126 -10.28 7.77 -0.46
CA GLU A 126 -9.95 8.91 0.38
C GLU A 126 -8.55 8.74 0.98
N ALA A 127 -8.27 7.54 1.49
CA ALA A 127 -6.96 7.26 2.07
C ALA A 127 -5.89 7.44 1.00
N ILE A 128 -6.14 6.91 -0.19
CA ILE A 128 -5.16 6.94 -1.26
C ILE A 128 -4.86 8.39 -1.62
N ILE A 129 -5.93 9.18 -1.76
CA ILE A 129 -5.79 10.57 -2.17
C ILE A 129 -5.05 11.36 -1.09
N TRP A 130 -5.38 11.10 0.16
CA TRP A 130 -4.67 11.73 1.27
C TRP A 130 -3.19 11.41 1.18
N ASP A 131 -2.87 10.15 0.92
CA ASP A 131 -1.47 9.72 0.85
C ASP A 131 -0.76 10.44 -0.29
N TYR A 132 -1.41 10.51 -1.44
CA TYR A 132 -0.83 11.19 -2.59
C TYR A 132 -0.68 12.69 -2.33
N PHE A 133 -1.67 13.29 -1.70
CA PHE A 133 -1.62 14.73 -1.45
C PHE A 133 -0.46 15.03 -0.51
N TYR A 134 -0.24 14.13 0.45
CA TYR A 134 0.92 14.24 1.32
C TYR A 134 2.20 14.19 0.50
N TYR A 135 2.22 13.30 -0.50
CA TYR A 135 3.37 13.23 -1.41
C TYR A 135 3.56 14.56 -2.12
N ALA A 136 2.46 15.20 -2.50
CA ALA A 136 2.54 16.51 -3.17
C ALA A 136 3.21 17.53 -2.24
N ASP A 137 2.89 17.46 -0.95
CA ASP A 137 3.54 18.32 0.03
C ASP A 137 5.03 18.03 0.09
N GLU A 138 5.39 16.75 0.09
CA GLU A 138 6.78 16.36 0.21
C GLU A 138 7.55 16.60 -1.08
N VAL A 139 6.95 16.21 -2.20
CA VAL A 139 7.61 16.29 -3.50
C VAL A 139 6.71 17.01 -4.49
N PRO A 140 7.25 18.01 -5.20
CA PRO A 140 6.46 18.78 -6.17
C PRO A 140 5.86 17.91 -7.28
N PRO A 141 4.65 18.24 -7.72
CA PRO A 141 3.98 17.50 -8.79
C PRO A 141 4.81 17.49 -10.07
N VAL A 142 5.60 18.54 -10.28
CA VAL A 142 6.51 18.60 -11.42
C VAL A 142 7.47 17.41 -11.35
N ASP A 143 7.89 17.07 -10.14
CA ASP A 143 8.85 15.99 -9.94
C ASP A 143 8.15 14.64 -9.82
N TRP A 144 6.82 14.65 -9.83
CA TRP A 144 6.05 13.40 -9.79
C TRP A 144 6.21 12.61 -11.07
N PRO A 145 6.41 11.28 -10.96
CA PRO A 145 6.52 10.43 -12.14
C PRO A 145 5.18 10.27 -12.83
N THR A 146 5.19 9.99 -14.14
CA THR A 146 3.95 9.96 -14.91
C THR A 146 2.95 9.00 -14.31
N LYS A 147 3.41 7.81 -13.91
CA LYS A 147 2.51 6.80 -13.35
C LYS A 147 1.82 7.33 -12.10
N HIS A 148 2.58 7.99 -11.24
CA HIS A 148 2.02 8.54 -10.01
C HIS A 148 0.98 9.61 -10.36
N ILE A 149 1.31 10.44 -11.33
CA ILE A 149 0.40 11.52 -11.72
C ILE A 149 -0.91 10.90 -12.19
N GLU A 150 -0.82 9.87 -13.02
CA GLU A 150 -2.02 9.20 -13.51
C GLU A 150 -2.79 8.56 -12.37
N SER A 151 -2.06 7.94 -11.43
CA SER A 151 -2.71 7.27 -10.32
C SER A 151 -3.54 8.28 -9.53
N TYR A 152 -2.96 9.46 -9.29
CA TYR A 152 -3.66 10.52 -8.58
C TYR A 152 -4.89 10.94 -9.37
N ARG A 153 -4.73 11.10 -10.67
CA ARG A 153 -5.83 11.52 -11.54
C ARG A 153 -6.97 10.51 -11.47
N LEU A 154 -6.64 9.23 -11.57
CA LEU A 154 -7.65 8.18 -11.57
C LEU A 154 -8.37 8.17 -10.23
N ALA A 155 -7.62 8.26 -9.14
CA ALA A 155 -8.20 8.23 -7.80
C ALA A 155 -9.15 9.41 -7.62
N CYS A 156 -8.70 10.59 -8.01
CA CYS A 156 -9.50 11.79 -7.80
C CYS A 156 -10.79 11.71 -8.61
N THR A 157 -10.68 11.28 -9.86
CA THR A 157 -11.84 11.15 -10.72
C THR A 157 -12.82 10.16 -10.11
N SER A 158 -12.28 9.04 -9.62
CA SER A 158 -13.12 7.96 -9.10
C SER A 158 -13.90 8.42 -7.87
N LEU A 159 -13.22 9.15 -6.98
CA LEU A 159 -13.87 9.61 -5.76
C LEU A 159 -14.88 10.71 -6.06
N GLY A 160 -14.54 11.58 -7.01
CA GLY A 160 -15.38 12.74 -7.29
C GLY A 160 -14.71 14.05 -6.89
N ALA A 161 -14.84 15.07 -7.72
CA ALA A 161 -14.11 16.32 -7.54
C ALA A 161 -14.43 16.96 -6.19
N GLU A 162 -15.71 17.05 -5.84
CA GLU A 162 -16.10 17.74 -4.62
C GLU A 162 -15.45 17.07 -3.41
N LYS A 163 -15.51 15.75 -3.35
CA LYS A 163 -14.95 15.01 -2.24
C LYS A 163 -13.45 15.24 -2.16
N VAL A 164 -12.81 15.21 -3.33
CA VAL A 164 -11.35 15.40 -3.40
C VAL A 164 -11.01 16.79 -2.87
N GLU A 165 -11.80 17.79 -3.27
CA GLU A 165 -11.54 19.15 -2.83
C GLU A 165 -11.66 19.25 -1.32
N VAL A 166 -12.67 18.58 -0.77
CA VAL A 166 -12.86 18.59 0.68
C VAL A 166 -11.63 17.97 1.35
N LEU A 167 -11.14 16.87 0.78
CA LEU A 167 -9.96 16.21 1.33
C LEU A 167 -8.76 17.15 1.29
N ARG A 168 -8.61 17.85 0.17
CA ARG A 168 -7.46 18.75 0.01
C ARG A 168 -7.51 19.83 1.08
N ALA A 169 -8.69 20.42 1.29
CA ALA A 169 -8.86 21.43 2.32
C ALA A 169 -8.53 20.85 3.69
N ALA A 170 -8.99 19.63 3.94
CA ALA A 170 -8.77 19.00 5.23
C ALA A 170 -7.28 18.81 5.47
N PHE A 171 -6.56 18.38 4.46
CA PHE A 171 -5.12 18.18 4.60
C PHE A 171 -4.43 19.52 4.84
N ARG A 172 -4.79 20.52 4.04
CA ARG A 172 -4.12 21.81 4.12
C ARG A 172 -4.31 22.42 5.50
N SER A 173 -5.54 22.36 6.01
CA SER A 173 -5.82 22.85 7.35
C SER A 173 -5.02 22.07 8.39
N ARG A 174 -4.94 20.75 8.24
CA ARG A 174 -4.22 19.93 9.20
C ARG A 174 -2.74 20.31 9.17
N TYR A 175 -2.19 20.48 7.97
CA TYR A 175 -0.78 20.83 7.82
C TYR A 175 -0.51 22.19 8.46
N ALA A 176 -1.40 23.15 8.24
CA ALA A 176 -1.24 24.48 8.81
C ALA A 176 -1.24 24.38 10.33
N ALA A 177 -2.16 23.58 10.87
CA ALA A 177 -2.24 23.40 12.32
C ALA A 177 -0.93 22.80 12.84
N LEU A 178 -0.39 21.83 12.12
CA LEU A 178 0.86 21.20 12.53
C LEU A 178 1.96 22.24 12.55
N GLU A 179 2.02 23.08 11.51
CA GLU A 179 3.07 24.08 11.42
C GLU A 179 2.97 25.05 12.59
N HIS A 180 1.75 25.50 12.89
CA HIS A 180 1.54 26.41 14.01
C HIS A 180 1.99 25.75 15.32
N HIS A 181 1.63 24.48 15.49
CA HIS A 181 2.03 23.75 16.68
C HIS A 181 3.55 23.74 16.78
N HIS A 182 4.22 23.49 15.66
CA HIS A 182 5.67 23.41 15.63
C HIS A 182 6.26 24.77 15.98
N HIS A 183 5.69 25.82 15.41
CA HIS A 183 6.18 27.18 15.67
C HIS A 183 6.00 27.54 17.14
N HIS A 184 4.89 27.10 17.72
CA HIS A 184 4.66 27.31 19.15
C HIS A 184 5.73 26.59 19.97
N HIS A 185 6.19 25.46 19.46
CA HIS A 185 7.18 24.66 20.18
C HIS A 185 8.58 24.81 19.61
N MET A 1 6.49 -9.75 -16.03
CA MET A 1 6.65 -9.06 -14.72
C MET A 1 5.30 -8.96 -14.03
N ASP A 2 4.26 -8.62 -14.77
CA ASP A 2 2.95 -8.38 -14.18
C ASP A 2 2.47 -9.63 -13.45
N THR A 3 2.62 -10.79 -14.06
CA THR A 3 2.24 -12.04 -13.43
C THR A 3 3.01 -12.23 -12.13
N THR A 4 4.30 -11.94 -12.16
CA THR A 4 5.16 -12.12 -10.99
C THR A 4 4.71 -11.20 -9.88
N GLN A 5 4.32 -9.99 -10.23
CA GLN A 5 3.81 -9.03 -9.25
C GLN A 5 2.52 -9.55 -8.64
N VAL A 6 1.61 -9.98 -9.50
CA VAL A 6 0.29 -10.44 -9.04
C VAL A 6 0.49 -11.68 -8.17
N THR A 7 1.36 -12.57 -8.62
CA THR A 7 1.60 -13.82 -7.90
C THR A 7 2.11 -13.52 -6.50
N LEU A 8 3.05 -12.58 -6.39
CA LEU A 8 3.57 -12.23 -5.07
C LEU A 8 2.45 -11.68 -4.19
N ILE A 9 1.61 -10.82 -4.76
CA ILE A 9 0.50 -10.24 -4.01
C ILE A 9 -0.37 -11.39 -3.51
N HIS A 10 -0.66 -12.34 -4.39
CA HIS A 10 -1.51 -13.46 -4.04
C HIS A 10 -0.87 -14.27 -2.91
N LYS A 11 0.42 -14.50 -3.00
CA LYS A 11 1.12 -15.25 -1.97
C LYS A 11 0.98 -14.54 -0.62
N ILE A 12 1.16 -13.23 -0.64
CA ILE A 12 1.07 -12.45 0.59
C ILE A 12 -0.34 -12.55 1.14
N LEU A 13 -1.32 -12.48 0.24
CA LEU A 13 -2.72 -12.59 0.64
C LEU A 13 -2.95 -13.93 1.31
N ALA A 14 -2.47 -15.00 0.69
CA ALA A 14 -2.70 -16.35 1.22
C ALA A 14 -2.09 -16.46 2.61
N ALA A 15 -0.87 -15.94 2.76
CA ALA A 15 -0.21 -15.96 4.07
C ALA A 15 -1.06 -15.19 5.08
N ALA A 16 -1.57 -14.04 4.68
CA ALA A 16 -2.35 -13.21 5.59
C ALA A 16 -3.60 -13.97 6.04
N ASP A 17 -4.27 -14.64 5.10
CA ASP A 17 -5.43 -15.44 5.45
C ASP A 17 -5.07 -16.49 6.50
N GLU A 18 -3.96 -17.17 6.30
CA GLU A 18 -3.56 -18.23 7.22
C GLU A 18 -3.25 -17.64 8.59
N ARG A 19 -2.52 -16.53 8.60
CA ARG A 19 -2.14 -15.87 9.84
C ARG A 19 -3.38 -15.32 10.55
N ASN A 20 -4.47 -15.14 9.80
CA ASN A 20 -5.64 -14.46 10.33
C ASN A 20 -5.32 -12.97 10.44
N LEU A 21 -4.56 -12.49 9.46
CA LEU A 21 -4.04 -11.12 9.45
C LEU A 21 -4.77 -10.28 8.41
N PRO A 22 -5.48 -9.24 8.85
CA PRO A 22 -6.20 -8.38 7.89
C PRO A 22 -5.24 -7.71 6.93
N LEU A 23 -5.58 -7.73 5.63
CA LEU A 23 -4.70 -7.17 4.62
C LEU A 23 -5.43 -6.15 3.76
N TRP A 24 -4.90 -4.93 3.69
CA TRP A 24 -5.45 -3.93 2.79
C TRP A 24 -4.48 -3.62 1.66
N ILE A 25 -4.97 -3.56 0.43
CA ILE A 25 -4.14 -3.26 -0.72
C ILE A 25 -3.99 -1.75 -0.80
N GLY A 26 -2.75 -1.25 -0.95
CA GLY A 26 -2.53 0.17 -0.88
C GLY A 26 -2.15 0.85 -2.18
N GLY A 27 -2.29 2.18 -2.20
CA GLY A 27 -1.81 3.00 -3.31
C GLY A 27 -2.34 2.59 -4.68
N GLY A 28 -1.48 2.68 -5.68
CA GLY A 28 -1.86 2.37 -7.04
C GLY A 28 -2.43 0.97 -7.19
N TRP A 29 -1.85 0.02 -6.46
CA TRP A 29 -2.37 -1.34 -6.47
C TRP A 29 -3.83 -1.33 -6.03
N ALA A 30 -4.14 -0.57 -4.98
CA ALA A 30 -5.52 -0.46 -4.52
C ALA A 30 -6.39 0.13 -5.61
N ILE A 31 -5.88 1.18 -6.27
CA ILE A 31 -6.65 1.86 -7.30
C ILE A 31 -7.00 0.87 -8.39
N ASP A 32 -5.99 0.13 -8.86
CA ASP A 32 -6.18 -0.83 -9.93
C ASP A 32 -7.12 -1.94 -9.50
N ALA A 33 -6.99 -2.39 -8.26
CA ALA A 33 -7.85 -3.45 -7.74
C ALA A 33 -9.31 -2.97 -7.72
N ARG A 34 -9.53 -1.75 -7.29
CA ARG A 34 -10.89 -1.19 -7.26
C ARG A 34 -11.41 -1.01 -8.68
N LEU A 35 -10.54 -0.59 -9.59
CA LEU A 35 -10.92 -0.48 -11.00
C LEU A 35 -11.26 -1.86 -11.55
N GLY A 36 -10.66 -2.90 -10.98
CA GLY A 36 -10.83 -4.24 -11.49
C GLY A 36 -9.81 -4.59 -12.56
N ARG A 37 -8.89 -3.68 -12.84
CA ARG A 37 -7.93 -3.87 -13.90
C ARG A 37 -6.54 -3.42 -13.45
N VAL A 38 -5.52 -4.25 -13.67
CA VAL A 38 -4.16 -3.86 -13.37
C VAL A 38 -3.65 -2.99 -14.52
N THR A 39 -3.70 -1.68 -14.34
CA THR A 39 -3.37 -0.73 -15.39
C THR A 39 -1.88 -0.75 -15.72
N ARG A 40 -1.05 -0.76 -14.68
CA ARG A 40 0.39 -0.60 -14.87
C ARG A 40 1.17 -1.52 -13.93
N LYS A 41 2.38 -1.87 -14.34
CA LYS A 41 3.27 -2.66 -13.49
C LYS A 41 3.90 -1.78 -12.41
N HIS A 42 3.94 -2.29 -11.17
CA HIS A 42 4.60 -1.57 -10.10
C HIS A 42 5.72 -2.42 -9.51
N ASP A 43 6.94 -1.90 -9.50
CA ASP A 43 8.05 -2.62 -8.86
C ASP A 43 7.80 -2.73 -7.36
N ASP A 44 7.31 -1.65 -6.75
CA ASP A 44 6.98 -1.65 -5.34
C ASP A 44 5.55 -2.12 -5.07
N ILE A 45 5.37 -2.93 -4.04
CA ILE A 45 4.02 -3.32 -3.63
C ILE A 45 3.74 -2.77 -2.24
N ASP A 46 2.78 -1.84 -2.14
CA ASP A 46 2.38 -1.29 -0.85
C ASP A 46 1.15 -1.98 -0.29
N LEU A 47 1.31 -2.64 0.85
CA LEU A 47 0.17 -3.29 1.51
C LEU A 47 0.01 -2.79 2.93
N THR A 48 -1.23 -2.64 3.37
CA THR A 48 -1.51 -2.09 4.69
C THR A 48 -1.87 -3.20 5.67
N PHE A 49 -1.18 -3.25 6.80
CA PHE A 49 -1.39 -4.30 7.79
C PHE A 49 -1.51 -3.69 9.18
N PRO A 50 -2.31 -4.30 10.07
CA PRO A 50 -2.45 -3.79 11.44
C PRO A 50 -1.12 -3.75 12.17
N GLY A 51 -0.85 -2.63 12.84
CA GLY A 51 0.43 -2.44 13.51
C GLY A 51 0.72 -3.51 14.54
N GLU A 52 -0.33 -4.11 15.09
CA GLU A 52 -0.18 -5.09 16.15
C GLU A 52 0.53 -6.36 15.67
N ARG A 53 0.23 -6.81 14.46
CA ARG A 53 0.71 -8.10 13.99
C ARG A 53 2.12 -8.06 13.43
N ARG A 54 3.01 -7.29 14.04
CA ARG A 54 4.36 -7.15 13.52
C ARG A 54 5.06 -8.50 13.46
N GLY A 55 4.89 -9.31 14.50
CA GLY A 55 5.49 -10.64 14.53
C GLY A 55 4.99 -11.51 13.39
N GLU A 56 3.68 -11.51 13.15
CA GLU A 56 3.13 -12.26 12.03
C GLU A 56 3.73 -11.77 10.72
N LEU A 57 3.87 -10.45 10.58
CA LEU A 57 4.40 -9.88 9.36
C LEU A 57 5.81 -10.36 9.10
N GLU A 58 6.64 -10.34 10.15
CA GLU A 58 8.01 -10.82 10.02
C GLU A 58 8.01 -12.28 9.61
N ALA A 59 7.15 -13.07 10.24
CA ALA A 59 7.07 -14.49 9.93
C ALA A 59 6.65 -14.69 8.47
N ILE A 60 5.69 -13.90 8.02
CA ILE A 60 5.17 -14.04 6.67
C ILE A 60 6.30 -13.79 5.67
N VAL A 61 7.05 -12.71 5.90
CA VAL A 61 8.11 -12.34 4.98
C VAL A 61 9.11 -13.48 4.91
N GLU A 62 9.45 -14.05 6.07
CA GLU A 62 10.41 -15.14 6.10
C GLU A 62 9.86 -16.38 5.42
N MET A 63 8.57 -16.65 5.59
CA MET A 63 7.93 -17.79 4.93
C MET A 63 7.95 -17.58 3.42
N LEU A 64 7.76 -16.34 2.98
CA LEU A 64 7.85 -16.01 1.57
C LEU A 64 9.29 -16.16 1.08
N GLY A 65 10.23 -16.15 2.02
CA GLY A 65 11.64 -16.26 1.68
C GLY A 65 12.35 -14.93 1.68
N GLY A 66 11.60 -13.85 1.90
CA GLY A 66 12.17 -12.52 1.85
C GLY A 66 12.81 -12.10 3.16
N ARG A 67 13.45 -10.93 3.17
CA ARG A 67 14.04 -10.40 4.39
C ARG A 67 13.56 -8.96 4.60
N VAL A 68 13.33 -8.57 5.85
CA VAL A 68 12.94 -7.20 6.14
C VAL A 68 14.16 -6.30 6.01
N MET A 69 14.13 -5.40 5.03
CA MET A 69 15.29 -4.57 4.74
C MET A 69 15.55 -3.58 5.88
N GLU A 70 14.50 -2.89 6.32
CA GLU A 70 14.59 -1.94 7.42
C GLU A 70 13.23 -1.63 8.03
N GLU A 71 13.21 -1.34 9.33
CA GLU A 71 12.00 -0.90 10.00
C GLU A 71 12.02 0.61 10.20
N LEU A 72 10.99 1.29 9.69
CA LEU A 72 10.94 2.75 9.75
C LEU A 72 9.77 3.21 10.60
N ASP A 73 9.82 4.44 11.08
CA ASP A 73 8.82 4.96 12.00
C ASP A 73 7.42 4.77 11.43
N TYR A 74 7.31 4.84 10.11
CA TYR A 74 6.01 4.75 9.44
C TYR A 74 5.79 3.39 8.80
N GLY A 75 6.56 2.39 9.22
CA GLY A 75 6.39 1.04 8.70
C GLY A 75 7.70 0.46 8.18
N PHE A 76 7.68 -0.81 7.78
CA PHE A 76 8.92 -1.48 7.41
C PHE A 76 8.96 -1.84 5.93
N LEU A 77 10.16 -1.74 5.35
CA LEU A 77 10.39 -2.19 3.99
C LEU A 77 10.94 -3.61 4.01
N ALA A 78 10.27 -4.54 3.34
CA ALA A 78 10.74 -5.91 3.25
C ALA A 78 11.00 -6.29 1.81
N GLU A 79 12.20 -6.78 1.51
CA GLU A 79 12.48 -7.29 0.17
C GLU A 79 12.07 -8.76 0.09
N ILE A 80 11.14 -9.07 -0.81
CA ILE A 80 10.74 -10.44 -1.03
C ILE A 80 11.20 -10.87 -2.42
N GLY A 81 12.17 -11.77 -2.47
CA GLY A 81 12.76 -12.14 -3.75
C GLY A 81 13.24 -10.92 -4.52
N ASP A 82 12.73 -10.76 -5.74
CA ASP A 82 13.16 -9.66 -6.61
C ASP A 82 12.23 -8.46 -6.49
N GLU A 83 11.27 -8.51 -5.57
CA GLU A 83 10.32 -7.41 -5.41
C GLU A 83 10.37 -6.80 -4.02
N LEU A 84 9.94 -5.55 -3.90
CA LEU A 84 9.91 -4.88 -2.60
C LEU A 84 8.49 -4.79 -2.04
N LEU A 85 8.34 -5.16 -0.77
CA LEU A 85 7.06 -4.99 -0.09
C LEU A 85 7.13 -3.81 0.87
N ASP A 86 6.32 -2.79 0.61
CA ASP A 86 6.19 -1.66 1.53
C ASP A 86 4.99 -1.86 2.46
N CYS A 87 5.27 -2.10 3.73
CA CYS A 87 4.19 -2.38 4.67
C CYS A 87 3.76 -1.12 5.41
N GLU A 88 2.48 -0.79 5.29
CA GLU A 88 1.92 0.38 5.96
C GLU A 88 1.15 -0.04 7.21
N PRO A 89 1.54 0.45 8.39
CA PRO A 89 0.85 0.11 9.63
C PRO A 89 -0.58 0.64 9.66
N ALA A 90 -1.51 -0.18 10.13
CA ALA A 90 -2.87 0.28 10.36
C ALA A 90 -3.16 0.28 11.86
N TRP A 91 -3.59 1.43 12.38
CA TRP A 91 -3.77 1.56 13.82
C TRP A 91 -5.19 1.16 14.23
N TRP A 92 -5.28 0.26 15.19
CA TRP A 92 -6.59 -0.14 15.71
C TRP A 92 -7.05 0.87 16.76
N ALA A 93 -7.95 1.77 16.36
CA ALA A 93 -8.40 2.83 17.24
C ALA A 93 -9.89 3.11 17.03
N ASP A 94 -10.57 3.50 18.10
CA ASP A 94 -12.01 3.73 18.02
C ASP A 94 -12.70 2.50 17.43
N GLU A 95 -12.24 1.32 17.80
CA GLU A 95 -12.85 0.08 17.34
C GLU A 95 -12.78 -0.06 15.83
N ALA A 96 -11.72 0.46 15.21
CA ALA A 96 -11.52 0.28 13.78
C ALA A 96 -10.04 0.40 13.41
N TYR A 97 -9.66 -0.20 12.29
CA TYR A 97 -8.29 -0.06 11.79
C TYR A 97 -8.19 1.08 10.78
N GLU A 98 -7.32 2.04 11.06
CA GLU A 98 -7.21 3.23 10.23
C GLU A 98 -5.76 3.60 9.96
N ILE A 99 -5.52 4.24 8.83
CA ILE A 99 -4.17 4.70 8.49
C ILE A 99 -3.83 5.93 9.32
N ALA A 100 -2.58 6.02 9.77
CA ALA A 100 -2.19 7.09 10.68
C ALA A 100 -2.53 8.46 10.10
N GLU A 101 -3.15 9.30 10.91
CA GLU A 101 -3.48 10.66 10.50
C GLU A 101 -4.25 10.68 9.18
N ALA A 102 -5.09 9.67 8.96
CA ALA A 102 -5.92 9.63 7.77
C ALA A 102 -7.41 9.74 8.12
N PRO A 103 -8.23 10.18 7.16
CA PRO A 103 -9.67 10.33 7.41
C PRO A 103 -10.34 9.01 7.79
N GLN A 104 -11.43 9.09 8.55
CA GLN A 104 -12.15 7.91 8.97
C GLN A 104 -12.66 7.14 7.75
N GLY A 105 -12.50 5.82 7.76
CA GLY A 105 -12.82 5.01 6.61
C GLY A 105 -11.64 4.85 5.67
N SER A 106 -10.44 5.20 6.14
CA SER A 106 -9.24 5.06 5.34
C SER A 106 -9.03 3.61 4.93
N CYS A 107 -9.29 2.67 5.85
CA CYS A 107 -9.18 1.25 5.52
C CYS A 107 -10.52 0.55 5.73
N PRO A 108 -11.30 0.36 4.66
CA PRO A 108 -12.60 -0.30 4.76
C PRO A 108 -12.49 -1.78 5.13
N GLU A 109 -13.35 -2.23 6.05
CA GLU A 109 -13.44 -3.64 6.38
C GLU A 109 -14.10 -4.43 5.24
N ALA A 110 -14.91 -3.74 4.44
CA ALA A 110 -15.50 -4.36 3.26
C ALA A 110 -14.42 -4.61 2.20
N ALA A 111 -14.57 -5.69 1.42
CA ALA A 111 -13.60 -5.98 0.36
C ALA A 111 -13.76 -5.01 -0.80
N GLU A 112 -12.91 -3.99 -0.83
CA GLU A 112 -13.05 -2.90 -1.79
C GLU A 112 -12.63 -3.31 -3.21
N GLY A 113 -11.48 -3.94 -3.35
CA GLY A 113 -10.92 -4.20 -4.66
C GLY A 113 -10.90 -5.66 -5.07
N VAL A 114 -10.49 -5.93 -6.31
CA VAL A 114 -10.31 -7.29 -6.79
C VAL A 114 -8.94 -7.44 -7.45
N ILE A 115 -8.19 -8.45 -7.04
CA ILE A 115 -6.91 -8.75 -7.68
C ILE A 115 -6.93 -10.16 -8.28
N ALA A 116 -6.64 -10.25 -9.57
CA ALA A 116 -6.57 -11.55 -10.24
C ALA A 116 -7.82 -12.38 -9.97
N GLY A 117 -8.97 -11.72 -9.90
CA GLY A 117 -10.23 -12.43 -9.73
C GLY A 117 -10.54 -12.77 -8.29
N ARG A 118 -9.70 -12.32 -7.36
CA ARG A 118 -9.97 -12.53 -5.95
C ARG A 118 -10.31 -11.21 -5.26
N PRO A 119 -11.48 -11.12 -4.61
CA PRO A 119 -11.87 -9.90 -3.92
C PRO A 119 -10.98 -9.65 -2.70
N VAL A 120 -10.52 -8.42 -2.54
CA VAL A 120 -9.59 -8.09 -1.47
C VAL A 120 -9.93 -6.75 -0.83
N ARG A 121 -9.70 -6.62 0.46
CA ARG A 121 -9.84 -5.33 1.13
C ARG A 121 -8.74 -4.38 0.68
N CYS A 122 -9.11 -3.14 0.38
CA CYS A 122 -8.17 -2.18 -0.17
C CYS A 122 -8.22 -0.85 0.57
N ASN A 123 -7.12 -0.10 0.51
CA ASN A 123 -7.11 1.25 1.05
C ASN A 123 -8.12 2.11 0.29
N SER A 124 -8.93 2.88 1.00
CA SER A 124 -10.00 3.62 0.37
C SER A 124 -9.50 4.75 -0.52
N TRP A 125 -10.33 5.17 -1.47
CA TRP A 125 -9.94 6.26 -2.36
C TRP A 125 -9.50 7.46 -1.54
N GLU A 126 -10.24 7.76 -0.49
CA GLU A 126 -9.91 8.89 0.37
C GLU A 126 -8.52 8.72 0.96
N ALA A 127 -8.22 7.53 1.45
CA ALA A 127 -6.90 7.25 2.02
C ALA A 127 -5.83 7.44 0.95
N ILE A 128 -6.10 6.92 -0.25
CA ILE A 128 -5.12 6.96 -1.33
C ILE A 128 -4.84 8.41 -1.69
N ILE A 129 -5.90 9.20 -1.81
CA ILE A 129 -5.76 10.60 -2.20
C ILE A 129 -5.03 11.37 -1.10
N TRP A 130 -5.36 11.09 0.15
CA TRP A 130 -4.65 11.70 1.27
C TRP A 130 -3.15 11.40 1.15
N ASP A 131 -2.83 10.15 0.87
CA ASP A 131 -1.43 9.73 0.80
C ASP A 131 -0.72 10.47 -0.33
N TYR A 132 -1.35 10.52 -1.49
CA TYR A 132 -0.76 11.20 -2.64
C TYR A 132 -0.62 12.70 -2.39
N PHE A 133 -1.64 13.30 -1.77
CA PHE A 133 -1.60 14.74 -1.53
C PHE A 133 -0.47 15.04 -0.57
N TYR A 134 -0.25 14.15 0.40
CA TYR A 134 0.90 14.26 1.30
C TYR A 134 2.19 14.24 0.50
N TYR A 135 2.25 13.36 -0.49
CA TYR A 135 3.42 13.31 -1.38
C TYR A 135 3.59 14.64 -2.10
N ALA A 136 2.49 15.27 -2.49
CA ALA A 136 2.56 16.57 -3.16
C ALA A 136 3.21 17.59 -2.25
N ASP A 137 2.92 17.53 -0.95
CA ASP A 137 3.56 18.40 0.02
C ASP A 137 5.05 18.11 0.09
N GLU A 138 5.41 16.83 0.10
CA GLU A 138 6.81 16.44 0.20
C GLU A 138 7.57 16.70 -1.10
N VAL A 139 6.97 16.30 -2.21
CA VAL A 139 7.61 16.39 -3.51
C VAL A 139 6.69 17.09 -4.51
N PRO A 140 7.20 18.10 -5.22
CA PRO A 140 6.37 18.84 -6.18
C PRO A 140 5.81 17.97 -7.29
N PRO A 141 4.58 18.27 -7.73
CA PRO A 141 3.95 17.52 -8.81
C PRO A 141 4.78 17.50 -10.09
N VAL A 142 5.56 18.56 -10.29
CA VAL A 142 6.46 18.63 -11.43
C VAL A 142 7.43 17.46 -11.36
N ASP A 143 7.87 17.13 -10.15
CA ASP A 143 8.84 16.06 -9.94
C ASP A 143 8.15 14.70 -9.82
N TRP A 144 6.82 14.70 -9.82
CA TRP A 144 6.07 13.45 -9.77
C TRP A 144 6.22 12.64 -11.05
N PRO A 145 6.41 11.33 -10.95
CA PRO A 145 6.51 10.47 -12.12
C PRO A 145 5.16 10.31 -12.81
N THR A 146 5.17 10.04 -14.11
CA THR A 146 3.94 10.00 -14.89
C THR A 146 2.93 9.03 -14.28
N LYS A 147 3.40 7.84 -13.89
CA LYS A 147 2.51 6.84 -13.34
C LYS A 147 1.81 7.37 -12.09
N HIS A 148 2.57 8.03 -11.22
CA HIS A 148 1.99 8.57 -9.99
C HIS A 148 0.95 9.62 -10.32
N ILE A 149 1.27 10.49 -11.28
CA ILE A 149 0.35 11.56 -11.66
C ILE A 149 -0.94 10.93 -12.15
N GLU A 150 -0.83 9.92 -13.01
CA GLU A 150 -2.01 9.28 -13.58
C GLU A 150 -2.82 8.60 -12.48
N SER A 151 -2.12 7.97 -11.55
CA SER A 151 -2.78 7.26 -10.45
C SER A 151 -3.59 8.25 -9.63
N TYR A 152 -2.99 9.41 -9.35
CA TYR A 152 -3.68 10.45 -8.59
C TYR A 152 -4.92 10.91 -9.35
N ARG A 153 -4.77 11.11 -10.65
CA ARG A 153 -5.88 11.55 -11.48
C ARG A 153 -7.01 10.53 -11.43
N LEU A 154 -6.67 9.26 -11.56
CA LEU A 154 -7.67 8.20 -11.57
C LEU A 154 -8.40 8.18 -10.23
N ALA A 155 -7.65 8.27 -9.14
CA ALA A 155 -8.23 8.23 -7.81
C ALA A 155 -9.18 9.41 -7.61
N CYS A 156 -8.74 10.59 -8.00
CA CYS A 156 -9.53 11.79 -7.80
C CYS A 156 -10.83 11.70 -8.60
N THR A 157 -10.71 11.28 -9.85
CA THR A 157 -11.87 11.16 -10.72
C THR A 157 -12.84 10.15 -10.11
N SER A 158 -12.31 9.03 -9.62
CA SER A 158 -13.15 7.96 -9.11
C SER A 158 -13.93 8.43 -7.88
N LEU A 159 -13.25 9.14 -6.99
CA LEU A 159 -13.90 9.61 -5.77
C LEU A 159 -14.90 10.72 -6.06
N GLY A 160 -14.57 11.59 -7.00
CA GLY A 160 -15.39 12.76 -7.28
C GLY A 160 -14.71 14.05 -6.88
N ALA A 161 -14.83 15.07 -7.72
CA ALA A 161 -14.09 16.32 -7.54
C ALA A 161 -14.41 16.96 -6.20
N GLU A 162 -15.69 17.07 -5.86
CA GLU A 162 -16.08 17.77 -4.63
C GLU A 162 -15.46 17.10 -3.41
N LYS A 163 -15.52 15.78 -3.37
CA LYS A 163 -14.97 15.03 -2.24
C LYS A 163 -13.46 15.25 -2.16
N VAL A 164 -12.80 15.23 -3.31
CA VAL A 164 -11.36 15.43 -3.36
C VAL A 164 -11.04 16.82 -2.84
N GLU A 165 -11.84 17.80 -3.25
CA GLU A 165 -11.60 19.18 -2.82
C GLU A 165 -11.70 19.27 -1.30
N VAL A 166 -12.70 18.59 -0.74
CA VAL A 166 -12.90 18.61 0.71
C VAL A 166 -11.68 17.99 1.38
N LEU A 167 -11.19 16.88 0.82
CA LEU A 167 -10.02 16.21 1.38
C LEU A 167 -8.82 17.14 1.35
N ARG A 168 -8.63 17.83 0.23
CA ARG A 168 -7.49 18.72 0.08
C ARG A 168 -7.54 19.82 1.13
N ALA A 169 -8.72 20.40 1.32
CA ALA A 169 -8.89 21.43 2.34
C ALA A 169 -8.58 20.87 3.72
N ALA A 170 -9.06 19.66 3.99
CA ALA A 170 -8.83 19.04 5.29
C ALA A 170 -7.34 18.83 5.53
N PHE A 171 -6.63 18.37 4.50
CA PHE A 171 -5.19 18.16 4.63
C PHE A 171 -4.49 19.47 4.87
N ARG A 172 -4.83 20.49 4.07
CA ARG A 172 -4.15 21.77 4.14
C ARG A 172 -4.31 22.38 5.53
N SER A 173 -5.54 22.34 6.04
CA SER A 173 -5.82 22.83 7.39
C SER A 173 -5.02 22.06 8.43
N ARG A 174 -4.98 20.73 8.28
CA ARG A 174 -4.24 19.91 9.24
C ARG A 174 -2.76 20.27 9.19
N TYR A 175 -2.23 20.43 7.99
CA TYR A 175 -0.81 20.77 7.82
C TYR A 175 -0.52 22.12 8.48
N ALA A 176 -1.41 23.10 8.25
CA ALA A 176 -1.22 24.42 8.82
C ALA A 176 -1.22 24.33 10.34
N ALA A 177 -2.13 23.53 10.89
CA ALA A 177 -2.20 23.36 12.34
C ALA A 177 -0.89 22.76 12.85
N LEU A 178 -0.37 21.77 12.13
CA LEU A 178 0.88 21.12 12.54
C LEU A 178 2.01 22.15 12.56
N GLU A 179 2.09 22.97 11.52
CA GLU A 179 3.13 23.97 11.45
C GLU A 179 3.01 24.96 12.59
N HIS A 180 1.78 25.40 12.88
CA HIS A 180 1.55 26.32 13.99
C HIS A 180 2.00 25.70 15.30
N HIS A 181 1.66 24.42 15.50
CA HIS A 181 2.06 23.71 16.70
C HIS A 181 3.59 23.71 16.80
N HIS A 182 4.24 23.43 15.68
CA HIS A 182 5.69 23.35 15.66
C HIS A 182 6.30 24.71 15.98
N HIS A 183 5.72 25.77 15.40
CA HIS A 183 6.23 27.12 15.62
C HIS A 183 6.04 27.52 17.08
N HIS A 184 4.93 27.10 17.68
CA HIS A 184 4.70 27.35 19.10
C HIS A 184 5.75 26.63 19.93
N HIS A 185 6.19 25.47 19.46
CA HIS A 185 7.15 24.67 20.21
C HIS A 185 8.56 24.75 19.62
N MET A 1 6.33 -9.74 -16.04
CA MET A 1 6.50 -9.05 -14.76
C MET A 1 5.17 -8.95 -14.02
N ASP A 2 4.11 -8.63 -14.75
CA ASP A 2 2.81 -8.42 -14.12
C ASP A 2 2.36 -9.66 -13.38
N THR A 3 2.54 -10.83 -14.00
CA THR A 3 2.18 -12.09 -13.37
C THR A 3 2.96 -12.25 -12.06
N THR A 4 4.25 -11.95 -12.10
CA THR A 4 5.11 -12.11 -10.94
C THR A 4 4.64 -11.18 -9.82
N GLN A 5 4.24 -9.96 -10.20
CA GLN A 5 3.74 -9.00 -9.23
C GLN A 5 2.45 -9.51 -8.59
N VAL A 6 1.52 -9.95 -9.44
CA VAL A 6 0.22 -10.43 -8.96
C VAL A 6 0.44 -11.67 -8.09
N THR A 7 1.32 -12.55 -8.53
CA THR A 7 1.57 -13.79 -7.81
C THR A 7 2.08 -13.49 -6.41
N LEU A 8 3.01 -12.54 -6.31
CA LEU A 8 3.54 -12.17 -5.00
C LEU A 8 2.42 -11.62 -4.12
N ILE A 9 1.58 -10.76 -4.70
CA ILE A 9 0.47 -10.18 -3.95
C ILE A 9 -0.41 -11.32 -3.44
N HIS A 10 -0.70 -12.29 -4.31
CA HIS A 10 -1.55 -13.40 -3.94
C HIS A 10 -0.92 -14.21 -2.81
N LYS A 11 0.39 -14.43 -2.91
CA LYS A 11 1.09 -15.18 -1.87
C LYS A 11 0.95 -14.46 -0.53
N ILE A 12 1.14 -13.15 -0.56
CA ILE A 12 1.07 -12.35 0.67
C ILE A 12 -0.35 -12.45 1.22
N LEU A 13 -1.34 -12.37 0.32
CA LEU A 13 -2.73 -12.48 0.73
C LEU A 13 -2.96 -13.82 1.42
N ALA A 14 -2.49 -14.90 0.80
CA ALA A 14 -2.72 -16.23 1.33
C ALA A 14 -2.10 -16.35 2.72
N ALA A 15 -0.89 -15.83 2.87
CA ALA A 15 -0.21 -15.85 4.16
C ALA A 15 -1.03 -15.08 5.19
N ALA A 16 -1.55 -13.93 4.79
CA ALA A 16 -2.34 -13.10 5.70
C ALA A 16 -3.59 -13.85 6.15
N ASP A 17 -4.26 -14.51 5.22
CA ASP A 17 -5.43 -15.32 5.57
C ASP A 17 -5.04 -16.38 6.59
N GLU A 18 -3.90 -17.04 6.36
CA GLU A 18 -3.45 -18.09 7.27
C GLU A 18 -3.14 -17.51 8.65
N ARG A 19 -2.58 -16.31 8.67
CA ARG A 19 -2.18 -15.67 9.92
C ARG A 19 -3.36 -14.99 10.61
N ASN A 20 -4.53 -15.05 9.98
CA ASN A 20 -5.69 -14.33 10.49
C ASN A 20 -5.37 -12.84 10.55
N LEU A 21 -4.59 -12.39 9.57
CA LEU A 21 -4.10 -11.02 9.54
C LEU A 21 -4.82 -10.20 8.47
N PRO A 22 -5.54 -9.15 8.87
CA PRO A 22 -6.24 -8.32 7.90
C PRO A 22 -5.27 -7.66 6.92
N LEU A 23 -5.59 -7.68 5.64
CA LEU A 23 -4.71 -7.13 4.62
C LEU A 23 -5.44 -6.11 3.76
N TRP A 24 -4.88 -4.89 3.65
CA TRP A 24 -5.42 -3.89 2.75
C TRP A 24 -4.43 -3.60 1.63
N ILE A 25 -4.92 -3.55 0.40
CA ILE A 25 -4.09 -3.23 -0.75
C ILE A 25 -3.94 -1.72 -0.80
N GLY A 26 -2.71 -1.22 -0.95
CA GLY A 26 -2.50 0.22 -0.86
C GLY A 26 -2.14 0.91 -2.17
N GLY A 27 -2.29 2.23 -2.17
CA GLY A 27 -1.83 3.07 -3.27
C GLY A 27 -2.35 2.65 -4.64
N GLY A 28 -1.48 2.73 -5.64
CA GLY A 28 -1.86 2.42 -7.00
C GLY A 28 -2.42 1.02 -7.13
N TRP A 29 -1.85 0.07 -6.41
CA TRP A 29 -2.36 -1.30 -6.42
C TRP A 29 -3.81 -1.32 -5.97
N ALA A 30 -4.13 -0.54 -4.93
CA ALA A 30 -5.51 -0.43 -4.47
C ALA A 30 -6.37 0.16 -5.59
N ILE A 31 -5.85 1.18 -6.25
CA ILE A 31 -6.61 1.87 -7.29
C ILE A 31 -6.96 0.84 -8.38
N ASP A 32 -5.95 0.11 -8.82
CA ASP A 32 -6.13 -0.87 -9.90
C ASP A 32 -7.09 -1.97 -9.47
N ALA A 33 -6.98 -2.42 -8.22
CA ALA A 33 -7.87 -3.44 -7.72
C ALA A 33 -9.31 -2.96 -7.73
N ARG A 34 -9.52 -1.72 -7.29
CA ARG A 34 -10.86 -1.15 -7.28
C ARG A 34 -11.39 -0.96 -8.69
N LEU A 35 -10.51 -0.54 -9.61
CA LEU A 35 -10.87 -0.43 -11.01
C LEU A 35 -11.23 -1.81 -11.56
N GLY A 36 -10.61 -2.85 -11.00
CA GLY A 36 -10.79 -4.20 -11.51
C GLY A 36 -9.78 -4.55 -12.58
N ARG A 37 -8.85 -3.64 -12.85
CA ARG A 37 -7.89 -3.85 -13.93
C ARG A 37 -6.48 -3.44 -13.52
N VAL A 38 -5.52 -4.33 -13.76
CA VAL A 38 -4.12 -4.00 -13.51
C VAL A 38 -3.58 -3.23 -14.72
N THR A 39 -3.72 -1.92 -14.67
CA THR A 39 -3.35 -1.07 -15.80
C THR A 39 -1.84 -0.99 -15.98
N ARG A 40 -1.11 -0.85 -14.87
CA ARG A 40 0.33 -0.60 -14.95
C ARG A 40 1.11 -1.52 -14.01
N LYS A 41 2.30 -1.94 -14.46
CA LYS A 41 3.18 -2.73 -13.62
C LYS A 41 3.87 -1.83 -12.59
N HIS A 42 3.94 -2.28 -11.34
CA HIS A 42 4.62 -1.50 -10.31
C HIS A 42 5.61 -2.37 -9.54
N ASP A 43 6.87 -1.95 -9.51
CA ASP A 43 7.91 -2.75 -8.87
C ASP A 43 7.68 -2.83 -7.36
N ASP A 44 7.31 -1.71 -6.75
CA ASP A 44 6.98 -1.68 -5.33
C ASP A 44 5.54 -2.13 -5.07
N ILE A 45 5.35 -2.94 -4.03
CA ILE A 45 4.00 -3.29 -3.61
C ILE A 45 3.73 -2.75 -2.21
N ASP A 46 2.80 -1.81 -2.10
CA ASP A 46 2.48 -1.20 -0.82
C ASP A 46 1.21 -1.81 -0.23
N LEU A 47 1.36 -2.52 0.89
CA LEU A 47 0.22 -3.16 1.52
C LEU A 47 0.05 -2.68 2.97
N THR A 48 -1.20 -2.51 3.39
CA THR A 48 -1.48 -1.97 4.72
C THR A 48 -1.85 -3.10 5.68
N PHE A 49 -1.16 -3.18 6.81
CA PHE A 49 -1.38 -4.24 7.77
C PHE A 49 -1.50 -3.67 9.19
N PRO A 50 -2.31 -4.30 10.04
CA PRO A 50 -2.46 -3.84 11.42
C PRO A 50 -1.14 -3.77 12.15
N GLY A 51 -0.90 -2.66 12.84
CA GLY A 51 0.38 -2.44 13.51
C GLY A 51 0.68 -3.52 14.54
N GLU A 52 -0.37 -4.13 15.08
CA GLU A 52 -0.22 -5.12 16.15
C GLU A 52 0.52 -6.36 15.68
N ARG A 53 0.25 -6.82 14.47
CA ARG A 53 0.75 -8.12 14.01
C ARG A 53 2.19 -8.05 13.49
N ARG A 54 3.04 -7.24 14.10
CA ARG A 54 4.39 -7.06 13.59
C ARG A 54 5.13 -8.39 13.51
N GLY A 55 4.99 -9.20 14.56
CA GLY A 55 5.64 -10.51 14.58
C GLY A 55 5.16 -11.40 13.45
N GLU A 56 3.86 -11.44 13.22
CA GLU A 56 3.31 -12.23 12.11
C GLU A 56 3.90 -11.73 10.80
N LEU A 57 3.98 -10.41 10.65
CA LEU A 57 4.47 -9.83 9.40
C LEU A 57 5.89 -10.28 9.13
N GLU A 58 6.73 -10.26 10.17
CA GLU A 58 8.09 -10.74 10.03
C GLU A 58 8.10 -12.21 9.62
N ALA A 59 7.23 -12.99 10.27
CA ALA A 59 7.15 -14.42 9.95
C ALA A 59 6.72 -14.61 8.50
N ILE A 60 5.75 -13.82 8.06
CA ILE A 60 5.20 -13.96 6.71
C ILE A 60 6.32 -13.70 5.70
N VAL A 61 7.08 -12.64 5.93
CA VAL A 61 8.14 -12.26 5.00
C VAL A 61 9.14 -13.41 4.92
N GLU A 62 9.47 -13.98 6.07
CA GLU A 62 10.43 -15.08 6.11
C GLU A 62 9.87 -16.32 5.42
N MET A 63 8.56 -16.57 5.60
CA MET A 63 7.92 -17.70 4.93
C MET A 63 7.96 -17.50 3.42
N LEU A 64 7.79 -16.26 2.98
CA LEU A 64 7.89 -15.91 1.58
C LEU A 64 9.33 -16.07 1.09
N GLY A 65 10.27 -16.08 2.04
CA GLY A 65 11.68 -16.19 1.70
C GLY A 65 12.40 -14.85 1.69
N GLY A 66 11.64 -13.78 1.91
CA GLY A 66 12.21 -12.45 1.86
C GLY A 66 12.85 -12.02 3.17
N ARG A 67 13.49 -10.86 3.17
CA ARG A 67 14.07 -10.31 4.39
C ARG A 67 13.59 -8.88 4.60
N VAL A 68 13.35 -8.50 5.85
CA VAL A 68 12.94 -7.13 6.14
C VAL A 68 14.15 -6.22 6.03
N MET A 69 14.14 -5.32 5.06
CA MET A 69 15.29 -4.47 4.78
C MET A 69 15.53 -3.50 5.93
N GLU A 70 14.49 -2.81 6.36
CA GLU A 70 14.58 -1.86 7.47
C GLU A 70 13.21 -1.56 8.07
N GLU A 71 13.19 -1.27 9.36
CA GLU A 71 11.97 -0.84 10.04
C GLU A 71 11.99 0.68 10.25
N LEU A 72 10.98 1.36 9.73
CA LEU A 72 10.93 2.81 9.79
C LEU A 72 9.78 3.29 10.67
N ASP A 73 9.84 4.53 11.11
CA ASP A 73 8.86 5.05 12.05
C ASP A 73 7.44 4.85 11.51
N TYR A 74 7.30 4.89 10.20
CA TYR A 74 5.98 4.80 9.57
C TYR A 74 5.76 3.44 8.92
N GLY A 75 6.57 2.45 9.28
CA GLY A 75 6.40 1.10 8.77
C GLY A 75 7.69 0.51 8.24
N PHE A 76 7.67 -0.75 7.84
CA PHE A 76 8.91 -1.42 7.45
C PHE A 76 8.93 -1.78 5.96
N LEU A 77 10.12 -1.70 5.37
CA LEU A 77 10.31 -2.14 4.00
C LEU A 77 10.92 -3.54 3.99
N ALA A 78 10.27 -4.47 3.30
CA ALA A 78 10.77 -5.84 3.22
C ALA A 78 11.06 -6.22 1.77
N GLU A 79 12.25 -6.75 1.52
CA GLU A 79 12.57 -7.23 0.18
C GLU A 79 12.20 -8.70 0.05
N ILE A 80 11.29 -9.01 -0.86
CA ILE A 80 10.87 -10.39 -1.08
C ILE A 80 11.23 -10.80 -2.51
N GLY A 81 12.13 -11.76 -2.65
CA GLY A 81 12.62 -12.12 -3.97
C GLY A 81 13.16 -10.92 -4.72
N ASP A 82 12.66 -10.69 -5.93
CA ASP A 82 13.09 -9.56 -6.74
C ASP A 82 12.16 -8.36 -6.59
N GLU A 83 11.22 -8.43 -5.66
CA GLU A 83 10.28 -7.33 -5.46
C GLU A 83 10.36 -6.73 -4.06
N LEU A 84 9.93 -5.49 -3.92
CA LEU A 84 9.91 -4.83 -2.62
C LEU A 84 8.49 -4.76 -2.05
N LEU A 85 8.34 -5.16 -0.79
CA LEU A 85 7.07 -5.01 -0.10
C LEU A 85 7.14 -3.84 0.88
N ASP A 86 6.34 -2.81 0.63
CA ASP A 86 6.23 -1.68 1.54
C ASP A 86 5.03 -1.87 2.47
N CYS A 87 5.30 -2.05 3.76
CA CYS A 87 4.23 -2.34 4.71
C CYS A 87 3.80 -1.09 5.47
N GLU A 88 2.53 -0.73 5.35
CA GLU A 88 1.99 0.43 6.04
C GLU A 88 1.18 0.00 7.27
N PRO A 89 1.57 0.45 8.46
CA PRO A 89 0.85 0.09 9.68
C PRO A 89 -0.57 0.64 9.70
N ALA A 90 -1.53 -0.19 10.12
CA ALA A 90 -2.89 0.27 10.33
C ALA A 90 -3.20 0.24 11.82
N TRP A 91 -3.62 1.37 12.37
CA TRP A 91 -3.82 1.46 13.81
C TRP A 91 -5.25 1.10 14.20
N TRP A 92 -5.38 0.19 15.16
CA TRP A 92 -6.70 -0.18 15.65
C TRP A 92 -7.15 0.82 16.71
N ALA A 93 -8.04 1.72 16.32
CA ALA A 93 -8.47 2.80 17.21
C ALA A 93 -9.97 3.05 17.06
N ASP A 94 -10.63 3.38 18.17
CA ASP A 94 -12.07 3.60 18.16
C ASP A 94 -12.77 2.41 17.50
N GLU A 95 -12.29 1.21 17.80
CA GLU A 95 -12.92 -0.01 17.29
C GLU A 95 -12.86 -0.08 15.77
N ALA A 96 -11.79 0.44 15.17
CA ALA A 96 -11.59 0.32 13.73
C ALA A 96 -10.11 0.41 13.37
N TYR A 97 -9.72 -0.24 12.28
CA TYR A 97 -8.36 -0.12 11.78
C TYR A 97 -8.27 1.01 10.76
N GLU A 98 -7.44 2.00 11.03
CA GLU A 98 -7.32 3.16 10.15
C GLU A 98 -5.86 3.55 9.94
N ILE A 99 -5.57 4.20 8.82
CA ILE A 99 -4.22 4.67 8.53
C ILE A 99 -3.92 5.91 9.38
N ALA A 100 -2.70 6.01 9.87
CA ALA A 100 -2.33 7.08 10.79
C ALA A 100 -2.66 8.44 10.18
N GLU A 101 -3.31 9.30 10.96
CA GLU A 101 -3.62 10.65 10.53
C GLU A 101 -4.35 10.67 9.19
N ALA A 102 -5.17 9.65 8.95
CA ALA A 102 -5.97 9.60 7.73
C ALA A 102 -7.46 9.73 8.04
N PRO A 103 -8.25 10.19 7.07
CA PRO A 103 -9.70 10.36 7.28
C PRO A 103 -10.38 9.05 7.66
N GLN A 104 -11.46 9.14 8.42
CA GLN A 104 -12.16 7.96 8.91
C GLN A 104 -12.64 7.12 7.73
N GLY A 105 -12.50 5.80 7.83
CA GLY A 105 -12.83 4.93 6.71
C GLY A 105 -11.68 4.80 5.72
N SER A 106 -10.48 5.18 6.14
CA SER A 106 -9.30 5.05 5.28
C SER A 106 -9.09 3.59 4.89
N CYS A 107 -9.34 2.67 5.82
CA CYS A 107 -9.27 1.25 5.51
C CYS A 107 -10.60 0.56 5.76
N PRO A 108 -11.40 0.36 4.70
CA PRO A 108 -12.70 -0.30 4.84
C PRO A 108 -12.59 -1.78 5.16
N GLU A 109 -13.43 -2.27 6.07
CA GLU A 109 -13.52 -3.69 6.35
C GLU A 109 -14.17 -4.45 5.19
N ALA A 110 -15.02 -3.77 4.43
CA ALA A 110 -15.59 -4.36 3.23
C ALA A 110 -14.52 -4.56 2.16
N ALA A 111 -14.62 -5.63 1.39
CA ALA A 111 -13.65 -5.88 0.33
C ALA A 111 -13.84 -4.87 -0.80
N GLU A 112 -12.88 -3.96 -0.95
CA GLU A 112 -13.03 -2.86 -1.89
C GLU A 112 -12.72 -3.24 -3.33
N GLY A 113 -11.62 -3.94 -3.55
CA GLY A 113 -11.17 -4.21 -4.91
C GLY A 113 -11.05 -5.68 -5.26
N VAL A 114 -10.67 -5.96 -6.50
CA VAL A 114 -10.45 -7.33 -6.94
C VAL A 114 -9.08 -7.46 -7.59
N ILE A 115 -8.31 -8.46 -7.18
CA ILE A 115 -7.03 -8.75 -7.82
C ILE A 115 -7.03 -10.17 -8.39
N ALA A 116 -6.76 -10.28 -9.69
CA ALA A 116 -6.67 -11.58 -10.34
C ALA A 116 -7.89 -12.44 -10.03
N GLY A 117 -9.07 -11.81 -9.96
CA GLY A 117 -10.30 -12.55 -9.76
C GLY A 117 -10.59 -12.87 -8.30
N ARG A 118 -9.75 -12.38 -7.39
CA ARG A 118 -10.01 -12.56 -5.96
C ARG A 118 -10.35 -11.22 -5.31
N PRO A 119 -11.52 -11.13 -4.66
CA PRO A 119 -11.91 -9.89 -3.99
C PRO A 119 -11.02 -9.60 -2.79
N VAL A 120 -10.57 -8.36 -2.66
CA VAL A 120 -9.62 -8.02 -1.60
C VAL A 120 -9.97 -6.67 -0.97
N ARG A 121 -9.72 -6.54 0.32
CA ARG A 121 -9.86 -5.26 0.99
C ARG A 121 -8.73 -4.31 0.58
N CYS A 122 -9.08 -3.06 0.28
CA CYS A 122 -8.11 -2.12 -0.23
C CYS A 122 -8.16 -0.80 0.52
N ASN A 123 -7.07 -0.04 0.48
CA ASN A 123 -7.06 1.31 1.04
C ASN A 123 -8.08 2.15 0.28
N SER A 124 -8.93 2.87 1.00
CA SER A 124 -10.04 3.59 0.36
C SER A 124 -9.54 4.73 -0.51
N TRP A 125 -10.37 5.15 -1.46
CA TRP A 125 -9.98 6.24 -2.36
C TRP A 125 -9.53 7.44 -1.54
N GLU A 126 -10.27 7.74 -0.47
CA GLU A 126 -9.92 8.86 0.39
C GLU A 126 -8.53 8.67 0.98
N ALA A 127 -8.23 7.47 1.46
CA ALA A 127 -6.91 7.18 2.00
C ALA A 127 -5.85 7.38 0.92
N ILE A 128 -6.13 6.87 -0.27
CA ILE A 128 -5.15 6.92 -1.36
C ILE A 128 -4.87 8.38 -1.70
N ILE A 129 -5.92 9.17 -1.81
CA ILE A 129 -5.78 10.58 -2.18
C ILE A 129 -5.04 11.31 -1.08
N TRP A 130 -5.36 11.02 0.18
CA TRP A 130 -4.65 11.62 1.30
C TRP A 130 -3.17 11.31 1.18
N ASP A 131 -2.83 10.06 0.88
CA ASP A 131 -1.44 9.65 0.78
C ASP A 131 -0.75 10.41 -0.35
N TYR A 132 -1.41 10.49 -1.50
CA TYR A 132 -0.84 11.17 -2.65
C TYR A 132 -0.69 12.65 -2.38
N PHE A 133 -1.68 13.25 -1.74
CA PHE A 133 -1.63 14.69 -1.46
C PHE A 133 -0.47 14.97 -0.52
N TYR A 134 -0.23 14.06 0.43
CA TYR A 134 0.94 14.16 1.29
C TYR A 134 2.21 14.15 0.46
N TYR A 135 2.25 13.28 -0.56
CA TYR A 135 3.39 13.25 -1.47
C TYR A 135 3.52 14.59 -2.18
N ALA A 136 2.41 15.20 -2.54
CA ALA A 136 2.44 16.51 -3.20
C ALA A 136 3.10 17.55 -2.30
N ASP A 137 2.83 17.46 -1.00
CA ASP A 137 3.47 18.35 -0.04
C ASP A 137 4.98 18.09 -0.02
N GLU A 138 5.36 16.82 -0.03
CA GLU A 138 6.78 16.46 0.02
C GLU A 138 7.48 16.74 -1.30
N VAL A 139 6.86 16.33 -2.39
CA VAL A 139 7.47 16.42 -3.71
C VAL A 139 6.52 17.10 -4.69
N PRO A 140 6.98 18.12 -5.41
CA PRO A 140 6.11 18.82 -6.37
C PRO A 140 5.59 17.93 -7.49
N PRO A 141 4.36 18.20 -7.95
CA PRO A 141 3.76 17.42 -9.03
C PRO A 141 4.63 17.43 -10.29
N VAL A 142 5.37 18.51 -10.48
CA VAL A 142 6.30 18.62 -11.61
C VAL A 142 7.30 17.47 -11.52
N ASP A 143 7.72 17.14 -10.30
CA ASP A 143 8.72 16.11 -10.10
C ASP A 143 8.07 14.74 -9.92
N TRP A 144 6.74 14.70 -9.95
CA TRP A 144 6.03 13.43 -9.86
C TRP A 144 6.21 12.59 -11.11
N PRO A 145 6.42 11.27 -10.96
CA PRO A 145 6.55 10.38 -12.10
C PRO A 145 5.21 10.21 -12.81
N THR A 146 5.24 9.92 -14.10
CA THR A 146 4.02 9.87 -14.90
C THR A 146 3.00 8.92 -14.28
N LYS A 147 3.45 7.75 -13.85
CA LYS A 147 2.55 6.76 -13.29
C LYS A 147 1.84 7.31 -12.06
N HIS A 148 2.59 7.99 -11.20
CA HIS A 148 2.01 8.57 -9.99
C HIS A 148 0.98 9.63 -10.36
N ILE A 149 1.31 10.46 -11.34
CA ILE A 149 0.40 11.52 -11.76
C ILE A 149 -0.89 10.87 -12.24
N GLU A 150 -0.76 9.83 -13.07
CA GLU A 150 -1.93 9.15 -13.60
C GLU A 150 -2.74 8.54 -12.47
N SER A 151 -2.05 7.93 -11.51
CA SER A 151 -2.73 7.27 -10.40
C SER A 151 -3.55 8.30 -9.62
N TYR A 152 -2.95 9.46 -9.36
CA TYR A 152 -3.62 10.51 -8.62
C TYR A 152 -4.85 10.98 -9.39
N ARG A 153 -4.70 11.16 -10.70
CA ARG A 153 -5.81 11.58 -11.54
C ARG A 153 -6.95 10.56 -11.47
N LEU A 154 -6.60 9.28 -11.57
CA LEU A 154 -7.60 8.23 -11.56
C LEU A 154 -8.33 8.22 -10.23
N ALA A 155 -7.58 8.33 -9.14
CA ALA A 155 -8.16 8.30 -7.80
C ALA A 155 -9.12 9.47 -7.62
N CYS A 156 -8.67 10.66 -8.02
CA CYS A 156 -9.46 11.86 -7.81
C CYS A 156 -10.75 11.77 -8.62
N THR A 157 -10.63 11.36 -9.87
CA THR A 157 -11.80 11.24 -10.75
C THR A 157 -12.77 10.24 -10.14
N SER A 158 -12.25 9.11 -9.66
CA SER A 158 -13.08 8.05 -9.16
C SER A 158 -13.87 8.49 -7.93
N LEU A 159 -13.21 9.21 -7.02
CA LEU A 159 -13.86 9.67 -5.81
C LEU A 159 -14.86 10.79 -6.11
N GLY A 160 -14.51 11.65 -7.04
CA GLY A 160 -15.33 12.83 -7.33
C GLY A 160 -14.65 14.12 -6.90
N ALA A 161 -14.77 15.15 -7.74
CA ALA A 161 -14.04 16.39 -7.53
C ALA A 161 -14.36 17.02 -6.17
N GLU A 162 -15.63 17.12 -5.84
CA GLU A 162 -16.03 17.80 -4.61
C GLU A 162 -15.42 17.11 -3.40
N LYS A 163 -15.49 15.79 -3.37
CA LYS A 163 -14.94 15.03 -2.25
C LYS A 163 -13.43 15.25 -2.16
N VAL A 164 -12.78 15.24 -3.32
CA VAL A 164 -11.33 15.44 -3.36
C VAL A 164 -11.00 16.82 -2.82
N GLU A 165 -11.80 17.82 -3.21
CA GLU A 165 -11.57 19.18 -2.75
C GLU A 165 -11.67 19.23 -1.23
N VAL A 166 -12.67 18.55 -0.69
CA VAL A 166 -12.87 18.53 0.75
C VAL A 166 -11.64 17.90 1.42
N LEU A 167 -11.16 16.81 0.84
CA LEU A 167 -9.98 16.13 1.39
C LEU A 167 -8.78 17.07 1.37
N ARG A 168 -8.61 17.78 0.26
CA ARG A 168 -7.47 18.68 0.12
C ARG A 168 -7.52 19.75 1.20
N ALA A 169 -8.71 20.33 1.41
CA ALA A 169 -8.87 21.35 2.44
C ALA A 169 -8.55 20.75 3.81
N ALA A 170 -9.02 19.54 4.06
CA ALA A 170 -8.79 18.90 5.35
C ALA A 170 -7.29 18.71 5.58
N PHE A 171 -6.58 18.26 4.55
CA PHE A 171 -5.15 18.04 4.66
C PHE A 171 -4.45 19.37 4.92
N ARG A 172 -4.80 20.39 4.13
CA ARG A 172 -4.11 21.67 4.21
C ARG A 172 -4.29 22.26 5.61
N SER A 173 -5.52 22.22 6.12
CA SER A 173 -5.79 22.71 7.46
C SER A 173 -4.99 21.92 8.51
N ARG A 174 -4.94 20.61 8.36
CA ARG A 174 -4.20 19.78 9.30
C ARG A 174 -2.71 20.14 9.26
N TYR A 175 -2.18 20.30 8.05
CA TYR A 175 -0.78 20.66 7.89
C TYR A 175 -0.50 22.00 8.55
N ALA A 176 -1.37 22.97 8.31
CA ALA A 176 -1.18 24.30 8.89
C ALA A 176 -1.18 24.22 10.41
N ALA A 177 -2.11 23.44 10.96
CA ALA A 177 -2.18 23.27 12.40
C ALA A 177 -0.89 22.66 12.93
N LEU A 178 -0.38 21.65 12.22
CA LEU A 178 0.86 21.01 12.63
C LEU A 178 2.00 22.02 12.65
N GLU A 179 2.07 22.84 11.61
CA GLU A 179 3.16 23.81 11.50
C GLU A 179 3.07 24.83 12.64
N HIS A 180 1.86 25.31 12.93
CA HIS A 180 1.68 26.22 14.04
C HIS A 180 2.13 25.56 15.35
N HIS A 181 1.75 24.30 15.53
CA HIS A 181 2.16 23.56 16.72
C HIS A 181 3.69 23.52 16.79
N HIS A 182 4.32 23.26 15.65
CA HIS A 182 5.77 23.16 15.59
C HIS A 182 6.39 24.51 15.95
N HIS A 183 5.83 25.59 15.42
CA HIS A 183 6.36 26.92 15.68
C HIS A 183 6.20 27.28 17.14
N HIS A 184 5.09 26.87 17.75
CA HIS A 184 4.88 27.10 19.18
C HIS A 184 5.94 26.35 19.97
N HIS A 185 6.36 25.20 19.47
CA HIS A 185 7.32 24.36 20.18
C HIS A 185 8.71 24.40 19.53
N MET A 1 6.49 -9.93 -15.95
CA MET A 1 6.74 -9.13 -14.74
C MET A 1 5.45 -8.99 -13.94
N ASP A 2 4.40 -8.49 -14.59
CA ASP A 2 3.14 -8.22 -13.90
C ASP A 2 2.59 -9.49 -13.28
N THR A 3 2.70 -10.61 -14.01
CA THR A 3 2.25 -11.89 -13.49
C THR A 3 2.94 -12.19 -12.17
N THR A 4 4.25 -11.95 -12.12
CA THR A 4 5.01 -12.19 -10.89
C THR A 4 4.51 -11.26 -9.79
N GLN A 5 4.25 -10.01 -10.15
CA GLN A 5 3.78 -9.04 -9.17
C GLN A 5 2.48 -9.52 -8.55
N VAL A 6 1.56 -9.95 -9.41
CA VAL A 6 0.25 -10.41 -8.96
C VAL A 6 0.43 -11.66 -8.10
N THR A 7 1.32 -12.55 -8.53
CA THR A 7 1.53 -13.80 -7.83
C THR A 7 2.03 -13.51 -6.41
N LEU A 8 2.96 -12.57 -6.30
CA LEU A 8 3.49 -12.20 -4.99
C LEU A 8 2.37 -11.65 -4.12
N ILE A 9 1.52 -10.81 -4.68
CA ILE A 9 0.40 -10.25 -3.94
C ILE A 9 -0.47 -11.39 -3.44
N HIS A 10 -0.76 -12.34 -4.32
CA HIS A 10 -1.62 -13.46 -3.97
C HIS A 10 -0.99 -14.27 -2.83
N LYS A 11 0.31 -14.50 -2.93
CA LYS A 11 1.01 -15.26 -1.88
C LYS A 11 0.85 -14.54 -0.55
N ILE A 12 1.04 -13.23 -0.56
CA ILE A 12 0.95 -12.45 0.67
C ILE A 12 -0.47 -12.55 1.22
N LEU A 13 -1.46 -12.48 0.33
CA LEU A 13 -2.85 -12.58 0.72
C LEU A 13 -3.09 -13.91 1.41
N ALA A 14 -2.58 -14.99 0.81
CA ALA A 14 -2.79 -16.33 1.36
C ALA A 14 -2.15 -16.43 2.73
N ALA A 15 -0.94 -15.91 2.87
CA ALA A 15 -0.23 -15.96 4.14
C ALA A 15 -1.01 -15.18 5.19
N ALA A 16 -1.50 -14.00 4.81
CA ALA A 16 -2.28 -13.18 5.74
C ALA A 16 -3.51 -13.95 6.19
N ASP A 17 -4.17 -14.63 5.25
CA ASP A 17 -5.38 -15.39 5.57
C ASP A 17 -5.04 -16.46 6.60
N GLU A 18 -3.92 -17.14 6.39
CA GLU A 18 -3.50 -18.20 7.31
C GLU A 18 -3.20 -17.61 8.69
N ARG A 19 -2.64 -16.40 8.71
CA ARG A 19 -2.26 -15.75 9.96
C ARG A 19 -3.44 -15.05 10.62
N ASN A 20 -4.61 -15.13 9.99
CA ASN A 20 -5.77 -14.40 10.48
C ASN A 20 -5.46 -12.90 10.52
N LEU A 21 -4.70 -12.46 9.52
CA LEU A 21 -4.19 -11.10 9.45
C LEU A 21 -4.92 -10.29 8.39
N PRO A 22 -5.65 -9.25 8.78
CA PRO A 22 -6.35 -8.42 7.80
C PRO A 22 -5.38 -7.70 6.88
N LEU A 23 -5.63 -7.75 5.57
CA LEU A 23 -4.71 -7.18 4.60
C LEU A 23 -5.41 -6.14 3.75
N TRP A 24 -4.80 -4.97 3.60
CA TRP A 24 -5.34 -3.95 2.70
C TRP A 24 -4.35 -3.68 1.57
N ILE A 25 -4.86 -3.62 0.34
CA ILE A 25 -4.03 -3.29 -0.81
C ILE A 25 -3.87 -1.77 -0.84
N GLY A 26 -2.65 -1.29 -1.05
CA GLY A 26 -2.41 0.15 -0.93
C GLY A 26 -2.06 0.86 -2.23
N GLY A 27 -2.25 2.18 -2.21
CA GLY A 27 -1.80 3.04 -3.30
C GLY A 27 -2.30 2.63 -4.67
N GLY A 28 -1.41 2.72 -5.66
CA GLY A 28 -1.77 2.41 -7.03
C GLY A 28 -2.34 1.00 -7.17
N TRP A 29 -1.78 0.06 -6.44
CA TRP A 29 -2.31 -1.30 -6.45
C TRP A 29 -3.77 -1.30 -6.01
N ALA A 30 -4.08 -0.55 -4.95
CA ALA A 30 -5.45 -0.45 -4.48
C ALA A 30 -6.33 0.16 -5.58
N ILE A 31 -5.82 1.19 -6.23
CA ILE A 31 -6.57 1.88 -7.28
C ILE A 31 -6.90 0.86 -8.38
N ASP A 32 -5.87 0.11 -8.79
CA ASP A 32 -6.04 -0.85 -9.88
C ASP A 32 -7.04 -1.93 -9.47
N ALA A 33 -6.94 -2.39 -8.22
CA ALA A 33 -7.83 -3.42 -7.74
C ALA A 33 -9.27 -2.93 -7.75
N ARG A 34 -9.50 -1.70 -7.29
CA ARG A 34 -10.84 -1.13 -7.28
C ARG A 34 -11.36 -0.93 -8.70
N LEU A 35 -10.46 -0.52 -9.59
CA LEU A 35 -10.82 -0.40 -11.01
C LEU A 35 -11.18 -1.78 -11.57
N GLY A 36 -10.58 -2.82 -11.00
CA GLY A 36 -10.77 -4.16 -11.51
C GLY A 36 -9.73 -4.53 -12.56
N ARG A 37 -8.79 -3.63 -12.82
CA ARG A 37 -7.80 -3.83 -13.86
C ARG A 37 -6.42 -3.41 -13.38
N VAL A 38 -5.41 -4.26 -13.62
CA VAL A 38 -4.04 -3.88 -13.32
C VAL A 38 -3.53 -3.03 -14.47
N THR A 39 -3.70 -1.71 -14.34
CA THR A 39 -3.40 -0.78 -15.41
C THR A 39 -1.90 -0.70 -15.69
N ARG A 40 -1.10 -0.62 -14.63
CA ARG A 40 0.33 -0.39 -14.78
C ARG A 40 1.13 -1.30 -13.86
N LYS A 41 2.32 -1.71 -14.32
CA LYS A 41 3.20 -2.53 -13.49
C LYS A 41 3.84 -1.69 -12.39
N HIS A 42 3.91 -2.22 -11.18
CA HIS A 42 4.59 -1.54 -10.09
C HIS A 42 5.73 -2.40 -9.55
N ASP A 43 6.94 -1.84 -9.50
CA ASP A 43 8.05 -2.56 -8.88
C ASP A 43 7.81 -2.73 -7.39
N ASP A 44 7.30 -1.69 -6.75
CA ASP A 44 7.00 -1.73 -5.31
C ASP A 44 5.57 -2.16 -5.03
N ILE A 45 5.38 -2.98 -4.01
CA ILE A 45 4.03 -3.34 -3.59
C ILE A 45 3.78 -2.80 -2.19
N ASP A 46 2.85 -1.85 -2.08
CA ASP A 46 2.53 -1.25 -0.78
C ASP A 46 1.27 -1.86 -0.20
N LEU A 47 1.41 -2.55 0.93
CA LEU A 47 0.27 -3.20 1.56
C LEU A 47 0.09 -2.72 3.00
N THR A 48 -1.16 -2.58 3.43
CA THR A 48 -1.46 -2.07 4.76
C THR A 48 -1.78 -3.23 5.70
N PHE A 49 -1.14 -3.24 6.87
CA PHE A 49 -1.39 -4.29 7.86
C PHE A 49 -1.50 -3.68 9.26
N PRO A 50 -2.27 -4.30 10.16
CA PRO A 50 -2.41 -3.77 11.51
C PRO A 50 -1.08 -3.74 12.26
N GLY A 51 -0.82 -2.65 12.96
CA GLY A 51 0.45 -2.48 13.65
C GLY A 51 0.74 -3.57 14.64
N GLU A 52 -0.32 -4.19 15.16
CA GLU A 52 -0.19 -5.21 16.20
C GLU A 52 0.53 -6.46 15.69
N ARG A 53 0.24 -6.89 14.46
CA ARG A 53 0.71 -8.17 13.98
C ARG A 53 2.14 -8.13 13.46
N ARG A 54 3.01 -7.33 14.07
CA ARG A 54 4.37 -7.17 13.55
C ARG A 54 5.09 -8.51 13.48
N GLY A 55 4.95 -9.31 14.53
CA GLY A 55 5.59 -10.62 14.54
C GLY A 55 5.11 -11.51 13.42
N GLU A 56 3.79 -11.53 13.18
CA GLU A 56 3.25 -12.32 12.09
C GLU A 56 3.84 -11.84 10.77
N LEU A 57 3.93 -10.52 10.62
CA LEU A 57 4.40 -9.94 9.37
C LEU A 57 5.83 -10.40 9.09
N GLU A 58 6.67 -10.38 10.13
CA GLU A 58 8.03 -10.86 9.99
C GLU A 58 8.03 -12.32 9.59
N ALA A 59 7.17 -13.11 10.24
CA ALA A 59 7.09 -14.54 9.93
C ALA A 59 6.66 -14.74 8.48
N ILE A 60 5.69 -13.95 8.03
CA ILE A 60 5.16 -14.08 6.69
C ILE A 60 6.28 -13.81 5.68
N VAL A 61 7.05 -12.75 5.91
CA VAL A 61 8.11 -12.38 4.99
C VAL A 61 9.11 -13.52 4.92
N GLU A 62 9.44 -14.10 6.07
CA GLU A 62 10.36 -15.22 6.11
C GLU A 62 9.78 -16.43 5.39
N MET A 63 8.48 -16.67 5.55
CA MET A 63 7.83 -17.78 4.87
C MET A 63 7.87 -17.57 3.36
N LEU A 64 7.71 -16.32 2.94
CA LEU A 64 7.82 -15.97 1.52
C LEU A 64 9.25 -16.14 1.05
N GLY A 65 10.19 -16.14 2.00
CA GLY A 65 11.60 -16.27 1.65
C GLY A 65 12.33 -14.93 1.63
N GLY A 66 11.59 -13.86 1.86
CA GLY A 66 12.18 -12.52 1.81
C GLY A 66 12.80 -12.11 3.13
N ARG A 67 13.48 -10.97 3.14
CA ARG A 67 14.05 -10.44 4.38
C ARG A 67 13.59 -9.00 4.57
N VAL A 68 13.30 -8.61 5.82
CA VAL A 68 12.91 -7.24 6.11
C VAL A 68 14.13 -6.35 6.02
N MET A 69 14.13 -5.43 5.06
CA MET A 69 15.30 -4.59 4.82
C MET A 69 15.54 -3.64 5.98
N GLU A 70 14.49 -2.95 6.41
CA GLU A 70 14.56 -2.01 7.52
C GLU A 70 13.19 -1.69 8.11
N GLU A 71 13.15 -1.42 9.41
CA GLU A 71 11.92 -0.97 10.05
C GLU A 71 11.97 0.54 10.25
N LEU A 72 10.95 1.25 9.75
CA LEU A 72 10.95 2.70 9.78
C LEU A 72 9.77 3.23 10.58
N ASP A 73 9.84 4.49 10.99
CA ASP A 73 8.82 5.08 11.85
C ASP A 73 7.43 4.89 11.27
N TYR A 74 7.33 4.88 9.94
CA TYR A 74 6.03 4.80 9.27
C TYR A 74 5.76 3.40 8.75
N GLY A 75 6.58 2.44 9.14
CA GLY A 75 6.40 1.06 8.69
C GLY A 75 7.68 0.45 8.19
N PHE A 76 7.65 -0.82 7.78
CA PHE A 76 8.88 -1.51 7.41
C PHE A 76 8.92 -1.89 5.93
N LEU A 77 10.11 -1.82 5.35
CA LEU A 77 10.33 -2.27 3.98
C LEU A 77 10.92 -3.68 3.99
N ALA A 78 10.25 -4.61 3.31
CA ALA A 78 10.74 -5.98 3.24
C ALA A 78 11.05 -6.35 1.79
N GLU A 79 12.26 -6.85 1.54
CA GLU A 79 12.61 -7.31 0.20
C GLU A 79 12.25 -8.78 0.05
N ILE A 80 11.31 -9.07 -0.85
CA ILE A 80 10.89 -10.44 -1.06
C ILE A 80 11.23 -10.86 -2.49
N GLY A 81 12.13 -11.83 -2.62
CA GLY A 81 12.60 -12.21 -3.95
C GLY A 81 13.11 -11.02 -4.73
N ASP A 82 12.55 -10.80 -5.91
CA ASP A 82 12.99 -9.73 -6.80
C ASP A 82 12.18 -8.45 -6.62
N GLU A 83 11.32 -8.42 -5.61
CA GLU A 83 10.44 -7.27 -5.41
C GLU A 83 10.47 -6.73 -3.99
N LEU A 84 10.06 -5.47 -3.83
CA LEU A 84 10.02 -4.84 -2.51
C LEU A 84 8.59 -4.76 -1.99
N LEU A 85 8.39 -5.19 -0.74
CA LEU A 85 7.10 -5.03 -0.07
C LEU A 85 7.16 -3.87 0.91
N ASP A 86 6.39 -2.82 0.64
CA ASP A 86 6.26 -1.71 1.58
C ASP A 86 5.09 -1.95 2.52
N CYS A 87 5.38 -2.20 3.78
CA CYS A 87 4.34 -2.52 4.75
C CYS A 87 3.94 -1.30 5.56
N GLU A 88 2.67 -0.92 5.47
CA GLU A 88 2.17 0.28 6.13
C GLU A 88 1.29 -0.11 7.31
N PRO A 89 1.65 0.35 8.53
CA PRO A 89 0.88 0.02 9.72
C PRO A 89 -0.53 0.61 9.70
N ALA A 90 -1.49 -0.19 10.15
CA ALA A 90 -2.86 0.31 10.35
C ALA A 90 -3.17 0.24 11.84
N TRP A 91 -3.58 1.37 12.41
CA TRP A 91 -3.80 1.43 13.85
C TRP A 91 -5.23 1.09 14.21
N TRP A 92 -5.40 0.13 15.11
CA TRP A 92 -6.73 -0.27 15.55
C TRP A 92 -7.21 0.67 16.64
N ALA A 93 -8.11 1.58 16.29
CA ALA A 93 -8.57 2.60 17.22
C ALA A 93 -10.04 2.92 17.01
N ASP A 94 -10.75 3.27 18.07
CA ASP A 94 -12.18 3.52 17.98
C ASP A 94 -12.88 2.33 17.33
N GLU A 95 -12.43 1.12 17.67
CA GLU A 95 -13.03 -0.10 17.14
C GLU A 95 -12.95 -0.14 15.62
N ALA A 96 -11.87 0.39 15.05
CA ALA A 96 -11.66 0.29 13.60
C ALA A 96 -10.17 0.37 13.26
N TYR A 97 -9.79 -0.24 12.14
CA TYR A 97 -8.40 -0.15 11.68
C TYR A 97 -8.27 1.01 10.70
N GLU A 98 -7.36 1.94 11.01
CA GLU A 98 -7.23 3.15 10.21
C GLU A 98 -5.77 3.48 9.94
N ILE A 99 -5.52 4.13 8.79
CA ILE A 99 -4.17 4.57 8.44
C ILE A 99 -3.80 5.80 9.27
N ALA A 100 -2.55 5.87 9.69
CA ALA A 100 -2.12 6.95 10.59
C ALA A 100 -2.42 8.31 9.99
N GLU A 101 -2.99 9.20 10.79
CA GLU A 101 -3.31 10.55 10.35
C GLU A 101 -4.16 10.56 9.09
N ALA A 102 -4.99 9.53 8.90
CA ALA A 102 -5.85 9.46 7.73
C ALA A 102 -7.32 9.59 8.11
N PRO A 103 -8.16 10.05 7.18
CA PRO A 103 -9.59 10.21 7.44
C PRO A 103 -10.28 8.91 7.83
N GLN A 104 -11.35 9.01 8.61
CA GLN A 104 -12.08 7.82 9.01
C GLN A 104 -12.62 7.08 7.80
N GLY A 105 -12.47 5.76 7.81
CA GLY A 105 -12.83 4.97 6.64
C GLY A 105 -11.66 4.78 5.69
N SER A 106 -10.46 5.12 6.15
CA SER A 106 -9.25 4.94 5.33
C SER A 106 -9.08 3.48 4.96
N CYS A 107 -9.33 2.58 5.90
CA CYS A 107 -9.26 1.15 5.61
C CYS A 107 -10.61 0.47 5.86
N PRO A 108 -11.35 0.17 4.79
CA PRO A 108 -12.65 -0.48 4.92
C PRO A 108 -12.59 -1.94 5.36
N GLU A 109 -13.60 -2.36 6.10
CA GLU A 109 -13.75 -3.77 6.47
C GLU A 109 -14.20 -4.60 5.26
N ALA A 110 -15.06 -4.01 4.44
CA ALA A 110 -15.54 -4.68 3.23
C ALA A 110 -14.41 -4.81 2.20
N ALA A 111 -14.46 -5.87 1.39
CA ALA A 111 -13.48 -6.04 0.33
C ALA A 111 -13.71 -5.01 -0.77
N GLU A 112 -12.77 -4.08 -0.92
CA GLU A 112 -12.96 -2.97 -1.85
C GLU A 112 -12.62 -3.32 -3.29
N GLY A 113 -11.48 -3.95 -3.52
CA GLY A 113 -11.01 -4.19 -4.88
C GLY A 113 -10.95 -5.63 -5.29
N VAL A 114 -10.55 -5.89 -6.53
CA VAL A 114 -10.35 -7.25 -7.02
C VAL A 114 -8.98 -7.39 -7.67
N ILE A 115 -8.23 -8.41 -7.28
CA ILE A 115 -6.95 -8.71 -7.91
C ILE A 115 -6.97 -10.12 -8.50
N ALA A 116 -6.68 -10.22 -9.79
CA ALA A 116 -6.61 -11.52 -10.46
C ALA A 116 -7.87 -12.34 -10.19
N GLY A 117 -9.02 -11.67 -10.16
CA GLY A 117 -10.29 -12.37 -10.00
C GLY A 117 -10.60 -12.70 -8.56
N ARG A 118 -9.76 -12.25 -7.62
CA ARG A 118 -10.01 -12.47 -6.20
C ARG A 118 -10.35 -11.15 -5.50
N PRO A 119 -11.50 -11.08 -4.84
CA PRO A 119 -11.88 -9.87 -4.12
C PRO A 119 -10.96 -9.61 -2.93
N VAL A 120 -10.50 -8.38 -2.77
CA VAL A 120 -9.53 -8.06 -1.74
C VAL A 120 -9.89 -6.74 -1.05
N ARG A 121 -9.58 -6.64 0.24
CA ARG A 121 -9.74 -5.39 0.96
C ARG A 121 -8.63 -4.42 0.57
N CYS A 122 -8.99 -3.17 0.31
CA CYS A 122 -8.02 -2.21 -0.19
C CYS A 122 -8.13 -0.88 0.56
N ASN A 123 -7.07 -0.09 0.54
CA ASN A 123 -7.14 1.26 1.11
C ASN A 123 -8.15 2.08 0.32
N SER A 124 -8.98 2.84 1.03
CA SER A 124 -10.08 3.56 0.39
C SER A 124 -9.56 4.70 -0.48
N TRP A 125 -10.37 5.13 -1.44
CA TRP A 125 -9.98 6.21 -2.34
C TRP A 125 -9.53 7.41 -1.52
N GLU A 126 -10.27 7.72 -0.46
CA GLU A 126 -9.94 8.86 0.38
C GLU A 126 -8.56 8.69 0.98
N ALA A 127 -8.26 7.49 1.49
CA ALA A 127 -6.94 7.23 2.04
C ALA A 127 -5.88 7.41 0.98
N ILE A 128 -6.14 6.89 -0.22
CA ILE A 128 -5.16 6.93 -1.29
C ILE A 128 -4.88 8.38 -1.66
N ILE A 129 -5.94 9.17 -1.78
CA ILE A 129 -5.82 10.57 -2.17
C ILE A 129 -5.08 11.34 -1.08
N TRP A 130 -5.40 11.07 0.17
CA TRP A 130 -4.68 11.69 1.28
C TRP A 130 -3.20 11.39 1.17
N ASP A 131 -2.86 10.15 0.87
CA ASP A 131 -1.46 9.74 0.80
C ASP A 131 -0.78 10.48 -0.35
N TYR A 132 -1.43 10.56 -1.50
CA TYR A 132 -0.86 11.24 -2.64
C TYR A 132 -0.72 12.74 -2.38
N PHE A 133 -1.72 13.33 -1.74
CA PHE A 133 -1.67 14.76 -1.47
C PHE A 133 -0.52 15.06 -0.52
N TYR A 134 -0.29 14.15 0.42
CA TYR A 134 0.87 14.24 1.30
C TYR A 134 2.14 14.22 0.48
N TYR A 135 2.19 13.35 -0.52
CA TYR A 135 3.34 13.30 -1.43
C TYR A 135 3.51 14.64 -2.14
N ALA A 136 2.41 15.27 -2.52
CA ALA A 136 2.46 16.56 -3.19
C ALA A 136 3.13 17.59 -2.29
N ASP A 137 2.84 17.53 -0.99
CA ASP A 137 3.48 18.41 -0.03
C ASP A 137 4.98 18.11 0.05
N GLU A 138 5.32 16.82 0.05
CA GLU A 138 6.72 16.42 0.19
C GLU A 138 7.50 16.67 -1.11
N VAL A 139 6.90 16.28 -2.22
CA VAL A 139 7.57 16.36 -3.52
C VAL A 139 6.67 17.09 -4.52
N PRO A 140 7.22 18.09 -5.22
CA PRO A 140 6.42 18.86 -6.19
C PRO A 140 5.82 18.00 -7.30
N PRO A 141 4.60 18.32 -7.72
CA PRO A 141 3.94 17.59 -8.79
C PRO A 141 4.76 17.57 -10.08
N VAL A 142 5.54 18.62 -10.30
CA VAL A 142 6.44 18.68 -11.44
C VAL A 142 7.40 17.50 -11.37
N ASP A 143 7.84 17.16 -10.16
CA ASP A 143 8.80 16.09 -9.98
C ASP A 143 8.10 14.74 -9.85
N TRP A 144 6.77 14.75 -9.87
CA TRP A 144 6.01 13.50 -9.83
C TRP A 144 6.17 12.69 -11.10
N PRO A 145 6.37 11.38 -10.99
CA PRO A 145 6.48 10.51 -12.16
C PRO A 145 5.14 10.35 -12.86
N THR A 146 5.16 10.06 -14.15
CA THR A 146 3.93 10.03 -14.94
C THR A 146 2.92 9.05 -14.33
N LYS A 147 3.38 7.87 -13.93
CA LYS A 147 2.48 6.87 -13.36
C LYS A 147 1.80 7.41 -12.11
N HIS A 148 2.55 8.08 -11.25
CA HIS A 148 1.98 8.63 -10.03
C HIS A 148 0.92 9.68 -10.36
N ILE A 149 1.23 10.53 -11.33
CA ILE A 149 0.29 11.57 -11.73
C ILE A 149 -0.98 10.91 -12.23
N GLU A 150 -0.82 9.88 -13.07
CA GLU A 150 -1.96 9.18 -13.63
C GLU A 150 -2.79 8.56 -12.50
N SER A 151 -2.11 7.97 -11.53
CA SER A 151 -2.79 7.29 -10.43
C SER A 151 -3.61 8.30 -9.64
N TYR A 152 -3.02 9.46 -9.36
CA TYR A 152 -3.69 10.51 -8.62
C TYR A 152 -4.94 10.96 -9.38
N ARG A 153 -4.78 11.15 -10.69
CA ARG A 153 -5.88 11.59 -11.53
C ARG A 153 -7.03 10.58 -11.47
N LEU A 154 -6.71 9.31 -11.60
CA LEU A 154 -7.73 8.27 -11.60
C LEU A 154 -8.43 8.22 -10.24
N ALA A 155 -7.65 8.31 -9.17
CA ALA A 155 -8.23 8.25 -7.83
C ALA A 155 -9.18 9.42 -7.62
N CYS A 156 -8.74 10.62 -8.00
CA CYS A 156 -9.55 11.81 -7.79
C CYS A 156 -10.84 11.71 -8.59
N THR A 157 -10.73 11.29 -9.84
CA THR A 157 -11.90 11.17 -10.70
C THR A 157 -12.86 10.15 -10.09
N SER A 158 -12.32 9.04 -9.61
CA SER A 158 -13.15 7.95 -9.11
C SER A 158 -13.93 8.40 -7.87
N LEU A 159 -13.26 9.12 -6.97
CA LEU A 159 -13.91 9.59 -5.75
C LEU A 159 -14.91 10.69 -6.05
N GLY A 160 -14.58 11.57 -6.99
CA GLY A 160 -15.40 12.74 -7.26
C GLY A 160 -14.72 14.03 -6.85
N ALA A 161 -14.85 15.05 -7.68
CA ALA A 161 -14.12 16.30 -7.48
C ALA A 161 -14.44 16.93 -6.13
N GLU A 162 -15.72 17.02 -5.79
CA GLU A 162 -16.12 17.71 -4.57
C GLU A 162 -15.50 17.04 -3.36
N LYS A 163 -15.55 15.71 -3.32
CA LYS A 163 -15.00 14.97 -2.19
C LYS A 163 -13.50 15.20 -2.11
N VAL A 164 -12.83 15.19 -3.26
CA VAL A 164 -11.40 15.40 -3.31
C VAL A 164 -11.08 16.79 -2.78
N GLU A 165 -11.89 17.77 -3.18
CA GLU A 165 -11.67 19.15 -2.74
C GLU A 165 -11.76 19.22 -1.22
N VAL A 166 -12.76 18.54 -0.66
CA VAL A 166 -12.94 18.53 0.78
C VAL A 166 -11.71 17.93 1.44
N LEU A 167 -11.22 16.83 0.89
CA LEU A 167 -10.04 16.17 1.43
C LEU A 167 -8.85 17.12 1.40
N ARG A 168 -8.68 17.82 0.28
CA ARG A 168 -7.54 18.72 0.12
C ARG A 168 -7.60 19.80 1.18
N ALA A 169 -8.79 20.38 1.39
CA ALA A 169 -8.96 21.42 2.40
C ALA A 169 -8.62 20.84 3.78
N ALA A 170 -9.09 19.63 4.04
CA ALA A 170 -8.85 19.01 5.35
C ALA A 170 -7.35 18.83 5.58
N PHE A 171 -6.64 18.37 4.55
CA PHE A 171 -5.20 18.16 4.68
C PHE A 171 -4.50 19.49 4.92
N ARG A 172 -4.87 20.49 4.12
CA ARG A 172 -4.20 21.78 4.16
C ARG A 172 -4.36 22.39 5.55
N SER A 173 -5.59 22.33 6.08
CA SER A 173 -5.85 22.82 7.42
C SER A 173 -5.03 22.05 8.46
N ARG A 174 -4.97 20.74 8.31
CA ARG A 174 -4.22 19.92 9.26
C ARG A 174 -2.75 20.30 9.22
N TYR A 175 -2.21 20.47 8.01
CA TYR A 175 -0.81 20.84 7.84
C TYR A 175 -0.54 22.19 8.49
N ALA A 176 -1.43 23.15 8.25
CA ALA A 176 -1.26 24.49 8.80
C ALA A 176 -1.25 24.42 10.33
N ALA A 177 -2.16 23.63 10.89
CA ALA A 177 -2.23 23.46 12.33
C ALA A 177 -0.92 22.88 12.85
N LEU A 178 -0.39 21.88 12.15
CA LEU A 178 0.85 21.25 12.56
C LEU A 178 1.97 22.28 12.55
N GLU A 179 2.02 23.09 11.51
CA GLU A 179 3.09 24.09 11.38
C GLU A 179 2.99 25.09 12.53
N HIS A 180 1.79 25.55 12.83
CA HIS A 180 1.59 26.48 13.93
C HIS A 180 2.03 25.85 15.24
N HIS A 181 1.67 24.59 15.45
CA HIS A 181 2.07 23.88 16.66
C HIS A 181 3.59 23.85 16.75
N HIS A 182 4.24 23.56 15.63
CA HIS A 182 5.70 23.47 15.60
C HIS A 182 6.31 24.82 15.91
N HIS A 183 5.75 25.88 15.33
CA HIS A 183 6.27 27.22 15.55
C HIS A 183 6.09 27.63 17.00
N HIS A 184 4.98 27.23 17.60
CA HIS A 184 4.75 27.48 19.03
C HIS A 184 5.81 26.77 19.86
N HIS A 185 6.25 25.61 19.39
CA HIS A 185 7.21 24.80 20.13
C HIS A 185 8.62 24.88 19.55
N MET A 1 6.47 -9.75 -15.98
CA MET A 1 6.70 -9.04 -14.70
C MET A 1 5.39 -8.92 -13.93
N ASP A 2 4.34 -8.45 -14.59
CA ASP A 2 3.07 -8.20 -13.92
C ASP A 2 2.53 -9.50 -13.31
N THR A 3 2.67 -10.60 -14.02
CA THR A 3 2.23 -11.89 -13.49
C THR A 3 2.94 -12.18 -12.17
N THR A 4 4.24 -11.93 -12.14
CA THR A 4 5.02 -12.16 -10.92
C THR A 4 4.51 -11.24 -9.81
N GLN A 5 4.25 -9.99 -10.15
CA GLN A 5 3.78 -9.02 -9.17
C GLN A 5 2.47 -9.52 -8.55
N VAL A 6 1.55 -9.94 -9.42
CA VAL A 6 0.25 -10.41 -8.97
C VAL A 6 0.44 -11.66 -8.11
N THR A 7 1.32 -12.55 -8.54
CA THR A 7 1.53 -13.81 -7.84
C THR A 7 2.04 -13.52 -6.43
N LEU A 8 2.98 -12.60 -6.32
CA LEU A 8 3.51 -12.23 -5.01
C LEU A 8 2.40 -11.68 -4.13
N ILE A 9 1.56 -10.82 -4.69
CA ILE A 9 0.45 -10.24 -3.93
C ILE A 9 -0.43 -11.38 -3.44
N HIS A 10 -0.73 -12.32 -4.33
CA HIS A 10 -1.62 -13.43 -3.98
C HIS A 10 -1.01 -14.26 -2.86
N LYS A 11 0.29 -14.52 -2.95
CA LYS A 11 0.97 -15.29 -1.92
C LYS A 11 0.84 -14.58 -0.58
N ILE A 12 1.05 -13.27 -0.59
CA ILE A 12 0.97 -12.50 0.65
C ILE A 12 -0.45 -12.58 1.18
N LEU A 13 -1.43 -12.49 0.30
CA LEU A 13 -2.83 -12.58 0.69
C LEU A 13 -3.06 -13.92 1.38
N ALA A 14 -2.60 -15.01 0.76
CA ALA A 14 -2.84 -16.34 1.30
C ALA A 14 -2.22 -16.46 2.68
N ALA A 15 -1.00 -15.93 2.84
CA ALA A 15 -0.33 -15.95 4.13
C ALA A 15 -1.14 -15.17 5.16
N ALA A 16 -1.69 -14.04 4.74
CA ALA A 16 -2.50 -13.21 5.65
C ALA A 16 -3.74 -13.99 6.09
N ASP A 17 -4.39 -14.67 5.15
CA ASP A 17 -5.55 -15.49 5.49
C ASP A 17 -5.17 -16.54 6.53
N GLU A 18 -4.03 -17.19 6.34
CA GLU A 18 -3.57 -18.19 7.28
C GLU A 18 -3.30 -17.56 8.64
N ARG A 19 -2.67 -16.39 8.64
CA ARG A 19 -2.29 -15.72 9.88
C ARG A 19 -3.48 -15.02 10.52
N ASN A 20 -4.64 -15.09 9.88
CA ASN A 20 -5.82 -14.40 10.40
C ASN A 20 -5.49 -12.91 10.47
N LEU A 21 -4.70 -12.46 9.50
CA LEU A 21 -4.18 -11.10 9.46
C LEU A 21 -4.90 -10.26 8.42
N PRO A 22 -5.60 -9.21 8.84
CA PRO A 22 -6.30 -8.34 7.89
C PRO A 22 -5.33 -7.68 6.93
N LEU A 23 -5.64 -7.71 5.64
CA LEU A 23 -4.74 -7.17 4.63
C LEU A 23 -5.44 -6.12 3.77
N TRP A 24 -4.86 -4.94 3.67
CA TRP A 24 -5.38 -3.92 2.76
C TRP A 24 -4.37 -3.62 1.65
N ILE A 25 -4.86 -3.56 0.42
CA ILE A 25 -4.01 -3.23 -0.72
C ILE A 25 -3.81 -1.71 -0.74
N GLY A 26 -2.59 -1.25 -0.97
CA GLY A 26 -2.31 0.17 -0.84
C GLY A 26 -1.97 0.89 -2.14
N GLY A 27 -2.13 2.22 -2.10
CA GLY A 27 -1.69 3.07 -3.20
C GLY A 27 -2.22 2.67 -4.57
N GLY A 28 -1.35 2.75 -5.57
CA GLY A 28 -1.75 2.45 -6.94
C GLY A 28 -2.33 1.06 -7.06
N TRP A 29 -1.75 0.10 -6.36
CA TRP A 29 -2.28 -1.26 -6.38
C TRP A 29 -3.74 -1.25 -5.91
N ALA A 30 -4.03 -0.49 -4.86
CA ALA A 30 -5.40 -0.38 -4.37
C ALA A 30 -6.28 0.24 -5.46
N ILE A 31 -5.78 1.28 -6.11
CA ILE A 31 -6.55 1.97 -7.14
C ILE A 31 -6.91 0.96 -8.22
N ASP A 32 -5.90 0.23 -8.68
CA ASP A 32 -6.07 -0.72 -9.77
C ASP A 32 -7.03 -1.85 -9.36
N ALA A 33 -6.91 -2.29 -8.10
CA ALA A 33 -7.78 -3.33 -7.59
C ALA A 33 -9.24 -2.85 -7.60
N ARG A 34 -9.46 -1.62 -7.16
CA ARG A 34 -10.80 -1.07 -7.14
C ARG A 34 -11.33 -0.89 -8.57
N LEU A 35 -10.45 -0.49 -9.48
CA LEU A 35 -10.80 -0.39 -10.89
C LEU A 35 -11.14 -1.78 -11.43
N GLY A 36 -10.53 -2.81 -10.84
CA GLY A 36 -10.71 -4.17 -11.33
C GLY A 36 -9.69 -4.51 -12.40
N ARG A 37 -8.79 -3.58 -12.70
CA ARG A 37 -7.83 -3.77 -13.78
C ARG A 37 -6.43 -3.34 -13.38
N VAL A 38 -5.44 -4.19 -13.61
CA VAL A 38 -4.05 -3.82 -13.35
C VAL A 38 -3.53 -3.03 -14.55
N THR A 39 -3.66 -1.71 -14.48
CA THR A 39 -3.30 -0.84 -15.58
C THR A 39 -1.79 -0.79 -15.81
N ARG A 40 -1.03 -0.69 -14.73
CA ARG A 40 0.41 -0.48 -14.85
C ARG A 40 1.18 -1.40 -13.92
N LYS A 41 2.37 -1.80 -14.33
CA LYS A 41 3.26 -2.60 -13.49
C LYS A 41 3.89 -1.75 -12.40
N HIS A 42 3.94 -2.27 -11.18
CA HIS A 42 4.60 -1.56 -10.09
C HIS A 42 5.74 -2.42 -9.54
N ASP A 43 6.95 -1.88 -9.50
CA ASP A 43 8.07 -2.58 -8.88
C ASP A 43 7.84 -2.74 -7.38
N ASP A 44 7.34 -1.68 -6.75
CA ASP A 44 7.04 -1.71 -5.32
C ASP A 44 5.60 -2.13 -5.04
N ILE A 45 5.40 -2.93 -4.00
CA ILE A 45 4.05 -3.27 -3.57
C ILE A 45 3.81 -2.72 -2.16
N ASP A 46 2.91 -1.75 -2.05
CA ASP A 46 2.52 -1.23 -0.74
C ASP A 46 1.27 -1.93 -0.23
N LEU A 47 1.41 -2.63 0.90
CA LEU A 47 0.26 -3.25 1.54
C LEU A 47 0.07 -2.70 2.96
N THR A 48 -1.18 -2.67 3.41
CA THR A 48 -1.48 -2.11 4.72
C THR A 48 -1.84 -3.23 5.70
N PHE A 49 -1.16 -3.26 6.84
CA PHE A 49 -1.38 -4.31 7.83
C PHE A 49 -1.50 -3.72 9.22
N PRO A 50 -2.32 -4.32 10.09
CA PRO A 50 -2.47 -3.81 11.46
C PRO A 50 -1.15 -3.83 12.22
N GLY A 51 -0.87 -2.73 12.91
CA GLY A 51 0.41 -2.57 13.57
C GLY A 51 0.70 -3.68 14.57
N GLU A 52 -0.34 -4.27 15.11
CA GLU A 52 -0.20 -5.28 16.15
C GLU A 52 0.53 -6.52 15.66
N ARG A 53 0.23 -6.96 14.43
CA ARG A 53 0.73 -8.25 13.95
C ARG A 53 2.16 -8.18 13.42
N ARG A 54 3.02 -7.37 14.03
CA ARG A 54 4.37 -7.20 13.50
C ARG A 54 5.11 -8.54 13.43
N GLY A 55 4.97 -9.35 14.48
CA GLY A 55 5.59 -10.66 14.48
C GLY A 55 5.11 -11.54 13.34
N GLU A 56 3.79 -11.56 13.11
CA GLU A 56 3.26 -12.34 12.00
C GLU A 56 3.84 -11.83 10.69
N LEU A 57 3.95 -10.51 10.56
CA LEU A 57 4.43 -9.91 9.32
C LEU A 57 5.86 -10.39 9.05
N GLU A 58 6.69 -10.38 10.08
CA GLU A 58 8.05 -10.87 9.94
C GLU A 58 8.03 -12.33 9.50
N ALA A 59 7.17 -13.13 10.13
CA ALA A 59 7.07 -14.54 9.80
C ALA A 59 6.65 -14.70 8.34
N ILE A 60 5.69 -13.90 7.91
CA ILE A 60 5.15 -14.02 6.55
C ILE A 60 6.26 -13.73 5.55
N VAL A 61 7.02 -12.66 5.80
CA VAL A 61 8.09 -12.29 4.89
C VAL A 61 9.08 -13.45 4.80
N GLU A 62 9.38 -14.06 5.95
CA GLU A 62 10.31 -15.18 5.98
C GLU A 62 9.74 -16.39 5.25
N MET A 63 8.44 -16.62 5.39
CA MET A 63 7.78 -17.71 4.68
C MET A 63 7.90 -17.48 3.18
N LEU A 64 7.74 -16.22 2.76
CA LEU A 64 7.88 -15.85 1.37
C LEU A 64 9.34 -16.02 0.91
N GLY A 65 10.25 -16.07 1.88
CA GLY A 65 11.66 -16.22 1.58
C GLY A 65 12.39 -14.88 1.61
N GLY A 66 11.66 -13.80 1.83
CA GLY A 66 12.25 -12.48 1.81
C GLY A 66 12.86 -12.08 3.13
N ARG A 67 13.51 -10.92 3.16
CA ARG A 67 14.08 -10.39 4.39
C ARG A 67 13.61 -8.96 4.61
N VAL A 68 13.35 -8.60 5.86
CA VAL A 68 12.95 -7.22 6.16
C VAL A 68 14.18 -6.32 6.07
N MET A 69 14.17 -5.39 5.12
CA MET A 69 15.34 -4.56 4.88
C MET A 69 15.60 -3.63 6.06
N GLU A 70 14.56 -2.92 6.51
CA GLU A 70 14.63 -2.07 7.67
C GLU A 70 13.26 -1.67 8.19
N GLU A 71 13.16 -1.45 9.50
CA GLU A 71 11.93 -0.94 10.09
C GLU A 71 12.01 0.57 10.25
N LEU A 72 11.00 1.28 9.74
CA LEU A 72 11.02 2.74 9.72
C LEU A 72 9.85 3.29 10.53
N ASP A 73 9.94 4.57 10.90
CA ASP A 73 8.93 5.17 11.77
C ASP A 73 7.53 4.99 11.20
N TYR A 74 7.42 4.95 9.87
CA TYR A 74 6.13 4.87 9.21
C TYR A 74 5.81 3.46 8.73
N GLY A 75 6.63 2.49 9.14
CA GLY A 75 6.45 1.13 8.68
C GLY A 75 7.73 0.51 8.18
N PHE A 76 7.71 -0.75 7.77
CA PHE A 76 8.94 -1.44 7.41
C PHE A 76 9.00 -1.82 5.92
N LEU A 77 10.20 -1.72 5.36
CA LEU A 77 10.44 -2.16 3.99
C LEU A 77 11.00 -3.58 4.02
N ALA A 78 10.36 -4.49 3.31
CA ALA A 78 10.83 -5.87 3.23
C ALA A 78 11.15 -6.24 1.79
N GLU A 79 12.34 -6.77 1.55
CA GLU A 79 12.68 -7.25 0.21
C GLU A 79 12.31 -8.72 0.05
N ILE A 80 11.42 -9.01 -0.88
CA ILE A 80 10.98 -10.39 -1.11
C ILE A 80 11.34 -10.79 -2.53
N GLY A 81 12.23 -11.76 -2.67
CA GLY A 81 12.71 -12.14 -3.98
C GLY A 81 13.24 -10.94 -4.76
N ASP A 82 12.70 -10.72 -5.95
CA ASP A 82 13.14 -9.63 -6.80
C ASP A 82 12.30 -8.37 -6.59
N GLU A 83 11.36 -8.41 -5.66
CA GLU A 83 10.44 -7.29 -5.46
C GLU A 83 10.50 -6.73 -4.05
N LEU A 84 10.05 -5.49 -3.90
CA LEU A 84 10.02 -4.83 -2.59
C LEU A 84 8.59 -4.77 -2.04
N LEU A 85 8.44 -5.15 -0.77
CA LEU A 85 7.16 -4.99 -0.10
C LEU A 85 7.21 -3.84 0.89
N ASP A 86 6.41 -2.82 0.65
CA ASP A 86 6.28 -1.70 1.58
C ASP A 86 5.10 -1.95 2.53
N CYS A 87 5.41 -2.23 3.79
CA CYS A 87 4.34 -2.53 4.75
C CYS A 87 3.94 -1.29 5.54
N GLU A 88 2.67 -0.94 5.43
CA GLU A 88 2.15 0.27 6.06
C GLU A 88 1.27 -0.09 7.26
N PRO A 89 1.66 0.35 8.45
CA PRO A 89 0.89 0.04 9.66
C PRO A 89 -0.52 0.60 9.64
N ALA A 90 -1.48 -0.21 10.08
CA ALA A 90 -2.84 0.25 10.27
C ALA A 90 -3.18 0.20 11.75
N TRP A 91 -3.63 1.32 12.32
CA TRP A 91 -3.85 1.39 13.75
C TRP A 91 -5.28 0.98 14.11
N TRP A 92 -5.39 0.03 15.04
CA TRP A 92 -6.70 -0.39 15.53
C TRP A 92 -7.14 0.56 16.63
N ALA A 93 -8.06 1.47 16.30
CA ALA A 93 -8.49 2.49 17.25
C ALA A 93 -9.98 2.80 17.07
N ASP A 94 -10.65 3.13 18.17
CA ASP A 94 -12.09 3.38 18.12
C ASP A 94 -12.80 2.20 17.47
N GLU A 95 -12.34 0.99 17.79
CA GLU A 95 -12.95 -0.22 17.26
C GLU A 95 -12.91 -0.27 15.73
N ALA A 96 -11.84 0.27 15.15
CA ALA A 96 -11.66 0.18 13.70
C ALA A 96 -10.19 0.26 13.31
N TYR A 97 -9.84 -0.31 12.17
CA TYR A 97 -8.47 -0.23 11.67
C TYR A 97 -8.34 0.94 10.70
N GLU A 98 -7.45 1.87 11.01
CA GLU A 98 -7.31 3.08 10.20
C GLU A 98 -5.85 3.45 9.96
N ILE A 99 -5.59 4.10 8.83
CA ILE A 99 -4.24 4.55 8.50
C ILE A 99 -3.90 5.77 9.35
N ALA A 100 -2.65 5.87 9.78
CA ALA A 100 -2.24 6.92 10.69
C ALA A 100 -2.59 8.30 10.13
N GLU A 101 -3.18 9.14 10.97
CA GLU A 101 -3.51 10.51 10.57
C GLU A 101 -4.30 10.54 9.27
N ALA A 102 -5.11 9.50 9.03
CA ALA A 102 -5.95 9.47 7.84
C ALA A 102 -7.42 9.59 8.20
N PRO A 103 -8.25 10.03 7.25
CA PRO A 103 -9.68 10.18 7.50
C PRO A 103 -10.37 8.87 7.87
N GLN A 104 -11.46 8.96 8.63
CA GLN A 104 -12.20 7.77 9.01
C GLN A 104 -12.72 7.04 7.79
N GLY A 105 -12.59 5.71 7.79
CA GLY A 105 -12.93 4.93 6.61
C GLY A 105 -11.74 4.74 5.69
N SER A 106 -10.56 5.07 6.17
CA SER A 106 -9.34 4.93 5.38
C SER A 106 -9.15 3.47 4.95
N CYS A 107 -9.43 2.53 5.84
CA CYS A 107 -9.35 1.12 5.50
C CYS A 107 -10.69 0.41 5.73
N PRO A 108 -11.47 0.20 4.66
CA PRO A 108 -12.76 -0.47 4.78
C PRO A 108 -12.64 -1.96 5.12
N GLU A 109 -13.51 -2.45 6.00
CA GLU A 109 -13.58 -3.87 6.30
C GLU A 109 -14.18 -4.66 5.14
N ALA A 110 -15.02 -4.00 4.34
CA ALA A 110 -15.56 -4.62 3.14
C ALA A 110 -14.47 -4.79 2.08
N ALA A 111 -14.57 -5.84 1.27
CA ALA A 111 -13.58 -6.08 0.22
C ALA A 111 -13.74 -5.04 -0.89
N GLU A 112 -12.87 -4.04 -0.89
CA GLU A 112 -13.00 -2.93 -1.82
C GLU A 112 -12.60 -3.28 -3.25
N GLY A 113 -11.46 -3.94 -3.42
CA GLY A 113 -10.93 -4.17 -4.75
C GLY A 113 -10.91 -5.63 -5.18
N VAL A 114 -10.55 -5.87 -6.44
CA VAL A 114 -10.39 -7.23 -6.94
C VAL A 114 -9.01 -7.37 -7.59
N ILE A 115 -8.25 -8.38 -7.18
CA ILE A 115 -6.97 -8.67 -7.81
C ILE A 115 -6.97 -10.09 -8.36
N ALA A 116 -6.65 -10.23 -9.65
CA ALA A 116 -6.58 -11.54 -10.28
C ALA A 116 -7.84 -12.35 -10.03
N GLY A 117 -8.98 -11.68 -9.98
CA GLY A 117 -10.25 -12.36 -9.83
C GLY A 117 -10.59 -12.71 -8.38
N ARG A 118 -9.73 -12.28 -7.45
CA ARG A 118 -10.01 -12.49 -6.03
C ARG A 118 -10.34 -11.17 -5.34
N PRO A 119 -11.50 -11.09 -4.68
CA PRO A 119 -11.88 -9.87 -3.98
C PRO A 119 -10.96 -9.61 -2.79
N VAL A 120 -10.50 -8.38 -2.65
CA VAL A 120 -9.53 -8.04 -1.62
C VAL A 120 -9.88 -6.71 -0.96
N ARG A 121 -9.62 -6.60 0.34
CA ARG A 121 -9.75 -5.33 1.03
C ARG A 121 -8.63 -4.37 0.62
N CYS A 122 -8.98 -3.13 0.37
CA CYS A 122 -8.01 -2.15 -0.14
C CYS A 122 -8.12 -0.84 0.61
N ASN A 123 -7.07 -0.02 0.58
CA ASN A 123 -7.14 1.31 1.14
C ASN A 123 -8.17 2.12 0.36
N SER A 124 -8.99 2.89 1.05
CA SER A 124 -10.09 3.61 0.40
C SER A 124 -9.58 4.77 -0.45
N TRP A 125 -10.39 5.21 -1.41
CA TRP A 125 -9.98 6.29 -2.31
C TRP A 125 -9.53 7.49 -1.48
N GLU A 126 -10.29 7.80 -0.43
CA GLU A 126 -9.95 8.92 0.43
C GLU A 126 -8.57 8.74 1.04
N ALA A 127 -8.29 7.54 1.54
CA ALA A 127 -6.98 7.26 2.12
C ALA A 127 -5.90 7.44 1.07
N ILE A 128 -6.15 6.92 -0.12
CA ILE A 128 -5.15 6.96 -1.20
C ILE A 128 -4.86 8.40 -1.55
N ILE A 129 -5.92 9.20 -1.69
CA ILE A 129 -5.78 10.60 -2.08
C ILE A 129 -5.05 11.36 -0.99
N TRP A 130 -5.39 11.10 0.27
CA TRP A 130 -4.68 11.72 1.39
C TRP A 130 -3.20 11.41 1.29
N ASP A 131 -2.87 10.15 1.01
CA ASP A 131 -1.47 9.75 0.94
C ASP A 131 -0.77 10.48 -0.20
N TYR A 132 -1.43 10.54 -1.36
CA TYR A 132 -0.85 11.19 -2.52
C TYR A 132 -0.72 12.70 -2.30
N PHE A 133 -1.72 13.31 -1.67
CA PHE A 133 -1.67 14.74 -1.42
C PHE A 133 -0.51 15.04 -0.48
N TYR A 134 -0.28 14.16 0.48
CA TYR A 134 0.90 14.27 1.34
C TYR A 134 2.16 14.24 0.51
N TYR A 135 2.20 13.35 -0.49
CA TYR A 135 3.34 13.30 -1.40
C TYR A 135 3.50 14.63 -2.12
N ALA A 136 2.38 15.24 -2.49
CA ALA A 136 2.43 16.53 -3.18
C ALA A 136 3.10 17.58 -2.31
N ASP A 137 2.83 17.53 -1.00
CA ASP A 137 3.49 18.43 -0.06
C ASP A 137 4.99 18.13 -0.02
N GLU A 138 5.36 16.86 -0.01
CA GLU A 138 6.75 16.47 0.08
C GLU A 138 7.48 16.70 -1.25
N VAL A 139 6.86 16.28 -2.34
CA VAL A 139 7.49 16.32 -3.65
C VAL A 139 6.55 17.01 -4.65
N PRO A 140 7.05 17.99 -5.39
CA PRO A 140 6.23 18.71 -6.36
C PRO A 140 5.70 17.82 -7.48
N PRO A 141 4.48 18.10 -7.96
CA PRO A 141 3.87 17.33 -9.04
C PRO A 141 4.74 17.31 -10.29
N VAL A 142 5.52 18.38 -10.50
CA VAL A 142 6.45 18.45 -11.61
C VAL A 142 7.43 17.28 -11.50
N ASP A 143 7.83 16.96 -10.28
CA ASP A 143 8.81 15.91 -10.05
C ASP A 143 8.13 14.55 -9.94
N TRP A 144 6.80 14.54 -9.96
CA TRP A 144 6.05 13.28 -9.90
C TRP A 144 6.19 12.49 -11.20
N PRO A 145 6.41 11.18 -11.09
CA PRO A 145 6.51 10.33 -12.28
C PRO A 145 5.14 10.17 -12.95
N THR A 146 5.15 9.90 -14.26
CA THR A 146 3.90 9.87 -15.02
C THR A 146 2.90 8.91 -14.40
N LYS A 147 3.35 7.73 -14.01
CA LYS A 147 2.46 6.73 -13.44
C LYS A 147 1.79 7.26 -12.17
N HIS A 148 2.57 7.92 -11.32
CA HIS A 148 2.01 8.48 -10.09
C HIS A 148 0.97 9.54 -10.42
N ILE A 149 1.28 10.39 -11.38
CA ILE A 149 0.36 11.46 -11.76
C ILE A 149 -0.94 10.83 -12.25
N GLU A 150 -0.81 9.80 -13.09
CA GLU A 150 -1.98 9.12 -13.62
C GLU A 150 -2.80 8.51 -12.48
N SER A 151 -2.11 7.88 -11.54
CA SER A 151 -2.79 7.19 -10.45
C SER A 151 -3.57 8.19 -9.60
N TYR A 152 -2.93 9.33 -9.30
CA TYR A 152 -3.60 10.38 -8.54
C TYR A 152 -4.83 10.87 -9.29
N ARG A 153 -4.67 11.10 -10.60
CA ARG A 153 -5.77 11.59 -11.42
C ARG A 153 -6.94 10.62 -11.38
N LEU A 154 -6.64 9.34 -11.53
CA LEU A 154 -7.70 8.33 -11.54
C LEU A 154 -8.38 8.27 -10.18
N ALA A 155 -7.60 8.33 -9.11
CA ALA A 155 -8.15 8.27 -7.77
C ALA A 155 -9.10 9.45 -7.55
N CYS A 156 -8.66 10.65 -7.95
CA CYS A 156 -9.47 11.85 -7.76
C CYS A 156 -10.76 11.74 -8.55
N THR A 157 -10.65 11.31 -9.80
CA THR A 157 -11.81 11.20 -10.68
C THR A 157 -12.78 10.19 -10.09
N SER A 158 -12.26 9.06 -9.62
CA SER A 158 -13.10 7.98 -9.13
C SER A 158 -13.88 8.43 -7.89
N LEU A 159 -13.21 9.13 -6.99
CA LEU A 159 -13.84 9.60 -5.76
C LEU A 159 -14.84 10.73 -6.04
N GLY A 160 -14.51 11.58 -7.00
CA GLY A 160 -15.34 12.74 -7.28
C GLY A 160 -14.66 14.05 -6.87
N ALA A 161 -14.78 15.07 -7.72
CA ALA A 161 -14.05 16.31 -7.53
C ALA A 161 -14.38 16.96 -6.19
N GLU A 162 -15.66 17.05 -5.85
CA GLU A 162 -16.08 17.77 -4.65
C GLU A 162 -15.46 17.12 -3.42
N LYS A 163 -15.52 15.79 -3.34
CA LYS A 163 -14.96 15.08 -2.19
C LYS A 163 -13.46 15.30 -2.13
N VAL A 164 -12.80 15.26 -3.28
CA VAL A 164 -11.36 15.45 -3.34
C VAL A 164 -11.04 16.85 -2.83
N GLU A 165 -11.84 17.83 -3.25
CA GLU A 165 -11.62 19.21 -2.82
C GLU A 165 -11.72 19.29 -1.29
N VAL A 166 -12.71 18.62 -0.73
CA VAL A 166 -12.91 18.64 0.71
C VAL A 166 -11.69 18.03 1.38
N LEU A 167 -11.20 16.91 0.82
CA LEU A 167 -10.05 16.24 1.40
C LEU A 167 -8.83 17.16 1.36
N ARG A 168 -8.64 17.85 0.24
CA ARG A 168 -7.49 18.72 0.08
C ARG A 168 -7.54 19.83 1.13
N ALA A 169 -8.72 20.42 1.32
CA ALA A 169 -8.89 21.46 2.32
C ALA A 169 -8.58 20.91 3.71
N ALA A 170 -9.06 19.69 3.98
CA ALA A 170 -8.84 19.08 5.29
C ALA A 170 -7.34 18.89 5.53
N PHE A 171 -6.64 18.42 4.51
CA PHE A 171 -5.20 18.19 4.64
C PHE A 171 -4.49 19.52 4.88
N ARG A 172 -4.84 20.52 4.07
CA ARG A 172 -4.15 21.81 4.13
C ARG A 172 -4.33 22.43 5.52
N SER A 173 -5.56 22.38 6.02
CA SER A 173 -5.84 22.89 7.37
C SER A 173 -5.04 22.12 8.41
N ARG A 174 -4.99 20.80 8.28
CA ARG A 174 -4.25 19.99 9.24
C ARG A 174 -2.78 20.35 9.20
N TYR A 175 -2.23 20.51 8.00
CA TYR A 175 -0.83 20.86 7.84
C TYR A 175 -0.55 22.21 8.48
N ALA A 176 -1.42 23.18 8.24
CA ALA A 176 -1.25 24.52 8.81
C ALA A 176 -1.26 24.44 10.33
N ALA A 177 -2.17 23.65 10.88
CA ALA A 177 -2.25 23.48 12.32
C ALA A 177 -0.94 22.89 12.85
N LEU A 178 -0.42 21.90 12.14
CA LEU A 178 0.83 21.26 12.56
C LEU A 178 1.95 22.30 12.56
N GLU A 179 2.00 23.12 11.52
CA GLU A 179 3.06 24.11 11.40
C GLU A 179 2.97 25.10 12.56
N HIS A 180 1.75 25.55 12.86
CA HIS A 180 1.55 26.48 13.97
C HIS A 180 2.00 25.84 15.27
N HIS A 181 1.64 24.57 15.47
CA HIS A 181 2.04 23.85 16.68
C HIS A 181 3.56 23.83 16.76
N HIS A 182 4.21 23.56 15.63
CA HIS A 182 5.67 23.47 15.60
C HIS A 182 6.28 24.83 15.93
N HIS A 183 5.71 25.89 15.36
CA HIS A 183 6.21 27.23 15.61
C HIS A 183 6.04 27.61 17.07
N HIS A 184 4.93 27.20 17.68
CA HIS A 184 4.72 27.42 19.10
C HIS A 184 5.78 26.69 19.91
N HIS A 185 6.21 25.53 19.42
CA HIS A 185 7.16 24.71 20.15
C HIS A 185 8.57 24.78 19.55
N MET A 1 7.77 -16.93 -16.17
CA MET A 1 8.05 -15.63 -15.52
C MET A 1 6.75 -14.99 -15.06
N ASP A 2 5.90 -14.59 -16.01
CA ASP A 2 4.64 -13.94 -15.68
C ASP A 2 3.79 -14.85 -14.81
N THR A 3 3.69 -16.12 -15.20
CA THR A 3 2.94 -17.10 -14.42
C THR A 3 3.54 -17.21 -13.02
N THR A 4 4.87 -17.23 -12.95
CA THR A 4 5.55 -17.34 -11.67
C THR A 4 5.19 -16.15 -10.79
N GLN A 5 5.19 -14.95 -11.37
CA GLN A 5 4.88 -13.75 -10.61
C GLN A 5 3.47 -13.87 -10.01
N VAL A 6 2.53 -14.29 -10.85
CA VAL A 6 1.14 -14.42 -10.42
C VAL A 6 1.07 -15.47 -9.32
N THR A 7 1.75 -16.59 -9.53
CA THR A 7 1.69 -17.70 -8.60
C THR A 7 2.21 -17.26 -7.23
N LEU A 8 3.32 -16.52 -7.24
CA LEU A 8 3.91 -16.06 -6.00
C LEU A 8 2.92 -15.16 -5.27
N ILE A 9 2.32 -14.23 -6.00
CA ILE A 9 1.39 -13.28 -5.39
C ILE A 9 0.23 -14.06 -4.78
N HIS A 10 -0.28 -15.03 -5.52
CA HIS A 10 -1.43 -15.80 -5.06
C HIS A 10 -1.07 -16.55 -3.79
N LYS A 11 0.09 -17.17 -3.76
CA LYS A 11 0.52 -17.93 -2.59
C LYS A 11 0.62 -17.01 -1.38
N ILE A 12 1.21 -15.84 -1.57
CA ILE A 12 1.45 -14.93 -0.47
C ILE A 12 0.11 -14.47 0.08
N LEU A 13 -0.83 -14.15 -0.81
CA LEU A 13 -2.17 -13.75 -0.38
C LEU A 13 -2.87 -14.89 0.35
N ALA A 14 -2.73 -16.10 -0.16
CA ALA A 14 -3.33 -17.26 0.51
C ALA A 14 -2.77 -17.40 1.92
N ALA A 15 -1.47 -17.16 2.06
CA ALA A 15 -0.85 -17.20 3.39
C ALA A 15 -1.48 -16.17 4.30
N ALA A 16 -1.77 -14.98 3.76
CA ALA A 16 -2.41 -13.93 4.56
C ALA A 16 -3.77 -14.40 5.04
N ASP A 17 -4.53 -15.07 4.18
CA ASP A 17 -5.83 -15.61 4.59
C ASP A 17 -5.65 -16.62 5.72
N GLU A 18 -4.63 -17.47 5.59
CA GLU A 18 -4.39 -18.48 6.61
C GLU A 18 -4.00 -17.81 7.93
N ARG A 19 -3.19 -16.76 7.83
CA ARG A 19 -2.79 -16.00 9.00
C ARG A 19 -3.96 -15.17 9.53
N ASN A 20 -5.06 -15.17 8.78
CA ASN A 20 -6.26 -14.45 9.21
C ASN A 20 -5.95 -12.96 9.31
N LEU A 21 -5.16 -12.49 8.36
CA LEU A 21 -4.69 -11.10 8.38
C LEU A 21 -5.42 -10.26 7.33
N PRO A 22 -6.30 -9.35 7.79
CA PRO A 22 -7.02 -8.49 6.86
C PRO A 22 -6.09 -7.50 6.16
N LEU A 23 -6.29 -7.31 4.87
CA LEU A 23 -5.39 -6.47 4.09
C LEU A 23 -6.11 -5.29 3.44
N TRP A 24 -5.64 -4.08 3.73
CA TRP A 24 -6.14 -2.87 3.07
C TRP A 24 -5.13 -2.39 2.04
N ILE A 25 -5.52 -2.39 0.77
CA ILE A 25 -4.59 -2.08 -0.30
C ILE A 25 -4.87 -0.69 -0.85
N GLY A 26 -3.81 0.09 -1.08
CA GLY A 26 -3.98 1.42 -1.63
C GLY A 26 -3.13 1.68 -2.86
N GLY A 27 -3.67 2.46 -3.80
CA GLY A 27 -2.92 2.86 -4.98
C GLY A 27 -3.59 2.47 -6.28
N GLY A 28 -3.07 3.00 -7.38
CA GLY A 28 -3.57 2.62 -8.69
C GLY A 28 -3.43 1.14 -8.95
N TRP A 29 -2.38 0.54 -8.40
CA TRP A 29 -2.19 -0.90 -8.48
C TRP A 29 -3.40 -1.62 -7.88
N ALA A 30 -3.88 -1.13 -6.74
CA ALA A 30 -5.05 -1.72 -6.10
C ALA A 30 -6.26 -1.62 -7.02
N ILE A 31 -6.39 -0.48 -7.70
CA ILE A 31 -7.51 -0.29 -8.62
C ILE A 31 -7.40 -1.31 -9.73
N ASP A 32 -6.22 -1.39 -10.35
CA ASP A 32 -6.02 -2.25 -11.51
C ASP A 32 -6.24 -3.71 -11.14
N ALA A 33 -5.67 -4.13 -10.00
CA ALA A 33 -5.80 -5.50 -9.57
C ALA A 33 -7.26 -5.86 -9.29
N ARG A 34 -7.99 -4.93 -8.68
CA ARG A 34 -9.43 -5.14 -8.45
C ARG A 34 -10.18 -5.21 -9.76
N LEU A 35 -9.77 -4.39 -10.73
CA LEU A 35 -10.36 -4.44 -12.06
C LEU A 35 -10.08 -5.79 -12.72
N GLY A 36 -8.95 -6.39 -12.36
CA GLY A 36 -8.52 -7.63 -12.98
C GLY A 36 -7.59 -7.39 -14.16
N ARG A 37 -7.31 -6.11 -14.44
CA ARG A 37 -6.33 -5.76 -15.47
C ARG A 37 -5.38 -4.71 -14.94
N VAL A 38 -4.08 -4.92 -15.13
CA VAL A 38 -3.09 -3.94 -14.69
C VAL A 38 -2.65 -3.08 -15.87
N THR A 39 -3.01 -1.80 -15.82
CA THR A 39 -2.72 -0.88 -16.92
C THR A 39 -1.22 -0.62 -17.02
N ARG A 40 -0.59 -0.35 -15.88
CA ARG A 40 0.84 -0.05 -15.85
C ARG A 40 1.44 -0.49 -14.52
N LYS A 41 2.76 -0.66 -14.48
CA LYS A 41 3.44 -0.99 -13.23
C LYS A 41 3.40 0.20 -12.27
N HIS A 42 3.14 -0.08 -10.99
CA HIS A 42 3.21 0.96 -9.97
C HIS A 42 4.33 0.66 -8.98
N ASP A 43 5.32 1.54 -8.93
CA ASP A 43 6.50 1.31 -8.10
C ASP A 43 6.13 1.28 -6.62
N ASP A 44 5.26 2.18 -6.21
CA ASP A 44 4.87 2.29 -4.80
C ASP A 44 3.53 1.61 -4.55
N ILE A 45 3.52 0.58 -3.71
CA ILE A 45 2.28 -0.07 -3.32
C ILE A 45 1.99 0.20 -1.84
N ASP A 46 0.83 0.78 -1.56
CA ASP A 46 0.45 1.09 -0.19
C ASP A 46 -0.32 -0.07 0.43
N LEU A 47 0.29 -0.75 1.40
CA LEU A 47 -0.42 -1.82 2.12
C LEU A 47 -0.66 -1.44 3.58
N THR A 48 -1.87 -1.65 4.05
CA THR A 48 -2.23 -1.33 5.43
C THR A 48 -2.61 -2.59 6.19
N PHE A 49 -2.05 -2.76 7.38
CA PHE A 49 -2.28 -3.97 8.17
C PHE A 49 -2.47 -3.63 9.64
N PRO A 50 -3.21 -4.48 10.38
CA PRO A 50 -3.42 -4.24 11.80
C PRO A 50 -2.09 -4.20 12.56
N GLY A 51 -1.95 -3.24 13.47
CA GLY A 51 -0.69 -3.07 14.16
C GLY A 51 -0.24 -4.33 14.88
N GLU A 52 -1.18 -5.02 15.51
CA GLU A 52 -0.87 -6.21 16.29
C GLU A 52 -0.24 -7.29 15.42
N ARG A 53 -0.64 -7.35 14.16
CA ARG A 53 -0.21 -8.42 13.26
C ARG A 53 1.05 -8.03 12.49
N ARG A 54 1.81 -7.08 13.03
CA ARG A 54 3.02 -6.61 12.37
C ARG A 54 3.92 -7.79 12.01
N GLY A 55 4.02 -8.75 12.91
CA GLY A 55 4.84 -9.93 12.66
C GLY A 55 4.39 -10.70 11.45
N GLU A 56 3.09 -10.91 11.31
CA GLU A 56 2.55 -11.60 10.14
C GLU A 56 2.88 -10.81 8.88
N LEU A 57 2.77 -9.49 8.96
CA LEU A 57 3.16 -8.63 7.84
C LEU A 57 4.63 -8.82 7.49
N GLU A 58 5.48 -8.88 8.51
CA GLU A 58 6.91 -9.06 8.28
C GLU A 58 7.15 -10.37 7.55
N ALA A 59 6.44 -11.41 7.98
CA ALA A 59 6.54 -12.71 7.31
C ALA A 59 6.10 -12.60 5.86
N ILE A 60 5.03 -11.84 5.62
CA ILE A 60 4.54 -11.64 4.26
C ILE A 60 5.62 -10.97 3.41
N VAL A 61 6.28 -9.97 3.98
CA VAL A 61 7.32 -9.26 3.24
C VAL A 61 8.43 -10.24 2.88
N GLU A 62 8.78 -11.11 3.83
CA GLU A 62 9.79 -12.12 3.57
C GLU A 62 9.33 -13.06 2.46
N MET A 63 8.04 -13.41 2.47
CA MET A 63 7.47 -14.26 1.43
C MET A 63 7.51 -13.56 0.08
N LEU A 64 7.27 -12.24 0.09
CA LEU A 64 7.36 -11.42 -1.11
C LEU A 64 8.78 -11.51 -1.66
N GLY A 65 9.73 -11.85 -0.80
CA GLY A 65 11.13 -11.84 -1.17
C GLY A 65 11.78 -10.50 -0.84
N GLY A 66 11.00 -9.61 -0.24
CA GLY A 66 11.47 -8.26 0.04
C GLY A 66 12.14 -8.14 1.39
N ARG A 67 12.79 -7.00 1.63
CA ARG A 67 13.37 -6.70 2.93
C ARG A 67 12.94 -5.30 3.36
N VAL A 68 12.94 -5.05 4.66
CA VAL A 68 12.53 -3.74 5.17
C VAL A 68 13.67 -2.76 4.98
N MET A 69 13.45 -1.73 4.16
CA MET A 69 14.46 -0.70 3.94
C MET A 69 14.67 0.10 5.23
N GLU A 70 13.57 0.54 5.82
CA GLU A 70 13.58 1.35 7.04
C GLU A 70 12.38 1.05 7.92
N GLU A 71 12.62 0.88 9.22
CA GLU A 71 11.53 0.71 10.17
C GLU A 71 11.12 2.06 10.74
N LEU A 72 9.83 2.36 10.72
CA LEU A 72 9.35 3.67 11.14
C LEU A 72 8.59 3.56 12.46
N ASP A 73 8.47 4.67 13.17
CA ASP A 73 7.67 4.70 14.39
C ASP A 73 6.27 4.16 14.08
N TYR A 74 5.78 4.48 12.89
CA TYR A 74 4.53 3.90 12.39
C TYR A 74 4.77 3.18 11.08
N GLY A 75 4.59 1.86 11.09
CA GLY A 75 4.77 1.07 9.88
C GLY A 75 6.23 0.94 9.47
N PHE A 76 6.47 0.58 8.21
CA PHE A 76 7.84 0.53 7.70
C PHE A 76 7.90 0.69 6.20
N LEU A 77 9.09 1.06 5.72
CA LEU A 77 9.35 1.14 4.28
C LEU A 77 10.07 -0.12 3.84
N ALA A 78 9.52 -0.82 2.84
CA ALA A 78 10.06 -2.11 2.44
C ALA A 78 10.40 -2.12 0.95
N GLU A 79 11.41 -2.89 0.57
CA GLU A 79 11.75 -3.06 -0.84
C GLU A 79 11.53 -4.49 -1.28
N ILE A 80 10.68 -4.68 -2.30
CA ILE A 80 10.49 -6.00 -2.89
C ILE A 80 11.17 -6.00 -4.25
N GLY A 81 12.39 -6.52 -4.31
CA GLY A 81 13.16 -6.41 -5.55
C GLY A 81 13.20 -4.98 -6.03
N ASP A 82 12.75 -4.74 -7.26
CA ASP A 82 12.62 -3.39 -7.79
C ASP A 82 11.47 -2.63 -7.16
N GLU A 83 10.39 -3.32 -6.82
CA GLU A 83 9.17 -2.67 -6.32
C GLU A 83 9.33 -2.15 -4.90
N LEU A 84 8.60 -1.09 -4.58
CA LEU A 84 8.71 -0.45 -3.27
C LEU A 84 7.41 -0.60 -2.48
N LEU A 85 7.52 -1.08 -1.25
CA LEU A 85 6.33 -1.36 -0.44
C LEU A 85 6.20 -0.36 0.70
N ASP A 86 5.08 0.36 0.74
CA ASP A 86 4.79 1.25 1.85
C ASP A 86 3.83 0.58 2.82
N CYS A 87 4.31 0.25 4.02
CA CYS A 87 3.49 -0.43 5.00
C CYS A 87 3.00 0.53 6.08
N GLU A 88 1.70 0.56 6.30
CA GLU A 88 1.12 1.47 7.29
C GLU A 88 0.26 0.72 8.31
N PRO A 89 0.44 1.03 9.59
CA PRO A 89 -0.34 0.37 10.65
C PRO A 89 -1.76 0.89 10.73
N ALA A 90 -2.72 -0.02 10.86
CA ALA A 90 -4.10 0.38 11.12
C ALA A 90 -4.47 -0.04 12.52
N TRP A 91 -4.96 0.90 13.32
CA TRP A 91 -5.19 0.66 14.74
C TRP A 91 -6.67 0.65 15.08
N TRP A 92 -7.06 -0.22 16.00
CA TRP A 92 -8.43 -0.23 16.49
C TRP A 92 -8.59 0.70 17.70
N ALA A 93 -9.63 1.51 17.67
CA ALA A 93 -9.97 2.34 18.82
C ALA A 93 -11.40 2.05 19.24
N ASP A 94 -11.72 2.29 20.51
CA ASP A 94 -13.04 1.95 21.03
C ASP A 94 -14.13 2.58 20.15
N GLU A 95 -13.84 3.77 19.64
CA GLU A 95 -14.76 4.42 18.70
C GLU A 95 -14.82 3.69 17.37
N ALA A 96 -13.67 3.37 16.79
CA ALA A 96 -13.63 2.80 15.44
C ALA A 96 -12.24 2.30 15.07
N TYR A 97 -12.16 1.53 13.99
CA TYR A 97 -10.89 1.05 13.47
C TYR A 97 -10.44 1.95 12.32
N GLU A 98 -9.22 2.47 12.39
CA GLU A 98 -8.76 3.43 11.38
C GLU A 98 -7.25 3.40 11.19
N ILE A 99 -6.79 3.96 10.08
CA ILE A 99 -5.36 4.12 9.83
C ILE A 99 -4.82 5.22 10.75
N ALA A 100 -3.61 5.03 11.26
CA ALA A 100 -3.00 6.05 12.10
C ALA A 100 -2.95 7.38 11.38
N GLU A 101 -3.29 8.47 12.09
CA GLU A 101 -3.30 9.79 11.49
C GLU A 101 -4.22 9.85 10.27
N ALA A 102 -5.40 9.23 10.37
CA ALA A 102 -6.38 9.33 9.30
C ALA A 102 -7.80 9.44 9.84
N PRO A 103 -8.70 10.08 9.09
CA PRO A 103 -10.09 10.26 9.52
C PRO A 103 -10.83 8.94 9.72
N GLN A 104 -11.85 8.96 10.57
CA GLN A 104 -12.59 7.74 10.88
C GLN A 104 -13.20 7.13 9.62
N GLY A 105 -13.11 5.82 9.50
CA GLY A 105 -13.61 5.14 8.32
C GLY A 105 -12.58 5.05 7.20
N SER A 106 -11.35 5.45 7.49
CA SER A 106 -10.27 5.35 6.51
C SER A 106 -10.06 3.90 6.07
N CYS A 107 -10.27 2.96 6.98
CA CYS A 107 -10.19 1.55 6.64
C CYS A 107 -11.57 0.90 6.69
N PRO A 108 -12.13 0.54 5.54
CA PRO A 108 -13.45 -0.09 5.49
C PRO A 108 -13.44 -1.54 5.99
N GLU A 109 -14.48 -1.93 6.72
CA GLU A 109 -14.63 -3.32 7.15
C GLU A 109 -15.09 -4.22 6.01
N ALA A 110 -15.78 -3.65 5.04
CA ALA A 110 -16.25 -4.41 3.87
C ALA A 110 -15.11 -4.69 2.90
N ALA A 111 -15.10 -5.87 2.30
CA ALA A 111 -14.12 -6.18 1.26
C ALA A 111 -14.51 -5.48 -0.05
N GLU A 112 -13.64 -4.61 -0.55
CA GLU A 112 -13.97 -3.81 -1.72
C GLU A 112 -13.89 -4.61 -3.02
N GLY A 113 -12.90 -5.49 -3.12
CA GLY A 113 -12.69 -6.20 -4.38
C GLY A 113 -11.86 -7.46 -4.22
N VAL A 114 -11.52 -8.10 -5.34
CA VAL A 114 -10.77 -9.35 -5.33
C VAL A 114 -9.45 -9.17 -6.07
N ILE A 115 -8.35 -9.54 -5.43
CA ILE A 115 -7.04 -9.50 -6.07
C ILE A 115 -6.39 -10.88 -6.02
N ALA A 116 -6.02 -11.40 -7.18
CA ALA A 116 -5.33 -12.68 -7.28
C ALA A 116 -6.06 -13.76 -6.47
N GLY A 117 -7.38 -13.77 -6.54
CA GLY A 117 -8.16 -14.82 -5.90
C GLY A 117 -8.43 -14.56 -4.43
N ARG A 118 -8.04 -13.39 -3.94
CA ARG A 118 -8.23 -13.06 -2.53
C ARG A 118 -9.11 -11.82 -2.35
N PRO A 119 -10.15 -11.90 -1.52
CA PRO A 119 -10.98 -10.73 -1.26
C PRO A 119 -10.16 -9.70 -0.49
N VAL A 120 -10.19 -8.44 -0.92
CA VAL A 120 -9.32 -7.43 -0.34
C VAL A 120 -10.08 -6.16 0.00
N ARG A 121 -9.73 -5.58 1.15
CA ARG A 121 -10.23 -4.27 1.54
C ARG A 121 -9.28 -3.21 1.00
N CYS A 122 -9.78 -2.01 0.74
CA CYS A 122 -8.93 -0.97 0.17
C CYS A 122 -8.98 0.33 0.95
N ASN A 123 -7.85 1.02 1.03
CA ASN A 123 -7.72 2.22 1.86
C ASN A 123 -8.48 3.40 1.28
N SER A 124 -8.76 4.39 2.12
CA SER A 124 -9.36 5.63 1.65
C SER A 124 -8.39 6.39 0.75
N TRP A 125 -8.91 7.04 -0.29
CA TRP A 125 -8.07 7.66 -1.30
C TRP A 125 -7.15 8.70 -0.67
N GLU A 126 -7.69 9.53 0.21
CA GLU A 126 -6.89 10.58 0.85
C GLU A 126 -5.73 9.95 1.61
N ALA A 127 -6.01 8.89 2.35
CA ALA A 127 -4.97 8.19 3.10
C ALA A 127 -3.92 7.62 2.15
N ILE A 128 -4.39 7.06 1.04
CA ILE A 128 -3.50 6.47 0.05
C ILE A 128 -2.57 7.56 -0.46
N ILE A 129 -3.14 8.73 -0.75
CA ILE A 129 -2.38 9.84 -1.32
C ILE A 129 -1.32 10.26 -0.31
N TRP A 130 -1.69 10.38 0.96
CA TRP A 130 -0.75 10.76 1.99
C TRP A 130 0.37 9.73 2.09
N ASP A 131 0.01 8.45 2.01
CA ASP A 131 0.98 7.39 2.15
C ASP A 131 2.00 7.47 1.01
N TYR A 132 1.51 7.79 -0.18
CA TYR A 132 2.38 7.96 -1.34
C TYR A 132 3.29 9.17 -1.15
N PHE A 133 2.70 10.30 -0.78
CA PHE A 133 3.46 11.54 -0.65
C PHE A 133 4.52 11.39 0.42
N TYR A 134 4.13 10.81 1.55
CA TYR A 134 5.07 10.53 2.63
C TYR A 134 6.20 9.65 2.13
N TYR A 135 5.87 8.59 1.40
CA TYR A 135 6.90 7.67 0.93
C TYR A 135 7.84 8.40 -0.01
N ALA A 136 7.28 9.20 -0.90
CA ALA A 136 8.09 9.92 -1.89
C ALA A 136 9.06 10.85 -1.18
N ASP A 137 8.62 11.47 -0.09
CA ASP A 137 9.48 12.33 0.70
C ASP A 137 10.58 11.50 1.37
N GLU A 138 10.20 10.34 1.91
CA GLU A 138 11.15 9.53 2.66
C GLU A 138 12.20 8.92 1.74
N VAL A 139 11.75 8.31 0.65
CA VAL A 139 12.65 7.61 -0.26
C VAL A 139 12.40 8.09 -1.70
N PRO A 140 13.38 8.72 -2.33
CA PRO A 140 13.23 9.19 -3.71
C PRO A 140 13.09 8.00 -4.67
N PRO A 141 12.09 8.05 -5.56
CA PRO A 141 11.88 6.97 -6.52
C PRO A 141 12.99 6.89 -7.57
N VAL A 142 13.72 7.98 -7.76
CA VAL A 142 14.71 8.06 -8.83
C VAL A 142 16.00 7.38 -8.40
N ASP A 143 16.40 6.37 -9.14
CA ASP A 143 17.59 5.58 -8.81
C ASP A 143 18.78 6.00 -9.65
N TRP A 144 18.62 7.06 -10.44
CA TRP A 144 19.64 7.46 -11.41
C TRP A 144 20.95 7.88 -10.74
N PRO A 145 20.89 8.64 -9.64
CA PRO A 145 22.11 9.08 -8.96
C PRO A 145 23.00 7.92 -8.49
N THR A 146 24.31 8.13 -8.53
CA THR A 146 25.26 7.07 -8.23
C THR A 146 25.02 6.50 -6.84
N LYS A 147 24.81 7.36 -5.86
CA LYS A 147 24.58 6.91 -4.49
C LYS A 147 23.35 6.01 -4.44
N HIS A 148 22.30 6.39 -5.14
CA HIS A 148 21.10 5.56 -5.22
C HIS A 148 21.43 4.23 -5.89
N ILE A 149 22.22 4.27 -6.96
CA ILE A 149 22.57 3.05 -7.67
C ILE A 149 23.30 2.11 -6.71
N GLU A 150 24.26 2.65 -5.98
CA GLU A 150 25.06 1.86 -5.05
C GLU A 150 24.15 1.27 -3.97
N SER A 151 23.24 2.09 -3.45
CA SER A 151 22.35 1.65 -2.39
C SER A 151 21.47 0.52 -2.93
N TYR A 152 21.01 0.66 -4.16
CA TYR A 152 20.16 -0.34 -4.79
C TYR A 152 20.93 -1.66 -4.91
N ARG A 153 22.19 -1.57 -5.33
CA ARG A 153 23.02 -2.76 -5.47
C ARG A 153 23.16 -3.46 -4.13
N LEU A 154 23.42 -2.69 -3.07
CA LEU A 154 23.59 -3.26 -1.75
C LEU A 154 22.29 -3.91 -1.30
N ALA A 155 21.16 -3.23 -1.54
CA ALA A 155 19.87 -3.76 -1.16
C ALA A 155 19.61 -5.07 -1.90
N CYS A 156 19.90 -5.10 -3.20
CA CYS A 156 19.65 -6.30 -4.00
C CYS A 156 20.48 -7.46 -3.48
N THR A 157 21.74 -7.18 -3.16
CA THR A 157 22.61 -8.20 -2.59
C THR A 157 21.98 -8.72 -1.31
N SER A 158 21.49 -7.81 -0.48
CA SER A 158 20.91 -8.20 0.81
C SER A 158 19.60 -8.97 0.60
N LEU A 159 18.85 -8.59 -0.42
CA LEU A 159 17.62 -9.30 -0.78
C LEU A 159 17.95 -10.71 -1.23
N GLY A 160 19.07 -10.85 -1.94
CA GLY A 160 19.41 -12.11 -2.58
C GLY A 160 19.63 -11.90 -4.07
N ALA A 161 20.88 -11.76 -4.48
CA ALA A 161 21.19 -11.38 -5.86
C ALA A 161 20.48 -12.28 -6.87
N GLU A 162 20.47 -13.59 -6.61
CA GLU A 162 19.84 -14.52 -7.55
C GLU A 162 18.35 -14.24 -7.66
N LYS A 163 17.69 -14.06 -6.53
CA LYS A 163 16.25 -13.81 -6.52
C LYS A 163 15.94 -12.50 -7.25
N VAL A 164 16.73 -11.48 -6.97
CA VAL A 164 16.50 -10.17 -7.55
C VAL A 164 16.63 -10.28 -9.07
N GLU A 165 17.66 -11.01 -9.51
CA GLU A 165 17.88 -11.19 -10.94
C GLU A 165 16.68 -11.89 -11.57
N VAL A 166 16.17 -12.91 -10.90
CA VAL A 166 15.01 -13.64 -11.42
C VAL A 166 13.83 -12.68 -11.52
N LEU A 167 13.65 -11.84 -10.49
CA LEU A 167 12.56 -10.89 -10.47
C LEU A 167 12.70 -9.92 -11.64
N ARG A 168 13.92 -9.44 -11.87
CA ARG A 168 14.17 -8.49 -12.95
C ARG A 168 13.76 -9.13 -14.27
N ALA A 169 14.19 -10.37 -14.48
CA ALA A 169 13.87 -11.07 -15.72
C ALA A 169 12.36 -11.22 -15.87
N ALA A 170 11.68 -11.55 -14.77
CA ALA A 170 10.24 -11.71 -14.80
C ALA A 170 9.56 -10.40 -15.19
N PHE A 171 10.04 -9.30 -14.63
CA PHE A 171 9.49 -7.98 -14.94
C PHE A 171 9.75 -7.62 -16.40
N ARG A 172 10.96 -7.87 -16.87
CA ARG A 172 11.29 -7.56 -18.26
C ARG A 172 10.37 -8.36 -19.18
N SER A 173 10.17 -9.63 -18.86
CA SER A 173 9.34 -10.49 -19.68
C SER A 173 7.92 -9.96 -19.71
N ARG A 174 7.43 -9.54 -18.55
CA ARG A 174 6.07 -9.01 -18.46
C ARG A 174 5.95 -7.75 -19.30
N TYR A 175 6.95 -6.87 -19.22
CA TYR A 175 6.94 -5.63 -19.97
C TYR A 175 6.89 -5.93 -21.47
N ALA A 176 7.72 -6.87 -21.91
CA ALA A 176 7.74 -7.24 -23.32
C ALA A 176 6.36 -7.74 -23.74
N ALA A 177 5.76 -8.59 -22.90
CA ALA A 177 4.44 -9.12 -23.22
C ALA A 177 3.42 -7.99 -23.30
N LEU A 178 3.51 -7.04 -22.38
CA LEU A 178 2.61 -5.88 -22.39
C LEU A 178 2.77 -5.12 -23.69
N GLU A 179 4.02 -4.97 -24.14
CA GLU A 179 4.30 -4.25 -25.37
C GLU A 179 3.75 -5.00 -26.58
N HIS A 180 3.95 -6.32 -26.60
CA HIS A 180 3.51 -7.13 -27.73
C HIS A 180 2.00 -7.18 -27.82
N HIS A 181 1.35 -7.44 -26.68
CA HIS A 181 -0.11 -7.58 -26.67
C HIS A 181 -0.68 -6.94 -25.41
N HIS A 182 -1.40 -5.83 -25.58
CA HIS A 182 -1.88 -5.05 -24.43
C HIS A 182 -2.81 -5.88 -23.55
N HIS A 183 -3.65 -6.71 -24.17
CA HIS A 183 -4.60 -7.52 -23.39
C HIS A 183 -3.87 -8.42 -22.41
N HIS A 184 -2.68 -8.90 -22.79
CA HIS A 184 -1.86 -9.67 -21.87
C HIS A 184 -1.34 -8.75 -20.76
N HIS A 185 -1.56 -9.13 -19.51
CA HIS A 185 -1.20 -8.26 -18.38
C HIS A 185 -0.78 -9.06 -17.15
N MET A 1 7.78 -17.09 -16.05
CA MET A 1 8.08 -15.75 -15.50
C MET A 1 6.80 -15.07 -15.02
N ASP A 2 5.97 -14.64 -15.95
CA ASP A 2 4.75 -13.90 -15.61
C ASP A 2 3.80 -14.80 -14.82
N THR A 3 3.66 -16.05 -15.25
CA THR A 3 2.87 -17.02 -14.51
C THR A 3 3.44 -17.19 -13.11
N THR A 4 4.76 -17.23 -13.01
CA THR A 4 5.43 -17.37 -11.73
C THR A 4 5.08 -16.18 -10.84
N GLN A 5 5.09 -14.98 -11.40
CA GLN A 5 4.77 -13.78 -10.63
C GLN A 5 3.37 -13.91 -10.06
N VAL A 6 2.42 -14.33 -10.90
CA VAL A 6 1.04 -14.46 -10.46
C VAL A 6 0.97 -15.51 -9.37
N THR A 7 1.66 -16.63 -9.58
CA THR A 7 1.60 -17.74 -8.64
C THR A 7 2.14 -17.29 -7.28
N LEU A 8 3.24 -16.56 -7.30
CA LEU A 8 3.84 -16.07 -6.06
C LEU A 8 2.84 -15.20 -5.31
N ILE A 9 2.23 -14.27 -6.05
CA ILE A 9 1.30 -13.33 -5.42
C ILE A 9 0.16 -14.13 -4.80
N HIS A 10 -0.35 -15.11 -5.54
CA HIS A 10 -1.48 -15.90 -5.06
C HIS A 10 -1.10 -16.64 -3.79
N LYS A 11 0.08 -17.24 -3.78
CA LYS A 11 0.53 -18.00 -2.62
C LYS A 11 0.62 -17.09 -1.40
N ILE A 12 1.22 -15.93 -1.60
CA ILE A 12 1.45 -14.99 -0.49
C ILE A 12 0.10 -14.56 0.08
N LEU A 13 -0.84 -14.26 -0.81
CA LEU A 13 -2.17 -13.85 -0.38
C LEU A 13 -2.88 -14.99 0.35
N ALA A 14 -2.72 -16.21 -0.16
CA ALA A 14 -3.32 -17.37 0.50
C ALA A 14 -2.76 -17.50 1.92
N ALA A 15 -1.47 -17.26 2.07
CA ALA A 15 -0.85 -17.29 3.39
C ALA A 15 -1.50 -16.26 4.29
N ALA A 16 -1.78 -15.07 3.75
CA ALA A 16 -2.42 -14.02 4.54
C ALA A 16 -3.78 -14.48 5.03
N ASP A 17 -4.54 -15.17 4.19
CA ASP A 17 -5.82 -15.72 4.59
C ASP A 17 -5.64 -16.73 5.72
N GLU A 18 -4.62 -17.58 5.60
CA GLU A 18 -4.37 -18.58 6.62
C GLU A 18 -4.01 -17.90 7.95
N ARG A 19 -3.19 -16.87 7.86
CA ARG A 19 -2.82 -16.07 9.02
C ARG A 19 -4.03 -15.33 9.57
N ASN A 20 -5.08 -15.22 8.77
CA ASN A 20 -6.27 -14.47 9.16
C ASN A 20 -5.92 -13.00 9.28
N LEU A 21 -5.10 -12.52 8.35
CA LEU A 21 -4.62 -11.14 8.38
C LEU A 21 -5.32 -10.31 7.31
N PRO A 22 -6.21 -9.40 7.72
CA PRO A 22 -6.90 -8.55 6.75
C PRO A 22 -5.96 -7.55 6.10
N LEU A 23 -6.14 -7.33 4.80
CA LEU A 23 -5.23 -6.46 4.05
C LEU A 23 -5.98 -5.30 3.40
N TRP A 24 -5.54 -4.08 3.71
CA TRP A 24 -6.07 -2.89 3.06
C TRP A 24 -5.07 -2.39 2.00
N ILE A 25 -5.47 -2.43 0.74
CA ILE A 25 -4.57 -2.12 -0.35
C ILE A 25 -4.90 -0.75 -0.93
N GLY A 26 -3.87 0.04 -1.21
CA GLY A 26 -4.10 1.38 -1.72
C GLY A 26 -3.34 1.67 -3.00
N GLY A 27 -3.84 2.64 -3.78
CA GLY A 27 -3.15 3.08 -4.97
C GLY A 27 -3.76 2.59 -6.27
N GLY A 28 -3.29 3.13 -7.38
CA GLY A 28 -3.75 2.68 -8.69
C GLY A 28 -3.51 1.21 -8.90
N TRP A 29 -2.40 0.70 -8.39
CA TRP A 29 -2.10 -0.72 -8.47
C TRP A 29 -3.26 -1.53 -7.89
N ALA A 30 -3.78 -1.08 -6.76
CA ALA A 30 -4.92 -1.76 -6.13
C ALA A 30 -6.11 -1.73 -7.08
N ILE A 31 -6.36 -0.56 -7.68
CA ILE A 31 -7.52 -0.41 -8.56
C ILE A 31 -7.39 -1.41 -9.70
N ASP A 32 -6.21 -1.43 -10.32
CA ASP A 32 -5.99 -2.25 -11.50
C ASP A 32 -6.12 -3.74 -11.15
N ALA A 33 -5.56 -4.13 -10.02
CA ALA A 33 -5.69 -5.52 -9.56
C ALA A 33 -7.14 -5.87 -9.30
N ARG A 34 -7.88 -4.95 -8.68
CA ARG A 34 -9.31 -5.16 -8.45
C ARG A 34 -10.06 -5.25 -9.78
N LEU A 35 -9.67 -4.43 -10.75
CA LEU A 35 -10.26 -4.49 -12.08
C LEU A 35 -9.92 -5.83 -12.74
N GLY A 36 -8.77 -6.39 -12.39
CA GLY A 36 -8.31 -7.60 -13.04
C GLY A 36 -7.38 -7.33 -14.21
N ARG A 37 -7.12 -6.04 -14.48
CA ARG A 37 -6.15 -5.68 -15.51
C ARG A 37 -5.25 -4.55 -15.04
N VAL A 38 -3.93 -4.73 -15.20
CA VAL A 38 -2.97 -3.74 -14.76
C VAL A 38 -2.48 -2.93 -15.96
N THR A 39 -2.87 -1.67 -15.99
CA THR A 39 -2.54 -0.79 -17.11
C THR A 39 -1.06 -0.46 -17.15
N ARG A 40 -0.49 -0.14 -15.98
CA ARG A 40 0.89 0.30 -15.90
C ARG A 40 1.54 -0.22 -14.62
N LYS A 41 2.87 -0.33 -14.63
CA LYS A 41 3.59 -0.71 -13.42
C LYS A 41 3.58 0.43 -12.39
N HIS A 42 3.32 0.10 -11.14
CA HIS A 42 3.37 1.08 -10.07
C HIS A 42 4.55 0.80 -9.15
N ASP A 43 5.44 1.78 -9.02
CA ASP A 43 6.68 1.59 -8.26
C ASP A 43 6.40 1.29 -6.79
N ASP A 44 5.47 2.03 -6.21
CA ASP A 44 5.10 1.79 -4.81
C ASP A 44 3.75 1.10 -4.67
N ILE A 45 3.66 0.22 -3.68
CA ILE A 45 2.39 -0.39 -3.31
C ILE A 45 2.08 -0.03 -1.86
N ASP A 46 0.88 0.49 -1.62
CA ASP A 46 0.48 0.85 -0.26
C ASP A 46 -0.30 -0.27 0.39
N LEU A 47 0.30 -0.92 1.39
CA LEU A 47 -0.41 -1.95 2.14
C LEU A 47 -0.64 -1.54 3.58
N THR A 48 -1.87 -1.74 4.07
CA THR A 48 -2.21 -1.40 5.44
C THR A 48 -2.61 -2.65 6.21
N PHE A 49 -2.08 -2.79 7.42
CA PHE A 49 -2.29 -3.98 8.23
C PHE A 49 -2.52 -3.64 9.69
N PRO A 50 -3.23 -4.51 10.43
CA PRO A 50 -3.49 -4.29 11.84
C PRO A 50 -2.22 -4.14 12.66
N GLY A 51 -2.20 -3.17 13.56
CA GLY A 51 -1.01 -2.89 14.35
C GLY A 51 -0.53 -4.10 15.13
N GLU A 52 -1.47 -4.94 15.53
CA GLU A 52 -1.14 -6.14 16.30
C GLU A 52 -0.40 -7.17 15.45
N ARG A 53 -0.85 -7.41 14.22
CA ARG A 53 -0.33 -8.50 13.40
C ARG A 53 0.95 -8.12 12.67
N ARG A 54 1.81 -7.34 13.31
CA ARG A 54 3.01 -6.85 12.64
C ARG A 54 3.92 -8.01 12.22
N GLY A 55 4.09 -8.98 13.10
CA GLY A 55 4.93 -10.12 12.79
C GLY A 55 4.43 -10.89 11.58
N GLU A 56 3.12 -11.09 11.51
CA GLU A 56 2.52 -11.77 10.36
C GLU A 56 2.82 -10.99 9.09
N LEU A 57 2.70 -9.66 9.17
CA LEU A 57 3.05 -8.81 8.05
C LEU A 57 4.52 -8.96 7.67
N GLU A 58 5.41 -8.96 8.66
CA GLU A 58 6.83 -9.04 8.37
C GLU A 58 7.11 -10.34 7.63
N ALA A 59 6.47 -11.42 8.07
CA ALA A 59 6.61 -12.71 7.40
C ALA A 59 6.11 -12.62 5.96
N ILE A 60 4.99 -11.94 5.76
CA ILE A 60 4.44 -11.79 4.41
C ILE A 60 5.44 -11.04 3.54
N VAL A 61 6.05 -9.98 4.06
CA VAL A 61 7.01 -9.20 3.30
C VAL A 61 8.18 -10.10 2.91
N GLU A 62 8.62 -10.93 3.86
CA GLU A 62 9.69 -11.87 3.59
C GLU A 62 9.28 -12.83 2.47
N MET A 63 8.03 -13.28 2.50
CA MET A 63 7.51 -14.17 1.47
C MET A 63 7.43 -13.46 0.13
N LEU A 64 7.09 -12.17 0.15
CA LEU A 64 7.07 -11.35 -1.05
C LEU A 64 8.47 -11.37 -1.67
N GLY A 65 9.46 -11.73 -0.86
CA GLY A 65 10.85 -11.66 -1.30
C GLY A 65 11.46 -10.33 -0.94
N GLY A 66 10.68 -9.50 -0.27
CA GLY A 66 11.12 -8.16 0.08
C GLY A 66 11.71 -8.07 1.47
N ARG A 67 12.53 -7.05 1.70
CA ARG A 67 13.07 -6.80 3.04
C ARG A 67 12.93 -5.33 3.40
N VAL A 68 12.87 -5.04 4.70
CA VAL A 68 12.57 -3.69 5.15
C VAL A 68 13.79 -2.78 4.94
N MET A 69 13.63 -1.78 4.08
CA MET A 69 14.67 -0.78 3.88
C MET A 69 14.79 0.12 5.11
N GLU A 70 13.65 0.63 5.56
CA GLU A 70 13.58 1.55 6.68
C GLU A 70 12.45 1.20 7.64
N GLU A 71 12.76 1.08 8.92
CA GLU A 71 11.74 0.88 9.95
C GLU A 71 11.25 2.22 10.46
N LEU A 72 9.93 2.38 10.54
CA LEU A 72 9.34 3.65 10.94
C LEU A 72 8.63 3.48 12.28
N ASP A 73 8.48 4.58 13.03
CA ASP A 73 7.73 4.53 14.28
C ASP A 73 6.36 3.90 14.02
N TYR A 74 5.78 4.23 12.86
CA TYR A 74 4.55 3.59 12.41
C TYR A 74 4.77 2.93 11.06
N GLY A 75 4.66 1.61 11.01
CA GLY A 75 4.87 0.88 9.77
C GLY A 75 6.32 0.88 9.32
N PHE A 76 6.55 0.56 8.05
CA PHE A 76 7.91 0.51 7.52
C PHE A 76 7.94 0.67 6.00
N LEU A 77 9.11 1.01 5.48
CA LEU A 77 9.32 1.03 4.04
C LEU A 77 10.15 -0.17 3.62
N ALA A 78 9.60 -1.01 2.74
CA ALA A 78 10.25 -2.26 2.38
C ALA A 78 10.57 -2.30 0.89
N GLU A 79 11.67 -2.94 0.52
CA GLU A 79 11.99 -3.15 -0.89
C GLU A 79 11.68 -4.57 -1.31
N ILE A 80 10.79 -4.71 -2.29
CA ILE A 80 10.51 -6.02 -2.89
C ILE A 80 11.07 -6.00 -4.30
N GLY A 81 12.21 -6.65 -4.50
CA GLY A 81 12.88 -6.55 -5.79
C GLY A 81 13.09 -5.10 -6.19
N ASP A 82 12.62 -4.73 -7.38
CA ASP A 82 12.65 -3.35 -7.82
C ASP A 82 11.59 -2.49 -7.15
N GLU A 83 10.41 -3.05 -6.89
CA GLU A 83 9.30 -2.27 -6.35
C GLU A 83 9.45 -1.99 -4.86
N LEU A 84 8.85 -0.89 -4.42
CA LEU A 84 8.91 -0.49 -3.01
C LEU A 84 7.56 -0.61 -2.33
N LEU A 85 7.56 -1.08 -1.09
CA LEU A 85 6.32 -1.31 -0.36
C LEU A 85 6.16 -0.29 0.76
N ASP A 86 5.08 0.50 0.71
CA ASP A 86 4.76 1.40 1.80
C ASP A 86 3.78 0.74 2.78
N CYS A 87 4.31 0.29 3.91
CA CYS A 87 3.48 -0.29 4.96
C CYS A 87 2.85 0.80 5.82
N GLU A 88 1.59 0.60 6.21
CA GLU A 88 0.91 1.52 7.11
C GLU A 88 0.12 0.76 8.17
N PRO A 89 0.32 1.08 9.45
CA PRO A 89 -0.42 0.40 10.51
C PRO A 89 -1.85 0.92 10.67
N ALA A 90 -2.78 0.02 10.96
CA ALA A 90 -4.15 0.41 11.28
C ALA A 90 -4.47 -0.02 12.70
N TRP A 91 -5.04 0.90 13.49
CA TRP A 91 -5.23 0.66 14.91
C TRP A 91 -6.70 0.66 15.33
N TRP A 92 -7.00 -0.10 16.38
CA TRP A 92 -8.33 -0.14 16.96
C TRP A 92 -8.53 1.01 17.94
N ALA A 93 -9.67 1.68 17.85
CA ALA A 93 -10.04 2.68 18.84
C ALA A 93 -11.47 2.42 19.30
N ASP A 94 -11.80 2.82 20.53
CA ASP A 94 -13.10 2.49 21.10
C ASP A 94 -14.22 2.92 20.15
N GLU A 95 -14.04 4.08 19.53
CA GLU A 95 -15.02 4.56 18.55
C GLU A 95 -14.99 3.76 17.25
N ALA A 96 -13.79 3.51 16.72
CA ALA A 96 -13.68 2.88 15.41
C ALA A 96 -12.28 2.36 15.12
N TYR A 97 -12.17 1.50 14.11
CA TYR A 97 -10.87 1.02 13.64
C TYR A 97 -10.41 1.85 12.46
N GLU A 98 -9.22 2.43 12.54
CA GLU A 98 -8.76 3.34 11.50
C GLU A 98 -7.25 3.31 11.33
N ILE A 99 -6.78 3.83 10.19
CA ILE A 99 -5.35 3.98 9.95
C ILE A 99 -4.81 5.10 10.85
N ALA A 100 -3.61 4.93 11.38
CA ALA A 100 -3.00 5.96 12.21
C ALA A 100 -2.89 7.27 11.43
N GLU A 101 -3.20 8.38 12.09
CA GLU A 101 -3.17 9.68 11.43
C GLU A 101 -4.08 9.71 10.20
N ALA A 102 -5.27 9.12 10.30
CA ALA A 102 -6.23 9.18 9.22
C ALA A 102 -7.66 9.34 9.74
N PRO A 103 -8.55 9.94 8.95
CA PRO A 103 -9.93 10.15 9.37
C PRO A 103 -10.71 8.86 9.57
N GLN A 104 -11.76 8.92 10.38
CA GLN A 104 -12.55 7.73 10.69
C GLN A 104 -13.13 7.14 9.42
N GLY A 105 -13.12 5.81 9.30
CA GLY A 105 -13.58 5.15 8.09
C GLY A 105 -12.50 4.99 7.05
N SER A 106 -11.26 5.36 7.40
CA SER A 106 -10.13 5.18 6.49
C SER A 106 -9.94 3.72 6.11
N CYS A 107 -10.21 2.82 7.06
CA CYS A 107 -10.14 1.38 6.77
C CYS A 107 -11.52 0.74 6.82
N PRO A 108 -12.07 0.40 5.66
CA PRO A 108 -13.39 -0.24 5.60
C PRO A 108 -13.36 -1.69 6.06
N GLU A 109 -14.39 -2.12 6.77
CA GLU A 109 -14.53 -3.52 7.15
C GLU A 109 -14.90 -4.38 5.93
N ALA A 110 -15.69 -3.83 5.04
CA ALA A 110 -16.16 -4.57 3.87
C ALA A 110 -15.03 -4.81 2.87
N ALA A 111 -15.05 -5.96 2.21
CA ALA A 111 -14.07 -6.24 1.15
C ALA A 111 -14.40 -5.43 -0.09
N GLU A 112 -13.48 -4.56 -0.51
CA GLU A 112 -13.74 -3.71 -1.66
C GLU A 112 -13.58 -4.44 -2.99
N GLY A 113 -12.65 -5.40 -3.04
CA GLY A 113 -12.36 -6.07 -4.30
C GLY A 113 -11.72 -7.43 -4.13
N VAL A 114 -11.39 -8.07 -5.24
CA VAL A 114 -10.69 -9.35 -5.21
C VAL A 114 -9.37 -9.23 -5.99
N ILE A 115 -8.27 -9.63 -5.36
CA ILE A 115 -6.98 -9.63 -6.04
C ILE A 115 -6.36 -11.02 -5.98
N ALA A 116 -6.02 -11.55 -7.15
CA ALA A 116 -5.36 -12.86 -7.24
C ALA A 116 -6.10 -13.92 -6.42
N GLY A 117 -7.42 -13.90 -6.48
CA GLY A 117 -8.22 -14.92 -5.84
C GLY A 117 -8.48 -14.66 -4.36
N ARG A 118 -8.07 -13.49 -3.88
CA ARG A 118 -8.24 -13.16 -2.47
C ARG A 118 -9.07 -11.89 -2.29
N PRO A 119 -10.09 -11.93 -1.43
CA PRO A 119 -10.88 -10.73 -1.16
C PRO A 119 -10.04 -9.69 -0.44
N VAL A 120 -10.09 -8.44 -0.88
CA VAL A 120 -9.20 -7.42 -0.32
C VAL A 120 -9.96 -6.16 0.04
N ARG A 121 -9.63 -5.60 1.20
CA ARG A 121 -10.16 -4.31 1.61
C ARG A 121 -9.22 -3.23 1.08
N CYS A 122 -9.74 -2.02 0.83
CA CYS A 122 -8.91 -0.98 0.24
C CYS A 122 -8.93 0.32 1.04
N ASN A 123 -7.81 1.02 1.07
CA ASN A 123 -7.67 2.22 1.89
C ASN A 123 -8.44 3.39 1.32
N SER A 124 -8.73 4.38 2.16
CA SER A 124 -9.35 5.62 1.68
C SER A 124 -8.38 6.40 0.81
N TRP A 125 -8.90 7.04 -0.24
CA TRP A 125 -8.04 7.69 -1.22
C TRP A 125 -7.19 8.79 -0.59
N GLU A 126 -7.79 9.60 0.27
CA GLU A 126 -7.04 10.65 0.94
C GLU A 126 -5.88 10.05 1.72
N ALA A 127 -6.16 8.96 2.45
CA ALA A 127 -5.12 8.28 3.22
C ALA A 127 -4.03 7.77 2.29
N ILE A 128 -4.45 7.20 1.16
CA ILE A 128 -3.50 6.64 0.20
C ILE A 128 -2.61 7.75 -0.32
N ILE A 129 -3.21 8.89 -0.64
CA ILE A 129 -2.46 10.01 -1.20
C ILE A 129 -1.43 10.46 -0.17
N TRP A 130 -1.84 10.56 1.09
CA TRP A 130 -0.94 10.95 2.15
C TRP A 130 0.20 9.95 2.28
N ASP A 131 -0.15 8.66 2.22
CA ASP A 131 0.86 7.61 2.36
C ASP A 131 1.87 7.75 1.22
N TYR A 132 1.38 7.98 0.01
CA TYR A 132 2.24 8.08 -1.16
C TYR A 132 3.13 9.31 -1.06
N PHE A 133 2.56 10.44 -0.63
CA PHE A 133 3.34 11.66 -0.46
C PHE A 133 4.47 11.41 0.53
N TYR A 134 4.14 10.79 1.66
CA TYR A 134 5.14 10.47 2.67
C TYR A 134 6.22 9.59 2.06
N TYR A 135 5.81 8.58 1.31
CA TYR A 135 6.74 7.72 0.59
C TYR A 135 7.65 8.53 -0.31
N ALA A 136 7.07 9.43 -1.10
CA ALA A 136 7.83 10.19 -2.08
C ALA A 136 8.86 11.08 -1.38
N ASP A 137 8.46 11.69 -0.28
CA ASP A 137 9.36 12.53 0.50
C ASP A 137 10.47 11.70 1.14
N GLU A 138 10.12 10.52 1.66
CA GLU A 138 11.09 9.71 2.38
C GLU A 138 12.13 9.13 1.44
N VAL A 139 11.67 8.47 0.37
CA VAL A 139 12.58 7.84 -0.57
C VAL A 139 12.17 8.13 -2.00
N PRO A 140 13.03 8.78 -2.80
CA PRO A 140 12.69 9.07 -4.19
C PRO A 140 12.68 7.81 -5.04
N PRO A 141 11.67 7.66 -5.91
CA PRO A 141 11.58 6.48 -6.78
C PRO A 141 12.74 6.39 -7.77
N VAL A 142 13.39 7.51 -8.02
CA VAL A 142 14.43 7.59 -9.04
C VAL A 142 15.73 6.98 -8.51
N ASP A 143 16.21 5.95 -9.18
CA ASP A 143 17.40 5.21 -8.75
C ASP A 143 18.63 5.63 -9.55
N TRP A 144 18.48 6.63 -10.42
CA TRP A 144 19.53 7.02 -11.34
C TRP A 144 20.78 7.52 -10.64
N PRO A 145 20.65 8.31 -9.57
CA PRO A 145 21.84 8.83 -8.87
C PRO A 145 22.75 7.72 -8.35
N THR A 146 24.05 7.97 -8.36
CA THR A 146 25.03 6.94 -8.03
C THR A 146 24.78 6.37 -6.65
N LYS A 147 24.51 7.24 -5.68
CA LYS A 147 24.26 6.79 -4.31
C LYS A 147 23.06 5.85 -4.27
N HIS A 148 22.02 6.20 -5.00
CA HIS A 148 20.84 5.35 -5.08
C HIS A 148 21.16 4.03 -5.77
N ILE A 149 21.98 4.08 -6.81
CA ILE A 149 22.39 2.86 -7.50
C ILE A 149 23.09 1.96 -6.49
N GLU A 150 24.02 2.52 -5.73
CA GLU A 150 24.79 1.75 -4.77
C GLU A 150 23.86 1.17 -3.71
N SER A 151 22.93 1.99 -3.22
CA SER A 151 22.00 1.54 -2.19
C SER A 151 21.14 0.40 -2.73
N TYR A 152 20.72 0.54 -3.98
CA TYR A 152 19.94 -0.49 -4.66
C TYR A 152 20.74 -1.79 -4.72
N ARG A 153 22.02 -1.69 -5.08
CA ARG A 153 22.86 -2.87 -5.19
C ARG A 153 22.97 -3.56 -3.82
N LEU A 154 23.17 -2.78 -2.78
CA LEU A 154 23.30 -3.32 -1.43
C LEU A 154 21.99 -4.00 -1.03
N ALA A 155 20.87 -3.36 -1.32
CA ALA A 155 19.56 -3.92 -0.99
C ALA A 155 19.36 -5.23 -1.73
N CYS A 156 19.71 -5.26 -3.01
CA CYS A 156 19.52 -6.46 -3.83
C CYS A 156 20.37 -7.60 -3.28
N THR A 157 21.61 -7.28 -2.91
CA THR A 157 22.49 -8.29 -2.32
C THR A 157 21.82 -8.84 -1.08
N SER A 158 21.25 -7.96 -0.27
CA SER A 158 20.62 -8.37 0.98
C SER A 158 19.39 -9.22 0.71
N LEU A 159 18.66 -8.88 -0.35
CA LEU A 159 17.48 -9.62 -0.77
C LEU A 159 17.88 -11.00 -1.27
N GLY A 160 19.03 -11.07 -1.93
CA GLY A 160 19.44 -12.29 -2.61
C GLY A 160 19.60 -12.05 -4.10
N ALA A 161 20.84 -11.91 -4.55
CA ALA A 161 21.11 -11.50 -5.93
C ALA A 161 20.37 -12.38 -6.93
N GLU A 162 20.43 -13.70 -6.75
CA GLU A 162 19.81 -14.61 -7.69
C GLU A 162 18.30 -14.36 -7.75
N LYS A 163 17.68 -14.22 -6.60
CA LYS A 163 16.24 -14.00 -6.54
C LYS A 163 15.89 -12.69 -7.24
N VAL A 164 16.68 -11.66 -6.97
CA VAL A 164 16.42 -10.35 -7.54
C VAL A 164 16.55 -10.45 -9.06
N GLU A 165 17.57 -11.16 -9.53
CA GLU A 165 17.78 -11.30 -10.97
C GLU A 165 16.58 -11.99 -11.60
N VAL A 166 16.08 -13.03 -10.95
CA VAL A 166 14.92 -13.76 -11.48
C VAL A 166 13.74 -12.80 -11.55
N LEU A 167 13.55 -12.00 -10.50
CA LEU A 167 12.44 -11.05 -10.47
C LEU A 167 12.59 -10.06 -11.62
N ARG A 168 13.80 -9.57 -11.84
CA ARG A 168 14.04 -8.60 -12.89
C ARG A 168 13.63 -9.20 -14.23
N ALA A 169 14.05 -10.45 -14.47
CA ALA A 169 13.74 -11.11 -15.73
C ALA A 169 12.23 -11.25 -15.90
N ALA A 170 11.55 -11.61 -14.81
CA ALA A 170 10.10 -11.77 -14.84
C ALA A 170 9.42 -10.44 -15.18
N PHE A 171 9.93 -9.36 -14.60
CA PHE A 171 9.41 -8.03 -14.89
C PHE A 171 9.64 -7.66 -16.34
N ARG A 172 10.86 -7.89 -16.83
CA ARG A 172 11.20 -7.55 -18.20
C ARG A 172 10.29 -8.32 -19.15
N SER A 173 10.08 -9.60 -18.84
CA SER A 173 9.24 -10.44 -19.68
C SER A 173 7.82 -9.88 -19.72
N ARG A 174 7.31 -9.48 -18.56
CA ARG A 174 5.97 -8.91 -18.48
C ARG A 174 5.90 -7.64 -19.31
N TYR A 175 6.93 -6.79 -19.18
CA TYR A 175 6.96 -5.53 -19.89
C TYR A 175 6.95 -5.75 -21.40
N ALA A 176 7.78 -6.69 -21.86
CA ALA A 176 7.83 -7.02 -23.28
C ALA A 176 6.46 -7.50 -23.75
N ALA A 177 5.82 -8.35 -22.94
CA ALA A 177 4.49 -8.85 -23.27
C ALA A 177 3.50 -7.70 -23.35
N LEU A 178 3.61 -6.75 -22.42
CA LEU A 178 2.70 -5.62 -22.38
C LEU A 178 2.81 -4.82 -23.67
N GLU A 179 4.03 -4.63 -24.17
CA GLU A 179 4.24 -3.96 -25.45
C GLU A 179 3.73 -4.80 -26.61
N HIS A 180 3.99 -6.11 -26.59
CA HIS A 180 3.65 -6.97 -27.71
C HIS A 180 2.13 -7.08 -27.86
N HIS A 181 1.44 -7.34 -26.75
CA HIS A 181 -0.01 -7.38 -26.76
C HIS A 181 -0.56 -6.67 -25.52
N HIS A 182 -1.22 -5.53 -25.73
CA HIS A 182 -1.63 -4.68 -24.62
C HIS A 182 -2.67 -5.37 -23.73
N HIS A 183 -3.54 -6.18 -24.32
CA HIS A 183 -4.51 -6.93 -23.52
C HIS A 183 -3.81 -7.87 -22.55
N HIS A 184 -2.68 -8.43 -22.97
CA HIS A 184 -1.89 -9.25 -22.06
C HIS A 184 -1.32 -8.41 -20.93
N HIS A 185 -1.38 -8.92 -19.71
CA HIS A 185 -0.98 -8.15 -18.54
C HIS A 185 -0.66 -9.04 -17.34
N MET A 1 7.57 -16.92 -16.30
CA MET A 1 7.86 -15.66 -15.58
C MET A 1 6.56 -15.02 -15.11
N ASP A 2 5.71 -14.61 -16.05
CA ASP A 2 4.45 -13.97 -15.70
C ASP A 2 3.60 -14.91 -14.84
N THR A 3 3.52 -16.18 -15.25
CA THR A 3 2.79 -17.18 -14.48
C THR A 3 3.40 -17.29 -13.09
N THR A 4 4.72 -17.30 -13.03
CA THR A 4 5.41 -17.40 -11.75
C THR A 4 5.04 -16.22 -10.86
N GLN A 5 5.02 -15.03 -11.44
CA GLN A 5 4.70 -13.83 -10.67
C GLN A 5 3.31 -13.96 -10.08
N VAL A 6 2.36 -14.38 -10.92
CA VAL A 6 0.98 -14.52 -10.48
C VAL A 6 0.92 -15.57 -9.37
N THR A 7 1.62 -16.68 -9.57
CA THR A 7 1.57 -17.78 -8.62
C THR A 7 2.12 -17.31 -7.27
N LEU A 8 3.22 -16.58 -7.31
CA LEU A 8 3.84 -16.09 -6.08
C LEU A 8 2.84 -15.19 -5.34
N ILE A 9 2.22 -14.28 -6.07
CA ILE A 9 1.30 -13.33 -5.45
C ILE A 9 0.16 -14.12 -4.81
N HIS A 10 -0.36 -15.10 -5.54
CA HIS A 10 -1.49 -15.89 -5.05
C HIS A 10 -1.11 -16.62 -3.77
N LYS A 11 0.08 -17.22 -3.76
CA LYS A 11 0.53 -17.97 -2.59
C LYS A 11 0.63 -17.05 -1.39
N ILE A 12 1.22 -15.88 -1.60
CA ILE A 12 1.46 -14.96 -0.50
C ILE A 12 0.11 -14.50 0.07
N LEU A 13 -0.83 -14.20 -0.82
CA LEU A 13 -2.16 -13.79 -0.40
C LEU A 13 -2.85 -14.93 0.35
N ALA A 14 -2.73 -16.15 -0.16
CA ALA A 14 -3.34 -17.30 0.51
C ALA A 14 -2.78 -17.43 1.92
N ALA A 15 -1.48 -17.21 2.07
CA ALA A 15 -0.87 -17.26 3.39
C ALA A 15 -1.49 -16.21 4.29
N ALA A 16 -1.77 -15.02 3.75
CA ALA A 16 -2.39 -13.96 4.54
C ALA A 16 -3.75 -14.41 5.06
N ASP A 17 -4.53 -15.08 4.21
CA ASP A 17 -5.82 -15.62 4.63
C ASP A 17 -5.63 -16.63 5.76
N GLU A 18 -4.63 -17.49 5.63
CA GLU A 18 -4.37 -18.50 6.64
C GLU A 18 -3.97 -17.82 7.96
N ARG A 19 -3.16 -16.77 7.84
CA ARG A 19 -2.73 -16.00 9.00
C ARG A 19 -3.91 -15.22 9.58
N ASN A 20 -5.01 -15.16 8.82
CA ASN A 20 -6.19 -14.43 9.25
C ASN A 20 -5.85 -12.95 9.36
N LEU A 21 -5.04 -12.47 8.43
CA LEU A 21 -4.55 -11.10 8.47
C LEU A 21 -5.26 -10.23 7.44
N PRO A 22 -6.09 -9.29 7.90
CA PRO A 22 -6.81 -8.41 6.98
C PRO A 22 -5.85 -7.48 6.22
N LEU A 23 -6.10 -7.32 4.93
CA LEU A 23 -5.23 -6.50 4.09
C LEU A 23 -5.97 -5.34 3.44
N TRP A 24 -5.53 -4.12 3.72
CA TRP A 24 -6.05 -2.94 3.05
C TRP A 24 -5.07 -2.46 2.00
N ILE A 25 -5.47 -2.52 0.73
CA ILE A 25 -4.57 -2.20 -0.36
C ILE A 25 -4.92 -0.82 -0.92
N GLY A 26 -3.89 0.00 -1.15
CA GLY A 26 -4.11 1.33 -1.69
C GLY A 26 -3.37 1.59 -2.98
N GLY A 27 -3.86 2.55 -3.76
CA GLY A 27 -3.16 2.98 -4.96
C GLY A 27 -3.81 2.51 -6.25
N GLY A 28 -3.36 3.08 -7.38
CA GLY A 28 -3.87 2.66 -8.67
C GLY A 28 -3.62 1.18 -8.93
N TRP A 29 -2.53 0.67 -8.39
CA TRP A 29 -2.24 -0.76 -8.49
C TRP A 29 -3.40 -1.57 -7.93
N ALA A 30 -3.93 -1.13 -6.78
CA ALA A 30 -5.08 -1.79 -6.19
C ALA A 30 -6.26 -1.75 -7.15
N ILE A 31 -6.50 -0.58 -7.76
CA ILE A 31 -7.63 -0.44 -8.66
C ILE A 31 -7.47 -1.44 -9.81
N ASP A 32 -6.28 -1.44 -10.41
CA ASP A 32 -6.03 -2.28 -11.57
C ASP A 32 -6.21 -3.75 -11.22
N ALA A 33 -5.67 -4.14 -10.07
CA ALA A 33 -5.79 -5.53 -9.61
C ALA A 33 -7.25 -5.90 -9.37
N ARG A 34 -8.01 -4.98 -8.77
CA ARG A 34 -9.44 -5.21 -8.56
C ARG A 34 -10.15 -5.33 -9.89
N LEU A 35 -9.75 -4.52 -10.87
CA LEU A 35 -10.31 -4.60 -12.22
C LEU A 35 -9.96 -5.93 -12.86
N GLY A 36 -8.81 -6.48 -12.49
CA GLY A 36 -8.33 -7.69 -13.13
C GLY A 36 -7.37 -7.42 -14.26
N ARG A 37 -7.15 -6.14 -14.57
CA ARG A 37 -6.18 -5.75 -15.58
C ARG A 37 -5.30 -4.62 -15.06
N VAL A 38 -3.98 -4.80 -15.13
CA VAL A 38 -3.06 -3.79 -14.63
C VAL A 38 -2.52 -2.97 -15.80
N THR A 39 -2.96 -1.72 -15.89
CA THR A 39 -2.65 -0.88 -17.04
C THR A 39 -1.15 -0.60 -17.14
N ARG A 40 -0.55 -0.25 -16.01
CA ARG A 40 0.87 0.09 -16.00
C ARG A 40 1.53 -0.41 -14.72
N LYS A 41 2.86 -0.50 -14.73
CA LYS A 41 3.59 -0.90 -13.54
C LYS A 41 3.57 0.22 -12.49
N HIS A 42 3.35 -0.15 -11.23
CA HIS A 42 3.36 0.81 -10.15
C HIS A 42 4.54 0.57 -9.21
N ASP A 43 5.40 1.57 -9.05
CA ASP A 43 6.59 1.42 -8.22
C ASP A 43 6.22 1.26 -6.75
N ASP A 44 5.27 2.06 -6.28
CA ASP A 44 4.88 2.05 -4.87
C ASP A 44 3.59 1.28 -4.64
N ILE A 45 3.64 0.25 -3.80
CA ILE A 45 2.44 -0.47 -3.41
C ILE A 45 2.13 -0.21 -1.94
N ASP A 46 0.94 0.32 -1.66
CA ASP A 46 0.57 0.67 -0.30
C ASP A 46 -0.24 -0.46 0.35
N LEU A 47 0.36 -1.13 1.33
CA LEU A 47 -0.35 -2.16 2.07
C LEU A 47 -0.57 -1.75 3.53
N THR A 48 -1.79 -1.89 4.01
CA THR A 48 -2.12 -1.53 5.38
C THR A 48 -2.57 -2.75 6.17
N PHE A 49 -2.02 -2.91 7.37
CA PHE A 49 -2.29 -4.09 8.18
C PHE A 49 -2.51 -3.73 9.64
N PRO A 50 -3.27 -4.55 10.38
CA PRO A 50 -3.52 -4.29 11.79
C PRO A 50 -2.21 -4.22 12.58
N GLY A 51 -2.11 -3.24 13.47
CA GLY A 51 -0.87 -3.01 14.20
C GLY A 51 -0.41 -4.25 14.95
N GLU A 52 -1.37 -4.98 15.53
CA GLU A 52 -1.04 -6.15 16.33
C GLU A 52 -0.33 -7.21 15.50
N ARG A 53 -0.80 -7.45 14.28
CA ARG A 53 -0.29 -8.55 13.47
C ARG A 53 0.98 -8.17 12.74
N ARG A 54 1.83 -7.36 13.36
CA ARG A 54 3.03 -6.87 12.69
C ARG A 54 3.92 -8.02 12.27
N GLY A 55 4.05 -9.03 13.14
CA GLY A 55 4.86 -10.18 12.82
C GLY A 55 4.38 -10.91 11.58
N GLU A 56 3.07 -11.09 11.46
CA GLU A 56 2.51 -11.73 10.26
C GLU A 56 2.82 -10.90 9.03
N LEU A 57 2.72 -9.58 9.16
CA LEU A 57 3.09 -8.69 8.07
C LEU A 57 4.55 -8.87 7.68
N GLU A 58 5.43 -8.94 8.69
CA GLU A 58 6.85 -9.07 8.42
C GLU A 58 7.10 -10.37 7.67
N ALA A 59 6.42 -11.43 8.09
CA ALA A 59 6.54 -12.72 7.41
C ALA A 59 6.08 -12.61 5.96
N ILE A 60 4.97 -11.90 5.75
CA ILE A 60 4.46 -11.72 4.40
C ILE A 60 5.49 -11.00 3.53
N VAL A 61 6.11 -9.97 4.10
CA VAL A 61 7.11 -9.21 3.36
C VAL A 61 8.26 -10.15 3.00
N GLU A 62 8.66 -10.99 3.93
CA GLU A 62 9.72 -11.96 3.68
C GLU A 62 9.31 -12.90 2.54
N MET A 63 8.05 -13.32 2.53
CA MET A 63 7.54 -14.19 1.48
C MET A 63 7.51 -13.46 0.14
N LEU A 64 7.19 -12.16 0.17
CA LEU A 64 7.23 -11.34 -1.03
C LEU A 64 8.63 -11.37 -1.62
N GLY A 65 9.61 -11.73 -0.79
CA GLY A 65 11.00 -11.69 -1.20
C GLY A 65 11.60 -10.32 -0.91
N GLY A 66 10.77 -9.45 -0.32
CA GLY A 66 11.23 -8.13 0.06
C GLY A 66 11.79 -8.07 1.47
N ARG A 67 12.59 -7.06 1.75
CA ARG A 67 13.10 -6.85 3.10
C ARG A 67 12.94 -5.39 3.52
N VAL A 68 12.88 -5.15 4.82
CA VAL A 68 12.58 -3.81 5.32
C VAL A 68 13.78 -2.89 5.08
N MET A 69 13.58 -1.89 4.23
CA MET A 69 14.61 -0.87 4.01
C MET A 69 14.76 0.01 5.24
N GLU A 70 13.63 0.52 5.74
CA GLU A 70 13.60 1.45 6.86
C GLU A 70 12.38 1.21 7.73
N GLU A 71 12.56 1.23 9.05
CA GLU A 71 11.44 1.14 9.97
C GLU A 71 10.97 2.53 10.37
N LEU A 72 9.66 2.77 10.28
CA LEU A 72 9.11 4.10 10.54
C LEU A 72 8.41 4.12 11.89
N ASP A 73 8.23 5.30 12.46
CA ASP A 73 7.47 5.42 13.71
C ASP A 73 6.14 4.71 13.55
N TYR A 74 5.57 4.80 12.34
CA TYR A 74 4.37 4.05 12.00
C TYR A 74 4.63 3.18 10.78
N GLY A 75 4.58 1.86 10.95
CA GLY A 75 4.80 0.95 9.83
C GLY A 75 6.24 0.97 9.36
N PHE A 76 6.48 0.52 8.13
CA PHE A 76 7.84 0.46 7.61
C PHE A 76 7.89 0.50 6.09
N LEU A 77 9.05 0.87 5.57
CA LEU A 77 9.31 0.79 4.13
C LEU A 77 10.07 -0.49 3.81
N ALA A 78 9.53 -1.27 2.88
CA ALA A 78 10.19 -2.52 2.48
C ALA A 78 10.46 -2.49 0.97
N GLU A 79 11.58 -3.08 0.55
CA GLU A 79 11.87 -3.19 -0.87
C GLU A 79 11.61 -4.60 -1.37
N ILE A 80 10.70 -4.73 -2.34
CA ILE A 80 10.47 -6.03 -2.97
C ILE A 80 11.12 -5.99 -4.35
N GLY A 81 12.28 -6.63 -4.48
CA GLY A 81 13.03 -6.51 -5.72
C GLY A 81 13.25 -5.05 -6.07
N ASP A 82 12.86 -4.65 -7.28
CA ASP A 82 12.90 -3.26 -7.68
C ASP A 82 11.78 -2.47 -7.03
N GLU A 83 10.61 -3.09 -6.87
CA GLU A 83 9.42 -2.40 -6.40
C GLU A 83 9.48 -2.00 -4.93
N LEU A 84 8.71 -0.98 -4.57
CA LEU A 84 8.76 -0.38 -3.25
C LEU A 84 7.45 -0.64 -2.50
N LEU A 85 7.56 -1.13 -1.27
CA LEU A 85 6.38 -1.46 -0.47
C LEU A 85 6.22 -0.49 0.70
N ASP A 86 5.11 0.24 0.71
CA ASP A 86 4.78 1.09 1.84
C ASP A 86 3.82 0.39 2.78
N CYS A 87 4.34 -0.11 3.90
CA CYS A 87 3.50 -0.73 4.92
C CYS A 87 3.02 0.30 5.92
N GLU A 88 1.73 0.29 6.22
CA GLU A 88 1.16 1.21 7.19
C GLU A 88 0.30 0.48 8.23
N PRO A 89 0.47 0.83 9.50
CA PRO A 89 -0.31 0.20 10.57
C PRO A 89 -1.73 0.73 10.62
N ALA A 90 -2.70 -0.16 10.86
CA ALA A 90 -4.07 0.26 11.08
C ALA A 90 -4.46 -0.09 12.51
N TRP A 91 -5.04 0.86 13.23
CA TRP A 91 -5.27 0.67 14.67
C TRP A 91 -6.75 0.68 15.02
N TRP A 92 -7.10 -0.12 16.02
CA TRP A 92 -8.46 -0.11 16.56
C TRP A 92 -8.62 0.94 17.66
N ALA A 93 -9.62 1.80 17.51
CA ALA A 93 -9.99 2.73 18.57
C ALA A 93 -11.38 2.36 19.07
N ASP A 94 -11.67 2.62 20.34
CA ASP A 94 -12.93 2.19 20.92
C ASP A 94 -14.09 2.63 20.04
N GLU A 95 -13.99 3.82 19.48
CA GLU A 95 -15.02 4.33 18.58
C GLU A 95 -15.03 3.61 17.23
N ALA A 96 -13.85 3.42 16.63
CA ALA A 96 -13.79 2.88 15.28
C ALA A 96 -12.38 2.40 14.92
N TYR A 97 -12.29 1.64 13.83
CA TYR A 97 -11.00 1.17 13.33
C TYR A 97 -10.49 2.08 12.22
N GLU A 98 -9.27 2.57 12.34
CA GLU A 98 -8.76 3.55 11.39
C GLU A 98 -7.24 3.48 11.23
N ILE A 99 -6.75 4.05 10.14
CA ILE A 99 -5.30 4.18 9.91
C ILE A 99 -4.78 5.29 10.82
N ALA A 100 -3.58 5.10 11.37
CA ALA A 100 -2.98 6.13 12.22
C ALA A 100 -2.88 7.45 11.46
N GLU A 101 -3.18 8.55 12.13
CA GLU A 101 -3.15 9.86 11.48
C GLU A 101 -4.11 9.91 10.29
N ALA A 102 -5.26 9.25 10.41
CA ALA A 102 -6.28 9.32 9.36
C ALA A 102 -7.68 9.40 9.95
N PRO A 103 -8.62 10.03 9.22
CA PRO A 103 -9.99 10.17 9.69
C PRO A 103 -10.73 8.84 9.79
N GLN A 104 -11.77 8.81 10.62
CA GLN A 104 -12.51 7.58 10.86
C GLN A 104 -13.12 7.05 9.56
N GLY A 105 -13.08 5.74 9.37
CA GLY A 105 -13.55 5.14 8.13
C GLY A 105 -12.47 5.05 7.06
N SER A 106 -11.25 5.44 7.41
CA SER A 106 -10.13 5.32 6.48
C SER A 106 -9.90 3.88 6.07
N CYS A 107 -10.13 2.94 6.99
CA CYS A 107 -10.05 1.52 6.67
C CYS A 107 -11.42 0.86 6.76
N PRO A 108 -12.07 0.61 5.62
CA PRO A 108 -13.38 -0.04 5.62
C PRO A 108 -13.30 -1.53 5.96
N GLU A 109 -14.28 -2.02 6.71
CA GLU A 109 -14.38 -3.45 7.01
C GLU A 109 -14.78 -4.24 5.76
N ALA A 110 -15.62 -3.63 4.91
CA ALA A 110 -16.16 -4.33 3.75
C ALA A 110 -15.07 -4.70 2.76
N ALA A 111 -15.16 -5.90 2.18
CA ALA A 111 -14.23 -6.31 1.13
C ALA A 111 -14.49 -5.49 -0.13
N GLU A 112 -13.51 -4.69 -0.53
CA GLU A 112 -13.70 -3.78 -1.66
C GLU A 112 -13.58 -4.49 -3.00
N GLY A 113 -12.74 -5.52 -3.06
CA GLY A 113 -12.51 -6.21 -4.32
C GLY A 113 -11.79 -7.53 -4.16
N VAL A 114 -11.49 -8.18 -5.29
CA VAL A 114 -10.75 -9.44 -5.26
C VAL A 114 -9.44 -9.28 -6.04
N ILE A 115 -8.33 -9.63 -5.40
CA ILE A 115 -7.04 -9.61 -6.07
C ILE A 115 -6.39 -10.99 -6.01
N ALA A 116 -6.04 -11.53 -7.17
CA ALA A 116 -5.37 -12.83 -7.25
C ALA A 116 -6.09 -13.88 -6.43
N GLY A 117 -7.42 -13.87 -6.47
CA GLY A 117 -8.21 -14.89 -5.82
C GLY A 117 -8.45 -14.62 -4.34
N ARG A 118 -8.04 -13.45 -3.86
CA ARG A 118 -8.21 -13.12 -2.45
C ARG A 118 -9.06 -11.86 -2.28
N PRO A 119 -10.06 -11.90 -1.40
CA PRO A 119 -10.86 -10.70 -1.13
C PRO A 119 -10.01 -9.66 -0.41
N VAL A 120 -10.07 -8.42 -0.86
CA VAL A 120 -9.19 -7.38 -0.32
C VAL A 120 -9.96 -6.13 0.03
N ARG A 121 -9.63 -5.55 1.17
CA ARG A 121 -10.18 -4.25 1.57
C ARG A 121 -9.27 -3.16 1.03
N CYS A 122 -9.81 -1.96 0.79
CA CYS A 122 -9.03 -0.90 0.18
C CYS A 122 -8.93 0.33 1.09
N ASN A 123 -7.77 0.98 1.08
CA ASN A 123 -7.56 2.17 1.90
C ASN A 123 -8.34 3.35 1.34
N SER A 124 -8.65 4.33 2.19
CA SER A 124 -9.26 5.57 1.72
C SER A 124 -8.28 6.36 0.86
N TRP A 125 -8.77 6.97 -0.20
CA TRP A 125 -7.90 7.63 -1.17
C TRP A 125 -7.08 8.74 -0.54
N GLU A 126 -7.70 9.55 0.32
CA GLU A 126 -6.97 10.60 1.01
C GLU A 126 -5.80 10.00 1.78
N ALA A 127 -6.06 8.91 2.49
CA ALA A 127 -5.02 8.23 3.26
C ALA A 127 -3.93 7.71 2.32
N ILE A 128 -4.35 7.15 1.19
CA ILE A 128 -3.42 6.57 0.23
C ILE A 128 -2.51 7.69 -0.28
N ILE A 129 -3.10 8.82 -0.60
CA ILE A 129 -2.35 9.95 -1.13
C ILE A 129 -1.32 10.39 -0.08
N TRP A 130 -1.74 10.45 1.17
CA TRP A 130 -0.83 10.82 2.25
C TRP A 130 0.30 9.80 2.34
N ASP A 131 -0.03 8.52 2.25
CA ASP A 131 0.97 7.47 2.35
C ASP A 131 2.01 7.63 1.25
N TYR A 132 1.53 7.94 0.05
CA TYR A 132 2.41 8.15 -1.10
C TYR A 132 3.29 9.37 -0.89
N PHE A 133 2.67 10.48 -0.50
CA PHE A 133 3.40 11.73 -0.33
C PHE A 133 4.46 11.57 0.75
N TYR A 134 4.08 10.93 1.85
CA TYR A 134 5.01 10.66 2.93
C TYR A 134 6.21 9.85 2.41
N TYR A 135 5.95 8.80 1.65
CA TYR A 135 7.05 8.04 1.07
C TYR A 135 7.92 8.92 0.19
N ALA A 136 7.28 9.69 -0.69
CA ALA A 136 8.02 10.50 -1.65
C ALA A 136 8.94 11.46 -0.90
N ASP A 137 8.46 11.96 0.24
CA ASP A 137 9.28 12.82 1.08
C ASP A 137 10.45 12.06 1.68
N GLU A 138 10.19 10.84 2.16
CA GLU A 138 11.23 10.08 2.86
C GLU A 138 12.27 9.54 1.90
N VAL A 139 11.83 8.83 0.86
CA VAL A 139 12.76 8.17 -0.06
C VAL A 139 12.37 8.45 -1.51
N PRO A 140 13.27 9.05 -2.29
CA PRO A 140 12.96 9.34 -3.70
C PRO A 140 13.00 8.09 -4.58
N PRO A 141 12.00 7.94 -5.47
CA PRO A 141 11.95 6.79 -6.38
C PRO A 141 13.12 6.81 -7.36
N VAL A 142 13.76 7.96 -7.48
CA VAL A 142 14.80 8.18 -8.48
C VAL A 142 16.04 7.35 -8.14
N ASP A 143 16.50 6.55 -9.09
CA ASP A 143 17.59 5.62 -8.84
C ASP A 143 18.85 5.90 -9.67
N TRP A 144 18.79 6.89 -10.56
CA TRP A 144 19.91 7.09 -11.48
C TRP A 144 21.19 7.58 -10.78
N PRO A 145 21.09 8.37 -9.71
CA PRO A 145 22.28 8.86 -9.02
C PRO A 145 23.15 7.72 -8.48
N THR A 146 24.47 7.93 -8.48
CA THR A 146 25.41 6.88 -8.14
C THR A 146 25.12 6.31 -6.75
N LYS A 147 24.88 7.19 -5.78
CA LYS A 147 24.62 6.74 -4.41
C LYS A 147 23.39 5.85 -4.38
N HIS A 148 22.34 6.24 -5.10
CA HIS A 148 21.15 5.42 -5.20
C HIS A 148 21.46 4.08 -5.85
N ILE A 149 22.28 4.11 -6.90
CA ILE A 149 22.63 2.88 -7.60
C ILE A 149 23.33 1.94 -6.61
N GLU A 150 24.27 2.49 -5.85
CA GLU A 150 25.02 1.68 -4.89
C GLU A 150 24.08 1.10 -3.85
N SER A 151 23.16 1.94 -3.36
CA SER A 151 22.24 1.51 -2.31
C SER A 151 21.36 0.39 -2.85
N TYR A 152 20.90 0.56 -4.09
CA TYR A 152 20.10 -0.47 -4.76
C TYR A 152 20.87 -1.78 -4.83
N ARG A 153 22.13 -1.71 -5.24
CA ARG A 153 22.93 -2.91 -5.39
C ARG A 153 23.09 -3.61 -4.04
N LEU A 154 23.39 -2.84 -3.01
CA LEU A 154 23.61 -3.40 -1.68
C LEU A 154 22.32 -4.06 -1.18
N ALA A 155 21.19 -3.37 -1.38
CA ALA A 155 19.91 -3.90 -0.95
C ALA A 155 19.59 -5.20 -1.70
N CYS A 156 19.83 -5.21 -3.00
CA CYS A 156 19.55 -6.39 -3.80
C CYS A 156 20.40 -7.56 -3.34
N THR A 157 21.67 -7.29 -3.07
CA THR A 157 22.58 -8.31 -2.56
C THR A 157 22.02 -8.85 -1.26
N SER A 158 21.56 -7.95 -0.39
CA SER A 158 21.05 -8.34 0.92
C SER A 158 19.77 -9.17 0.77
N LEU A 159 18.95 -8.81 -0.22
CA LEU A 159 17.72 -9.55 -0.48
C LEU A 159 18.05 -10.94 -1.02
N GLY A 160 19.11 -11.02 -1.81
CA GLY A 160 19.44 -12.25 -2.51
C GLY A 160 19.57 -12.02 -4.00
N ALA A 161 20.81 -11.94 -4.48
CA ALA A 161 21.06 -11.55 -5.88
C ALA A 161 20.28 -12.43 -6.83
N GLU A 162 20.32 -13.75 -6.62
CA GLU A 162 19.64 -14.68 -7.52
C GLU A 162 18.14 -14.38 -7.56
N LYS A 163 17.56 -14.18 -6.39
CA LYS A 163 16.13 -13.92 -6.30
C LYS A 163 15.80 -12.63 -7.05
N VAL A 164 16.62 -11.61 -6.83
CA VAL A 164 16.38 -10.31 -7.45
C VAL A 164 16.48 -10.45 -8.97
N GLU A 165 17.48 -11.20 -9.42
CA GLU A 165 17.66 -11.41 -10.85
C GLU A 165 16.44 -12.09 -11.45
N VAL A 166 15.93 -13.10 -10.76
CA VAL A 166 14.74 -13.80 -11.23
C VAL A 166 13.59 -12.82 -11.35
N LEU A 167 13.43 -11.96 -10.35
CA LEU A 167 12.37 -10.97 -10.35
C LEU A 167 12.55 -10.03 -11.54
N ARG A 168 13.77 -9.58 -11.76
CA ARG A 168 14.04 -8.65 -12.85
C ARG A 168 13.64 -9.28 -14.17
N ALA A 169 14.03 -10.54 -14.37
CA ALA A 169 13.71 -11.24 -15.61
C ALA A 169 12.20 -11.34 -15.77
N ALA A 170 11.50 -11.63 -14.67
CA ALA A 170 10.05 -11.74 -14.71
C ALA A 170 9.42 -10.41 -15.12
N PHE A 171 9.91 -9.32 -14.55
CA PHE A 171 9.39 -8.00 -14.87
C PHE A 171 9.67 -7.66 -16.34
N ARG A 172 10.88 -7.93 -16.79
CA ARG A 172 11.24 -7.69 -18.19
C ARG A 172 10.28 -8.46 -19.09
N SER A 173 9.99 -9.70 -18.71
CA SER A 173 9.14 -10.56 -19.53
C SER A 173 7.75 -9.96 -19.65
N ARG A 174 7.21 -9.46 -18.53
CA ARG A 174 5.90 -8.82 -18.58
C ARG A 174 5.95 -7.58 -19.46
N TYR A 175 7.03 -6.80 -19.36
CA TYR A 175 7.14 -5.59 -20.17
C TYR A 175 7.13 -5.95 -21.65
N ALA A 176 7.88 -6.98 -22.01
CA ALA A 176 7.90 -7.44 -23.40
C ALA A 176 6.51 -7.88 -23.82
N ALA A 177 5.81 -8.59 -22.94
CA ALA A 177 4.46 -9.06 -23.24
C ALA A 177 3.54 -7.88 -23.47
N LEU A 178 3.65 -6.86 -22.63
CA LEU A 178 2.86 -5.65 -22.78
C LEU A 178 3.14 -5.02 -24.14
N GLU A 179 4.42 -4.93 -24.48
CA GLU A 179 4.83 -4.29 -25.73
C GLU A 179 4.27 -5.06 -26.92
N HIS A 180 4.28 -6.38 -26.83
CA HIS A 180 3.73 -7.22 -27.90
C HIS A 180 2.22 -7.08 -27.99
N HIS A 181 1.55 -7.14 -26.84
CA HIS A 181 0.09 -7.13 -26.83
C HIS A 181 -0.43 -6.43 -25.57
N HIS A 182 -1.09 -5.29 -25.75
CA HIS A 182 -1.52 -4.49 -24.60
C HIS A 182 -2.49 -5.25 -23.71
N HIS A 183 -3.43 -5.98 -24.32
CA HIS A 183 -4.42 -6.70 -23.54
C HIS A 183 -3.76 -7.73 -22.64
N HIS A 184 -2.58 -8.22 -23.03
CA HIS A 184 -1.85 -9.14 -22.16
C HIS A 184 -1.17 -8.37 -21.03
N HIS A 185 -1.92 -8.14 -19.95
CA HIS A 185 -1.37 -7.46 -18.79
C HIS A 185 -0.64 -8.42 -17.84
N MET A 1 7.81 -17.03 -16.14
CA MET A 1 8.10 -15.69 -15.59
C MET A 1 6.82 -15.03 -15.10
N ASP A 2 5.99 -14.59 -16.04
CA ASP A 2 4.78 -13.85 -15.68
C ASP A 2 3.82 -14.74 -14.89
N THR A 3 3.66 -15.98 -15.33
CA THR A 3 2.86 -16.95 -14.59
C THR A 3 3.44 -17.14 -13.20
N THR A 4 4.76 -17.20 -13.11
CA THR A 4 5.43 -17.35 -11.83
C THR A 4 5.08 -16.16 -10.93
N GLN A 5 5.11 -14.97 -11.49
CA GLN A 5 4.83 -13.77 -10.71
C GLN A 5 3.42 -13.88 -10.12
N VAL A 6 2.46 -14.26 -10.97
CA VAL A 6 1.08 -14.37 -10.55
C VAL A 6 0.97 -15.43 -9.46
N THR A 7 1.64 -16.56 -9.68
CA THR A 7 1.56 -17.68 -8.76
C THR A 7 2.09 -17.27 -7.40
N LEU A 8 3.22 -16.57 -7.41
CA LEU A 8 3.84 -16.13 -6.15
C LEU A 8 2.86 -15.23 -5.40
N ILE A 9 2.27 -14.26 -6.11
CA ILE A 9 1.37 -13.31 -5.48
C ILE A 9 0.20 -14.09 -4.87
N HIS A 10 -0.34 -15.03 -5.63
CA HIS A 10 -1.49 -15.79 -5.18
C HIS A 10 -1.14 -16.57 -3.91
N LYS A 11 0.03 -17.19 -3.91
CA LYS A 11 0.45 -17.99 -2.76
C LYS A 11 0.57 -17.10 -1.53
N ILE A 12 1.18 -15.94 -1.69
CA ILE A 12 1.42 -15.05 -0.57
C ILE A 12 0.07 -14.60 0.00
N LEU A 13 -0.85 -14.25 -0.89
CA LEU A 13 -2.18 -13.82 -0.47
C LEU A 13 -2.93 -14.95 0.24
N ALA A 14 -2.79 -16.17 -0.28
CA ALA A 14 -3.40 -17.33 0.36
C ALA A 14 -2.83 -17.50 1.77
N ALA A 15 -1.52 -17.30 1.92
CA ALA A 15 -0.90 -17.39 3.23
C ALA A 15 -1.49 -16.35 4.17
N ALA A 16 -1.70 -15.13 3.65
CA ALA A 16 -2.29 -14.08 4.47
C ALA A 16 -3.68 -14.47 4.93
N ASP A 17 -4.44 -15.12 4.05
CA ASP A 17 -5.77 -15.60 4.40
C ASP A 17 -5.68 -16.62 5.53
N GLU A 18 -4.72 -17.54 5.43
CA GLU A 18 -4.57 -18.58 6.44
C GLU A 18 -4.14 -17.94 7.76
N ARG A 19 -3.25 -16.97 7.69
CA ARG A 19 -2.81 -16.22 8.86
C ARG A 19 -3.93 -15.38 9.42
N ASN A 20 -5.00 -15.22 8.63
CA ASN A 20 -6.16 -14.46 9.07
C ASN A 20 -5.78 -12.99 9.25
N LEU A 21 -4.92 -12.50 8.36
CA LEU A 21 -4.46 -11.11 8.44
C LEU A 21 -5.18 -10.23 7.42
N PRO A 22 -6.06 -9.35 7.90
CA PRO A 22 -6.79 -8.46 7.00
C PRO A 22 -5.86 -7.46 6.30
N LEU A 23 -6.08 -7.25 5.01
CA LEU A 23 -5.21 -6.38 4.23
C LEU A 23 -5.98 -5.26 3.54
N TRP A 24 -5.55 -4.03 3.78
CA TRP A 24 -6.10 -2.88 3.07
C TRP A 24 -5.14 -2.42 1.98
N ILE A 25 -5.56 -2.49 0.73
CA ILE A 25 -4.68 -2.20 -0.39
C ILE A 25 -5.03 -0.85 -0.99
N GLY A 26 -4.01 -0.06 -1.31
CA GLY A 26 -4.24 1.27 -1.83
C GLY A 26 -3.44 1.58 -3.08
N GLY A 27 -3.89 2.54 -3.87
CA GLY A 27 -3.14 3.00 -5.03
C GLY A 27 -3.70 2.54 -6.36
N GLY A 28 -3.14 3.05 -7.45
CA GLY A 28 -3.59 2.65 -8.77
C GLY A 28 -3.44 1.16 -9.00
N TRP A 29 -2.40 0.56 -8.44
CA TRP A 29 -2.22 -0.87 -8.52
C TRP A 29 -3.44 -1.59 -7.94
N ALA A 30 -3.92 -1.11 -6.81
CA ALA A 30 -5.12 -1.68 -6.19
C ALA A 30 -6.30 -1.56 -7.13
N ILE A 31 -6.42 -0.42 -7.81
CA ILE A 31 -7.52 -0.20 -8.74
C ILE A 31 -7.42 -1.24 -9.85
N ASP A 32 -6.24 -1.34 -10.45
CA ASP A 32 -6.04 -2.20 -11.61
C ASP A 32 -6.29 -3.66 -11.24
N ALA A 33 -5.74 -4.09 -10.10
CA ALA A 33 -5.90 -5.46 -9.65
C ALA A 33 -7.37 -5.76 -9.40
N ARG A 34 -8.09 -4.82 -8.78
CA ARG A 34 -9.53 -4.98 -8.58
C ARG A 34 -10.28 -5.03 -9.90
N LEU A 35 -9.84 -4.23 -10.86
CA LEU A 35 -10.43 -4.26 -12.20
C LEU A 35 -10.17 -5.62 -12.84
N GLY A 36 -9.08 -6.27 -12.44
CA GLY A 36 -8.69 -7.52 -13.05
C GLY A 36 -7.67 -7.35 -14.17
N ARG A 37 -7.31 -6.11 -14.47
CA ARG A 37 -6.26 -5.85 -15.44
C ARG A 37 -5.34 -4.73 -14.98
N VAL A 38 -4.04 -4.91 -15.16
CA VAL A 38 -3.07 -3.92 -14.71
C VAL A 38 -2.66 -3.03 -15.89
N THR A 39 -2.96 -1.74 -15.78
CA THR A 39 -2.72 -0.81 -16.88
C THR A 39 -1.23 -0.58 -17.06
N ARG A 40 -0.53 -0.36 -15.95
CA ARG A 40 0.90 -0.05 -15.99
C ARG A 40 1.56 -0.55 -14.71
N LYS A 41 2.89 -0.71 -14.74
CA LYS A 41 3.62 -1.08 -13.55
C LYS A 41 3.60 0.05 -12.53
N HIS A 42 3.23 -0.28 -11.29
CA HIS A 42 3.28 0.69 -10.20
C HIS A 42 4.40 0.35 -9.23
N ASP A 43 5.40 1.22 -9.15
CA ASP A 43 6.58 0.96 -8.33
C ASP A 43 6.21 0.90 -6.85
N ASP A 44 5.30 1.76 -6.44
CA ASP A 44 4.93 1.86 -5.03
C ASP A 44 3.62 1.13 -4.73
N ILE A 45 3.67 0.17 -3.82
CA ILE A 45 2.44 -0.52 -3.39
C ILE A 45 2.11 -0.11 -1.96
N ASP A 46 0.92 0.44 -1.77
CA ASP A 46 0.47 0.87 -0.45
C ASP A 46 -0.32 -0.24 0.23
N LEU A 47 0.29 -0.90 1.20
CA LEU A 47 -0.41 -1.92 1.97
C LEU A 47 -0.61 -1.50 3.43
N THR A 48 -1.83 -1.70 3.94
CA THR A 48 -2.13 -1.35 5.32
C THR A 48 -2.50 -2.60 6.11
N PHE A 49 -1.93 -2.74 7.29
CA PHE A 49 -2.13 -3.93 8.11
C PHE A 49 -2.36 -3.58 9.57
N PRO A 50 -3.09 -4.43 10.31
CA PRO A 50 -3.34 -4.18 11.73
C PRO A 50 -2.04 -4.05 12.52
N GLY A 51 -1.98 -3.05 13.39
CA GLY A 51 -0.75 -2.79 14.13
C GLY A 51 -0.30 -3.99 14.93
N GLU A 52 -1.26 -4.71 15.50
CA GLU A 52 -0.95 -5.87 16.34
C GLU A 52 -0.24 -6.96 15.55
N ARG A 53 -0.72 -7.24 14.34
CA ARG A 53 -0.20 -8.35 13.55
C ARG A 53 1.08 -7.98 12.81
N ARG A 54 1.94 -7.18 13.44
CA ARG A 54 3.13 -6.68 12.76
C ARG A 54 4.04 -7.84 12.34
N GLY A 55 4.21 -8.82 13.22
CA GLY A 55 5.02 -9.97 12.89
C GLY A 55 4.52 -10.69 11.65
N GLU A 56 3.21 -10.86 11.55
CA GLU A 56 2.61 -11.49 10.39
C GLU A 56 2.93 -10.68 9.13
N LEU A 57 2.84 -9.35 9.24
CA LEU A 57 3.23 -8.50 8.12
C LEU A 57 4.69 -8.70 7.75
N GLU A 58 5.55 -8.77 8.74
CA GLU A 58 6.98 -8.96 8.48
C GLU A 58 7.19 -10.28 7.75
N ALA A 59 6.44 -11.31 8.16
CA ALA A 59 6.50 -12.60 7.49
C ALA A 59 6.03 -12.48 6.05
N ILE A 60 4.99 -11.70 5.81
CA ILE A 60 4.49 -11.48 4.46
C ILE A 60 5.60 -10.85 3.61
N VAL A 61 6.28 -9.87 4.16
CA VAL A 61 7.34 -9.19 3.42
C VAL A 61 8.41 -10.21 3.05
N GLU A 62 8.74 -11.09 4.00
CA GLU A 62 9.70 -12.16 3.74
C GLU A 62 9.18 -13.09 2.64
N MET A 63 7.89 -13.38 2.66
CA MET A 63 7.27 -14.22 1.64
C MET A 63 7.32 -13.53 0.27
N LEU A 64 7.15 -12.21 0.27
CA LEU A 64 7.29 -11.42 -0.94
C LEU A 64 8.71 -11.57 -1.47
N GLY A 65 9.62 -11.92 -0.58
CA GLY A 65 11.04 -11.98 -0.92
C GLY A 65 11.73 -10.68 -0.59
N GLY A 66 10.97 -9.72 -0.10
CA GLY A 66 11.49 -8.39 0.17
C GLY A 66 12.06 -8.24 1.56
N ARG A 67 12.71 -7.11 1.82
CA ARG A 67 13.24 -6.82 3.15
C ARG A 67 12.90 -5.39 3.55
N VAL A 68 12.87 -5.12 4.85
CA VAL A 68 12.50 -3.80 5.34
C VAL A 68 13.69 -2.86 5.16
N MET A 69 13.53 -1.87 4.27
CA MET A 69 14.57 -0.87 4.06
C MET A 69 14.70 0.03 5.29
N GLU A 70 13.58 0.58 5.74
CA GLU A 70 13.55 1.54 6.83
C GLU A 70 12.35 1.30 7.74
N GLU A 71 12.61 1.07 9.02
CA GLU A 71 11.53 0.94 9.99
C GLU A 71 11.11 2.33 10.49
N LEU A 72 9.80 2.57 10.51
CA LEU A 72 9.28 3.90 10.85
C LEU A 72 8.60 3.85 12.20
N ASP A 73 8.47 4.99 12.86
CA ASP A 73 7.72 5.05 14.12
C ASP A 73 6.34 4.44 13.90
N TYR A 74 5.79 4.67 12.71
CA TYR A 74 4.54 4.02 12.30
C TYR A 74 4.74 3.31 10.97
N GLY A 75 4.58 1.99 10.97
CA GLY A 75 4.76 1.21 9.75
C GLY A 75 6.21 1.11 9.33
N PHE A 76 6.46 0.72 8.08
CA PHE A 76 7.82 0.66 7.57
C PHE A 76 7.88 0.75 6.05
N LEU A 77 9.06 1.10 5.55
CA LEU A 77 9.31 1.08 4.11
C LEU A 77 10.10 -0.18 3.75
N ALA A 78 9.56 -0.99 2.83
CA ALA A 78 10.18 -2.25 2.50
C ALA A 78 10.51 -2.31 1.01
N GLU A 79 11.62 -2.95 0.66
CA GLU A 79 11.94 -3.16 -0.75
C GLU A 79 11.58 -4.58 -1.17
N ILE A 80 10.65 -4.69 -2.12
CA ILE A 80 10.32 -5.98 -2.69
C ILE A 80 10.95 -6.05 -4.07
N GLY A 81 12.11 -6.70 -4.18
CA GLY A 81 12.84 -6.66 -5.43
C GLY A 81 13.09 -5.24 -5.89
N ASP A 82 12.68 -4.93 -7.11
CA ASP A 82 12.75 -3.56 -7.63
C ASP A 82 11.68 -2.66 -7.00
N GLU A 83 10.49 -3.22 -6.77
CA GLU A 83 9.36 -2.42 -6.31
C GLU A 83 9.45 -2.08 -4.82
N LEU A 84 8.86 -0.96 -4.44
CA LEU A 84 8.92 -0.51 -3.05
C LEU A 84 7.57 -0.62 -2.35
N LEU A 85 7.57 -1.19 -1.15
CA LEU A 85 6.34 -1.44 -0.42
C LEU A 85 6.17 -0.43 0.72
N ASP A 86 5.08 0.34 0.68
CA ASP A 86 4.76 1.26 1.76
C ASP A 86 3.80 0.60 2.74
N CYS A 87 4.28 0.29 3.94
CA CYS A 87 3.45 -0.38 4.93
C CYS A 87 2.97 0.60 5.99
N GLU A 88 1.66 0.58 6.26
CA GLU A 88 1.09 1.49 7.25
C GLU A 88 0.25 0.75 8.27
N PRO A 89 0.41 1.09 9.55
CA PRO A 89 -0.35 0.44 10.62
C PRO A 89 -1.80 0.92 10.68
N ALA A 90 -2.73 -0.01 10.83
CA ALA A 90 -4.11 0.33 11.08
C ALA A 90 -4.49 -0.11 12.49
N TRP A 91 -5.03 0.82 13.28
CA TRP A 91 -5.25 0.54 14.70
C TRP A 91 -6.72 0.50 15.07
N TRP A 92 -7.05 -0.34 16.04
CA TRP A 92 -8.40 -0.38 16.59
C TRP A 92 -8.56 0.65 17.71
N ALA A 93 -9.66 1.40 17.66
CA ALA A 93 -10.01 2.31 18.74
C ALA A 93 -11.42 2.00 19.21
N ASP A 94 -11.72 2.29 20.47
CA ASP A 94 -13.00 1.92 21.04
C ASP A 94 -14.14 2.40 20.15
N GLU A 95 -13.98 3.60 19.59
CA GLU A 95 -14.98 4.13 18.66
C GLU A 95 -14.98 3.41 17.32
N ALA A 96 -13.80 3.18 16.74
CA ALA A 96 -13.73 2.63 15.39
C ALA A 96 -12.33 2.13 15.05
N TYR A 97 -12.25 1.35 13.97
CA TYR A 97 -10.96 0.90 13.45
C TYR A 97 -10.51 1.83 12.33
N GLU A 98 -9.29 2.35 12.42
CA GLU A 98 -8.83 3.34 11.45
C GLU A 98 -7.32 3.35 11.27
N ILE A 99 -6.86 3.91 10.16
CA ILE A 99 -5.44 4.08 9.91
C ILE A 99 -4.89 5.15 10.84
N ALA A 100 -3.67 4.96 11.34
CA ALA A 100 -3.05 5.94 12.20
C ALA A 100 -2.98 7.30 11.51
N GLU A 101 -3.31 8.37 12.23
CA GLU A 101 -3.27 9.70 11.67
C GLU A 101 -4.16 9.81 10.42
N ALA A 102 -5.32 9.16 10.46
CA ALA A 102 -6.29 9.29 9.36
C ALA A 102 -7.70 9.39 9.90
N PRO A 103 -8.60 10.05 9.16
CA PRO A 103 -9.99 10.21 9.59
C PRO A 103 -10.74 8.88 9.69
N GLN A 104 -11.77 8.84 10.53
CA GLN A 104 -12.52 7.61 10.75
C GLN A 104 -13.14 7.13 9.44
N GLY A 105 -13.13 5.82 9.22
CA GLY A 105 -13.60 5.26 7.96
C GLY A 105 -12.49 5.14 6.93
N SER A 106 -11.27 5.50 7.30
CA SER A 106 -10.12 5.35 6.42
C SER A 106 -9.92 3.88 6.03
N CYS A 107 -10.20 2.96 6.95
CA CYS A 107 -10.12 1.55 6.64
C CYS A 107 -11.50 0.89 6.73
N PRO A 108 -12.14 0.63 5.59
CA PRO A 108 -13.45 -0.02 5.59
C PRO A 108 -13.36 -1.49 5.98
N GLU A 109 -14.31 -1.95 6.80
CA GLU A 109 -14.36 -3.36 7.18
C GLU A 109 -14.79 -4.24 6.01
N ALA A 110 -15.65 -3.70 5.14
CA ALA A 110 -16.19 -4.49 4.04
C ALA A 110 -15.10 -4.82 3.02
N ALA A 111 -15.18 -6.01 2.42
CA ALA A 111 -14.26 -6.37 1.35
C ALA A 111 -14.55 -5.53 0.10
N GLU A 112 -13.59 -4.70 -0.30
CA GLU A 112 -13.79 -3.78 -1.39
C GLU A 112 -13.71 -4.47 -2.76
N GLY A 113 -12.81 -5.44 -2.88
CA GLY A 113 -12.58 -6.08 -4.16
C GLY A 113 -11.86 -7.40 -4.06
N VAL A 114 -11.53 -8.00 -5.21
CA VAL A 114 -10.78 -9.25 -5.24
C VAL A 114 -9.47 -9.05 -5.99
N ILE A 115 -8.37 -9.44 -5.37
CA ILE A 115 -7.06 -9.38 -6.04
C ILE A 115 -6.39 -10.75 -6.02
N ALA A 116 -6.02 -11.24 -7.20
CA ALA A 116 -5.34 -12.52 -7.32
C ALA A 116 -6.07 -13.62 -6.55
N GLY A 117 -7.39 -13.62 -6.61
CA GLY A 117 -8.17 -14.68 -6.00
C GLY A 117 -8.42 -14.47 -4.51
N ARG A 118 -8.02 -13.32 -3.99
CA ARG A 118 -8.20 -13.04 -2.56
C ARG A 118 -9.06 -11.81 -2.33
N PRO A 119 -10.09 -11.91 -1.48
CA PRO A 119 -10.92 -10.76 -1.17
C PRO A 119 -10.10 -9.73 -0.41
N VAL A 120 -10.14 -8.47 -0.84
CA VAL A 120 -9.26 -7.46 -0.26
C VAL A 120 -10.03 -6.19 0.12
N ARG A 121 -9.68 -5.63 1.27
CA ARG A 121 -10.21 -4.34 1.68
C ARG A 121 -9.30 -3.24 1.13
N CYS A 122 -9.83 -2.05 0.91
CA CYS A 122 -9.06 -1.00 0.27
C CYS A 122 -9.02 0.28 1.09
N ASN A 123 -7.89 0.99 1.05
CA ASN A 123 -7.70 2.18 1.87
C ASN A 123 -8.48 3.38 1.31
N SER A 124 -8.74 4.37 2.16
CA SER A 124 -9.34 5.61 1.70
C SER A 124 -8.38 6.37 0.80
N TRP A 125 -8.90 7.03 -0.23
CA TRP A 125 -8.05 7.66 -1.24
C TRP A 125 -7.16 8.73 -0.61
N GLU A 126 -7.72 9.54 0.27
CA GLU A 126 -6.94 10.58 0.92
C GLU A 126 -5.77 9.97 1.70
N ALA A 127 -6.05 8.88 2.42
CA ALA A 127 -5.01 8.19 3.18
C ALA A 127 -3.95 7.65 2.22
N ILE A 128 -4.40 7.10 1.09
CA ILE A 128 -3.48 6.55 0.11
C ILE A 128 -2.58 7.67 -0.39
N ILE A 129 -3.18 8.83 -0.67
CA ILE A 129 -2.43 9.96 -1.19
C ILE A 129 -1.36 10.36 -0.18
N TRP A 130 -1.75 10.42 1.09
CA TRP A 130 -0.81 10.76 2.14
C TRP A 130 0.32 9.73 2.18
N ASP A 131 -0.03 8.46 2.07
CA ASP A 131 0.96 7.40 2.16
C ASP A 131 1.98 7.56 1.05
N TYR A 132 1.50 7.88 -0.15
CA TYR A 132 2.38 8.10 -1.29
C TYR A 132 3.25 9.34 -1.05
N PHE A 133 2.65 10.41 -0.58
CA PHE A 133 3.38 11.66 -0.34
C PHE A 133 4.47 11.41 0.69
N TYR A 134 4.12 10.72 1.77
CA TYR A 134 5.08 10.41 2.81
C TYR A 134 6.24 9.60 2.23
N TYR A 135 5.91 8.61 1.40
CA TYR A 135 6.95 7.86 0.71
C TYR A 135 7.84 8.78 -0.12
N ALA A 136 7.22 9.67 -0.89
CA ALA A 136 7.96 10.52 -1.81
C ALA A 136 8.95 11.39 -1.02
N ASP A 137 8.52 11.85 0.15
CA ASP A 137 9.40 12.61 1.03
C ASP A 137 10.51 11.73 1.59
N GLU A 138 10.18 10.51 1.97
CA GLU A 138 11.16 9.64 2.61
C GLU A 138 12.21 9.12 1.64
N VAL A 139 11.77 8.51 0.54
CA VAL A 139 12.68 7.88 -0.40
C VAL A 139 12.34 8.26 -1.83
N PRO A 140 13.27 8.84 -2.58
CA PRO A 140 13.02 9.20 -3.97
C PRO A 140 12.87 7.99 -4.88
N PRO A 141 11.89 8.00 -5.77
CA PRO A 141 11.66 6.88 -6.70
C PRO A 141 12.82 6.69 -7.68
N VAL A 142 13.59 7.75 -7.90
CA VAL A 142 14.63 7.74 -8.93
C VAL A 142 15.88 7.05 -8.41
N ASP A 143 16.31 6.00 -9.10
CA ASP A 143 17.47 5.22 -8.69
C ASP A 143 18.71 5.61 -9.49
N TRP A 144 18.58 6.63 -10.33
CA TRP A 144 19.65 7.01 -11.25
C TRP A 144 20.92 7.47 -10.54
N PRO A 145 20.81 8.26 -9.47
CA PRO A 145 21.99 8.75 -8.77
C PRO A 145 22.89 7.63 -8.25
N THR A 146 24.20 7.86 -8.25
CA THR A 146 25.17 6.82 -7.93
C THR A 146 24.91 6.26 -6.53
N LYS A 147 24.67 7.13 -5.56
CA LYS A 147 24.43 6.69 -4.20
C LYS A 147 23.20 5.78 -4.14
N HIS A 148 22.15 6.15 -4.86
CA HIS A 148 20.97 5.32 -4.94
C HIS A 148 21.31 3.98 -5.60
N ILE A 149 22.12 4.02 -6.65
CA ILE A 149 22.48 2.79 -7.35
C ILE A 149 23.20 1.87 -6.36
N GLU A 150 24.15 2.42 -5.62
CA GLU A 150 24.94 1.63 -4.68
C GLU A 150 24.03 1.03 -3.62
N SER A 151 23.12 1.86 -3.10
CA SER A 151 22.23 1.42 -2.04
C SER A 151 21.34 0.30 -2.56
N TYR A 152 20.86 0.46 -3.79
CA TYR A 152 20.01 -0.55 -4.42
C TYR A 152 20.77 -1.85 -4.57
N ARG A 153 22.03 -1.77 -5.00
CA ARG A 153 22.86 -2.96 -5.16
C ARG A 153 23.03 -3.67 -3.84
N LEU A 154 23.31 -2.91 -2.78
CA LEU A 154 23.52 -3.50 -1.46
C LEU A 154 22.22 -4.16 -1.00
N ALA A 155 21.10 -3.50 -1.20
CA ALA A 155 19.81 -4.06 -0.83
C ALA A 155 19.54 -5.33 -1.62
N CYS A 156 19.86 -5.31 -2.91
CA CYS A 156 19.62 -6.47 -3.77
C CYS A 156 20.46 -7.65 -3.30
N THR A 157 21.71 -7.38 -2.96
CA THR A 157 22.58 -8.42 -2.43
C THR A 157 21.96 -9.01 -1.17
N SER A 158 21.43 -8.12 -0.32
CA SER A 158 20.85 -8.56 0.94
C SER A 158 19.58 -9.37 0.69
N LEU A 159 18.83 -8.99 -0.34
CA LEU A 159 17.63 -9.72 -0.72
C LEU A 159 18.01 -11.10 -1.26
N GLY A 160 19.11 -11.17 -1.98
CA GLY A 160 19.51 -12.38 -2.68
C GLY A 160 19.70 -12.11 -4.17
N ALA A 161 20.95 -12.00 -4.59
CA ALA A 161 21.26 -11.58 -5.96
C ALA A 161 20.53 -12.45 -6.99
N GLU A 162 20.52 -13.75 -6.77
CA GLU A 162 19.85 -14.65 -7.71
C GLU A 162 18.36 -14.35 -7.77
N LYS A 163 17.74 -14.18 -6.60
CA LYS A 163 16.31 -13.95 -6.52
C LYS A 163 15.95 -12.66 -7.25
N VAL A 164 16.74 -11.61 -6.98
CA VAL A 164 16.49 -10.30 -7.56
C VAL A 164 16.59 -10.41 -9.08
N GLU A 165 17.61 -11.13 -9.54
CA GLU A 165 17.81 -11.28 -10.99
C GLU A 165 16.61 -11.99 -11.62
N VAL A 166 16.11 -13.02 -10.96
CA VAL A 166 14.95 -13.75 -11.46
C VAL A 166 13.78 -12.79 -11.55
N LEU A 167 13.60 -11.97 -10.51
CA LEU A 167 12.50 -11.01 -10.49
C LEU A 167 12.65 -10.04 -11.65
N ARG A 168 13.86 -9.55 -11.87
CA ARG A 168 14.11 -8.59 -12.93
C ARG A 168 13.71 -9.20 -14.26
N ALA A 169 14.12 -10.44 -14.49
CA ALA A 169 13.82 -11.12 -15.75
C ALA A 169 12.31 -11.25 -15.91
N ALA A 170 11.62 -11.60 -14.83
CA ALA A 170 10.17 -11.77 -14.87
C ALA A 170 9.49 -10.47 -15.23
N PHE A 171 9.98 -9.36 -14.66
CA PHE A 171 9.43 -8.05 -14.97
C PHE A 171 9.70 -7.69 -16.42
N ARG A 172 10.92 -7.93 -16.89
CA ARG A 172 11.27 -7.60 -18.27
C ARG A 172 10.36 -8.38 -19.21
N SER A 173 10.16 -9.65 -18.91
CA SER A 173 9.32 -10.50 -19.73
C SER A 173 7.90 -9.95 -19.76
N ARG A 174 7.40 -9.54 -18.61
CA ARG A 174 6.05 -8.98 -18.52
C ARG A 174 5.96 -7.72 -19.37
N TYR A 175 6.98 -6.86 -19.28
CA TYR A 175 6.96 -5.60 -20.01
C TYR A 175 6.96 -5.87 -21.51
N ALA A 176 7.78 -6.83 -21.95
CA ALA A 176 7.79 -7.21 -23.36
C ALA A 176 6.42 -7.72 -23.77
N ALA A 177 5.80 -8.55 -22.94
CA ALA A 177 4.47 -9.06 -23.23
C ALA A 177 3.48 -7.91 -23.35
N LEU A 178 3.60 -6.93 -22.47
CA LEU A 178 2.72 -5.76 -22.51
C LEU A 178 2.90 -5.04 -23.84
N GLU A 179 4.14 -4.96 -24.31
CA GLU A 179 4.41 -4.31 -25.59
C GLU A 179 3.79 -5.11 -26.72
N HIS A 180 3.96 -6.43 -26.70
CA HIS A 180 3.52 -7.28 -27.79
C HIS A 180 2.00 -7.31 -27.87
N HIS A 181 1.34 -7.51 -26.73
CA HIS A 181 -0.11 -7.61 -26.71
C HIS A 181 -0.69 -6.75 -25.59
N HIS A 182 -1.40 -5.69 -25.95
CA HIS A 182 -1.87 -4.72 -24.97
C HIS A 182 -2.79 -5.38 -23.95
N HIS A 183 -3.68 -6.26 -24.40
CA HIS A 183 -4.63 -6.89 -23.50
C HIS A 183 -3.92 -7.64 -22.40
N HIS A 184 -2.79 -8.27 -22.74
CA HIS A 184 -2.05 -9.08 -21.77
C HIS A 184 -1.59 -8.22 -20.59
N HIS A 185 -1.69 -8.77 -19.39
CA HIS A 185 -1.36 -8.00 -18.18
C HIS A 185 -0.77 -8.88 -17.08
N MET A 1 7.23 -16.74 -16.46
CA MET A 1 7.63 -15.49 -15.77
C MET A 1 6.39 -14.81 -15.17
N ASP A 2 5.51 -14.30 -16.02
CA ASP A 2 4.26 -13.72 -15.54
C ASP A 2 3.47 -14.73 -14.72
N THR A 3 3.39 -15.96 -15.21
CA THR A 3 2.69 -17.02 -14.49
C THR A 3 3.32 -17.20 -13.11
N THR A 4 4.64 -17.21 -13.06
CA THR A 4 5.36 -17.35 -11.79
C THR A 4 5.02 -16.19 -10.89
N GLN A 5 5.00 -14.97 -11.43
CA GLN A 5 4.72 -13.79 -10.63
C GLN A 5 3.33 -13.90 -10.02
N VAL A 6 2.36 -14.29 -10.85
CA VAL A 6 0.98 -14.41 -10.40
C VAL A 6 0.91 -15.48 -9.32
N THR A 7 1.58 -16.60 -9.55
CA THR A 7 1.50 -17.73 -8.63
C THR A 7 2.07 -17.31 -7.28
N LEU A 8 3.19 -16.60 -7.30
CA LEU A 8 3.82 -16.15 -6.06
C LEU A 8 2.86 -15.24 -5.31
N ILE A 9 2.24 -14.30 -6.02
CA ILE A 9 1.34 -13.35 -5.38
C ILE A 9 0.19 -14.13 -4.75
N HIS A 10 -0.35 -15.08 -5.49
CA HIS A 10 -1.49 -15.86 -5.02
C HIS A 10 -1.11 -16.62 -3.75
N LYS A 11 0.08 -17.22 -3.76
CA LYS A 11 0.52 -17.99 -2.60
C LYS A 11 0.62 -17.09 -1.38
N ILE A 12 1.22 -15.92 -1.57
CA ILE A 12 1.45 -15.01 -0.46
C ILE A 12 0.09 -14.57 0.10
N LEU A 13 -0.84 -14.26 -0.78
CA LEU A 13 -2.17 -13.84 -0.35
C LEU A 13 -2.89 -14.98 0.36
N ALA A 14 -2.75 -16.20 -0.15
CA ALA A 14 -3.35 -17.36 0.51
C ALA A 14 -2.78 -17.50 1.92
N ALA A 15 -1.48 -17.27 2.06
CA ALA A 15 -0.86 -17.31 3.38
C ALA A 15 -1.50 -16.28 4.30
N ALA A 16 -1.78 -15.09 3.76
CA ALA A 16 -2.41 -14.03 4.54
C ALA A 16 -3.77 -14.48 5.06
N ASP A 17 -4.53 -15.19 4.23
CA ASP A 17 -5.80 -15.73 4.68
C ASP A 17 -5.59 -16.70 5.83
N GLU A 18 -4.59 -17.56 5.71
CA GLU A 18 -4.31 -18.55 6.75
C GLU A 18 -3.89 -17.82 8.03
N ARG A 19 -3.07 -16.79 7.88
CA ARG A 19 -2.64 -15.96 8.99
C ARG A 19 -3.83 -15.24 9.61
N ASN A 20 -4.93 -15.18 8.87
CA ASN A 20 -6.11 -14.44 9.31
C ASN A 20 -5.78 -12.96 9.41
N LEU A 21 -4.97 -12.48 8.48
CA LEU A 21 -4.50 -11.11 8.49
C LEU A 21 -5.19 -10.26 7.44
N PRO A 22 -6.09 -9.36 7.86
CA PRO A 22 -6.80 -8.50 6.92
C PRO A 22 -5.86 -7.50 6.24
N LEU A 23 -6.07 -7.28 4.94
CA LEU A 23 -5.18 -6.41 4.18
C LEU A 23 -5.94 -5.27 3.51
N TRP A 24 -5.50 -4.04 3.77
CA TRP A 24 -6.03 -2.87 3.08
C TRP A 24 -5.04 -2.39 2.03
N ILE A 25 -5.45 -2.40 0.77
CA ILE A 25 -4.54 -2.09 -0.32
C ILE A 25 -4.89 -0.73 -0.91
N GLY A 26 -3.88 0.12 -1.08
CA GLY A 26 -4.09 1.42 -1.70
C GLY A 26 -3.32 1.59 -2.99
N GLY A 27 -3.70 2.59 -3.79
CA GLY A 27 -2.97 2.92 -5.00
C GLY A 27 -3.66 2.43 -6.26
N GLY A 28 -3.23 2.97 -7.40
CA GLY A 28 -3.80 2.56 -8.68
C GLY A 28 -3.66 1.07 -8.91
N TRP A 29 -2.52 0.51 -8.50
CA TRP A 29 -2.28 -0.92 -8.64
C TRP A 29 -3.43 -1.70 -8.01
N ALA A 30 -3.89 -1.26 -6.84
CA ALA A 30 -4.99 -1.94 -6.16
C ALA A 30 -6.23 -1.95 -7.05
N ILE A 31 -6.55 -0.80 -7.63
CA ILE A 31 -7.71 -0.69 -8.49
C ILE A 31 -7.55 -1.62 -9.68
N ASP A 32 -6.37 -1.58 -10.30
CA ASP A 32 -6.12 -2.38 -11.50
C ASP A 32 -6.27 -3.87 -11.19
N ALA A 33 -5.71 -4.29 -10.07
CA ALA A 33 -5.84 -5.68 -9.65
C ALA A 33 -7.30 -6.03 -9.39
N ARG A 34 -8.04 -5.11 -8.75
CA ARG A 34 -9.46 -5.31 -8.53
C ARG A 34 -10.21 -5.41 -9.86
N LEU A 35 -9.80 -4.60 -10.82
CA LEU A 35 -10.38 -4.64 -12.17
C LEU A 35 -10.04 -5.97 -12.84
N GLY A 36 -8.89 -6.53 -12.49
CA GLY A 36 -8.41 -7.73 -13.15
C GLY A 36 -7.48 -7.44 -14.31
N ARG A 37 -7.23 -6.15 -14.57
CA ARG A 37 -6.26 -5.76 -15.58
C ARG A 37 -5.35 -4.63 -15.09
N VAL A 38 -4.04 -4.81 -15.28
CA VAL A 38 -3.08 -3.81 -14.81
C VAL A 38 -2.61 -2.97 -15.99
N THR A 39 -2.97 -1.69 -15.97
CA THR A 39 -2.66 -0.79 -17.07
C THR A 39 -1.16 -0.52 -17.14
N ARG A 40 -0.55 -0.25 -15.98
CA ARG A 40 0.86 0.13 -15.93
C ARG A 40 1.52 -0.43 -14.67
N LYS A 41 2.83 -0.59 -14.70
CA LYS A 41 3.57 -1.01 -13.52
C LYS A 41 3.58 0.11 -12.48
N HIS A 42 3.24 -0.23 -11.24
CA HIS A 42 3.29 0.74 -10.15
C HIS A 42 4.46 0.44 -9.22
N ASP A 43 5.41 1.36 -9.14
CA ASP A 43 6.61 1.16 -8.35
C ASP A 43 6.27 1.03 -6.86
N ASP A 44 5.31 1.82 -6.41
CA ASP A 44 4.94 1.86 -5.00
C ASP A 44 3.63 1.12 -4.73
N ILE A 45 3.68 0.12 -3.87
CA ILE A 45 2.47 -0.56 -3.43
C ILE A 45 2.19 -0.18 -1.98
N ASP A 46 1.00 0.37 -1.73
CA ASP A 46 0.67 0.87 -0.40
C ASP A 46 -0.22 -0.12 0.35
N LEU A 47 0.35 -0.79 1.35
CA LEU A 47 -0.39 -1.79 2.10
C LEU A 47 -0.61 -1.35 3.55
N THR A 48 -1.83 -1.57 4.05
CA THR A 48 -2.14 -1.25 5.43
C THR A 48 -2.49 -2.52 6.20
N PHE A 49 -1.89 -2.69 7.37
CA PHE A 49 -2.06 -3.91 8.16
C PHE A 49 -2.31 -3.59 9.62
N PRO A 50 -3.08 -4.44 10.32
CA PRO A 50 -3.34 -4.23 11.74
C PRO A 50 -2.05 -4.23 12.56
N GLY A 51 -1.92 -3.29 13.48
CA GLY A 51 -0.70 -3.17 14.26
C GLY A 51 -0.36 -4.44 15.01
N GLU A 52 -1.38 -5.11 15.54
CA GLU A 52 -1.16 -6.31 16.33
C GLU A 52 -0.48 -7.41 15.51
N ARG A 53 -0.77 -7.45 14.21
CA ARG A 53 -0.29 -8.54 13.37
C ARG A 53 0.96 -8.16 12.58
N ARG A 54 1.70 -7.16 13.07
CA ARG A 54 2.91 -6.75 12.38
C ARG A 54 3.84 -7.93 12.13
N GLY A 55 3.92 -8.85 13.07
CA GLY A 55 4.77 -10.01 12.88
C GLY A 55 4.40 -10.83 11.65
N GLU A 56 3.11 -11.10 11.48
CA GLU A 56 2.66 -11.85 10.31
C GLU A 56 2.95 -11.05 9.04
N LEU A 57 2.78 -9.74 9.14
CA LEU A 57 3.13 -8.83 8.04
C LEU A 57 4.60 -8.97 7.67
N GLU A 58 5.47 -8.99 8.68
CA GLU A 58 6.90 -9.09 8.41
C GLU A 58 7.19 -10.39 7.68
N ALA A 59 6.54 -11.47 8.10
CA ALA A 59 6.69 -12.75 7.43
C ALA A 59 6.21 -12.66 6.00
N ILE A 60 5.09 -11.96 5.77
CA ILE A 60 4.56 -11.79 4.43
C ILE A 60 5.59 -11.05 3.57
N VAL A 61 6.21 -10.02 4.11
CA VAL A 61 7.20 -9.26 3.36
C VAL A 61 8.35 -10.20 2.99
N GLU A 62 8.74 -11.05 3.92
CA GLU A 62 9.79 -12.03 3.66
C GLU A 62 9.38 -12.96 2.52
N MET A 63 8.11 -13.38 2.53
CA MET A 63 7.58 -14.24 1.48
C MET A 63 7.56 -13.51 0.14
N LEU A 64 7.26 -12.23 0.17
CA LEU A 64 7.30 -11.40 -1.03
C LEU A 64 8.70 -11.46 -1.62
N GLY A 65 9.66 -11.85 -0.80
CA GLY A 65 11.06 -11.82 -1.20
C GLY A 65 11.69 -10.50 -0.84
N GLY A 66 10.89 -9.62 -0.23
CA GLY A 66 11.35 -8.29 0.12
C GLY A 66 11.83 -8.18 1.55
N ARG A 67 12.55 -7.10 1.85
CA ARG A 67 12.99 -6.85 3.22
C ARG A 67 12.80 -5.38 3.57
N VAL A 68 12.71 -5.07 4.86
CA VAL A 68 12.40 -3.72 5.30
C VAL A 68 13.63 -2.83 5.12
N MET A 69 13.53 -1.86 4.22
CA MET A 69 14.60 -0.88 4.03
C MET A 69 14.68 0.06 5.22
N GLU A 70 13.53 0.62 5.60
CA GLU A 70 13.45 1.64 6.65
C GLU A 70 12.35 1.30 7.64
N GLU A 71 12.71 1.18 8.91
CA GLU A 71 11.73 0.99 9.97
C GLU A 71 11.23 2.33 10.49
N LEU A 72 9.91 2.50 10.53
CA LEU A 72 9.33 3.79 10.89
C LEU A 72 8.54 3.66 12.19
N ASP A 73 8.43 4.74 12.95
CA ASP A 73 7.61 4.72 14.15
C ASP A 73 6.21 4.25 13.80
N TYR A 74 5.74 4.64 12.61
CA TYR A 74 4.49 4.15 12.07
C TYR A 74 4.74 3.36 10.80
N GLY A 75 4.59 2.04 10.86
CA GLY A 75 4.78 1.21 9.69
C GLY A 75 6.22 1.13 9.25
N PHE A 76 6.45 0.80 7.98
CA PHE A 76 7.81 0.71 7.47
C PHE A 76 7.84 0.79 5.94
N LEU A 77 9.03 1.08 5.41
CA LEU A 77 9.24 1.02 3.96
C LEU A 77 10.06 -0.22 3.64
N ALA A 78 9.49 -1.10 2.80
CA ALA A 78 10.15 -2.35 2.46
C ALA A 78 10.48 -2.40 0.97
N GLU A 79 11.61 -3.02 0.62
CA GLU A 79 11.93 -3.21 -0.79
C GLU A 79 11.57 -4.61 -1.24
N ILE A 80 10.66 -4.73 -2.19
CA ILE A 80 10.34 -6.01 -2.81
C ILE A 80 10.97 -6.02 -4.19
N GLY A 81 12.12 -6.69 -4.32
CA GLY A 81 12.85 -6.62 -5.57
C GLY A 81 13.10 -5.17 -5.99
N ASP A 82 12.69 -4.81 -7.19
CA ASP A 82 12.75 -3.43 -7.66
C ASP A 82 11.68 -2.55 -7.01
N GLU A 83 10.50 -3.09 -6.78
CA GLU A 83 9.37 -2.30 -6.30
C GLU A 83 9.45 -2.00 -4.80
N LEU A 84 8.84 -0.91 -4.38
CA LEU A 84 8.90 -0.48 -2.99
C LEU A 84 7.53 -0.62 -2.30
N LEU A 85 7.55 -1.17 -1.09
CA LEU A 85 6.33 -1.36 -0.32
C LEU A 85 6.18 -0.30 0.75
N ASP A 86 5.14 0.51 0.63
CA ASP A 86 4.80 1.49 1.66
C ASP A 86 3.77 0.90 2.61
N CYS A 87 4.18 0.55 3.83
CA CYS A 87 3.27 -0.10 4.76
C CYS A 87 2.96 0.76 5.96
N GLU A 88 1.69 0.83 6.33
CA GLU A 88 1.28 1.58 7.51
C GLU A 88 0.36 0.78 8.42
N PRO A 89 0.48 0.99 9.73
CA PRO A 89 -0.35 0.28 10.71
C PRO A 89 -1.77 0.84 10.79
N ALA A 90 -2.74 -0.06 10.92
CA ALA A 90 -4.11 0.36 11.19
C ALA A 90 -4.50 -0.10 12.59
N TRP A 91 -5.04 0.82 13.40
CA TRP A 91 -5.28 0.54 14.80
C TRP A 91 -6.77 0.57 15.13
N TRP A 92 -7.17 -0.25 16.11
CA TRP A 92 -8.54 -0.25 16.57
C TRP A 92 -8.74 0.71 17.73
N ALA A 93 -9.83 1.48 17.68
CA ALA A 93 -10.21 2.35 18.79
C ALA A 93 -11.65 2.05 19.19
N ASP A 94 -11.99 2.34 20.44
CA ASP A 94 -13.32 1.99 20.95
C ASP A 94 -14.39 2.54 20.02
N GLU A 95 -14.16 3.73 19.48
CA GLU A 95 -15.08 4.32 18.50
C GLU A 95 -15.07 3.56 17.18
N ALA A 96 -13.88 3.29 16.64
CA ALA A 96 -13.79 2.71 15.31
C ALA A 96 -12.38 2.20 14.99
N TYR A 97 -12.28 1.40 13.94
CA TYR A 97 -10.97 0.95 13.45
C TYR A 97 -10.50 1.84 12.31
N GLU A 98 -9.29 2.38 12.42
CA GLU A 98 -8.82 3.34 11.44
C GLU A 98 -7.31 3.30 11.23
N ILE A 99 -6.85 3.86 10.12
CA ILE A 99 -5.41 4.01 9.88
C ILE A 99 -4.85 5.06 10.82
N ALA A 100 -3.65 4.84 11.33
CA ALA A 100 -3.01 5.82 12.20
C ALA A 100 -2.89 7.16 11.47
N GLU A 101 -3.19 8.25 12.18
CA GLU A 101 -3.12 9.58 11.59
C GLU A 101 -4.01 9.69 10.36
N ALA A 102 -5.20 9.10 10.42
CA ALA A 102 -6.15 9.24 9.32
C ALA A 102 -7.58 9.39 9.84
N PRO A 103 -8.44 10.06 9.07
CA PRO A 103 -9.84 10.27 9.48
C PRO A 103 -10.62 8.97 9.61
N GLN A 104 -11.66 8.98 10.43
CA GLN A 104 -12.50 7.80 10.60
C GLN A 104 -13.08 7.35 9.27
N GLY A 105 -13.10 6.05 9.03
CA GLY A 105 -13.54 5.52 7.74
C GLY A 105 -12.40 5.38 6.74
N SER A 106 -11.17 5.63 7.19
CA SER A 106 -10.01 5.42 6.35
C SER A 106 -9.87 3.96 5.94
N CYS A 107 -10.17 3.05 6.86
CA CYS A 107 -10.15 1.62 6.56
C CYS A 107 -11.53 1.01 6.62
N PRO A 108 -12.09 0.60 5.48
CA PRO A 108 -13.42 -0.02 5.46
C PRO A 108 -13.42 -1.44 6.00
N GLU A 109 -14.48 -1.82 6.71
CA GLU A 109 -14.63 -3.19 7.18
C GLU A 109 -15.03 -4.14 6.06
N ALA A 110 -15.73 -3.62 5.05
CA ALA A 110 -16.18 -4.45 3.94
C ALA A 110 -15.05 -4.72 2.95
N ALA A 111 -15.02 -5.92 2.38
CA ALA A 111 -14.04 -6.23 1.33
C ALA A 111 -14.35 -5.43 0.07
N GLU A 112 -13.39 -4.65 -0.39
CA GLU A 112 -13.62 -3.74 -1.51
C GLU A 112 -13.50 -4.43 -2.86
N GLY A 113 -12.63 -5.44 -2.94
CA GLY A 113 -12.39 -6.10 -4.22
C GLY A 113 -11.70 -7.44 -4.09
N VAL A 114 -11.36 -8.06 -5.23
CA VAL A 114 -10.63 -9.31 -5.22
C VAL A 114 -9.32 -9.16 -5.97
N ILE A 115 -8.23 -9.56 -5.33
CA ILE A 115 -6.92 -9.55 -5.98
C ILE A 115 -6.29 -10.93 -5.93
N ALA A 116 -5.90 -11.45 -7.09
CA ALA A 116 -5.25 -12.76 -7.17
C ALA A 116 -6.05 -13.81 -6.42
N GLY A 117 -7.37 -13.76 -6.54
CA GLY A 117 -8.21 -14.78 -5.95
C GLY A 117 -8.50 -14.55 -4.48
N ARG A 118 -8.08 -13.42 -3.95
CA ARG A 118 -8.26 -13.13 -2.52
C ARG A 118 -9.07 -11.86 -2.32
N PRO A 119 -10.12 -11.91 -1.48
CA PRO A 119 -10.90 -10.72 -1.20
C PRO A 119 -10.06 -9.72 -0.43
N VAL A 120 -10.05 -8.46 -0.87
CA VAL A 120 -9.15 -7.47 -0.28
C VAL A 120 -9.90 -6.18 0.06
N ARG A 121 -9.54 -5.59 1.18
CA ARG A 121 -10.05 -4.28 1.56
C ARG A 121 -9.15 -3.20 0.98
N CYS A 122 -9.70 -2.00 0.74
CA CYS A 122 -8.93 -0.95 0.09
C CYS A 122 -8.90 0.32 0.93
N ASN A 123 -7.75 1.00 0.96
CA ASN A 123 -7.59 2.21 1.76
C ASN A 123 -8.34 3.38 1.14
N SER A 124 -8.73 4.34 1.96
CA SER A 124 -9.35 5.56 1.46
C SER A 124 -8.34 6.40 0.69
N TRP A 125 -8.78 7.04 -0.39
CA TRP A 125 -7.86 7.76 -1.27
C TRP A 125 -7.08 8.87 -0.56
N GLU A 126 -7.75 9.63 0.31
CA GLU A 126 -7.04 10.67 1.05
C GLU A 126 -5.87 10.06 1.80
N ALA A 127 -6.11 8.92 2.44
CA ALA A 127 -5.04 8.22 3.15
C ALA A 127 -3.96 7.77 2.17
N ILE A 128 -4.38 7.22 1.03
CA ILE A 128 -3.45 6.69 0.06
C ILE A 128 -2.53 7.81 -0.39
N ILE A 129 -3.12 8.97 -0.66
CA ILE A 129 -2.36 10.12 -1.14
C ILE A 129 -1.36 10.52 -0.07
N TRP A 130 -1.80 10.54 1.18
CA TRP A 130 -0.90 10.86 2.28
C TRP A 130 0.26 9.87 2.33
N ASP A 131 -0.05 8.60 2.17
CA ASP A 131 0.99 7.57 2.20
C ASP A 131 2.00 7.81 1.08
N TYR A 132 1.51 8.09 -0.12
CA TYR A 132 2.38 8.32 -1.26
C TYR A 132 3.25 9.54 -1.02
N PHE A 133 2.64 10.61 -0.51
CA PHE A 133 3.37 11.84 -0.23
C PHE A 133 4.46 11.57 0.80
N TYR A 134 4.11 10.81 1.84
CA TYR A 134 5.07 10.46 2.88
C TYR A 134 6.23 9.69 2.29
N TYR A 135 5.93 8.71 1.43
CA TYR A 135 6.97 7.98 0.73
C TYR A 135 7.85 8.93 -0.07
N ALA A 136 7.23 9.81 -0.84
CA ALA A 136 7.99 10.70 -1.72
C ALA A 136 8.93 11.56 -0.88
N ASP A 137 8.47 11.94 0.30
CA ASP A 137 9.30 12.72 1.22
C ASP A 137 10.47 11.87 1.73
N GLU A 138 10.19 10.63 2.09
CA GLU A 138 11.21 9.79 2.72
C GLU A 138 12.25 9.31 1.71
N VAL A 139 11.81 8.71 0.61
CA VAL A 139 12.73 8.13 -0.35
C VAL A 139 12.32 8.46 -1.77
N PRO A 140 13.22 9.07 -2.56
CA PRO A 140 12.91 9.40 -3.94
C PRO A 140 12.82 8.16 -4.84
N PRO A 141 11.86 8.13 -5.76
CA PRO A 141 11.70 6.99 -6.67
C PRO A 141 12.87 6.83 -7.63
N VAL A 142 13.60 7.90 -7.88
CA VAL A 142 14.65 7.90 -8.89
C VAL A 142 15.90 7.23 -8.35
N ASP A 143 16.34 6.16 -9.02
CA ASP A 143 17.50 5.40 -8.59
C ASP A 143 18.73 5.76 -9.42
N TRP A 144 18.60 6.79 -10.26
CA TRP A 144 19.65 7.13 -11.21
C TRP A 144 20.95 7.55 -10.54
N PRO A 145 20.89 8.34 -9.46
CA PRO A 145 22.12 8.78 -8.77
C PRO A 145 22.99 7.62 -8.31
N THR A 146 24.30 7.80 -8.36
CA THR A 146 25.25 6.72 -8.09
C THR A 146 25.02 6.15 -6.69
N LYS A 147 24.84 7.01 -5.71
CA LYS A 147 24.63 6.56 -4.33
C LYS A 147 23.38 5.69 -4.26
N HIS A 148 22.32 6.10 -4.93
CA HIS A 148 21.11 5.30 -4.99
C HIS A 148 21.36 3.96 -5.67
N ILE A 149 22.14 3.99 -6.75
CA ILE A 149 22.45 2.76 -7.47
C ILE A 149 23.17 1.81 -6.51
N GLU A 150 24.15 2.34 -5.78
CA GLU A 150 24.92 1.52 -4.85
C GLU A 150 24.01 0.95 -3.78
N SER A 151 23.13 1.80 -3.25
CA SER A 151 22.24 1.38 -2.18
C SER A 151 21.31 0.28 -2.68
N TYR A 152 20.83 0.44 -3.91
CA TYR A 152 19.96 -0.56 -4.52
C TYR A 152 20.69 -1.88 -4.67
N ARG A 153 21.94 -1.82 -5.11
CA ARG A 153 22.74 -3.01 -5.29
C ARG A 153 22.90 -3.73 -3.96
N LEU A 154 23.20 -2.97 -2.91
CA LEU A 154 23.40 -3.55 -1.58
C LEU A 154 22.12 -4.20 -1.10
N ALA A 155 21.00 -3.52 -1.30
CA ALA A 155 19.70 -4.05 -0.90
C ALA A 155 19.40 -5.33 -1.66
N CYS A 156 19.67 -5.34 -2.96
CA CYS A 156 19.40 -6.51 -3.78
C CYS A 156 20.26 -7.67 -3.33
N THR A 157 21.53 -7.40 -3.03
CA THR A 157 22.42 -8.42 -2.52
C THR A 157 21.83 -8.99 -1.24
N SER A 158 21.33 -8.11 -0.37
CA SER A 158 20.77 -8.54 0.91
C SER A 158 19.51 -9.37 0.69
N LEU A 159 18.73 -9.01 -0.33
CA LEU A 159 17.53 -9.75 -0.68
C LEU A 159 17.90 -11.13 -1.21
N GLY A 160 19.00 -11.20 -1.95
CA GLY A 160 19.38 -12.41 -2.65
C GLY A 160 19.55 -12.15 -4.15
N ALA A 161 20.79 -12.04 -4.59
CA ALA A 161 21.07 -11.62 -5.97
C ALA A 161 20.32 -12.49 -6.97
N GLU A 162 20.37 -13.80 -6.79
CA GLU A 162 19.73 -14.71 -7.73
C GLU A 162 18.23 -14.45 -7.79
N LYS A 163 17.62 -14.29 -6.63
CA LYS A 163 16.18 -14.04 -6.55
C LYS A 163 15.85 -12.74 -7.28
N VAL A 164 16.66 -11.72 -7.03
CA VAL A 164 16.44 -10.40 -7.63
C VAL A 164 16.56 -10.52 -9.14
N GLU A 165 17.56 -11.27 -9.60
CA GLU A 165 17.76 -11.45 -11.03
C GLU A 165 16.54 -12.12 -11.65
N VAL A 166 16.02 -13.14 -10.97
CA VAL A 166 14.85 -13.85 -11.48
C VAL A 166 13.69 -12.87 -11.57
N LEU A 167 13.53 -12.05 -10.55
CA LEU A 167 12.45 -11.05 -10.55
C LEU A 167 12.62 -10.10 -11.72
N ARG A 168 13.85 -9.66 -11.95
CA ARG A 168 14.12 -8.70 -13.01
C ARG A 168 13.72 -9.30 -14.35
N ALA A 169 14.09 -10.57 -14.56
CA ALA A 169 13.75 -11.25 -15.81
C ALA A 169 12.23 -11.34 -15.95
N ALA A 170 11.55 -11.64 -14.84
CA ALA A 170 10.09 -11.77 -14.87
C ALA A 170 9.45 -10.43 -15.22
N PHE A 171 9.98 -9.35 -14.68
CA PHE A 171 9.46 -8.02 -14.99
C PHE A 171 9.71 -7.67 -16.45
N ARG A 172 10.93 -7.94 -16.92
CA ARG A 172 11.28 -7.62 -18.31
C ARG A 172 10.37 -8.39 -19.26
N SER A 173 10.14 -9.66 -18.96
CA SER A 173 9.26 -10.48 -19.79
C SER A 173 7.86 -9.89 -19.78
N ARG A 174 7.41 -9.44 -18.61
CA ARG A 174 6.09 -8.83 -18.49
C ARG A 174 6.01 -7.58 -19.35
N TYR A 175 7.04 -6.75 -19.31
CA TYR A 175 7.07 -5.52 -20.09
C TYR A 175 7.01 -5.86 -21.57
N ALA A 176 7.78 -6.85 -21.99
CA ALA A 176 7.79 -7.27 -23.39
C ALA A 176 6.39 -7.72 -23.82
N ALA A 177 5.73 -8.49 -22.95
CA ALA A 177 4.37 -8.94 -23.24
C ALA A 177 3.44 -7.74 -23.38
N LEU A 178 3.58 -6.77 -22.48
CA LEU A 178 2.72 -5.59 -22.50
C LEU A 178 2.92 -4.84 -23.81
N GLU A 179 4.16 -4.77 -24.28
CA GLU A 179 4.48 -4.10 -25.53
C GLU A 179 3.91 -4.87 -26.71
N HIS A 180 4.07 -6.20 -26.70
CA HIS A 180 3.66 -7.03 -27.82
C HIS A 180 2.14 -7.06 -27.97
N HIS A 181 1.45 -7.30 -26.85
CA HIS A 181 -0.01 -7.30 -26.85
C HIS A 181 -0.53 -6.55 -25.64
N HIS A 182 -1.12 -5.38 -25.87
CA HIS A 182 -1.52 -4.51 -24.77
C HIS A 182 -2.59 -5.14 -23.90
N HIS A 183 -3.50 -5.92 -24.49
CA HIS A 183 -4.51 -6.61 -23.72
C HIS A 183 -3.88 -7.59 -22.73
N HIS A 184 -2.76 -8.20 -23.12
CA HIS A 184 -2.04 -9.08 -22.21
C HIS A 184 -1.50 -8.29 -21.03
N HIS A 185 -1.64 -8.85 -19.83
CA HIS A 185 -1.19 -8.18 -18.62
C HIS A 185 -0.64 -9.14 -17.58
#